data_7XHO
#
_entry.id   7XHO
#
loop_
_entity.id
_entity.type
_entity.pdbx_description
1 polymer 'Centromere protein C'
2 polymer 'Centromere protein H'
3 polymer 'Centromere protein I'
4 polymer 'Centromere protein K'
5 polymer 'Centromere protein L'
6 polymer 'Centromere protein M'
7 polymer 'Centromere protein N'
8 polymer 'Centromere protein O'
9 polymer 'Centromere protein P'
10 polymer 'Centromere protein Q'
11 polymer 'Centromere protein S'
12 polymer 'Centromere protein T'
13 polymer CENP-W
14 polymer 'Centromere protein X'
15 polymer 'Centromere protein R'
16 polymer 'Centromere protein U'
#
loop_
_entity_poly.entity_id
_entity_poly.type
_entity_poly.pdbx_seq_one_letter_code
_entity_poly.pdbx_strand_id
1 'polypeptide(L)'
;MAASGLDHLKNGYRRRFCRPSRARDINTEQGQNVLEILQDCFEEKSLANDFSTNSTKSVPNSTRKIKDTCIQSPSKECQK
SHPKSVPVSSKKKEASLQFVVEPSEATNRSVQAHEVHQKILATDVSSKNTPDSKKISSRNINDHHSEADEEFYLSVGSPS
VLLDAKTSVSQNVIPSSAQKRETYTFENSVNMLPSSTEVSVKTKKRLNFDDKVMLKKIEIDNKVSDEEDKTSEGQERKPS
GSSQNRIRDSEYEIQRQAKKSFSTLFLETVKRKSESSPIVRHAATAPPHSCPPDDTKLIEDEFIIDESDQSFASRSWITI
PRKAGSLKQRTISPAESTALLQGRKSREKHHNILPKTLANDKHSHKPHPVETSQPSDKTVLDTSYALIGETVNNYRSTKY
EMYSKNAEKPSRSKRTIKQKQRRKFMAKPAEEQLDVGQSKDENIHTSHITQDEFQRNSDRNMEEHEEMGNDCVSKKQMPP
VGSKKSSTRKDKEESKKKRFSSESKNKLVPEEVTSTVTKSRRISRRPSDWWVVKSEESPVYSNSSVRNELPMHHNSSRKS
TKKTNQSSKNIRKKTIPLKRQKTATKGNQRVQKFLNAEGSGGIVGHDEISRCSLSEPLESDEADLAKKKNLDCSRSTRSS
KNEDNIMTAQNVPLKPQTSGYTCNIPTESNLDSGEHKTSVLEESGPSRLNNNYLMSGKNDVDDEEVHGSSDDSKQSKVIP
KNRIHHKLVLPSNTPNVRRTKRTRLKPLEYWRGERIDYQGRPSGGFVISGVLSPDTISSKRKAKENIGKVNKKSNKKRIC
LDNDERKTNLMVNLGIPLGDPLQPTRVKDPETREIILMDLVRPQDTYQFFVKHGELKVYKTLDTPFFSTGKLILGPQEEK
GKQHVGQDILVFYVNFGDLLCTLHETPYILSTGDSFYVPSGNYYNIKNLRNEESVLLFTQIKR
;
C,c
2 'polypeptide(L)'
;MEEQPQMQDADEPADSGGEGRAGGPPQVAGAQAACSEDRMTLLLRLRAQTKQQLLEYKSMVDASEEKTPEQIMQEKQIEA
KIEDLENEIEEVKVAFEIKKLALDRMRLSTALKKNLEKISRQSSVLMDNMKHLLELNKLIMKSQQESWDLEEKLLDIRKK
RLQLKQASESKLLEIQTEKNKQKIDLDSMENSERIKIIRQNLQMEIKITTVIQHVFQNLILGSKVNWAEDPALKEIVLQL
EKNVDMM
;
H
3 'polypeptide(L)'
;MSPQKRVKNVQAQNRTSQGSSSFQTTLSAWKVKQDPSNSKNISKHGQNNPVGDYEHADDQAEEDALQMAVGYFEKGPIKA
SQNKDKTLEKHLKTVENVAWKNGLASEEIDILLNIALSGKFGNAVNTRILKCMIPATVISEDSVVKAVSWLCVGKCSGST
KVLFYRWLVAMFDFIDRKEQINLLYGFFFASLQDDALCPYVCHLLYLLTKKENVKPFRVRKLLDLQAKMGMQPHLQALLS
LYKFFAPALISVSLPVRKKIYFKNSENLWKTALLAVKQRNRGPSPEPLKLMLGPANVRPLKRKWNSLSVIPVLNSSSYTK
ECGKKEMSLSDCLNRSGSFPLEQLQSFPQLLQNIHCLELPSQMGSVLNNSLLLHYINCVRDEPVLLRFYYWLSQTLQEEC
IWYKVNNYEHGKEFTNFLDTIIRAECFLQEGFYSCEAFLYKSLPLWDGLCCRSQFLQLVSWIPFSSFSEVKPLLFDHLAQ
LFFTSTIYFKCSVLQSLKELLQNWLLWLSMDIHMKPVTNSPLETTLGGSMNSVSKLIHYVGWLSTTAMRLESNNTFLLHF
ILDFYEKVCDIYINYNLPLVVLFPPGIFYSALLSLDTSILNQLCFIMHRYRKNLTAAKKNELVQKTKSEFNFSSKTYQEF
NHYLTSMVGCLWTSKPFGKGIYIDPEILEKTGVAEYKNSLNVVHHPSFLSYAVSFLLQESPEERTVNVSSIRGKKWSWYL
DYLFSQGLQGLKLFIRSSVHHSSIPRAEGINCNNQY
;
I
4 'polypeptide(L)'
;MNQEDLDPDSTTDVGDVTNTEEELIRECEEMWKDMEECQNKLSLIGTETLTDSNAQLSLLIMQVKCLTAELSQWQKKTPE
TIPLTEDVLITLGKEEFQKLRQDLEMVLSTKESKNEKLKEDLEREQRWLDEQQQIMESLNVLHSELKNKVETFSESRIFN
ELKTKMLNIKEYKEKLLSTLGEFLEDHFPLPDRSVKKKKKNIQESSVNLITLHEMLEILINRLFDVPHDPYVKISDSFWP
PYVELLLRNGIALRHPEDPTRIRLEAFHQ
;
K
5 'polypeptide(L)'
;MDSYSAPESTPSASSRPEDYFIGATPLQKRLESVRKQSSFILTPPRRKIPQCSQLQEDVDPQKVAFLLHKQWTLYSLTPL
YKFSYSNLKEYSRLLNAFIVAEKQKGLAVEVGEDFDIKVIFSTLLGMKGTQRDPEAFLVQIVSKSQLPSENREGKVLWTG
WFCCVFGDSLLETVSEDFTCLPLFLANGAESNTAIIGTWFQKTFDCYFSPLAINAFNLSWMAAMWTACKMDHYVATTEFL
WSVPCSPQSLDISFAIHPEDAKALWDSVHKTPGEVTQEEVDLFMDCLYSHFHRHFKIHLSATRLVRVSTSVASAHTDGKI
KILCHKYLIGVLAYLTELAIFQIE
;
L
6 'polypeptide(L)'
;MSVLRPLDKLPGLNTATILLVGTEDALLQQLADSMLKEDCASELKVHLAKSLPLPSSVNRPRIDLIVFVVNLHSKYSLQN
TEESLRHVDASFFLGKVCFLATGAGRESHCSIHRHTVVKLAHTYQSPLLYCDLEVEGFRATMAQRLVRVLQICAGHVPGV
SALNLLSLLRSSEGPSLEDL
;
M
7 'polypeptide(L)'
;MDETVAEFIKRTILKIPMNELTTILKAWDFLSENQLQTVNFRQRKESVVQHLIHLCEEKRASISDAALLDIIYMQFHQHQ
KVWDVFQMSKGPGEDVDLFDMKQFKNSFKKILQRALKNVTVSFRETEENAVWIRIAWGTQYTKPNQYKPTYVVYYSQTPY
AFTSSSMLRRNTPLLGQALTIASKHHQIVKMDLRSRYLDSLKAIVFKQYNQTFETHNSTTPLQERSLGLDINMDSRIIHE
NIVEKERVQRITQETFGDYPQPQLEFAQYKLETKFKSGLNGSILAEREEPLRCLIKFSSPHLLEALKSLAPAGIADAPLS
PLLTCIPNKRMNYFKIRDK
;
N
8 'polypeptide(L)'
;MEQANPLRPDGESKGGVLAHLERLETQVSRSRKQSEELQSVQAQEGALGTKIHKLRRLRDELRAVVRHRRASVKACIANV
EPNQTVEINEQEALEEKLENVKAILQAYHFTGLSGKLTSRGVCVCISTAFEGNLLDSYFVDLVIQKPLRIHHHSVPVFIP
LEEIAAKYLQTNIQHFLFSLCEYLNAYSGRKYQADRLQSDFAALLTGPLQRNPLCNLLSFTYKLDPGGQSFPFCARLLYK
DLTATLPTDVTVTCQGVEVLSTSWEEQRASHETLFCTKPLHQVFASFTRKGEKLDMSLVS
;
O
9 'polypeptide(L)'
;MDAELAEVRALQAEIAALRRACEDPPAPWEEKSRVQKSFQAIHQFNLEGWKSSKDLKNQLGHLESELSFLSTLTGINIRN
HSKQTEDLTSTEMTEKSIRKVLQRHRLSGNCHMVTFQLEFQILEIQNKERLSSAVTDLNIIMEPTECSELSEFVSRAEER
KDLFMFFRSLHFFVEWFEYRKRTFKHLKEKYPDAVYLSEGPSSCSMGIRSASRPGFELVIVWRIQIDEDGKVFPKLDLLT
KVPQRALELDKNRAIETAPLSFRTLVGLLGIEAALESLIKSLCAEENN
;
P
10 'polypeptide(L)'
;MSGKANASKKNAQQLKRNPKRKKDNEEVVLSENKVRNTVKKNKNHLKDLSSEGQTKHTNLKHGKTAASKRKTWQPLSKST
RDHLQTMMESVIMTILSNSIKEKEEIQYHLNFLKKRLLQQCETLKVPPKKMEDLTNVSSLLNMERARDKANEEGLALLQE
EIDKMVETTELMTGNIQSLKNKIQILASEVEEEEERVKQMHQINSSGVLSLPELSQKTLKAPTLQKEILALIPNQNALLK
DLDILHNSSQMKSMSTFIEEAYKKLDAS
;
Q
11 'polypeptide(L)'
;MEEEAETEEQQRFSYQQRLKAAVHYTVGCLCEEVALDKEMQFSKQTIAAISELTFRQCENFAKDLEMFARHAKRTTINTE
DVKLLARRSNSLLKYITDKSEEIAQINLERKAQKKKKSEDGSKNSRQPAEAGVVESEN
;
S
12 'polypeptide(L)'
;MADHNPDSDSTPRTLLRRVLDTADPRTPRRPRSARAGARRALLETASPRKLSGQTRTIARGRSHGARSVGRSAHIQASGH
LEEQTPRTLLKNILLTAPESSILMPESVVKPVPAPQAVQPSRQESSCGSLELQLPELEPPTTLAPGLLAPGRRKQRLRLS
VFQQGVDQGLSLSQEPQGNADASSLTRSLNLTFATPLQPQSVQRPGLARRPPARRAVDVGAFLRDLRDTSLAPPNIVLED
TQPFSQPMVGSPNVYHSLPCTPHTGAEDAEQAAGRKTQSSGPGLQKNSPGKPAQFLAGEAEEVNAFALGFLSTSSGVSGE
DEVEPLHDGVEEAEKKMEEEGVSVSEMEATGAQGPSRVEEAEGHTEVTEAEGSQGTAEADGPGASSGDEDASGRAASPES
ASSTPESLQARRHHQFLEPAPAPGAAVLSSEPAEPLLVRHPPRPRTTGPRPRQDPHKAGLSHYVKLFSFYAKMPMERKAL
EMVEKCLDKYFQHLCDDLEVFAAHAGRKTVKPEDLELLMRRQGLVTDQVSLHVLVERHLPLEYRQLLIPCAYSGNSVFPA
Q
;
T
13 'polypeptide(L)'
;MALSTIVSQRKQIKRKAPRGFLKRVFKRKKPQLRLEKSGDLLVHLNCLLFVHRLAEESRTNACASKCRVINKEHVLAAAK
VILKKSRG
;
W
14 'polypeptide(L)'
;MEGAGAGSGFRKELVSRLLHLHFKDDKTKVSGDALQLMVELLKVFVVEAAVRGVRQAQAEDALRVDVDQLEKVLPQLLLD
F
;
X
15 'polypeptide(L)'
;MPVKRSLKLDGLLEENSFDPSKITRKKSVITYSPTTGTCQMSLFASPTSSEEQKHRNGLSNEKRKKLNHPSLTESKESTT
KDNDEFMMLLSKVEKLSEEIMEIMQNLSSIQALEGSRELENLIGISCASHFLKREMQKTKELMTKVNKQKLFEKSTGLPH
KASRHLDSYEFLKAILN
;
R
16 'polypeptide(L)'
;MAPRGRRRPRPHRSEGARRSKNTLERTHSMKDKAGQKCKPIDVFDFPDNSDVSSIGRLGENEKDEETYETFDPPLHSTAI
YADEEEFSKHCGLSLSSTPPGKEAKRSSDTSGNEASEIESVKISAKKPGRKLRPISDDSESIEESDTRRKVKSAEKISTQ
RHEVIRTTASSELSEKPAESVTSKKTGPLSAQPSVEKENLAIESQSKTQKKGKISHDKRKKSRSKAIGSDTSDIVHIWCP
EGMKTSDIKELNIVLPEFEKTHLEHQQRIESKVCKAAIATFYVNVKEQFIKMLKESQMLTNLKRKNAKMISDIEKKRQRM
IEVQDELLRLEPQLKQLQTKYDELKERKSSLRNAAYFLSNLKQLYQDYSDVQAQEPNVKETYDSSSLPALLFKARTLLGA
ESHLRNINHQLEKLLDQG
;
U
#
# COMPACT_ATOMS: atom_id res chain seq x y z
N GLU A 302 6.55 -25.36 10.90
CA GLU A 302 6.12 -26.40 11.84
C GLU A 302 5.70 -27.67 11.10
N PHE A 303 5.87 -28.79 11.78
CA PHE A 303 5.16 -30.04 11.50
C PHE A 303 3.77 -30.04 12.11
N ILE A 304 2.91 -29.12 11.64
CA ILE A 304 1.68 -28.72 12.32
C ILE A 304 1.82 -28.79 13.83
N ILE A 305 2.89 -28.18 14.34
CA ILE A 305 2.96 -27.80 15.74
C ILE A 305 2.74 -26.28 15.77
N ASP A 306 1.56 -25.86 16.20
CA ASP A 306 1.14 -24.45 16.12
C ASP A 306 1.32 -23.83 14.73
N ARG B 39 11.54 -27.50 -54.56
CA ARG B 39 11.80 -28.80 -53.95
C ARG B 39 13.27 -29.17 -54.08
N MET B 40 13.97 -28.54 -55.01
CA MET B 40 15.39 -28.77 -55.19
C MET B 40 16.25 -27.91 -54.28
N THR B 41 15.86 -26.64 -54.09
CA THR B 41 16.55 -25.79 -53.13
C THR B 41 16.45 -26.36 -51.72
N LEU B 42 15.25 -26.82 -51.33
CA LEU B 42 15.07 -27.53 -50.06
C LEU B 42 15.87 -28.82 -50.01
N LEU B 43 15.96 -29.55 -51.12
CA LEU B 43 16.80 -30.74 -51.19
C LEU B 43 18.27 -30.37 -51.01
N LEU B 44 18.71 -29.26 -51.60
CA LEU B 44 20.09 -28.80 -51.38
C LEU B 44 20.33 -28.40 -49.93
N ARG B 45 19.33 -27.78 -49.29
CA ARG B 45 19.44 -27.49 -47.87
C ARG B 45 19.59 -28.76 -47.05
N LEU B 46 18.79 -29.79 -47.38
CA LEU B 46 18.95 -31.10 -46.76
C LEU B 46 20.34 -31.68 -46.96
N ARG B 47 20.86 -31.60 -48.19
CA ARG B 47 22.19 -32.16 -48.47
C ARG B 47 23.28 -31.42 -47.71
N ALA B 48 23.19 -30.09 -47.63
CA ALA B 48 24.14 -29.31 -46.85
C ALA B 48 24.03 -29.58 -45.36
N GLN B 49 22.83 -29.84 -44.84
CA GLN B 49 22.66 -30.18 -43.44
C GLN B 49 23.21 -31.56 -43.10
N THR B 50 22.98 -32.54 -43.97
CA THR B 50 23.43 -33.90 -43.70
C THR B 50 24.88 -34.15 -44.11
N LYS B 51 25.47 -33.27 -44.92
CA LYS B 51 26.91 -33.32 -45.14
C LYS B 51 27.67 -32.93 -43.88
N GLN B 52 27.01 -32.18 -43.00
CA GLN B 52 27.60 -31.67 -41.77
C GLN B 52 27.21 -32.48 -40.55
N GLN B 53 25.98 -32.97 -40.50
CA GLN B 53 25.60 -33.92 -39.44
C GLN B 53 26.38 -35.22 -39.57
N LEU B 54 26.63 -35.68 -40.80
CA LEU B 54 27.51 -36.82 -41.00
C LEU B 54 28.93 -36.51 -40.49
N LEU B 55 29.40 -35.29 -40.74
CA LEU B 55 30.70 -34.89 -40.21
C LEU B 55 30.73 -34.94 -38.69
N GLU B 56 29.67 -34.47 -38.05
CA GLU B 56 29.58 -34.57 -36.58
C GLU B 56 29.60 -36.02 -36.11
N TYR B 57 28.82 -36.89 -36.77
CA TYR B 57 28.80 -38.31 -36.43
C TYR B 57 30.18 -38.94 -36.58
N LYS B 58 30.86 -38.66 -37.69
CA LYS B 58 32.18 -39.23 -37.93
C LYS B 58 33.22 -38.69 -36.96
N SER B 59 33.14 -37.40 -36.60
CA SER B 59 34.05 -36.86 -35.61
C SER B 59 33.85 -37.52 -34.25
N MET B 60 32.59 -37.73 -33.84
CA MET B 60 32.37 -38.44 -32.58
C MET B 60 32.83 -39.89 -32.67
N VAL B 61 32.59 -40.57 -33.80
CA VAL B 61 33.01 -41.95 -33.94
C VAL B 61 34.52 -42.07 -33.83
N ASP B 62 35.26 -41.16 -34.48
CA ASP B 62 36.71 -41.15 -34.37
C ASP B 62 37.18 -40.76 -32.98
N ALA B 63 36.44 -39.90 -32.28
CA ALA B 63 36.81 -39.53 -30.92
C ALA B 63 36.67 -40.71 -29.97
N SER B 64 35.60 -41.50 -30.13
CA SER B 64 35.42 -42.71 -29.35
C SER B 64 36.37 -43.82 -29.77
N GLU B 65 36.84 -43.80 -31.02
CA GLU B 65 37.88 -44.73 -31.44
C GLU B 65 39.18 -44.48 -30.70
N GLU B 66 39.54 -43.23 -30.50
CA GLU B 66 40.72 -42.87 -29.71
C GLU B 66 40.48 -43.19 -28.24
N LYS B 67 41.53 -43.67 -27.58
CA LYS B 67 41.44 -44.01 -26.17
C LYS B 67 42.46 -43.23 -25.35
N LYS B 76 45.75 -33.73 -17.56
CA LYS B 76 47.12 -33.58 -18.01
C LYS B 76 47.37 -32.17 -18.53
N GLN B 77 48.32 -31.47 -17.88
CA GLN B 77 48.74 -30.11 -18.23
C GLN B 77 47.57 -29.22 -18.63
N ILE B 78 46.65 -28.98 -17.69
CA ILE B 78 45.46 -28.18 -17.98
C ILE B 78 45.85 -26.79 -18.48
N GLU B 79 46.98 -26.26 -18.01
CA GLU B 79 47.49 -25.00 -18.55
C GLU B 79 47.88 -25.13 -20.03
N ALA B 80 48.25 -26.33 -20.47
CA ALA B 80 48.54 -26.60 -21.88
C ALA B 80 47.50 -27.47 -22.54
N LYS B 81 46.58 -28.07 -21.77
CA LYS B 81 45.49 -28.83 -22.38
C LYS B 81 44.56 -27.93 -23.17
N ILE B 82 44.57 -26.63 -22.88
CA ILE B 82 43.86 -25.66 -23.72
C ILE B 82 44.78 -25.04 -24.77
N GLU B 83 46.09 -25.21 -24.65
CA GLU B 83 47.02 -24.72 -25.66
C GLU B 83 47.16 -25.67 -26.83
N ASP B 84 47.13 -26.99 -26.58
CA ASP B 84 47.00 -27.96 -27.66
C ASP B 84 45.56 -28.13 -28.09
N LEU B 85 44.63 -27.47 -27.40
CA LEU B 85 43.24 -27.34 -27.83
C LEU B 85 43.01 -26.12 -28.71
N GLU B 86 43.59 -24.97 -28.35
CA GLU B 86 43.60 -23.81 -29.22
C GLU B 86 44.44 -24.03 -30.46
N ASN B 87 45.44 -24.91 -30.39
CA ASN B 87 46.18 -25.35 -31.57
C ASN B 87 45.27 -26.04 -32.58
N GLU B 88 44.29 -26.81 -32.12
CA GLU B 88 43.34 -27.45 -33.02
C GLU B 88 42.56 -26.41 -33.83
N ILE B 89 41.94 -25.44 -33.14
CA ILE B 89 41.05 -24.49 -33.79
C ILE B 89 41.83 -23.43 -34.55
N GLU B 90 43.16 -23.56 -34.57
CA GLU B 90 43.98 -22.82 -35.52
C GLU B 90 44.46 -23.68 -36.68
N GLU B 91 44.56 -25.00 -36.48
CA GLU B 91 44.83 -25.93 -37.57
C GLU B 91 43.57 -26.57 -38.14
N VAL B 92 42.52 -26.71 -37.34
CA VAL B 92 41.19 -26.95 -37.92
C VAL B 92 40.80 -25.76 -38.77
N LYS B 93 41.02 -24.54 -38.26
CA LYS B 93 40.62 -23.33 -38.95
C LYS B 93 41.26 -23.24 -40.33
N VAL B 94 42.57 -23.53 -40.42
CA VAL B 94 43.21 -23.61 -41.72
C VAL B 94 42.65 -24.76 -42.55
N ALA B 95 42.31 -25.88 -41.92
CA ALA B 95 41.82 -27.05 -42.63
C ALA B 95 40.46 -26.83 -43.30
N PHE B 96 39.51 -26.23 -42.60
CA PHE B 96 38.17 -26.00 -43.16
C PHE B 96 37.95 -24.53 -43.51
N GLU B 97 39.04 -23.76 -43.58
CA GLU B 97 39.02 -22.47 -44.24
C GLU B 97 39.40 -22.62 -45.71
N ILE B 98 40.49 -23.34 -45.99
CA ILE B 98 40.87 -23.64 -47.37
C ILE B 98 39.79 -24.52 -47.99
N LYS B 99 39.11 -25.32 -47.15
CA LYS B 99 37.99 -26.10 -47.65
C LYS B 99 36.89 -25.21 -48.20
N LYS B 100 36.56 -24.13 -47.48
CA LYS B 100 35.53 -23.22 -47.97
C LYS B 100 36.02 -22.37 -49.13
N LEU B 101 37.30 -21.99 -49.14
CA LEU B 101 37.82 -21.24 -50.27
C LEU B 101 37.97 -22.09 -51.53
N ALA B 102 38.01 -23.41 -51.39
CA ALA B 102 37.94 -24.30 -52.53
C ALA B 102 36.51 -24.61 -52.94
N LEU B 103 35.60 -24.76 -51.98
CA LEU B 103 34.19 -24.92 -52.29
C LEU B 103 33.65 -23.70 -53.03
N ASP B 104 33.96 -22.50 -52.53
CA ASP B 104 33.55 -21.27 -53.21
C ASP B 104 34.20 -21.15 -54.58
N ARG B 105 35.48 -21.53 -54.69
CA ARG B 105 36.14 -21.45 -55.99
C ARG B 105 35.47 -22.37 -57.00
N MET B 106 35.27 -23.63 -56.65
CA MET B 106 34.67 -24.61 -57.54
C MET B 106 33.17 -24.40 -57.75
N ARG B 107 32.51 -23.66 -56.88
CA ARG B 107 31.11 -23.30 -57.07
C ARG B 107 30.96 -22.07 -57.96
N LEU B 108 31.79 -21.04 -57.73
CA LEU B 108 31.75 -19.86 -58.57
C LEU B 108 32.26 -20.15 -59.97
N SER B 109 33.17 -21.12 -60.12
CA SER B 109 33.58 -21.52 -61.46
C SER B 109 32.41 -22.09 -62.25
N THR B 110 31.62 -22.97 -61.63
CA THR B 110 30.44 -23.51 -62.30
C THR B 110 29.41 -22.41 -62.55
N ALA B 111 29.14 -21.58 -61.54
CA ALA B 111 28.19 -20.48 -61.68
C ALA B 111 28.62 -19.46 -62.73
N LEU B 112 29.92 -19.38 -63.02
CA LEU B 112 30.41 -18.58 -64.13
C LEU B 112 30.18 -19.29 -65.46
N LYS B 113 30.51 -20.58 -65.51
CA LYS B 113 30.24 -21.37 -66.71
C LYS B 113 28.75 -21.55 -66.93
N LYS B 114 27.98 -21.79 -65.86
CA LYS B 114 26.54 -21.93 -66.00
C LYS B 114 25.90 -20.64 -66.47
N ASN B 115 26.32 -19.50 -65.92
CA ASN B 115 25.82 -18.21 -66.35
C ASN B 115 26.47 -17.75 -67.66
N LEU B 116 27.56 -18.39 -68.08
CA LEU B 116 28.12 -18.14 -69.40
C LEU B 116 27.20 -18.63 -70.51
N GLU B 117 26.23 -19.49 -70.20
CA GLU B 117 25.26 -19.97 -71.17
C GLU B 117 24.03 -19.07 -71.27
N LYS B 118 23.96 -18.03 -70.45
CA LYS B 118 22.85 -17.09 -70.52
C LYS B 118 23.06 -15.98 -71.54
N ILE B 119 24.31 -15.66 -71.87
CA ILE B 119 24.56 -14.73 -72.98
C ILE B 119 24.04 -15.32 -74.29
N SER B 120 24.27 -16.62 -74.51
CA SER B 120 23.72 -17.33 -75.66
C SER B 120 22.23 -17.59 -75.53
N ARG B 121 21.65 -17.34 -74.36
CA ARG B 121 20.24 -17.59 -74.09
C ARG B 121 19.46 -16.39 -74.64
N GLN B 122 18.13 -16.45 -74.48
CA GLN B 122 17.25 -15.43 -75.05
C GLN B 122 17.02 -14.43 -73.93
N SER B 123 15.93 -13.65 -74.04
CA SER B 123 15.74 -12.40 -73.29
C SER B 123 15.99 -12.42 -71.78
N SER B 124 15.70 -13.54 -71.11
CA SER B 124 16.18 -13.82 -69.76
C SER B 124 16.03 -12.59 -68.89
N VAL B 125 14.80 -12.31 -68.42
CA VAL B 125 14.46 -11.12 -67.65
C VAL B 125 15.40 -10.95 -66.47
N LEU B 126 16.06 -12.03 -66.05
CA LEU B 126 17.12 -11.91 -65.07
C LEU B 126 18.24 -11.00 -65.56
N MET B 127 18.41 -10.87 -66.88
CA MET B 127 19.32 -9.85 -67.39
C MET B 127 18.81 -8.45 -67.10
N ASP B 128 17.50 -8.22 -67.22
CA ASP B 128 16.93 -6.94 -66.81
C ASP B 128 17.11 -6.69 -65.32
N ASN B 129 17.02 -7.74 -64.50
CA ASN B 129 17.34 -7.65 -63.08
C ASN B 129 18.81 -7.29 -62.85
N MET B 130 19.73 -7.94 -63.58
CA MET B 130 21.15 -7.63 -63.48
C MET B 130 21.51 -6.24 -63.96
N LYS B 131 20.72 -5.66 -64.87
CA LYS B 131 20.87 -4.24 -65.18
C LYS B 131 20.59 -3.38 -63.95
N HIS B 132 19.53 -3.71 -63.21
CA HIS B 132 19.29 -3.02 -61.94
C HIS B 132 20.41 -3.31 -60.94
N LEU B 133 21.01 -4.50 -60.99
CA LEU B 133 22.16 -4.79 -60.14
C LEU B 133 23.35 -3.91 -60.51
N LEU B 134 23.57 -3.67 -61.80
CA LEU B 134 24.62 -2.75 -62.23
C LEU B 134 24.33 -1.33 -61.75
N GLU B 135 23.07 -0.90 -61.83
CA GLU B 135 22.69 0.40 -61.29
C GLU B 135 22.95 0.46 -59.79
N LEU B 136 22.66 -0.63 -59.08
CA LEU B 136 22.90 -0.72 -57.65
C LEU B 136 24.38 -0.65 -57.32
N ASN B 137 25.24 -1.28 -58.12
CA ASN B 137 26.67 -1.30 -57.85
C ASN B 137 27.26 0.11 -57.88
N LYS B 138 27.03 0.84 -58.97
CA LYS B 138 27.61 2.19 -59.09
C LYS B 138 27.15 3.09 -57.96
N LEU B 139 25.92 2.91 -57.50
CA LEU B 139 25.43 3.69 -56.36
C LEU B 139 26.18 3.37 -55.07
N ILE B 140 26.81 2.20 -55.00
CA ILE B 140 27.57 1.82 -53.81
C ILE B 140 29.03 2.23 -53.94
N MET B 141 29.66 1.89 -55.07
CA MET B 141 31.06 2.20 -55.28
C MET B 141 31.30 3.68 -55.61
N LYS B 142 30.24 4.43 -55.93
CA LYS B 142 30.34 5.88 -55.89
C LYS B 142 29.96 6.45 -54.54
N SER B 143 29.31 5.64 -53.69
CA SER B 143 29.16 5.95 -52.27
C SER B 143 30.37 5.47 -51.47
N GLN B 144 31.26 4.70 -52.09
CA GLN B 144 32.54 4.35 -51.50
C GLN B 144 33.65 5.29 -51.93
N GLN B 145 33.58 5.82 -53.15
CA GLN B 145 34.51 6.86 -53.57
C GLN B 145 34.44 8.07 -52.65
N GLU B 146 33.23 8.52 -52.33
CA GLU B 146 33.06 9.60 -51.36
C GLU B 146 33.56 9.17 -49.98
N SER B 147 33.25 7.93 -49.59
CA SER B 147 33.70 7.39 -48.30
C SER B 147 35.22 7.21 -48.24
N TRP B 148 35.90 7.14 -49.38
CA TRP B 148 37.36 7.12 -49.40
C TRP B 148 37.97 8.50 -49.30
N ASP B 149 37.15 9.56 -49.42
CA ASP B 149 37.59 10.94 -49.24
C ASP B 149 37.00 11.59 -47.99
N LEU B 150 35.72 11.34 -47.70
CA LEU B 150 35.14 11.86 -46.46
C LEU B 150 35.81 11.25 -45.24
N GLU B 151 36.07 9.93 -45.29
CA GLU B 151 36.74 9.29 -44.16
C GLU B 151 38.20 9.73 -44.04
N GLU B 152 38.86 9.99 -45.16
CA GLU B 152 40.23 10.50 -45.09
C GLU B 152 40.29 11.88 -44.46
N LYS B 153 39.38 12.77 -44.87
CA LYS B 153 39.31 14.10 -44.27
C LYS B 153 38.93 14.01 -42.80
N LEU B 154 38.00 13.13 -42.45
CA LEU B 154 37.65 12.92 -41.05
C LEU B 154 38.82 12.41 -40.22
N LEU B 155 39.60 11.48 -40.77
CA LEU B 155 40.79 10.99 -40.08
C LEU B 155 41.81 12.10 -39.88
N ASP B 156 42.02 12.92 -40.91
CA ASP B 156 42.94 14.04 -40.77
C ASP B 156 42.47 15.03 -39.72
N ILE B 157 41.18 15.34 -39.71
CA ILE B 157 40.62 16.27 -38.73
C ILE B 157 40.73 15.69 -37.32
N ARG B 158 40.45 14.39 -37.17
CA ARG B 158 40.59 13.74 -35.87
C ARG B 158 42.03 13.70 -35.38
N LYS B 159 43.00 13.43 -36.26
CA LYS B 159 44.40 13.50 -35.86
C LYS B 159 44.81 14.90 -35.46
N LYS B 160 44.38 15.92 -36.21
CA LYS B 160 44.65 17.30 -35.83
C LYS B 160 44.03 17.61 -34.47
N ARG B 161 42.79 17.16 -34.25
CA ARG B 161 42.09 17.43 -33.01
C ARG B 161 42.73 16.73 -31.83
N LEU B 162 43.21 15.50 -32.02
CA LEU B 162 43.92 14.81 -30.94
C LEU B 162 45.26 15.46 -30.66
N GLN B 163 45.96 15.93 -31.69
CA GLN B 163 47.20 16.68 -31.47
C GLN B 163 46.95 17.96 -30.68
N LEU B 164 45.88 18.68 -31.01
CA LEU B 164 45.53 19.92 -30.32
C LEU B 164 44.82 19.67 -29.00
N LYS B 165 44.44 18.43 -28.72
CA LYS B 165 43.90 18.04 -27.43
C LYS B 165 44.99 17.68 -26.45
N GLN B 166 45.95 16.84 -26.86
CA GLN B 166 47.10 16.58 -26.01
C GLN B 166 47.95 17.85 -25.83
N ALA B 167 48.11 18.64 -26.89
CA ALA B 167 48.81 19.92 -26.75
C ALA B 167 48.08 20.85 -25.81
N SER B 168 46.75 20.93 -25.90
CA SER B 168 45.99 21.76 -24.99
C SER B 168 46.05 21.26 -23.56
N GLU B 169 46.04 19.95 -23.34
CA GLU B 169 46.20 19.42 -22.00
C GLU B 169 47.58 19.77 -21.45
N SER B 170 48.62 19.68 -22.28
CA SER B 170 49.94 20.11 -21.83
C SER B 170 49.95 21.60 -21.47
N LYS B 171 49.37 22.44 -22.34
CA LYS B 171 49.35 23.88 -22.06
C LYS B 171 48.50 24.18 -20.82
N LEU B 172 47.36 23.52 -20.67
CA LEU B 172 46.52 23.81 -19.51
C LEU B 172 47.12 23.26 -18.23
N LEU B 173 47.85 22.15 -18.31
CA LEU B 173 48.58 21.66 -17.14
C LEU B 173 49.71 22.60 -16.78
N GLU B 174 50.40 23.16 -17.77
CA GLU B 174 51.40 24.19 -17.49
C GLU B 174 50.77 25.42 -16.85
N ILE B 175 49.59 25.83 -17.32
CA ILE B 175 48.91 26.98 -16.75
C ILE B 175 48.46 26.69 -15.32
N GLN B 176 47.99 25.45 -15.07
CA GLN B 176 47.58 25.07 -13.72
C GLN B 176 48.75 24.94 -12.75
N THR B 177 49.89 24.39 -13.18
CA THR B 177 51.07 24.41 -12.33
C THR B 177 51.67 25.79 -12.18
N GLU B 178 51.43 26.69 -13.13
CA GLU B 178 51.77 28.10 -12.91
C GLU B 178 50.84 28.75 -11.90
N LYS B 179 49.56 28.37 -11.88
CA LYS B 179 48.68 28.79 -10.80
C LYS B 179 49.15 28.24 -9.47
N ASN B 180 49.64 27.00 -9.45
CA ASN B 180 50.26 26.46 -8.24
C ASN B 180 51.50 27.26 -7.85
N LYS B 181 52.27 27.73 -8.84
CA LYS B 181 53.39 28.61 -8.56
C LYS B 181 52.93 29.95 -7.99
N GLN B 182 51.77 30.44 -8.40
CA GLN B 182 51.12 31.57 -7.75
C GLN B 182 50.62 31.23 -6.36
N LYS B 183 50.36 29.95 -6.09
CA LYS B 183 49.95 29.54 -4.75
C LYS B 183 51.05 29.70 -3.71
N ILE B 184 52.33 29.56 -4.09
CA ILE B 184 53.38 29.86 -3.12
C ILE B 184 53.58 31.37 -3.00
N ASP B 185 53.25 32.13 -4.05
CA ASP B 185 53.14 33.58 -3.89
C ASP B 185 52.05 33.93 -2.88
N LEU B 186 50.95 33.17 -2.89
CA LEU B 186 49.95 33.28 -1.84
C LEU B 186 50.52 32.88 -0.48
N ASP B 187 51.39 31.86 -0.46
CA ASP B 187 52.10 31.52 0.77
C ASP B 187 53.08 32.61 1.16
N SER B 188 53.56 33.39 0.18
CA SER B 188 54.34 34.59 0.48
C SER B 188 53.48 35.69 1.10
N MET B 189 52.17 35.57 1.01
CA MET B 189 51.24 36.45 1.74
C MET B 189 50.90 35.89 3.11
N GLU B 190 50.92 34.57 3.27
CA GLU B 190 50.55 33.91 4.52
C GLU B 190 51.61 34.07 5.61
N ASN B 191 52.73 34.75 5.32
CA ASN B 191 53.68 35.06 6.38
C ASN B 191 53.04 35.89 7.47
N SER B 192 52.19 36.84 7.08
CA SER B 192 51.29 37.55 7.99
C SER B 192 52.07 38.28 9.08
N GLU B 193 52.96 39.16 8.65
CA GLU B 193 53.57 40.13 9.55
C GLU B 193 53.01 41.52 9.34
N ARG B 194 52.68 41.88 8.09
CA ARG B 194 52.02 43.13 7.79
C ARG B 194 50.97 43.02 6.68
N ILE B 195 50.89 41.89 5.96
CA ILE B 195 49.78 41.67 5.02
C ILE B 195 48.47 41.44 5.77
N LYS B 196 48.52 40.69 6.88
CA LYS B 196 47.29 40.38 7.60
C LYS B 196 46.63 41.62 8.19
N ILE B 197 47.42 42.53 8.77
CA ILE B 197 46.83 43.69 9.43
C ILE B 197 46.17 44.61 8.41
N ILE B 198 46.84 44.88 7.29
CA ILE B 198 46.24 45.75 6.28
C ILE B 198 45.09 45.06 5.57
N ARG B 199 45.12 43.72 5.43
CA ARG B 199 43.97 43.02 4.88
C ARG B 199 42.75 43.14 5.79
N GLN B 200 42.96 43.00 7.10
CA GLN B 200 41.87 43.18 8.06
C GLN B 200 41.38 44.62 8.08
N ASN B 201 42.28 45.59 7.94
CA ASN B 201 41.88 46.99 7.83
C ASN B 201 41.06 47.24 6.57
N LEU B 202 41.44 46.64 5.45
CA LEU B 202 40.63 46.70 4.23
C LEU B 202 39.25 46.12 4.45
N GLN B 203 39.17 44.96 5.11
CA GLN B 203 37.87 44.34 5.33
C GLN B 203 37.01 45.14 6.30
N MET B 204 37.62 45.77 7.30
CA MET B 204 36.89 46.53 8.32
C MET B 204 36.70 47.99 7.94
N GLU B 205 37.25 48.43 6.81
CA GLU B 205 37.03 49.79 6.33
C GLU B 205 36.23 49.85 5.04
N ILE B 206 36.27 48.81 4.21
CA ILE B 206 35.33 48.74 3.10
C ILE B 206 33.92 48.48 3.62
N LYS B 207 33.80 47.71 4.71
CA LYS B 207 32.50 47.48 5.32
C LYS B 207 31.90 48.77 5.87
N ILE B 208 32.72 49.79 6.13
CA ILE B 208 32.22 51.14 6.37
C ILE B 208 31.99 51.89 5.07
N THR B 209 32.75 51.56 4.02
CA THR B 209 32.60 52.18 2.71
C THR B 209 31.52 51.50 1.88
N THR B 210 31.06 50.32 2.30
CA THR B 210 29.88 49.68 1.72
C THR B 210 28.64 49.92 2.56
N VAL B 211 28.74 50.72 3.61
CA VAL B 211 27.58 51.19 4.38
C VAL B 211 27.24 52.62 4.01
N ILE B 212 28.21 53.54 4.10
CA ILE B 212 27.98 54.92 3.70
C ILE B 212 27.61 54.99 2.22
N GLN B 213 28.14 54.08 1.40
CA GLN B 213 27.75 54.03 0.00
C GLN B 213 26.28 53.66 -0.15
N HIS B 214 25.81 52.69 0.63
CA HIS B 214 24.43 52.22 0.56
C HIS B 214 23.47 53.09 1.36
N VAL B 215 23.98 54.06 2.10
CA VAL B 215 23.17 55.16 2.61
C VAL B 215 23.33 56.40 1.76
N PHE B 216 23.86 56.23 0.55
CA PHE B 216 23.76 57.23 -0.51
C PHE B 216 22.83 56.79 -1.62
N GLN B 217 22.77 55.49 -1.90
CA GLN B 217 21.73 54.94 -2.75
C GLN B 217 20.35 54.99 -2.09
N ASN B 218 20.31 55.23 -0.77
CA ASN B 218 19.05 55.38 -0.04
C ASN B 218 18.87 56.77 0.54
N LEU B 219 19.82 57.67 0.35
CA LEU B 219 19.66 59.08 0.73
C LEU B 219 19.66 60.03 -0.46
N ILE B 220 20.16 59.61 -1.61
CA ILE B 220 20.02 60.37 -2.85
C ILE B 220 18.79 59.81 -3.54
N LEU B 221 17.98 59.06 -2.79
CA LEU B 221 16.74 58.48 -3.29
C LEU B 221 15.52 59.02 -2.56
N GLY B 222 15.49 58.90 -1.23
CA GLY B 222 14.26 59.18 -0.51
C GLY B 222 13.89 60.64 -0.43
N SER B 223 14.88 61.51 -0.24
CA SER B 223 14.63 62.91 0.07
C SER B 223 14.20 63.67 -1.18
N LYS B 224 14.16 65.00 -1.07
CA LYS B 224 14.04 65.86 -2.25
C LYS B 224 15.42 65.93 -2.88
N VAL B 225 15.77 64.86 -3.60
CA VAL B 225 17.17 64.62 -3.94
C VAL B 225 17.62 65.44 -5.14
N ASN B 226 16.79 65.50 -6.19
CA ASN B 226 17.22 66.00 -7.49
C ASN B 226 18.56 65.35 -7.84
N TRP B 227 18.51 64.02 -7.95
CA TRP B 227 19.71 63.18 -7.88
C TRP B 227 20.71 63.45 -9.00
N ALA B 228 20.33 63.18 -10.24
CA ALA B 228 21.27 63.28 -11.35
C ALA B 228 21.23 64.63 -12.04
N GLU B 229 20.33 65.53 -11.65
CA GLU B 229 20.35 66.90 -12.18
C GLU B 229 21.27 67.78 -11.35
N ASP B 230 22.49 67.29 -11.13
CA ASP B 230 23.49 67.98 -10.33
C ASP B 230 24.86 67.40 -10.64
N PRO B 231 25.82 68.21 -11.10
CA PRO B 231 27.15 67.68 -11.41
C PRO B 231 27.87 67.10 -10.20
N ALA B 232 27.63 67.63 -9.01
CA ALA B 232 28.33 67.15 -7.83
C ALA B 232 27.95 65.71 -7.50
N LEU B 233 26.66 65.49 -7.20
CA LEU B 233 26.20 64.15 -6.86
C LEU B 233 26.35 63.16 -8.01
N LYS B 234 26.48 63.65 -9.26
CA LYS B 234 26.57 62.76 -10.41
C LYS B 234 27.78 61.83 -10.34
N GLU B 235 28.94 62.33 -9.91
CA GLU B 235 30.10 61.47 -9.72
C GLU B 235 30.06 60.73 -8.39
N ILE B 236 29.18 61.12 -7.48
CA ILE B 236 29.02 60.42 -6.21
C ILE B 236 27.82 59.49 -6.23
N VAL B 237 26.78 59.80 -6.99
CA VAL B 237 25.83 58.79 -7.45
C VAL B 237 26.59 57.99 -8.51
N LEU B 238 26.03 56.85 -8.95
CA LEU B 238 26.77 55.92 -9.79
C LEU B 238 28.02 55.44 -9.06
N GLN B 239 27.87 55.16 -7.77
CA GLN B 239 29.01 54.83 -6.92
C GLN B 239 29.62 53.50 -7.32
N LEU B 240 30.94 53.49 -7.49
CA LEU B 240 31.64 52.28 -7.87
C LEU B 240 31.58 51.24 -6.75
N GLU B 241 31.42 49.98 -7.14
CA GLU B 241 31.36 48.89 -6.17
C GLU B 241 32.71 48.64 -5.53
N GLU C 62 11.85 69.14 -37.27
CA GLU C 62 10.63 69.61 -36.61
C GLU C 62 10.43 68.91 -35.27
N GLU C 63 10.83 67.64 -35.20
CA GLU C 63 10.60 66.88 -33.98
C GLU C 63 11.31 67.51 -32.78
N ASP C 64 12.55 67.95 -32.96
CA ASP C 64 13.23 68.68 -31.89
C ASP C 64 12.55 70.02 -31.63
N ALA C 65 12.26 70.77 -32.70
CA ALA C 65 11.60 72.06 -32.56
C ALA C 65 10.21 71.95 -31.95
N LEU C 66 9.44 70.92 -32.30
CA LEU C 66 8.13 70.73 -31.70
C LEU C 66 8.21 70.45 -30.20
N GLN C 67 9.21 69.68 -29.75
CA GLN C 67 9.33 69.46 -28.31
C GLN C 67 9.91 70.65 -27.56
N MET C 68 10.72 71.50 -28.20
CA MET C 68 11.01 72.79 -27.58
C MET C 68 9.76 73.67 -27.51
N ALA C 69 8.88 73.56 -28.50
CA ALA C 69 7.61 74.26 -28.41
C ALA C 69 6.78 73.74 -27.23
N VAL C 70 6.78 72.43 -27.01
CA VAL C 70 6.12 71.86 -25.85
C VAL C 70 6.76 72.38 -24.56
N GLY C 71 8.09 72.45 -24.53
CA GLY C 71 8.77 73.05 -23.40
C GLY C 71 8.37 74.50 -23.16
N TYR C 72 8.12 75.25 -24.23
CA TYR C 72 7.57 76.59 -24.09
C TYR C 72 6.22 76.57 -23.40
N PHE C 73 5.39 75.57 -23.71
CA PHE C 73 4.16 75.38 -22.95
C PHE C 73 4.45 75.00 -21.51
N GLU C 74 5.61 74.38 -21.26
CA GLU C 74 5.94 73.95 -19.91
C GLU C 74 6.37 75.11 -19.01
N LYS C 75 6.88 76.19 -19.57
CA LYS C 75 7.26 77.36 -18.78
C LYS C 75 6.09 78.25 -18.43
N GLY C 76 4.90 77.97 -18.95
CA GLY C 76 3.74 78.78 -18.65
C GLY C 76 2.51 77.93 -18.35
N PRO C 77 1.50 78.54 -17.75
CA PRO C 77 0.25 77.81 -17.48
C PRO C 77 -0.48 77.45 -18.77
N ILE C 78 -1.25 76.36 -18.69
CA ILE C 78 -2.02 75.92 -19.85
C ILE C 78 -3.12 76.93 -20.18
N LYS C 79 -3.73 77.55 -19.17
CA LYS C 79 -4.76 78.54 -19.42
C LYS C 79 -4.19 79.77 -20.11
N ALA C 80 -3.02 80.23 -19.69
CA ALA C 80 -2.37 81.38 -20.30
C ALA C 80 -1.87 81.09 -21.72
N SER C 81 -1.70 79.83 -22.08
CA SER C 81 -1.25 79.47 -23.42
C SER C 81 -2.34 79.76 -24.45
N GLN C 82 -1.92 80.16 -25.64
CA GLN C 82 -2.86 80.46 -26.72
C GLN C 82 -3.21 79.25 -27.56
N ASN C 83 -2.35 78.22 -27.57
CA ASN C 83 -2.58 77.02 -28.37
C ASN C 83 -2.70 75.82 -27.43
N LYS C 84 -3.28 74.75 -27.94
CA LYS C 84 -3.45 73.51 -27.18
C LYS C 84 -2.10 72.87 -26.91
N ASP C 85 -1.97 72.34 -25.69
CA ASP C 85 -0.83 71.51 -25.34
C ASP C 85 -0.88 70.13 -25.98
N LYS C 86 -2.08 69.61 -26.24
CA LYS C 86 -2.19 68.28 -26.81
C LYS C 86 -1.81 68.27 -28.29
N THR C 87 -2.42 69.15 -29.10
CA THR C 87 -2.34 69.04 -30.56
C THR C 87 -0.90 68.93 -31.05
N LEU C 88 0.01 69.73 -30.47
CA LEU C 88 1.42 69.62 -30.84
C LEU C 88 1.98 68.24 -30.48
N GLU C 89 1.61 67.71 -29.30
CA GLU C 89 2.08 66.39 -28.92
C GLU C 89 1.44 65.30 -29.77
N LYS C 90 0.26 65.55 -30.32
CA LYS C 90 -0.38 64.61 -31.23
C LYS C 90 0.31 64.61 -32.59
N HIS C 91 0.74 65.78 -33.05
CA HIS C 91 1.61 65.82 -34.22
C HIS C 91 2.91 65.08 -33.96
N LEU C 92 3.48 65.24 -32.76
CA LEU C 92 4.65 64.46 -32.38
C LEU C 92 4.34 62.97 -32.38
N LYS C 93 3.15 62.57 -31.93
CA LYS C 93 2.77 61.17 -31.93
C LYS C 93 2.63 60.63 -33.35
N THR C 94 2.08 61.42 -34.27
CA THR C 94 2.06 61.03 -35.67
C THR C 94 3.47 60.89 -36.23
N VAL C 95 4.40 61.75 -35.79
CA VAL C 95 5.80 61.57 -36.15
C VAL C 95 6.34 60.26 -35.59
N GLU C 96 6.01 59.95 -34.33
CA GLU C 96 6.48 58.69 -33.73
C GLU C 96 5.93 57.49 -34.48
N ASN C 97 4.72 57.59 -35.00
CA ASN C 97 4.18 56.55 -35.87
C ASN C 97 5.08 56.31 -37.09
N VAL C 98 5.84 57.32 -37.49
CA VAL C 98 6.85 57.17 -38.54
C VAL C 98 8.22 56.96 -37.90
N ALA C 99 8.59 57.87 -37.00
CA ALA C 99 9.89 57.80 -36.32
C ALA C 99 9.73 58.32 -34.91
N TRP C 100 9.96 57.47 -33.92
CA TRP C 100 9.57 57.75 -32.54
C TRP C 100 10.42 58.80 -31.86
N LYS C 101 11.72 58.57 -31.69
CA LYS C 101 12.56 59.53 -30.98
C LYS C 101 14.02 59.20 -31.22
N ASN C 102 14.79 60.18 -31.67
CA ASN C 102 16.24 60.04 -31.73
C ASN C 102 16.82 59.94 -30.32
N GLY C 103 18.08 59.52 -30.24
CA GLY C 103 18.72 59.35 -28.94
C GLY C 103 18.71 60.61 -28.10
N LEU C 104 19.09 61.75 -28.69
CA LEU C 104 18.94 63.03 -27.99
C LEU C 104 17.48 63.40 -27.79
N ALA C 105 16.64 63.14 -28.81
CA ALA C 105 15.22 63.41 -28.68
C ALA C 105 14.56 62.55 -27.62
N SER C 106 14.88 61.24 -27.62
CA SER C 106 14.37 60.36 -26.58
C SER C 106 14.86 60.77 -25.20
N GLU C 107 16.14 61.15 -25.11
CA GLU C 107 16.67 61.68 -23.85
C GLU C 107 15.85 62.86 -23.36
N GLU C 108 15.65 63.85 -24.23
CA GLU C 108 14.95 65.06 -23.81
C GLU C 108 13.52 64.74 -23.40
N ILE C 109 12.76 64.06 -24.25
CA ILE C 109 11.37 63.73 -23.93
C ILE C 109 11.28 62.81 -22.72
N ASP C 110 12.36 62.10 -22.38
CA ASP C 110 12.38 61.34 -21.14
C ASP C 110 12.54 62.25 -19.93
N ILE C 111 13.42 63.26 -20.04
CA ILE C 111 13.87 63.95 -18.84
C ILE C 111 12.87 65.02 -18.40
N LEU C 112 12.27 65.76 -19.33
CA LEU C 112 11.46 66.90 -18.90
C LEU C 112 10.00 66.55 -18.69
N LEU C 113 9.42 65.71 -19.56
CA LEU C 113 7.98 65.53 -19.63
C LEU C 113 7.41 64.77 -18.43
N ASN C 114 8.22 64.50 -17.40
CA ASN C 114 7.74 63.70 -16.27
C ASN C 114 8.12 64.26 -14.90
N ILE C 115 8.92 65.32 -14.82
CA ILE C 115 9.45 65.76 -13.53
C ILE C 115 8.40 66.53 -12.73
N ALA C 116 8.04 67.72 -13.20
CA ALA C 116 7.09 68.58 -12.49
C ALA C 116 6.09 69.26 -13.41
N LEU C 117 6.42 69.37 -14.71
CA LEU C 117 5.67 70.20 -15.63
C LEU C 117 4.39 69.54 -16.12
N SER C 118 3.78 70.12 -17.16
CA SER C 118 2.40 69.77 -17.55
C SER C 118 2.18 68.27 -17.55
N GLY C 119 2.95 67.54 -18.36
CA GLY C 119 3.10 66.10 -18.26
C GLY C 119 1.89 65.34 -17.77
N LYS C 120 0.73 65.64 -18.36
CA LYS C 120 -0.52 65.13 -17.86
C LYS C 120 -0.52 63.60 -17.85
N PHE C 121 -1.12 63.03 -16.80
CA PHE C 121 -1.02 61.58 -16.59
C PHE C 121 -1.63 60.81 -17.75
N GLY C 122 -2.47 61.46 -18.55
CA GLY C 122 -2.84 60.92 -19.83
C GLY C 122 -1.84 61.31 -20.89
N ASN C 123 -1.54 62.62 -20.97
CA ASN C 123 -0.62 63.11 -21.99
C ASN C 123 0.79 62.54 -21.81
N ALA C 124 1.28 62.45 -20.58
CA ALA C 124 2.59 61.84 -20.36
C ALA C 124 2.58 60.38 -20.76
N VAL C 125 1.53 59.65 -20.42
CA VAL C 125 1.43 58.25 -20.84
C VAL C 125 1.20 58.14 -22.34
N ASN C 126 0.39 59.03 -22.92
CA ASN C 126 0.18 59.01 -24.37
C ASN C 126 1.50 59.06 -25.12
N THR C 127 2.47 59.80 -24.61
CA THR C 127 3.82 59.74 -25.16
C THR C 127 4.53 58.45 -24.76
N ARG C 128 4.52 58.14 -23.45
CA ARG C 128 5.32 57.04 -22.93
C ARG C 128 4.98 55.71 -23.58
N ILE C 129 3.75 55.57 -24.09
CA ILE C 129 3.39 54.38 -24.87
C ILE C 129 4.25 54.29 -26.13
N LEU C 130 4.47 55.42 -26.79
CA LEU C 130 5.16 55.47 -28.08
C LEU C 130 6.41 56.34 -27.99
N LYS C 131 6.94 56.51 -26.78
CA LYS C 131 8.11 57.34 -26.55
C LYS C 131 9.42 56.57 -26.76
N CYS C 132 9.33 55.29 -27.10
CA CYS C 132 10.51 54.45 -27.27
C CYS C 132 11.50 55.06 -28.25
N MET C 133 12.75 54.63 -28.13
CA MET C 133 13.87 55.16 -28.89
C MET C 133 13.84 54.69 -30.35
N ILE C 134 14.38 55.52 -31.23
CA ILE C 134 14.68 55.05 -32.58
C ILE C 134 16.00 54.27 -32.57
N PRO C 135 17.17 54.89 -32.27
CA PRO C 135 18.41 54.10 -32.29
C PRO C 135 18.58 53.17 -31.09
N ALA C 136 18.50 53.75 -29.91
CA ALA C 136 18.73 53.10 -28.62
C ALA C 136 18.54 54.15 -27.53
N THR C 137 18.66 53.73 -26.27
CA THR C 137 18.65 54.65 -25.14
C THR C 137 20.08 54.84 -24.65
N VAL C 138 20.43 56.08 -24.32
CA VAL C 138 21.80 56.43 -23.96
C VAL C 138 21.85 56.70 -22.46
N ILE C 139 23.07 56.91 -21.94
CA ILE C 139 23.26 57.09 -20.50
C ILE C 139 22.48 58.30 -20.00
N SER C 140 22.57 59.41 -20.73
CA SER C 140 21.91 60.65 -20.31
C SER C 140 20.39 60.54 -20.30
N GLU C 141 19.80 59.56 -21.00
CA GLU C 141 18.37 59.33 -20.89
C GLU C 141 17.99 58.92 -19.48
N ASP C 142 18.66 57.90 -18.95
CA ASP C 142 18.27 57.36 -17.65
C ASP C 142 18.76 58.21 -16.49
N SER C 143 19.74 59.09 -16.72
CA SER C 143 20.28 59.90 -15.64
C SER C 143 19.22 60.83 -15.05
N VAL C 144 18.73 61.79 -15.83
CA VAL C 144 17.81 62.78 -15.29
C VAL C 144 16.44 62.18 -15.02
N VAL C 145 16.12 61.03 -15.61
CA VAL C 145 14.86 60.35 -15.26
C VAL C 145 15.03 59.46 -14.05
N LYS C 146 16.26 59.20 -13.60
CA LYS C 146 16.46 58.71 -12.25
C LYS C 146 16.01 59.77 -11.24
N ALA C 147 15.97 61.03 -11.65
CA ALA C 147 15.33 62.09 -10.90
C ALA C 147 13.84 62.18 -11.19
N VAL C 148 13.30 61.30 -12.04
CA VAL C 148 11.86 61.12 -12.14
C VAL C 148 11.39 60.03 -11.19
N SER C 149 12.17 58.95 -11.02
CA SER C 149 11.95 58.00 -9.94
C SER C 149 12.22 58.62 -8.57
N TRP C 150 12.61 59.90 -8.54
CA TRP C 150 12.83 60.69 -7.33
C TRP C 150 11.60 60.71 -6.43
N LEU C 151 10.40 60.61 -7.02
CA LEU C 151 9.19 60.19 -6.31
C LEU C 151 8.71 61.10 -5.16
N CYS C 152 8.60 62.38 -5.48
CA CYS C 152 8.29 63.43 -4.50
C CYS C 152 7.11 64.29 -4.93
N VAL C 153 7.13 65.58 -4.57
CA VAL C 153 5.98 66.47 -4.72
C VAL C 153 5.35 66.27 -6.10
N GLY C 154 6.15 66.06 -7.14
CA GLY C 154 5.61 65.68 -8.42
C GLY C 154 5.42 64.18 -8.58
N LYS C 155 6.51 63.43 -8.45
CA LYS C 155 6.54 61.98 -8.32
C LYS C 155 6.24 61.21 -9.60
N CYS C 156 5.80 61.90 -10.64
CA CYS C 156 5.31 61.22 -11.85
C CYS C 156 4.50 60.14 -11.11
N SER C 157 3.19 60.37 -11.11
CA SER C 157 2.23 59.78 -10.17
C SER C 157 2.14 58.32 -10.60
N GLY C 158 1.54 57.50 -9.73
CA GLY C 158 1.61 56.04 -9.76
C GLY C 158 1.19 55.36 -11.03
N SER C 159 0.28 55.96 -11.80
CA SER C 159 -0.08 55.37 -13.09
C SER C 159 1.03 55.60 -14.11
N THR C 160 1.59 56.81 -14.13
CA THR C 160 2.70 57.08 -15.03
C THR C 160 3.98 56.44 -14.50
N LYS C 161 4.06 56.22 -13.18
CA LYS C 161 5.20 55.48 -12.63
C LYS C 161 5.18 54.02 -13.08
N VAL C 162 4.00 53.41 -13.06
CA VAL C 162 3.83 52.05 -13.55
C VAL C 162 4.20 51.99 -15.02
N LEU C 163 3.72 52.95 -15.81
CA LEU C 163 4.09 53.01 -17.21
C LEU C 163 5.58 53.24 -17.40
N PHE C 164 6.21 54.01 -16.51
CA PHE C 164 7.64 54.27 -16.59
C PHE C 164 8.44 53.00 -16.38
N TYR C 165 8.11 52.22 -15.35
CA TYR C 165 8.84 50.98 -15.12
C TYR C 165 8.51 49.93 -16.19
N ARG C 166 7.30 49.95 -16.72
CA ARG C 166 6.97 49.12 -17.87
C ARG C 166 7.83 49.47 -19.09
N TRP C 167 8.03 50.76 -19.34
CA TRP C 167 8.94 51.20 -20.40
C TRP C 167 10.37 50.79 -20.12
N LEU C 168 10.82 50.92 -18.86
CA LEU C 168 12.16 50.51 -18.48
C LEU C 168 12.38 49.02 -18.66
N VAL C 169 11.35 48.20 -18.49
CA VAL C 169 11.47 46.78 -18.77
C VAL C 169 11.47 46.52 -20.27
N ALA C 170 10.50 47.10 -20.99
CA ALA C 170 10.34 46.82 -22.41
C ALA C 170 11.49 47.35 -23.26
N MET C 171 11.95 48.57 -23.03
CA MET C 171 13.12 49.09 -23.75
C MET C 171 14.43 48.79 -23.03
N PHE C 172 14.46 47.82 -22.12
CA PHE C 172 15.73 47.43 -21.51
C PHE C 172 16.63 46.69 -22.47
N ASP C 173 16.09 46.16 -23.57
CA ASP C 173 16.93 45.51 -24.56
C ASP C 173 17.82 46.52 -25.28
N PHE C 174 17.49 47.80 -25.19
CA PHE C 174 18.21 48.85 -25.92
C PHE C 174 18.77 49.88 -24.94
N ILE C 175 19.96 49.60 -24.43
CA ILE C 175 20.76 50.57 -23.68
C ILE C 175 22.19 50.47 -24.18
N ASP C 176 22.82 51.62 -24.40
CA ASP C 176 24.21 51.63 -24.87
C ASP C 176 25.13 50.98 -23.85
N ARG C 177 24.95 51.30 -22.56
CA ARG C 177 25.76 50.74 -21.48
C ARG C 177 24.82 50.24 -20.39
N LYS C 178 24.49 48.95 -20.41
CA LYS C 178 23.71 48.37 -19.33
C LYS C 178 24.47 48.35 -18.01
N GLU C 179 25.81 48.50 -18.05
CA GLU C 179 26.60 48.54 -16.83
C GLU C 179 26.29 49.77 -15.98
N GLN C 180 26.06 50.92 -16.62
CA GLN C 180 25.75 52.12 -15.87
C GLN C 180 24.44 51.96 -15.11
N ILE C 181 23.43 51.39 -15.75
CA ILE C 181 22.15 51.17 -15.09
C ILE C 181 22.30 50.10 -14.02
N ASN C 182 23.15 49.09 -14.27
CA ASN C 182 23.43 48.08 -13.26
C ASN C 182 24.07 48.70 -12.02
N LEU C 183 24.87 49.75 -12.22
CA LEU C 183 25.40 50.49 -11.08
C LEU C 183 24.34 51.38 -10.43
N LEU C 184 23.18 51.53 -11.07
CA LEU C 184 22.00 52.16 -10.46
C LEU C 184 21.04 51.12 -9.88
N TYR C 185 21.57 49.99 -9.41
CA TYR C 185 20.72 48.88 -9.01
C TYR C 185 19.88 49.23 -7.79
N GLY C 186 20.52 49.75 -6.74
CA GLY C 186 19.80 50.04 -5.51
C GLY C 186 18.72 51.08 -5.64
N PHE C 187 18.87 52.01 -6.58
CA PHE C 187 17.85 53.04 -6.79
C PHE C 187 16.53 52.44 -7.22
N PHE C 188 16.57 51.44 -8.12
CA PHE C 188 15.36 50.73 -8.49
C PHE C 188 14.99 49.69 -7.44
N PHE C 189 15.97 49.11 -6.75
CA PHE C 189 15.68 48.11 -5.74
C PHE C 189 14.89 48.67 -4.57
N ALA C 190 15.20 49.90 -4.16
CA ALA C 190 14.46 50.53 -3.07
C ALA C 190 13.09 51.04 -3.50
N SER C 191 12.85 51.15 -4.80
CA SER C 191 11.52 51.44 -5.32
C SER C 191 10.64 50.19 -5.39
N LEU C 192 11.21 49.02 -5.13
CA LEU C 192 10.45 47.77 -5.13
C LEU C 192 9.53 47.65 -3.93
N GLN C 193 9.75 48.45 -2.88
CA GLN C 193 8.83 48.45 -1.74
C GLN C 193 7.43 48.85 -2.15
N ASP C 194 7.30 49.67 -3.19
CA ASP C 194 6.01 50.06 -3.71
C ASP C 194 5.26 48.86 -4.25
N ASP C 195 3.98 48.72 -3.86
CA ASP C 195 3.17 47.61 -4.36
C ASP C 195 2.84 47.77 -5.84
N ALA C 196 2.53 48.99 -6.27
CA ALA C 196 2.18 49.22 -7.67
C ALA C 196 3.36 49.04 -8.61
N LEU C 197 4.58 49.36 -8.16
CA LEU C 197 5.76 49.25 -8.98
C LEU C 197 6.43 47.87 -8.91
N CYS C 198 6.06 47.05 -7.92
CA CYS C 198 6.74 45.78 -7.71
C CYS C 198 6.70 44.85 -8.92
N PRO C 199 5.54 44.60 -9.56
CA PRO C 199 5.53 43.62 -10.67
C PRO C 199 6.39 44.02 -11.85
N TYR C 200 6.75 45.29 -11.98
CA TYR C 200 7.60 45.74 -13.08
C TYR C 200 9.03 46.02 -12.64
N VAL C 201 9.21 46.52 -11.42
CA VAL C 201 10.57 46.69 -10.90
C VAL C 201 11.23 45.34 -10.72
N CYS C 202 10.47 44.30 -10.38
CA CYS C 202 11.03 42.96 -10.31
C CYS C 202 11.58 42.51 -11.65
N HIS C 203 10.82 42.74 -12.74
CA HIS C 203 11.31 42.39 -14.07
C HIS C 203 12.54 43.21 -14.44
N LEU C 204 12.52 44.51 -14.12
CA LEU C 204 13.66 45.36 -14.42
C LEU C 204 14.91 44.88 -13.70
N LEU C 205 14.80 44.55 -12.42
CA LEU C 205 15.93 44.01 -11.67
C LEU C 205 16.35 42.63 -12.16
N TYR C 206 15.40 41.83 -12.65
CA TYR C 206 15.75 40.57 -13.29
C TYR C 206 16.63 40.80 -14.50
N LEU C 207 16.34 41.82 -15.30
CA LEU C 207 17.21 42.19 -16.41
C LEU C 207 18.41 43.04 -15.97
N LEU C 208 18.40 43.57 -14.75
CA LEU C 208 19.44 44.49 -14.31
C LEU C 208 20.52 43.82 -13.45
N THR C 209 20.27 42.60 -12.99
CA THR C 209 21.04 42.02 -11.90
C THR C 209 22.48 41.67 -12.32
N LYS C 210 23.39 41.78 -11.35
CA LYS C 210 24.74 41.24 -11.43
C LYS C 210 25.19 40.88 -10.03
N LYS C 211 26.32 40.16 -9.95
CA LYS C 211 26.83 39.68 -8.67
C LYS C 211 27.16 40.80 -7.70
N GLU C 212 27.58 41.97 -8.20
CA GLU C 212 27.89 43.09 -7.32
C GLU C 212 26.66 43.71 -6.69
N ASN C 213 25.47 43.33 -7.13
CA ASN C 213 24.22 43.89 -6.63
C ASN C 213 23.45 42.93 -5.75
N VAL C 214 24.11 41.93 -5.18
CA VAL C 214 23.45 40.89 -4.40
C VAL C 214 23.93 40.98 -2.96
N LYS C 215 24.16 42.20 -2.49
CA LYS C 215 24.58 42.40 -1.11
C LYS C 215 23.57 41.78 -0.16
N PRO C 216 24.01 41.20 0.96
CA PRO C 216 23.09 40.47 1.84
C PRO C 216 21.94 41.31 2.37
N PHE C 217 22.12 42.62 2.55
CA PHE C 217 21.00 43.45 2.97
C PHE C 217 19.90 43.49 1.91
N ARG C 218 20.26 43.46 0.63
CA ARG C 218 19.24 43.32 -0.41
C ARG C 218 18.54 41.97 -0.36
N VAL C 219 19.28 40.90 -0.03
CA VAL C 219 18.65 39.58 0.09
C VAL C 219 17.63 39.58 1.22
N ARG C 220 18.01 40.11 2.38
CA ARG C 220 17.06 40.17 3.48
C ARG C 220 15.92 41.15 3.23
N LYS C 221 16.16 42.21 2.45
CA LYS C 221 15.06 43.09 2.04
C LYS C 221 14.07 42.37 1.14
N LEU C 222 14.56 41.57 0.20
CA LEU C 222 13.66 40.77 -0.64
C LEU C 222 12.90 39.74 0.19
N LEU C 223 13.56 39.11 1.16
CA LEU C 223 12.85 38.19 2.06
C LEU C 223 11.81 38.91 2.90
N ASP C 224 12.10 40.12 3.38
CA ASP C 224 11.12 40.92 4.11
C ASP C 224 9.95 41.29 3.22
N LEU C 225 10.21 41.63 1.96
CA LEU C 225 9.14 41.87 0.99
C LEU C 225 8.28 40.65 0.75
N GLN C 226 8.89 39.47 0.62
CA GLN C 226 8.14 38.23 0.47
C GLN C 226 7.29 37.91 1.69
N ALA C 227 7.82 38.14 2.89
CA ALA C 227 7.05 37.87 4.11
C ALA C 227 5.91 38.86 4.28
N LYS C 228 6.18 40.16 4.09
CA LYS C 228 5.14 41.18 4.23
C LYS C 228 4.09 41.05 3.15
N MET C 229 4.52 40.88 1.90
CA MET C 229 3.60 40.77 0.78
C MET C 229 3.25 39.31 0.54
N GLY C 230 2.59 39.01 -0.58
CA GLY C 230 2.17 37.66 -0.88
C GLY C 230 3.17 36.97 -1.80
N MET C 231 3.00 35.65 -1.90
CA MET C 231 3.81 34.87 -2.82
C MET C 231 3.51 35.29 -4.25
N GLN C 232 4.50 35.89 -4.91
CA GLN C 232 4.28 36.45 -6.23
C GLN C 232 5.30 35.91 -7.23
N PRO C 233 4.89 35.64 -8.47
CA PRO C 233 5.85 35.16 -9.48
C PRO C 233 6.98 36.13 -9.75
N HIS C 234 6.76 37.44 -9.63
CA HIS C 234 7.83 38.41 -9.82
C HIS C 234 8.87 38.29 -8.71
N LEU C 235 8.40 38.28 -7.45
CA LEU C 235 9.31 38.09 -6.33
C LEU C 235 9.95 36.72 -6.37
N GLN C 236 9.20 35.69 -6.80
CA GLN C 236 9.75 34.35 -6.92
C GLN C 236 10.88 34.33 -7.95
N ALA C 237 10.70 35.02 -9.08
CA ALA C 237 11.75 35.12 -10.08
C ALA C 237 12.97 35.86 -9.54
N LEU C 238 12.75 36.94 -8.80
CA LEU C 238 13.88 37.68 -8.24
C LEU C 238 14.64 36.85 -7.21
N LEU C 239 13.93 36.13 -6.35
CA LEU C 239 14.55 35.26 -5.36
C LEU C 239 15.31 34.09 -5.98
N SER C 240 14.74 33.42 -6.99
CA SER C 240 15.44 32.33 -7.64
C SER C 240 16.71 32.84 -8.32
N LEU C 241 16.67 34.07 -8.85
CA LEU C 241 17.85 34.63 -9.46
C LEU C 241 18.91 34.97 -8.42
N TYR C 242 18.50 35.55 -7.29
CA TYR C 242 19.46 35.78 -6.22
C TYR C 242 20.05 34.50 -5.66
N LYS C 243 19.29 33.40 -5.66
CA LYS C 243 19.84 32.09 -5.34
C LYS C 243 20.79 31.59 -6.41
N PHE C 244 20.54 31.93 -7.68
CA PHE C 244 21.50 31.62 -8.74
C PHE C 244 22.83 32.33 -8.50
N PHE C 245 22.79 33.51 -7.88
CA PHE C 245 23.99 34.21 -7.45
C PHE C 245 24.36 33.73 -6.04
N ALA C 246 25.22 34.47 -5.34
CA ALA C 246 25.72 34.11 -4.01
C ALA C 246 24.59 33.61 -3.12
N PRO C 247 24.58 32.33 -2.75
CA PRO C 247 23.41 31.76 -2.09
C PRO C 247 23.29 32.13 -0.61
N ALA C 248 22.87 33.36 -0.32
CA ALA C 248 22.45 33.74 1.01
C ALA C 248 21.00 33.37 1.27
N LEU C 249 20.27 32.95 0.24
CA LEU C 249 18.91 32.46 0.35
C LEU C 249 18.77 31.23 -0.54
N ILE C 250 17.85 30.33 -0.17
CA ILE C 250 17.59 29.14 -0.95
C ILE C 250 16.08 29.07 -1.22
N SER C 251 15.73 28.86 -2.49
CA SER C 251 14.34 28.73 -2.89
C SER C 251 14.27 28.04 -4.24
N VAL C 252 13.36 27.08 -4.36
CA VAL C 252 13.18 26.34 -5.60
C VAL C 252 11.75 26.49 -6.12
N ILE C 260 5.90 35.38 -14.01
CA ILE C 260 6.29 33.98 -14.05
C ILE C 260 7.78 33.87 -14.37
N TYR C 261 8.11 33.98 -15.65
CA TYR C 261 9.49 33.98 -16.10
C TYR C 261 9.61 34.79 -17.39
N PHE C 262 10.06 36.05 -17.25
CA PHE C 262 10.05 37.03 -18.34
C PHE C 262 8.64 37.17 -18.91
N LYS C 263 7.66 37.08 -18.01
CA LYS C 263 6.26 37.28 -18.36
C LYS C 263 5.94 38.76 -18.23
N ASN C 264 5.69 39.41 -19.36
CA ASN C 264 5.50 40.85 -19.39
C ASN C 264 4.09 41.22 -19.83
N SER C 265 3.60 42.34 -19.33
CA SER C 265 2.36 42.92 -19.80
C SER C 265 2.67 43.87 -20.95
N GLU C 266 3.94 43.88 -21.36
CA GLU C 266 4.40 44.73 -22.44
C GLU C 266 4.10 44.12 -23.80
N ASN C 267 3.23 43.12 -23.84
CA ASN C 267 2.85 42.49 -25.10
C ASN C 267 2.16 43.51 -26.02
N LEU C 268 1.29 44.35 -25.45
CA LEU C 268 0.72 45.44 -26.24
C LEU C 268 1.79 46.42 -26.69
N TRP C 269 2.73 46.75 -25.81
CA TRP C 269 3.87 47.56 -26.21
C TRP C 269 4.87 46.78 -27.05
N LYS C 270 4.80 45.43 -27.03
CA LYS C 270 5.70 44.61 -27.82
C LYS C 270 5.43 44.72 -29.31
N THR C 271 4.18 44.97 -29.73
CA THR C 271 3.90 45.25 -31.13
C THR C 271 4.61 46.53 -31.53
N ALA C 272 4.48 47.56 -30.70
CA ALA C 272 5.31 48.75 -30.85
C ALA C 272 6.79 48.43 -30.68
N LEU C 273 7.15 47.57 -29.73
CA LEU C 273 8.53 47.15 -29.61
C LEU C 273 8.97 46.29 -30.79
N LEU C 274 8.04 45.54 -31.39
CA LEU C 274 8.36 44.83 -32.62
C LEU C 274 8.67 45.79 -33.77
N ALA C 275 7.87 46.85 -33.90
CA ALA C 275 8.16 47.86 -34.92
C ALA C 275 9.47 48.58 -34.61
N VAL C 276 9.76 48.80 -33.33
CA VAL C 276 11.02 49.42 -32.93
C VAL C 276 12.21 48.54 -33.28
N LYS C 277 12.11 47.23 -33.04
CA LYS C 277 13.15 46.30 -33.45
C LYS C 277 13.31 46.26 -34.96
N GLN C 278 12.20 46.26 -35.72
CA GLN C 278 12.28 46.33 -37.17
C GLN C 278 12.92 47.63 -37.64
N ARG C 279 12.57 48.75 -36.98
CA ARG C 279 13.17 50.03 -37.33
C ARG C 279 14.67 50.03 -37.05
N ASN C 280 15.07 49.45 -35.92
CA ASN C 280 16.49 49.36 -35.59
C ASN C 280 17.24 48.48 -36.59
N ARG C 281 16.59 47.40 -37.02
CA ARG C 281 17.19 46.56 -38.06
C ARG C 281 17.34 47.34 -39.37
N GLY C 282 16.35 48.16 -39.70
CA GLY C 282 16.40 48.97 -40.90
C GLY C 282 17.36 50.12 -40.79
N PRO C 283 17.70 50.52 -39.54
CA PRO C 283 18.62 51.62 -39.27
C PRO C 283 19.64 51.29 -38.19
N SER C 365 26.95 16.04 -15.42
CA SER C 365 27.01 17.41 -14.93
C SER C 365 27.63 18.33 -15.98
N VAL C 366 28.31 17.74 -16.95
CA VAL C 366 29.03 18.49 -17.97
C VAL C 366 28.67 18.07 -19.38
N LEU C 367 27.84 17.03 -19.55
CA LEU C 367 27.54 16.54 -20.88
C LEU C 367 26.78 17.58 -21.71
N ASN C 368 25.74 18.19 -21.13
CA ASN C 368 24.93 19.15 -21.87
C ASN C 368 25.49 20.56 -21.75
N ASN C 369 26.79 20.69 -22.02
CA ASN C 369 27.45 21.99 -22.06
C ASN C 369 28.66 21.86 -22.98
N SER C 370 28.49 22.23 -24.25
CA SER C 370 29.58 22.12 -25.21
C SER C 370 30.66 23.17 -25.01
N LEU C 371 30.29 24.36 -24.52
CA LEU C 371 31.28 25.40 -24.28
C LEU C 371 32.14 25.13 -23.06
N LEU C 372 31.67 24.29 -22.14
CA LEU C 372 32.45 23.88 -20.98
C LEU C 372 33.07 22.50 -21.13
N LEU C 373 32.50 21.66 -22.00
CA LEU C 373 33.12 20.37 -22.31
C LEU C 373 34.53 20.53 -22.86
N HIS C 374 34.83 21.65 -23.50
CA HIS C 374 36.18 21.92 -23.96
C HIS C 374 37.17 22.02 -22.80
N TYR C 375 36.73 22.55 -21.64
CA TYR C 375 37.62 22.61 -20.49
C TYR C 375 38.04 21.22 -20.04
N ILE C 376 37.08 20.33 -19.82
CA ILE C 376 37.42 18.98 -19.37
C ILE C 376 38.12 18.20 -20.48
N ASN C 377 37.90 18.59 -21.75
CA ASN C 377 38.72 18.04 -22.83
C ASN C 377 40.19 18.37 -22.62
N CYS C 378 40.48 19.53 -22.02
CA CYS C 378 41.84 20.01 -21.86
C CYS C 378 42.46 19.67 -20.50
N VAL C 379 41.73 19.03 -19.59
CA VAL C 379 42.30 18.61 -18.31
C VAL C 379 42.00 17.13 -18.11
N ARG C 380 43.05 16.31 -18.09
CA ARG C 380 42.95 14.96 -17.56
C ARG C 380 43.37 14.93 -16.10
N ASP C 381 42.71 15.80 -15.33
CA ASP C 381 42.94 15.91 -13.90
C ASP C 381 42.11 14.88 -13.14
N GLU C 382 42.45 14.67 -11.87
CA GLU C 382 41.68 13.76 -11.04
C GLU C 382 40.35 14.30 -10.57
N PRO C 383 40.28 15.47 -9.91
CA PRO C 383 39.00 15.94 -9.39
C PRO C 383 37.99 16.32 -10.46
N VAL C 384 38.33 16.14 -11.74
CA VAL C 384 37.39 16.40 -12.82
C VAL C 384 36.90 15.11 -13.48
N LEU C 385 37.78 14.14 -13.72
CA LEU C 385 37.38 12.86 -14.29
C LEU C 385 36.94 11.85 -13.24
N LEU C 386 37.05 12.19 -11.96
CA LEU C 386 36.50 11.36 -10.90
C LEU C 386 35.10 11.76 -10.48
N ARG C 387 34.79 13.06 -10.45
CA ARG C 387 33.40 13.50 -10.37
C ARG C 387 32.62 13.07 -11.60
N PHE C 388 33.24 13.10 -12.78
CA PHE C 388 32.60 12.60 -13.99
C PHE C 388 32.43 11.10 -14.00
N TYR C 389 33.44 10.34 -13.56
CA TYR C 389 33.28 8.90 -13.43
C TYR C 389 32.11 8.56 -12.54
N TYR C 390 31.97 9.28 -11.43
CA TYR C 390 30.97 8.95 -10.43
C TYR C 390 29.56 9.34 -10.85
N TRP C 391 29.38 10.51 -11.48
CA TRP C 391 28.07 10.83 -12.06
C TRP C 391 27.71 9.91 -13.20
N LEU C 392 28.66 9.63 -14.09
CA LEU C 392 28.37 8.81 -15.25
C LEU C 392 28.03 7.38 -14.85
N SER C 393 28.75 6.82 -13.88
CA SER C 393 28.46 5.46 -13.44
C SER C 393 27.12 5.36 -12.75
N GLN C 394 26.77 6.33 -11.91
CA GLN C 394 25.51 6.32 -11.20
C GLN C 394 24.33 6.71 -12.09
N THR C 395 24.60 7.33 -13.26
CA THR C 395 23.56 7.59 -14.24
C THR C 395 23.39 6.45 -15.23
N LEU C 396 24.46 5.72 -15.55
CA LEU C 396 24.37 4.51 -16.35
C LEU C 396 23.90 3.32 -15.54
N GLN C 397 23.77 3.46 -14.21
CA GLN C 397 23.19 2.42 -13.37
C GLN C 397 21.75 2.71 -13.03
N GLU C 398 21.47 3.91 -12.50
CA GLU C 398 20.10 4.26 -12.14
C GLU C 398 19.19 4.28 -13.37
N GLU C 399 19.65 4.88 -14.47
CA GLU C 399 18.84 4.90 -15.68
C GLU C 399 18.81 3.57 -16.41
N CYS C 400 19.74 2.66 -16.10
CA CYS C 400 19.66 1.29 -16.61
C CYS C 400 18.79 0.40 -15.75
N ILE C 401 18.74 0.63 -14.43
CA ILE C 401 17.73 0.00 -13.61
C ILE C 401 16.34 0.50 -14.00
N TRP C 402 16.27 1.77 -14.42
CA TRP C 402 15.02 2.33 -14.94
C TRP C 402 14.50 1.51 -16.12
N TYR C 403 15.38 0.85 -16.86
CA TYR C 403 14.94 -0.05 -17.93
C TYR C 403 14.10 -1.19 -17.37
N LYS C 404 14.51 -1.73 -16.22
CA LYS C 404 13.90 -2.95 -15.67
C LYS C 404 12.51 -2.70 -15.09
N VAL C 405 11.96 -1.49 -15.22
CA VAL C 405 10.60 -1.24 -14.80
C VAL C 405 9.69 -0.78 -15.93
N ASN C 406 10.22 -0.12 -16.96
CA ASN C 406 9.41 0.29 -18.11
C ASN C 406 9.93 -0.32 -19.41
N ASN C 407 11.21 -0.11 -19.74
CA ASN C 407 11.87 -0.71 -20.89
C ASN C 407 11.29 -0.27 -22.22
N TYR C 408 10.25 0.57 -22.21
CA TYR C 408 9.61 1.02 -23.43
C TYR C 408 9.77 2.50 -23.69
N GLU C 409 9.36 3.35 -22.74
CA GLU C 409 9.55 4.79 -22.88
C GLU C 409 10.86 5.25 -22.27
N HIS C 410 11.40 4.49 -21.31
CA HIS C 410 12.73 4.78 -20.78
C HIS C 410 13.82 4.50 -21.81
N GLY C 411 13.48 3.82 -22.90
CA GLY C 411 14.43 3.52 -23.94
C GLY C 411 14.57 4.64 -24.95
N LYS C 412 14.03 5.81 -24.61
CA LYS C 412 14.20 7.00 -25.44
C LYS C 412 14.89 8.15 -24.74
N GLU C 413 14.93 8.18 -23.41
CA GLU C 413 15.76 9.13 -22.69
C GLU C 413 17.13 8.55 -22.38
N PHE C 414 17.19 7.28 -21.98
CA PHE C 414 18.47 6.60 -21.85
C PHE C 414 19.20 6.51 -23.18
N THR C 415 18.45 6.20 -24.25
CA THR C 415 19.03 6.20 -25.58
C THR C 415 19.51 7.58 -25.99
N ASN C 416 18.71 8.62 -25.72
CA ASN C 416 19.13 9.99 -25.98
C ASN C 416 20.16 10.49 -24.99
N PHE C 417 20.33 9.81 -23.86
CA PHE C 417 21.44 10.11 -22.95
C PHE C 417 22.71 9.41 -23.38
N LEU C 418 22.58 8.16 -23.83
CA LEU C 418 23.73 7.46 -24.42
C LEU C 418 24.21 8.17 -25.68
N ASP C 419 23.29 8.75 -26.46
CA ASP C 419 23.69 9.52 -27.64
C ASP C 419 24.51 10.74 -27.28
N THR C 420 24.11 11.49 -26.25
CA THR C 420 24.92 12.60 -25.76
C THR C 420 26.25 12.13 -25.20
N ILE C 421 26.26 10.98 -24.52
CA ILE C 421 27.51 10.41 -24.03
C ILE C 421 28.46 10.14 -25.20
N ILE C 422 27.94 9.52 -26.26
CA ILE C 422 28.75 9.16 -27.41
C ILE C 422 29.25 10.40 -28.13
N ARG C 423 28.38 11.42 -28.26
CA ARG C 423 28.80 12.68 -28.86
C ARG C 423 29.88 13.38 -28.05
N ALA C 424 29.76 13.38 -26.72
CA ALA C 424 30.77 13.97 -25.87
C ALA C 424 32.09 13.20 -25.97
N GLU C 425 32.02 11.88 -26.07
CA GLU C 425 33.24 11.10 -26.25
C GLU C 425 33.87 11.36 -27.61
N CYS C 426 33.07 11.46 -28.66
CA CYS C 426 33.61 11.77 -29.98
C CYS C 426 34.28 13.13 -30.01
N PHE C 427 33.67 14.13 -29.36
CA PHE C 427 34.31 15.43 -29.24
C PHE C 427 35.60 15.35 -28.44
N LEU C 428 35.52 14.78 -27.24
CA LEU C 428 36.65 14.75 -26.33
C LEU C 428 37.69 13.72 -26.75
N GLN C 429 37.30 12.73 -27.56
CA GLN C 429 38.15 11.80 -28.28
C GLN C 429 38.81 10.74 -27.39
N GLU C 430 38.36 10.57 -26.15
CA GLU C 430 38.76 9.41 -25.35
C GLU C 430 37.53 8.78 -24.74
N GLY C 431 37.56 7.44 -24.63
CA GLY C 431 36.46 6.73 -24.01
C GLY C 431 36.39 7.05 -22.53
N PHE C 432 35.22 7.50 -22.07
CA PHE C 432 35.05 7.81 -20.66
C PHE C 432 35.27 6.55 -19.83
N TYR C 433 36.00 6.71 -18.72
CA TYR C 433 36.34 5.59 -17.86
C TYR C 433 35.12 5.00 -17.16
N SER C 434 33.99 5.70 -17.20
CA SER C 434 32.73 5.16 -16.69
C SER C 434 31.93 4.44 -17.75
N CYS C 435 32.35 4.49 -19.01
CA CYS C 435 31.61 3.85 -20.08
C CYS C 435 32.18 2.50 -20.47
N GLU C 436 33.46 2.23 -20.20
CA GLU C 436 33.94 0.86 -20.25
C GLU C 436 33.67 0.13 -18.94
N ALA C 437 33.73 0.85 -17.82
CA ALA C 437 33.33 0.28 -16.54
C ALA C 437 31.86 -0.07 -16.50
N PHE C 438 31.03 0.63 -17.27
CA PHE C 438 29.63 0.26 -17.43
C PHE C 438 29.43 -0.80 -18.49
N LEU C 439 30.19 -0.74 -19.58
CA LEU C 439 30.13 -1.80 -20.59
C LEU C 439 30.61 -3.14 -20.05
N TYR C 440 31.69 -3.17 -19.28
CA TYR C 440 32.14 -4.42 -18.69
C TYR C 440 31.10 -5.00 -17.74
N LYS C 441 30.37 -4.13 -17.03
CA LYS C 441 29.34 -4.60 -16.11
C LYS C 441 28.11 -5.08 -16.87
N SER C 442 27.71 -4.37 -17.93
CA SER C 442 26.42 -4.58 -18.57
C SER C 442 26.52 -5.29 -19.92
N LEU C 443 27.70 -5.77 -20.30
CA LEU C 443 27.81 -6.52 -21.54
C LEU C 443 27.36 -7.97 -21.40
N PRO C 444 27.77 -8.72 -20.37
CA PRO C 444 27.23 -10.07 -20.23
C PRO C 444 25.71 -10.10 -20.17
N LEU C 445 25.11 -9.15 -19.46
CA LEU C 445 23.65 -9.07 -19.42
C LEU C 445 23.06 -8.56 -20.73
N TRP C 446 23.87 -7.94 -21.56
CA TRP C 446 23.34 -7.27 -22.74
C TRP C 446 22.82 -8.26 -23.77
N ASP C 447 21.68 -7.92 -24.36
CA ASP C 447 21.12 -8.64 -25.49
C ASP C 447 21.61 -7.99 -26.78
N GLY C 448 21.01 -8.34 -27.91
CA GLY C 448 21.52 -7.85 -29.20
C GLY C 448 21.08 -6.43 -29.51
N LEU C 449 19.79 -6.14 -29.34
CA LEU C 449 19.20 -4.92 -29.89
C LEU C 449 18.93 -3.84 -28.85
N CYS C 450 19.09 -4.13 -27.57
CA CYS C 450 18.83 -3.11 -26.55
C CYS C 450 19.92 -2.05 -26.60
N CYS C 451 19.59 -0.88 -27.14
CA CYS C 451 20.53 0.22 -27.34
C CYS C 451 21.75 -0.27 -28.11
N ARG C 452 21.48 -1.00 -29.20
CA ARG C 452 22.54 -1.59 -30.00
C ARG C 452 23.46 -0.53 -30.60
N SER C 453 22.86 0.45 -31.29
CA SER C 453 23.65 1.52 -31.91
C SER C 453 24.33 2.41 -30.88
N GLN C 454 23.87 2.39 -29.62
CA GLN C 454 24.47 3.18 -28.57
C GLN C 454 25.49 2.40 -27.75
N PHE C 455 25.22 1.14 -27.45
CA PHE C 455 26.22 0.30 -26.78
C PHE C 455 27.42 0.05 -27.68
N LEU C 456 27.18 -0.17 -28.98
CA LEU C 456 28.25 -0.44 -29.92
C LEU C 456 28.86 0.83 -30.49
N GLN C 457 28.50 1.99 -29.95
CA GLN C 457 29.30 3.19 -30.12
C GLN C 457 30.10 3.54 -28.89
N LEU C 458 29.68 3.06 -27.71
CA LEU C 458 30.50 3.14 -26.51
C LEU C 458 31.67 2.16 -26.56
N VAL C 459 31.49 1.01 -27.21
CA VAL C 459 32.59 0.07 -27.38
C VAL C 459 33.70 0.70 -28.21
N SER C 460 33.34 1.51 -29.20
CA SER C 460 34.35 2.19 -30.00
C SER C 460 35.20 3.14 -29.17
N TRP C 461 34.60 3.83 -28.21
CA TRP C 461 35.33 4.75 -27.33
C TRP C 461 35.70 4.00 -26.06
N ILE C 462 36.83 3.29 -26.13
CA ILE C 462 37.37 2.53 -25.01
C ILE C 462 38.84 2.91 -24.87
N PRO C 463 39.33 3.23 -23.67
CA PRO C 463 40.76 3.49 -23.50
C PRO C 463 41.59 2.29 -23.92
N PHE C 464 42.71 2.56 -24.60
CA PHE C 464 43.53 1.49 -25.16
C PHE C 464 44.10 0.63 -24.05
N SER C 465 43.68 -0.63 -23.99
CA SER C 465 44.16 -1.59 -23.02
C SER C 465 44.79 -2.78 -23.75
N SER C 466 45.54 -3.58 -23.01
CA SER C 466 46.13 -4.80 -23.54
C SER C 466 45.03 -5.80 -23.85
N PHE C 467 45.15 -6.49 -24.99
CA PHE C 467 44.10 -7.41 -25.41
C PHE C 467 43.91 -8.56 -24.44
N SER C 468 44.95 -8.99 -23.72
CA SER C 468 44.79 -10.04 -22.72
C SER C 468 43.96 -9.59 -21.52
N GLU C 469 43.74 -8.28 -21.36
CA GLU C 469 42.95 -7.76 -20.25
C GLU C 469 41.62 -7.15 -20.68
N VAL C 470 41.41 -6.91 -21.98
CA VAL C 470 40.16 -6.35 -22.46
C VAL C 470 39.32 -7.37 -23.24
N LYS C 471 39.94 -8.37 -23.86
CA LYS C 471 39.20 -9.39 -24.60
C LYS C 471 38.29 -10.19 -23.67
N PRO C 472 38.78 -10.76 -22.57
CA PRO C 472 37.87 -11.53 -21.69
C PRO C 472 36.75 -10.69 -21.12
N LEU C 473 37.00 -9.41 -20.84
CA LEU C 473 36.00 -8.55 -20.22
C LEU C 473 34.93 -8.10 -21.22
N LEU C 474 35.34 -7.76 -22.44
CA LEU C 474 34.42 -7.19 -23.42
C LEU C 474 34.31 -8.00 -24.70
N PHE C 475 35.43 -8.37 -25.31
CA PHE C 475 35.39 -9.06 -26.60
C PHE C 475 34.95 -10.51 -26.47
N ASP C 476 34.92 -11.07 -25.27
CA ASP C 476 34.35 -12.39 -25.03
C ASP C 476 32.84 -12.34 -24.86
N HIS C 477 32.27 -11.14 -24.73
CA HIS C 477 30.82 -10.97 -24.74
C HIS C 477 30.33 -10.29 -26.01
N LEU C 478 31.20 -9.60 -26.75
CA LEU C 478 30.90 -9.16 -28.10
C LEU C 478 31.28 -10.21 -29.14
N ALA C 479 31.58 -11.42 -28.68
CA ALA C 479 31.61 -12.62 -29.50
C ALA C 479 30.56 -13.63 -29.09
N GLN C 480 30.24 -13.72 -27.80
CA GLN C 480 29.10 -14.49 -27.36
C GLN C 480 27.80 -13.95 -27.97
N LEU C 481 27.71 -12.64 -28.15
CA LEU C 481 26.56 -12.03 -28.81
C LEU C 481 26.73 -11.93 -30.32
N PHE C 482 27.97 -11.80 -30.79
CA PHE C 482 28.23 -11.69 -32.22
C PHE C 482 27.82 -12.94 -32.97
N PHE C 483 28.14 -14.12 -32.42
CA PHE C 483 27.88 -15.38 -33.10
C PHE C 483 26.46 -15.89 -32.90
N THR C 484 25.66 -15.25 -32.05
CA THR C 484 24.30 -15.67 -31.78
C THR C 484 23.27 -14.68 -32.29
N SER C 485 23.69 -13.59 -32.94
CA SER C 485 22.77 -12.57 -33.42
C SER C 485 22.85 -12.49 -34.94
N THR C 486 21.89 -11.77 -35.52
CA THR C 486 21.72 -11.73 -36.96
C THR C 486 22.82 -10.87 -37.62
N ILE C 487 22.73 -10.72 -38.93
CA ILE C 487 23.71 -9.98 -39.71
C ILE C 487 23.69 -8.51 -39.32
N TYR C 488 22.56 -8.04 -38.81
CA TYR C 488 22.41 -6.64 -38.44
C TYR C 488 22.97 -6.33 -37.07
N PHE C 489 23.44 -7.35 -36.35
CA PHE C 489 24.29 -7.17 -35.18
C PHE C 489 25.74 -7.53 -35.46
N LYS C 490 25.98 -8.50 -36.35
CA LYS C 490 27.34 -8.77 -36.81
C LYS C 490 27.92 -7.57 -37.56
N CYS C 491 27.13 -6.93 -38.41
CA CYS C 491 27.56 -5.71 -39.07
C CYS C 491 27.61 -4.53 -38.12
N SER C 492 26.82 -4.54 -37.05
CA SER C 492 26.80 -3.46 -36.08
C SER C 492 27.89 -3.63 -35.02
N VAL C 493 28.57 -4.77 -34.99
CA VAL C 493 29.75 -4.97 -34.16
C VAL C 493 31.03 -4.78 -34.97
N LEU C 494 31.08 -5.36 -36.17
CA LEU C 494 32.21 -5.12 -37.06
C LEU C 494 32.31 -3.64 -37.47
N GLN C 495 31.21 -2.90 -37.44
CA GLN C 495 31.25 -1.45 -37.50
C GLN C 495 31.65 -0.85 -36.17
N SER C 496 31.18 -1.44 -35.05
CA SER C 496 31.59 -0.98 -33.74
C SER C 496 33.09 -1.14 -33.55
N LEU C 497 33.61 -2.33 -33.86
CA LEU C 497 35.04 -2.57 -33.73
C LEU C 497 35.84 -1.90 -34.84
N LYS C 498 35.22 -1.55 -35.97
CA LYS C 498 35.92 -0.74 -36.95
C LYS C 498 36.21 0.65 -36.41
N GLU C 499 35.25 1.26 -35.70
CA GLU C 499 35.50 2.53 -35.04
C GLU C 499 36.40 2.36 -33.83
N LEU C 500 36.31 1.22 -33.15
CA LEU C 500 37.22 0.94 -32.03
C LEU C 500 38.67 0.88 -32.52
N LEU C 501 38.91 0.26 -33.67
CA LEU C 501 40.26 0.23 -34.22
C LEU C 501 40.75 1.63 -34.55
N GLN C 502 39.87 2.47 -35.12
CA GLN C 502 40.28 3.84 -35.43
C GLN C 502 40.60 4.61 -34.16
N ASN C 503 39.82 4.42 -33.10
CA ASN C 503 40.09 5.11 -31.84
C ASN C 503 41.35 4.60 -31.16
N TRP C 504 41.62 3.31 -31.22
CA TRP C 504 42.86 2.76 -30.67
C TRP C 504 44.08 3.13 -31.49
N LEU C 505 43.93 3.37 -32.78
CA LEU C 505 45.02 3.81 -33.63
C LEU C 505 45.27 5.31 -33.53
N LEU C 506 44.23 6.11 -33.31
CA LEU C 506 44.43 7.54 -33.08
C LEU C 506 45.29 7.78 -31.86
N TRP C 507 44.98 7.10 -30.76
CA TRP C 507 45.73 7.25 -29.52
C TRP C 507 47.07 6.54 -29.54
N LEU C 508 47.32 5.69 -30.53
CA LEU C 508 48.63 5.07 -30.70
C LEU C 508 49.54 5.85 -31.62
N SER C 509 48.97 6.60 -32.59
CA SER C 509 49.79 7.48 -33.40
C SER C 509 50.43 8.58 -32.56
N MET C 510 49.68 9.14 -31.61
CA MET C 510 50.23 10.10 -30.66
C MET C 510 51.22 9.47 -29.70
N ASP C 511 51.08 8.17 -29.40
CA ASP C 511 52.10 7.47 -28.61
C ASP C 511 53.40 7.30 -29.39
N ILE C 512 53.38 7.48 -30.71
CA ILE C 512 54.60 7.66 -31.49
C ILE C 512 55.02 9.13 -31.51
N HIS C 513 54.05 10.03 -31.62
CA HIS C 513 54.34 11.46 -31.53
C HIS C 513 54.89 11.82 -30.15
N MET C 514 54.29 11.25 -29.10
CA MET C 514 54.75 11.46 -27.73
C MET C 514 55.67 10.32 -27.30
N LYS C 515 56.75 10.15 -28.05
CA LYS C 515 57.76 9.12 -27.81
C LYS C 515 57.14 7.71 -27.75
N LEU C 526 56.35 0.96 -26.91
CA LEU C 526 55.85 0.27 -28.08
C LEU C 526 56.26 -1.20 -28.07
N GLY C 527 55.63 -2.00 -28.92
CA GLY C 527 55.81 -3.43 -28.94
C GLY C 527 54.80 -4.19 -28.12
N GLY C 528 54.52 -3.75 -26.89
CA GLY C 528 53.46 -4.31 -26.10
C GLY C 528 52.11 -3.67 -26.33
N SER C 529 52.06 -2.44 -26.83
CA SER C 529 50.83 -1.83 -27.32
C SER C 529 50.60 -2.13 -28.80
N MET C 530 51.68 -2.36 -29.54
CA MET C 530 51.66 -2.81 -30.92
C MET C 530 50.93 -4.16 -31.05
N ASN C 531 51.29 -5.11 -30.19
CA ASN C 531 50.71 -6.44 -30.16
C ASN C 531 49.24 -6.45 -29.77
N SER C 532 48.74 -5.35 -29.21
CA SER C 532 47.35 -5.23 -28.82
C SER C 532 46.45 -4.84 -29.98
N VAL C 533 46.84 -3.85 -30.78
CA VAL C 533 46.09 -3.55 -31.99
C VAL C 533 46.22 -4.69 -32.99
N SER C 534 47.41 -5.31 -33.07
CA SER C 534 47.54 -6.48 -33.95
C SER C 534 46.61 -7.61 -33.51
N LYS C 535 46.52 -7.89 -32.22
CA LYS C 535 45.60 -8.89 -31.71
C LYS C 535 44.13 -8.50 -31.90
N LEU C 536 43.79 -7.22 -31.79
CA LEU C 536 42.43 -6.78 -32.08
C LEU C 536 42.08 -7.06 -33.54
N ILE C 537 42.99 -6.76 -34.46
CA ILE C 537 42.73 -7.05 -35.86
C ILE C 537 42.62 -8.55 -36.09
N HIS C 538 43.49 -9.35 -35.48
CA HIS C 538 43.41 -10.79 -35.65
C HIS C 538 42.14 -11.38 -35.06
N TYR C 539 41.65 -10.84 -33.95
CA TYR C 539 40.42 -11.29 -33.32
C TYR C 539 39.19 -10.91 -34.11
N VAL C 540 39.13 -9.66 -34.60
CA VAL C 540 38.05 -9.29 -35.51
C VAL C 540 38.10 -10.10 -36.79
N GLY C 541 39.29 -10.32 -37.36
CA GLY C 541 39.45 -11.23 -38.47
C GLY C 541 39.08 -12.65 -38.16
N TRP C 542 39.06 -13.02 -36.88
CA TRP C 542 38.49 -14.30 -36.46
C TRP C 542 36.98 -14.19 -36.31
N LEU C 543 36.49 -13.05 -35.81
CA LEU C 543 35.05 -12.82 -35.78
C LEU C 543 34.46 -12.82 -37.18
N SER C 544 35.12 -12.14 -38.12
CA SER C 544 34.58 -11.88 -39.45
C SER C 544 34.82 -13.03 -40.41
N THR C 545 35.64 -14.01 -40.05
CA THR C 545 35.82 -15.19 -40.88
C THR C 545 34.89 -16.34 -40.49
N THR C 546 34.38 -16.34 -39.26
CA THR C 546 33.33 -17.28 -38.87
C THR C 546 31.95 -16.66 -39.00
N ALA C 547 31.86 -15.32 -39.03
CA ALA C 547 30.58 -14.69 -39.30
C ALA C 547 30.07 -15.04 -40.69
N MET C 548 30.95 -15.12 -41.69
CA MET C 548 30.58 -15.57 -43.01
C MET C 548 30.33 -17.07 -43.07
N ARG C 549 30.73 -17.81 -42.04
CA ARG C 549 30.36 -19.21 -41.88
C ARG C 549 28.96 -19.38 -41.32
N LEU C 550 28.62 -18.61 -40.29
CA LEU C 550 27.25 -18.65 -39.76
C LEU C 550 26.25 -18.13 -40.79
N GLU C 551 26.62 -17.08 -41.53
CA GLU C 551 25.72 -16.41 -42.45
C GLU C 551 25.96 -16.80 -43.91
N SER C 552 26.79 -17.81 -44.16
CA SER C 552 27.03 -18.34 -45.50
C SER C 552 27.57 -17.26 -46.45
N ASN C 553 28.63 -16.58 -45.98
CA ASN C 553 29.32 -15.56 -46.76
C ASN C 553 28.36 -14.49 -47.28
N ASN C 554 27.52 -14.00 -46.38
CA ASN C 554 26.55 -12.97 -46.74
C ASN C 554 27.27 -11.71 -47.21
N THR C 555 26.95 -11.24 -48.41
CA THR C 555 27.61 -10.09 -48.99
C THR C 555 27.37 -8.80 -48.21
N PHE C 556 26.18 -8.62 -47.63
CA PHE C 556 25.95 -7.46 -46.78
C PHE C 556 26.87 -7.47 -45.57
N LEU C 557 27.15 -8.66 -45.02
CA LEU C 557 28.09 -8.77 -43.91
C LEU C 557 29.53 -8.64 -44.37
N LEU C 558 29.86 -9.17 -45.56
CA LEU C 558 31.20 -9.02 -46.11
C LEU C 558 31.53 -7.57 -46.41
N HIS C 559 30.54 -6.76 -46.78
CA HIS C 559 30.77 -5.34 -46.98
C HIS C 559 31.27 -4.65 -45.71
N PHE C 560 30.64 -4.91 -44.57
CA PHE C 560 31.11 -4.39 -43.30
C PHE C 560 32.42 -5.00 -42.86
N ILE C 561 32.64 -6.29 -43.13
CA ILE C 561 33.92 -6.92 -42.83
C ILE C 561 35.05 -6.20 -43.55
N LEU C 562 34.89 -5.95 -44.83
CA LEU C 562 35.93 -5.23 -45.56
C LEU C 562 35.94 -3.74 -45.24
N ASP C 563 34.84 -3.21 -44.71
CA ASP C 563 34.87 -1.88 -44.12
C ASP C 563 35.80 -1.83 -42.91
N PHE C 564 35.83 -2.90 -42.11
CA PHE C 564 36.81 -2.98 -41.04
C PHE C 564 38.23 -2.98 -41.59
N TYR C 565 38.52 -3.88 -42.52
CA TYR C 565 39.84 -3.96 -43.13
C TYR C 565 40.10 -2.80 -44.08
N GLU C 566 39.07 -2.05 -44.45
CA GLU C 566 39.27 -0.77 -45.13
C GLU C 566 40.07 0.19 -44.25
N LYS C 567 40.00 0.02 -42.94
CA LYS C 567 40.79 0.80 -41.99
C LYS C 567 41.96 0.03 -41.42
N VAL C 568 42.16 -1.22 -41.87
CA VAL C 568 43.31 -2.00 -41.47
C VAL C 568 44.46 -1.90 -42.47
N CYS C 569 44.15 -1.87 -43.77
CA CYS C 569 45.19 -1.65 -44.77
C CYS C 569 45.87 -0.30 -44.56
N ASP C 570 45.07 0.75 -44.37
CA ASP C 570 45.58 2.12 -44.23
C ASP C 570 45.89 2.43 -42.78
N ILE C 571 46.78 1.64 -42.19
CA ILE C 571 47.31 1.89 -40.86
C ILE C 571 48.67 2.59 -40.93
N TYR C 572 49.60 2.06 -41.73
CA TYR C 572 50.92 2.65 -41.81
C TYR C 572 50.89 4.04 -42.44
N ILE C 573 50.22 4.17 -43.59
CA ILE C 573 50.15 5.46 -44.26
C ILE C 573 49.40 6.48 -43.41
N ASN C 574 48.32 6.04 -42.75
CA ASN C 574 47.43 6.94 -42.04
C ASN C 574 47.90 7.19 -40.60
N TYR C 575 48.02 6.13 -39.81
CA TYR C 575 48.27 6.23 -38.38
C TYR C 575 49.74 6.06 -38.02
N ASN C 576 50.62 5.91 -39.01
CA ASN C 576 52.08 5.83 -38.82
C ASN C 576 52.50 4.56 -38.06
N LEU C 577 51.53 3.74 -37.65
CA LEU C 577 51.87 2.50 -36.94
C LEU C 577 52.36 1.45 -37.94
N PRO C 578 53.45 0.75 -37.64
CA PRO C 578 53.88 -0.36 -38.52
C PRO C 578 53.06 -1.62 -38.24
N LEU C 579 51.77 -1.56 -38.56
CA LEU C 579 50.84 -2.64 -38.30
C LEU C 579 50.01 -2.94 -39.54
N VAL C 580 50.66 -3.04 -40.70
CA VAL C 580 49.98 -3.57 -41.87
C VAL C 580 49.69 -5.04 -41.60
N VAL C 581 48.40 -5.37 -41.46
CA VAL C 581 47.93 -6.70 -41.12
C VAL C 581 46.95 -7.17 -42.19
N LEU C 582 47.21 -8.35 -42.74
CA LEU C 582 46.48 -8.80 -43.91
C LEU C 582 45.16 -9.47 -43.55
N PHE C 583 44.45 -9.89 -44.59
CA PHE C 583 43.21 -10.60 -44.41
C PHE C 583 43.48 -11.99 -43.82
N PRO C 584 42.51 -12.57 -43.11
CA PRO C 584 42.47 -14.03 -43.05
C PRO C 584 42.13 -14.58 -44.42
N PRO C 585 42.63 -15.76 -44.78
CA PRO C 585 42.35 -16.30 -46.12
C PRO C 585 40.87 -16.44 -46.42
N GLY C 586 40.07 -16.82 -45.42
CA GLY C 586 38.64 -17.01 -45.58
C GLY C 586 37.86 -15.76 -45.88
N ILE C 587 38.44 -14.59 -45.65
CA ILE C 587 37.79 -13.32 -45.98
C ILE C 587 38.25 -12.79 -47.32
N PHE C 588 39.56 -12.76 -47.57
CA PHE C 588 40.07 -12.28 -48.85
C PHE C 588 39.59 -13.15 -50.00
N TYR C 589 39.64 -14.47 -49.84
CA TYR C 589 39.25 -15.35 -50.93
C TYR C 589 37.74 -15.37 -51.15
N SER C 590 36.95 -15.20 -50.09
CA SER C 590 35.50 -15.14 -50.25
C SER C 590 35.03 -13.77 -50.73
N ALA C 591 35.85 -12.74 -50.61
CA ALA C 591 35.58 -11.47 -51.28
C ALA C 591 36.03 -11.46 -52.73
N LEU C 592 37.14 -12.15 -53.03
CA LEU C 592 37.57 -12.31 -54.42
C LEU C 592 36.60 -13.20 -55.19
N LEU C 593 36.09 -14.25 -54.56
CA LEU C 593 35.14 -15.17 -55.17
C LEU C 593 33.70 -14.77 -54.82
N SER C 594 33.47 -13.49 -54.58
CA SER C 594 32.13 -12.99 -54.32
C SER C 594 31.40 -12.82 -55.65
N LEU C 595 30.12 -12.48 -55.59
CA LEU C 595 29.29 -12.38 -56.79
C LEU C 595 28.85 -10.97 -57.14
N ASP C 596 29.12 -9.98 -56.31
CA ASP C 596 28.78 -8.59 -56.60
C ASP C 596 30.04 -7.74 -56.70
N THR C 597 30.06 -6.85 -57.69
CA THR C 597 31.20 -6.00 -57.97
C THR C 597 31.44 -4.96 -56.89
N SER C 598 30.44 -4.63 -56.09
CA SER C 598 30.55 -3.59 -55.08
C SER C 598 31.38 -4.01 -53.88
N ILE C 599 31.70 -5.31 -53.75
CA ILE C 599 32.53 -5.78 -52.65
C ILE C 599 33.84 -6.26 -53.25
N LEU C 600 33.77 -6.71 -54.52
CA LEU C 600 34.97 -7.11 -55.24
C LEU C 600 35.95 -5.95 -55.39
N ASN C 601 35.47 -4.81 -55.90
CA ASN C 601 36.32 -3.65 -56.04
C ASN C 601 36.71 -3.04 -54.70
N GLN C 602 35.89 -3.21 -53.66
CA GLN C 602 36.32 -2.83 -52.32
C GLN C 602 37.51 -3.65 -51.86
N LEU C 603 37.47 -4.97 -52.09
CA LEU C 603 38.60 -5.83 -51.77
C LEU C 603 39.82 -5.46 -52.60
N CYS C 604 39.60 -5.13 -53.88
CA CYS C 604 40.69 -4.71 -54.74
C CYS C 604 41.32 -3.41 -54.28
N PHE C 605 40.51 -2.45 -53.84
CA PHE C 605 41.03 -1.21 -53.26
C PHE C 605 41.81 -1.49 -51.99
N ILE C 606 41.32 -2.40 -51.15
CA ILE C 606 42.03 -2.72 -49.93
C ILE C 606 43.36 -3.38 -50.24
N MET C 607 43.40 -4.22 -51.28
CA MET C 607 44.67 -4.78 -51.75
C MET C 607 45.62 -3.70 -52.25
N HIS C 608 45.13 -2.71 -52.99
CA HIS C 608 45.97 -1.61 -53.45
C HIS C 608 46.52 -0.80 -52.28
N ARG C 609 45.67 -0.54 -51.27
CA ARG C 609 46.14 0.14 -50.06
C ARG C 609 47.13 -0.69 -49.28
N TYR C 610 46.98 -2.02 -49.29
CA TYR C 610 47.98 -2.91 -48.72
C TYR C 610 49.30 -2.82 -49.49
N ARG C 611 49.24 -2.75 -50.81
CA ARG C 611 50.45 -2.52 -51.60
C ARG C 611 51.13 -1.23 -51.17
N LYS C 612 50.37 -0.14 -51.10
CA LYS C 612 50.94 1.15 -50.74
C LYS C 612 51.54 1.12 -49.35
N ASN C 613 50.84 0.53 -48.39
CA ASN C 613 51.34 0.51 -47.02
C ASN C 613 52.54 -0.39 -46.85
N LEU C 614 52.59 -1.53 -47.55
CA LEU C 614 53.77 -2.38 -47.48
C LEU C 614 54.98 -1.68 -48.11
N THR C 615 54.77 -1.00 -49.24
CA THR C 615 55.86 -0.24 -49.85
C THR C 615 56.34 0.88 -48.92
N ALA C 616 55.42 1.56 -48.24
CA ALA C 616 55.80 2.60 -47.29
C ALA C 616 56.54 2.02 -46.08
N ALA C 617 56.09 0.87 -45.57
CA ALA C 617 56.75 0.22 -44.46
C ALA C 617 58.13 -0.32 -44.83
N LYS C 618 58.36 -0.65 -46.10
CA LYS C 618 59.70 -0.95 -46.55
C LYS C 618 60.66 0.23 -46.43
N LYS C 619 60.12 1.46 -46.40
CA LYS C 619 60.98 2.63 -46.38
C LYS C 619 61.56 2.88 -44.99
N ASN C 620 60.70 3.05 -44.00
CA ASN C 620 61.14 3.38 -42.65
C ASN C 620 61.24 2.18 -41.72
N GLU C 621 60.74 1.01 -42.14
CA GLU C 621 60.77 -0.21 -41.34
C GLU C 621 60.17 0.00 -39.96
N ASN C 631 56.23 -11.19 -38.06
CA ASN C 631 56.74 -9.84 -38.22
C ASN C 631 56.14 -9.18 -39.46
N PHE C 632 56.17 -7.85 -39.49
CA PHE C 632 55.60 -7.09 -40.60
C PHE C 632 56.44 -7.18 -41.87
N SER C 633 57.64 -7.76 -41.81
CA SER C 633 58.55 -7.77 -42.94
C SER C 633 58.57 -9.09 -43.70
N SER C 634 58.51 -10.23 -43.02
CA SER C 634 58.67 -11.52 -43.68
C SER C 634 57.34 -12.22 -43.91
N LYS C 635 56.62 -12.56 -42.84
CA LYS C 635 55.38 -13.33 -42.98
C LYS C 635 54.26 -12.51 -43.60
N THR C 636 54.16 -11.23 -43.28
CA THR C 636 53.13 -10.38 -43.88
C THR C 636 53.38 -10.25 -45.39
N TYR C 637 54.62 -10.05 -45.79
CA TYR C 637 54.89 -9.96 -47.22
C TYR C 637 54.67 -11.30 -47.92
N GLN C 638 54.99 -12.42 -47.26
CA GLN C 638 54.71 -13.72 -47.85
C GLN C 638 53.22 -13.92 -48.09
N GLU C 639 52.41 -13.70 -47.06
CA GLU C 639 50.97 -13.88 -47.21
C GLU C 639 50.38 -12.86 -48.19
N PHE C 640 50.94 -11.65 -48.24
CA PHE C 640 50.43 -10.66 -49.17
C PHE C 640 50.74 -11.02 -50.61
N ASN C 641 51.93 -11.55 -50.88
CA ASN C 641 52.23 -12.06 -52.21
C ASN C 641 51.35 -13.26 -52.55
N HIS C 642 51.04 -14.08 -51.54
CA HIS C 642 50.10 -15.18 -51.72
C HIS C 642 48.75 -14.64 -52.20
N TYR C 643 48.25 -13.61 -51.54
CA TYR C 643 46.98 -12.98 -51.93
C TYR C 643 47.06 -12.33 -53.30
N LEU C 644 48.20 -11.70 -53.58
CA LEU C 644 48.45 -11.00 -54.84
C LEU C 644 48.42 -11.93 -56.04
N THR C 645 49.21 -13.01 -55.98
CA THR C 645 49.23 -13.97 -57.09
C THR C 645 47.87 -14.63 -57.28
N SER C 646 47.10 -14.78 -56.19
CA SER C 646 45.77 -15.37 -56.30
C SER C 646 44.81 -14.42 -56.99
N MET C 647 44.90 -13.13 -56.69
CA MET C 647 43.95 -12.17 -57.25
C MET C 647 44.38 -11.68 -58.62
N VAL C 648 45.66 -11.32 -58.79
CA VAL C 648 46.12 -10.80 -60.07
C VAL C 648 46.05 -11.85 -61.16
N GLY C 649 46.12 -13.13 -60.79
CA GLY C 649 45.93 -14.20 -61.76
C GLY C 649 44.46 -14.41 -62.08
N CYS C 650 43.61 -14.21 -61.06
CA CYS C 650 42.18 -14.30 -61.26
C CYS C 650 41.60 -13.04 -61.91
N LEU C 651 42.36 -11.95 -61.97
CA LEU C 651 41.88 -10.71 -62.56
C LEU C 651 42.51 -10.49 -63.92
N HIS C 685 35.11 -14.20 -63.98
CA HIS C 685 34.67 -13.73 -62.67
C HIS C 685 33.22 -13.28 -62.82
N PRO C 686 32.23 -14.07 -62.29
CA PRO C 686 30.80 -13.82 -62.55
C PRO C 686 30.30 -12.39 -62.37
N SER C 687 30.71 -11.73 -61.31
CA SER C 687 30.31 -10.32 -61.22
C SER C 687 30.83 -9.51 -62.39
N PHE C 688 32.11 -9.67 -62.73
CA PHE C 688 32.63 -9.07 -63.94
C PHE C 688 31.99 -9.69 -65.18
N LEU C 689 31.56 -10.95 -65.10
CA LEU C 689 30.80 -11.53 -66.20
C LEU C 689 29.50 -10.78 -66.43
N SER C 690 28.78 -10.47 -65.34
CA SER C 690 27.55 -9.69 -65.44
C SER C 690 27.81 -8.31 -66.01
N TYR C 691 28.89 -7.67 -65.55
CA TYR C 691 29.27 -6.37 -66.10
C TYR C 691 29.56 -6.47 -67.60
N ALA C 692 30.22 -7.54 -68.02
CA ALA C 692 30.51 -7.74 -69.44
C ALA C 692 29.25 -8.03 -70.24
N VAL C 693 28.28 -8.73 -69.63
CA VAL C 693 27.00 -8.96 -70.29
C VAL C 693 26.27 -7.63 -70.47
N SER C 694 26.39 -6.74 -69.49
CA SER C 694 25.82 -5.40 -69.61
C SER C 694 26.38 -4.68 -70.83
N PHE C 695 27.65 -4.93 -71.14
CA PHE C 695 28.28 -4.40 -72.35
C PHE C 695 27.56 -4.93 -73.59
N LYS C 715 40.43 -5.82 -77.34
CA LYS C 715 39.38 -4.99 -76.75
C LYS C 715 39.37 -5.12 -75.23
N TRP C 716 40.44 -5.71 -74.68
CA TRP C 716 40.56 -5.83 -73.23
C TRP C 716 40.65 -4.46 -72.58
N SER C 717 41.39 -3.54 -73.19
CA SER C 717 41.47 -2.18 -72.68
C SER C 717 40.13 -1.46 -72.75
N TRP C 718 39.34 -1.70 -73.80
CA TRP C 718 38.00 -1.12 -73.87
C TRP C 718 37.12 -1.65 -72.75
N TYR C 719 37.19 -2.95 -72.47
CA TYR C 719 36.43 -3.52 -71.36
C TYR C 719 36.87 -2.94 -70.02
N LEU C 720 38.19 -2.77 -69.82
CA LEU C 720 38.68 -2.15 -68.62
C LEU C 720 38.19 -0.71 -68.46
N ASP C 721 38.20 0.05 -69.56
CA ASP C 721 37.69 1.43 -69.52
C ASP C 721 36.19 1.45 -69.21
N TYR C 722 35.42 0.52 -69.78
CA TYR C 722 34.00 0.45 -69.47
C TYR C 722 33.79 0.13 -67.99
N LEU C 723 34.56 -0.81 -67.45
CA LEU C 723 34.49 -1.09 -66.02
C LEU C 723 34.88 0.12 -65.19
N PHE C 724 35.98 0.77 -65.54
CA PHE C 724 36.49 1.92 -64.79
C PHE C 724 35.52 3.09 -64.78
N SER C 725 34.90 3.41 -65.91
CA SER C 725 33.88 4.44 -65.97
C SER C 725 32.64 4.08 -65.17
N GLN C 726 32.38 2.80 -64.97
CA GLN C 726 31.23 2.35 -64.19
C GLN C 726 31.62 2.18 -62.72
N GLY C 727 32.28 3.21 -62.20
CA GLY C 727 32.56 3.31 -60.79
C GLY C 727 33.61 2.35 -60.25
N LEU C 728 34.28 1.58 -61.11
CA LEU C 728 35.29 0.63 -60.66
C LEU C 728 36.55 1.39 -60.28
N GLN C 729 36.50 2.02 -59.10
CA GLN C 729 37.61 2.84 -58.65
C GLN C 729 38.71 2.02 -57.98
N GLY C 730 38.33 1.13 -57.05
CA GLY C 730 39.33 0.29 -56.41
C GLY C 730 40.04 -0.63 -57.38
N LEU C 731 39.29 -1.21 -58.33
CA LEU C 731 39.91 -2.02 -59.36
C LEU C 731 40.90 -1.22 -60.20
N LYS C 732 40.54 0.02 -60.56
CA LYS C 732 41.47 0.86 -61.31
C LYS C 732 42.71 1.18 -60.49
N LEU C 733 42.54 1.50 -59.21
CA LEU C 733 43.68 1.82 -58.36
C LEU C 733 44.63 0.63 -58.23
N PHE C 734 44.07 -0.57 -58.06
CA PHE C 734 44.92 -1.76 -57.94
C PHE C 734 45.54 -2.18 -59.27
N ILE C 735 44.84 -1.95 -60.39
CA ILE C 735 45.40 -2.25 -61.70
C ILE C 735 46.54 -1.30 -62.02
N ARG C 736 46.43 -0.04 -61.58
CA ARG C 736 47.48 0.94 -61.82
C ARG C 736 48.81 0.51 -61.20
N SER C 737 48.76 -0.38 -60.21
CA SER C 737 49.98 -0.93 -59.61
C SER C 737 50.82 -1.68 -60.64
N THR D 20 18.34 -34.82 -61.67
CA THR D 20 18.18 -33.71 -60.74
C THR D 20 18.05 -34.21 -59.30
N GLU D 21 16.81 -34.35 -58.84
CA GLU D 21 16.57 -34.81 -57.48
C GLU D 21 17.05 -36.25 -57.29
N GLU D 22 16.84 -37.10 -58.30
CA GLU D 22 17.21 -38.51 -58.18
C GLU D 22 18.71 -38.72 -58.03
N GLU D 23 19.52 -37.79 -58.53
CA GLU D 23 20.98 -37.94 -58.43
C GLU D 23 21.48 -37.49 -57.07
N LEU D 24 21.07 -36.30 -56.62
CA LEU D 24 21.49 -35.80 -55.32
C LEU D 24 20.92 -36.65 -54.19
N ILE D 25 19.71 -37.17 -54.35
CA ILE D 25 19.10 -37.99 -53.31
C ILE D 25 19.85 -39.30 -53.13
N ARG D 26 20.48 -39.84 -54.18
CA ARG D 26 21.25 -41.06 -54.03
C ARG D 26 22.43 -40.82 -53.08
N GLU D 27 23.18 -39.74 -53.30
CA GLU D 27 24.26 -39.38 -52.40
C GLU D 27 23.74 -39.07 -51.01
N CYS D 28 22.63 -38.33 -50.91
CA CYS D 28 22.10 -37.94 -49.61
C CYS D 28 21.68 -39.15 -48.79
N GLU D 29 21.02 -40.13 -49.42
CA GLU D 29 20.62 -41.35 -48.73
C GLU D 29 21.79 -42.29 -48.47
N GLU D 30 22.83 -42.30 -49.32
CA GLU D 30 24.02 -43.07 -49.00
C GLU D 30 24.70 -42.53 -47.74
N MET D 31 24.81 -41.21 -47.64
CA MET D 31 25.42 -40.66 -46.44
C MET D 31 24.48 -40.69 -45.26
N TRP D 32 23.17 -40.81 -45.48
CA TRP D 32 22.26 -41.17 -44.40
C TRP D 32 22.48 -42.60 -43.91
N LYS D 33 22.76 -43.54 -44.82
CA LYS D 33 23.17 -44.88 -44.41
C LYS D 33 24.43 -44.82 -43.57
N ASP D 34 25.40 -43.99 -43.99
CA ASP D 34 26.59 -43.76 -43.17
C ASP D 34 26.26 -43.12 -41.82
N MET D 35 25.31 -42.18 -41.80
CA MET D 35 24.83 -41.55 -40.57
C MET D 35 24.30 -42.62 -39.62
N GLU D 36 23.46 -43.53 -40.12
CA GLU D 36 22.95 -44.62 -39.31
C GLU D 36 24.05 -45.57 -38.86
N GLU D 37 25.01 -45.89 -39.72
CA GLU D 37 26.10 -46.79 -39.34
C GLU D 37 26.92 -46.19 -38.22
N CYS D 38 27.21 -44.89 -38.29
CA CYS D 38 27.96 -44.21 -37.24
C CYS D 38 27.12 -43.98 -35.98
N GLN D 39 25.80 -43.93 -36.11
CA GLN D 39 24.94 -43.81 -34.93
C GLN D 39 24.87 -45.12 -34.16
N ASN D 40 24.74 -46.25 -34.86
CA ASN D 40 24.85 -47.54 -34.20
C ASN D 40 26.27 -47.80 -33.68
N LYS D 41 27.29 -47.28 -34.35
CA LYS D 41 28.63 -47.29 -33.77
C LYS D 41 28.66 -46.51 -32.47
N LEU D 42 27.98 -45.36 -32.43
CA LEU D 42 27.85 -44.60 -31.20
C LEU D 42 26.84 -45.23 -30.24
N SER D 43 26.05 -46.18 -30.71
CA SER D 43 25.10 -46.90 -29.86
C SER D 43 25.72 -48.12 -29.18
N LEU D 44 26.93 -48.52 -29.61
CA LEU D 44 27.63 -49.62 -28.95
C LEU D 44 28.70 -49.16 -27.97
N ILE D 45 29.32 -48.01 -28.19
CA ILE D 45 30.21 -47.44 -27.17
C ILE D 45 29.40 -47.15 -25.92
N GLY D 46 28.22 -46.52 -26.08
CA GLY D 46 27.18 -46.46 -25.08
C GLY D 46 27.58 -46.18 -23.65
N THR D 47 28.72 -45.51 -23.47
CA THR D 47 29.20 -45.25 -22.11
C THR D 47 28.27 -44.31 -21.35
N GLU D 48 27.57 -43.43 -22.06
CA GLU D 48 26.82 -42.32 -21.47
C GLU D 48 27.58 -41.74 -20.29
N THR D 49 28.86 -41.42 -20.54
CA THR D 49 29.79 -41.07 -19.48
C THR D 49 29.31 -39.85 -18.72
N LEU D 50 29.46 -39.88 -17.40
CA LEU D 50 28.94 -38.82 -16.56
C LEU D 50 30.00 -37.77 -16.28
N THR D 51 29.55 -36.60 -15.82
CA THR D 51 30.44 -35.48 -15.51
C THR D 51 29.99 -34.87 -14.18
N ASP D 52 30.82 -35.04 -13.16
CA ASP D 52 30.60 -34.41 -11.87
C ASP D 52 31.17 -33.00 -11.88
N SER D 53 31.28 -32.38 -10.69
CA SER D 53 31.74 -31.01 -10.59
C SER D 53 33.17 -30.83 -11.11
N ASN D 54 33.92 -31.92 -11.26
CA ASN D 54 35.27 -31.90 -11.81
C ASN D 54 35.28 -32.00 -13.34
N ALA D 55 34.15 -31.63 -13.96
CA ALA D 55 33.95 -31.83 -15.39
C ALA D 55 34.87 -30.98 -16.25
N GLN D 56 35.57 -30.00 -15.68
CA GLN D 56 36.40 -29.13 -16.48
C GLN D 56 37.51 -29.89 -17.21
N LEU D 57 38.28 -30.70 -16.47
CA LEU D 57 39.36 -31.45 -17.09
C LEU D 57 38.84 -32.58 -17.98
N SER D 58 37.83 -33.32 -17.53
CA SER D 58 37.26 -34.39 -18.33
C SER D 58 36.58 -33.88 -19.60
N LEU D 59 36.22 -32.59 -19.63
CA LEU D 59 35.65 -31.98 -20.82
C LEU D 59 36.71 -31.33 -21.70
N LEU D 60 37.79 -30.81 -21.13
CA LEU D 60 38.92 -30.39 -21.95
C LEU D 60 39.53 -31.58 -22.69
N ILE D 61 39.66 -32.73 -22.01
CA ILE D 61 40.17 -33.92 -22.69
C ILE D 61 39.23 -34.36 -23.80
N MET D 62 37.92 -34.36 -23.54
CA MET D 62 36.96 -34.72 -24.58
C MET D 62 37.01 -33.74 -25.75
N GLN D 63 37.17 -32.45 -25.46
CA GLN D 63 37.29 -31.45 -26.51
C GLN D 63 38.52 -31.68 -27.37
N VAL D 64 39.66 -32.01 -26.75
CA VAL D 64 40.86 -32.30 -27.52
C VAL D 64 40.65 -33.54 -28.38
N LYS D 65 40.07 -34.60 -27.79
CA LYS D 65 39.84 -35.83 -28.54
C LYS D 65 38.89 -35.63 -29.72
N CYS D 66 37.85 -34.83 -29.55
CA CYS D 66 36.89 -34.55 -30.62
C CYS D 66 37.44 -33.58 -31.65
N LEU D 67 38.25 -32.60 -31.23
CA LEU D 67 38.83 -31.66 -32.19
C LEU D 67 39.90 -32.30 -33.04
N THR D 68 40.64 -33.27 -32.49
CA THR D 68 41.56 -34.05 -33.32
C THR D 68 40.80 -34.81 -34.39
N ALA D 69 39.67 -35.41 -34.03
CA ALA D 69 38.84 -36.10 -35.01
C ALA D 69 38.29 -35.13 -36.05
N GLU D 70 37.88 -33.94 -35.62
CA GLU D 70 37.38 -32.95 -36.58
C GLU D 70 38.46 -32.48 -37.53
N LEU D 71 39.69 -32.31 -37.05
CA LEU D 71 40.78 -31.94 -37.94
C LEU D 71 41.11 -33.08 -38.90
N SER D 72 41.04 -34.32 -38.44
CA SER D 72 41.25 -35.46 -39.32
C SER D 72 40.12 -35.62 -40.34
N GLN D 73 38.90 -35.18 -40.01
CA GLN D 73 37.78 -35.26 -40.92
C GLN D 73 37.71 -34.12 -41.92
N TRP D 74 38.09 -32.91 -41.53
CA TRP D 74 38.14 -31.80 -42.48
C TRP D 74 39.25 -31.98 -43.49
N GLN D 75 40.41 -32.48 -43.06
CA GLN D 75 41.46 -32.85 -44.00
C GLN D 75 41.01 -33.99 -44.93
N LYS D 76 40.10 -34.84 -44.47
CA LYS D 76 39.54 -35.88 -45.33
C LYS D 76 38.58 -35.31 -46.35
N LYS D 77 37.92 -34.19 -46.02
CA LYS D 77 36.85 -33.66 -46.85
C LYS D 77 37.43 -33.00 -48.10
N THR D 78 37.48 -33.76 -49.19
CA THR D 78 37.72 -33.19 -50.50
C THR D 78 36.46 -32.45 -50.96
N PRO D 79 36.60 -31.26 -51.58
CA PRO D 79 35.41 -30.56 -52.07
C PRO D 79 34.59 -31.41 -53.01
N GLU D 80 33.38 -31.79 -52.58
CA GLU D 80 32.56 -32.75 -53.31
C GLU D 80 31.66 -32.00 -54.30
N THR D 81 32.32 -31.47 -55.33
CA THR D 81 31.64 -30.83 -56.45
C THR D 81 31.39 -31.81 -57.59
N ILE D 82 31.93 -33.03 -57.48
CA ILE D 82 31.74 -34.05 -58.51
C ILE D 82 30.28 -34.52 -58.61
N PRO D 83 29.45 -34.50 -57.52
CA PRO D 83 28.01 -34.73 -57.75
C PRO D 83 27.32 -33.47 -58.26
N LEU D 84 27.78 -32.32 -57.78
CA LEU D 84 27.15 -31.00 -58.12
C LEU D 84 25.62 -31.06 -58.14
N THR D 85 25.01 -30.56 -59.22
CA THR D 85 23.55 -30.52 -59.34
C THR D 85 23.22 -30.71 -60.81
N GLU D 86 22.43 -31.75 -61.09
CA GLU D 86 22.09 -32.07 -62.48
C GLU D 86 21.32 -30.94 -63.16
N ASP D 87 20.76 -30.01 -62.39
CA ASP D 87 20.18 -28.80 -62.93
C ASP D 87 21.25 -27.99 -63.66
N VAL D 88 20.80 -27.04 -64.47
CA VAL D 88 21.70 -26.21 -65.27
C VAL D 88 22.26 -25.10 -64.40
N LEU D 89 21.93 -25.12 -63.11
CA LEU D 89 22.43 -24.22 -62.08
C LEU D 89 21.98 -22.77 -62.27
N ILE D 90 21.11 -22.50 -63.25
CA ILE D 90 20.54 -21.17 -63.37
C ILE D 90 19.66 -20.86 -62.17
N THR D 91 18.92 -21.86 -61.68
CA THR D 91 18.09 -21.66 -60.51
C THR D 91 18.90 -21.34 -59.26
N LEU D 92 20.20 -21.64 -59.26
CA LEU D 92 21.08 -21.28 -58.15
C LEU D 92 21.83 -19.98 -58.41
N GLY D 93 22.38 -19.82 -59.62
CA GLY D 93 23.10 -18.60 -59.93
C GLY D 93 22.20 -17.37 -59.91
N LYS D 94 21.02 -17.47 -60.49
CA LYS D 94 20.08 -16.36 -60.52
C LYS D 94 19.29 -16.22 -59.22
N GLU D 95 19.40 -17.20 -58.32
CA GLU D 95 18.95 -17.02 -56.95
C GLU D 95 19.98 -16.29 -56.10
N GLU D 96 21.26 -16.59 -56.29
CA GLU D 96 22.31 -15.82 -55.62
C GLU D 96 22.34 -14.38 -56.15
N PHE D 97 22.13 -14.20 -57.45
CA PHE D 97 22.03 -12.84 -58.00
C PHE D 97 20.82 -12.09 -57.44
N GLN D 98 19.69 -12.77 -57.28
CA GLN D 98 18.52 -12.16 -56.66
C GLN D 98 18.78 -11.79 -55.20
N LYS D 99 19.46 -12.68 -54.46
CA LYS D 99 19.85 -12.40 -53.09
C LYS D 99 20.80 -11.22 -53.01
N LEU D 100 21.68 -11.06 -54.00
CA LEU D 100 22.50 -9.85 -54.07
C LEU D 100 21.63 -8.61 -54.19
N ARG D 101 20.61 -8.65 -55.06
CA ARG D 101 19.69 -7.54 -55.20
C ARG D 101 18.91 -7.27 -53.92
N GLN D 102 18.76 -8.27 -53.06
CA GLN D 102 18.12 -8.08 -51.76
C GLN D 102 19.11 -7.66 -50.69
N ASP D 103 20.41 -7.68 -50.97
CA ASP D 103 21.42 -7.16 -50.07
C ASP D 103 22.08 -5.89 -50.59
N LEU D 104 22.38 -5.82 -51.88
CA LEU D 104 22.89 -4.58 -52.45
C LEU D 104 21.88 -3.44 -52.36
N GLU D 105 20.59 -3.74 -52.48
CA GLU D 105 19.57 -2.74 -52.16
C GLU D 105 19.64 -2.30 -50.71
N MET D 106 20.05 -3.20 -49.81
CA MET D 106 20.13 -2.91 -48.39
C MET D 106 21.51 -2.43 -47.95
N VAL D 107 22.57 -2.88 -48.61
CA VAL D 107 23.90 -2.37 -48.33
C VAL D 107 24.15 -1.00 -48.97
N LEU D 108 23.49 -0.68 -50.09
CA LEU D 108 23.46 0.71 -50.54
C LEU D 108 22.70 1.57 -49.54
N SER D 109 21.62 1.03 -48.98
CA SER D 109 20.85 1.74 -47.96
C SER D 109 21.62 1.96 -46.67
N THR D 110 22.69 1.20 -46.42
CA THR D 110 23.51 1.44 -45.24
C THR D 110 24.80 2.19 -45.55
N LYS D 111 25.32 2.12 -46.78
CA LYS D 111 26.43 2.97 -47.18
C LYS D 111 25.98 4.39 -47.53
N GLU D 112 24.70 4.59 -47.81
CA GLU D 112 24.16 5.94 -47.88
C GLU D 112 23.96 6.54 -46.51
N SER D 113 23.51 5.74 -45.54
CA SER D 113 23.46 6.17 -44.15
C SER D 113 24.84 6.41 -43.56
N LYS D 114 25.82 5.58 -43.90
CA LYS D 114 27.20 5.81 -43.49
C LYS D 114 27.73 7.11 -44.10
N ASN D 115 27.42 7.36 -45.38
CA ASN D 115 27.84 8.61 -46.00
C ASN D 115 27.14 9.82 -45.38
N GLU D 116 25.87 9.68 -45.00
CA GLU D 116 25.15 10.78 -44.36
C GLU D 116 25.74 11.09 -42.99
N LYS D 117 25.92 10.05 -42.16
CA LYS D 117 26.55 10.22 -40.85
C LYS D 117 28.03 10.53 -40.96
N LEU D 118 28.64 10.35 -42.13
CA LEU D 118 30.02 10.74 -42.38
C LEU D 118 30.11 12.21 -42.73
N LYS D 119 29.19 12.71 -43.56
CA LYS D 119 29.16 14.14 -43.86
C LYS D 119 28.74 14.96 -42.64
N GLU D 120 27.74 14.48 -41.90
CA GLU D 120 27.32 15.17 -40.69
C GLU D 120 28.43 15.17 -39.64
N ASP D 121 29.09 14.02 -39.44
CA ASP D 121 30.22 13.97 -38.54
C ASP D 121 31.43 14.74 -39.04
N LEU D 122 31.57 14.90 -40.36
CA LEU D 122 32.63 15.73 -40.92
C LEU D 122 32.39 17.20 -40.61
N GLU D 123 31.15 17.66 -40.77
CA GLU D 123 30.82 19.03 -40.37
C GLU D 123 30.99 19.23 -38.87
N ARG D 124 30.54 18.25 -38.07
CA ARG D 124 30.67 18.36 -36.62
C ARG D 124 32.13 18.36 -36.19
N GLU D 125 32.96 17.52 -36.81
CA GLU D 125 34.38 17.46 -36.50
C GLU D 125 35.12 18.70 -37.00
N GLN D 126 34.69 19.28 -38.12
CA GLN D 126 35.28 20.56 -38.54
C GLN D 126 34.94 21.65 -37.55
N ARG D 127 33.69 21.69 -37.06
CA ARG D 127 33.33 22.64 -36.02
C ARG D 127 34.15 22.42 -34.75
N TRP D 128 34.29 21.17 -34.35
CA TRP D 128 35.06 20.85 -33.14
C TRP D 128 36.54 21.19 -33.32
N LEU D 129 37.09 20.98 -34.52
CA LEU D 129 38.47 21.33 -34.80
C LEU D 129 38.67 22.85 -34.83
N ASP D 130 37.67 23.58 -35.33
CA ASP D 130 37.74 25.04 -35.29
C ASP D 130 37.74 25.53 -33.84
N GLU D 131 36.81 25.01 -33.03
CA GLU D 131 36.79 25.38 -31.62
C GLU D 131 38.02 24.91 -30.86
N GLN D 132 38.65 23.82 -31.30
CA GLN D 132 39.89 23.34 -30.71
C GLN D 132 41.07 24.23 -31.08
N GLN D 133 41.13 24.68 -32.34
CA GLN D 133 42.17 25.62 -32.75
C GLN D 133 42.01 26.96 -32.04
N GLN D 134 40.76 27.39 -31.82
CA GLN D 134 40.55 28.65 -31.12
C GLN D 134 41.06 28.58 -29.68
N ILE D 135 40.77 27.47 -28.99
CA ILE D 135 41.17 27.33 -27.59
C ILE D 135 42.61 26.83 -27.53
N MET D 136 43.18 26.50 -28.68
CA MET D 136 44.61 26.27 -28.81
C MET D 136 45.39 27.57 -28.85
N GLU D 137 45.03 28.46 -29.78
CA GLU D 137 45.67 29.77 -29.84
C GLU D 137 45.39 30.57 -28.57
N SER D 138 44.16 30.52 -28.06
CA SER D 138 43.83 31.24 -26.84
C SER D 138 44.60 30.70 -25.64
N LEU D 139 44.68 29.38 -25.49
CA LEU D 139 45.44 28.81 -24.38
C LEU D 139 46.92 29.10 -24.50
N ASN D 140 47.49 29.05 -25.72
CA ASN D 140 48.90 29.36 -25.89
C ASN D 140 49.19 30.83 -25.57
N VAL D 141 48.35 31.75 -26.04
CA VAL D 141 48.59 33.16 -25.74
C VAL D 141 48.34 33.45 -24.27
N LEU D 142 47.40 32.75 -23.63
CA LEU D 142 47.22 32.90 -22.18
C LEU D 142 48.41 32.40 -21.40
N HIS D 143 49.00 31.27 -21.80
CA HIS D 143 50.22 30.78 -21.16
C HIS D 143 51.37 31.76 -21.36
N SER D 144 51.51 32.28 -22.58
CA SER D 144 52.58 33.24 -22.86
C SER D 144 52.40 34.53 -22.09
N GLU D 145 51.17 35.04 -22.00
CA GLU D 145 50.91 36.26 -21.25
C GLU D 145 51.16 36.05 -19.76
N LEU D 146 50.46 35.11 -19.14
CA LEU D 146 50.61 34.85 -17.71
C LEU D 146 52.03 34.46 -17.34
N LYS D 147 52.82 33.98 -18.29
CA LYS D 147 54.25 33.81 -18.07
C LYS D 147 54.91 35.18 -17.95
N ASN D 148 55.45 35.48 -16.76
CA ASN D 148 56.13 36.73 -16.48
C ASN D 148 55.19 37.93 -16.58
N LYS D 149 53.92 37.71 -16.22
CA LYS D 149 52.98 38.80 -15.98
C LYS D 149 52.47 38.81 -14.55
N VAL D 150 51.95 37.68 -14.07
CA VAL D 150 51.58 37.51 -12.67
C VAL D 150 52.62 36.74 -11.90
N GLU D 151 53.54 36.05 -12.58
CA GLU D 151 54.64 35.37 -11.90
C GLU D 151 55.67 36.34 -11.35
N THR D 152 55.77 37.54 -11.93
CA THR D 152 56.67 38.58 -11.42
C THR D 152 56.00 39.39 -10.31
N PHE D 153 55.50 38.68 -9.30
CA PHE D 153 54.79 39.30 -8.19
C PHE D 153 55.61 39.05 -6.92
N SER D 154 56.06 40.13 -6.29
CA SER D 154 56.75 40.02 -5.02
C SER D 154 55.76 40.18 -3.87
N GLU D 155 56.07 39.51 -2.76
CA GLU D 155 55.26 39.65 -1.55
C GLU D 155 55.27 41.09 -1.06
N SER D 156 56.45 41.73 -1.07
CA SER D 156 56.52 43.15 -0.74
C SER D 156 55.76 44.01 -1.74
N ARG D 157 55.88 43.75 -3.03
CA ARG D 157 55.09 44.49 -4.01
C ARG D 157 53.61 44.19 -3.86
N ILE D 158 53.27 42.95 -3.51
CA ILE D 158 51.88 42.60 -3.26
C ILE D 158 51.32 43.38 -2.08
N PHE D 159 52.09 43.55 -1.00
CA PHE D 159 51.60 44.33 0.12
C PHE D 159 51.55 45.81 -0.24
N ASN D 160 52.45 46.28 -1.11
CA ASN D 160 52.38 47.66 -1.58
C ASN D 160 51.11 47.91 -2.40
N GLU D 161 50.70 46.94 -3.22
CA GLU D 161 49.41 47.07 -3.90
C GLU D 161 48.25 47.12 -2.92
N LEU D 162 48.31 46.33 -1.84
CA LEU D 162 47.31 46.44 -0.79
C LEU D 162 47.34 47.80 -0.09
N LYS D 163 48.51 48.41 0.03
CA LYS D 163 48.59 49.77 0.58
C LYS D 163 47.99 50.79 -0.38
N THR D 164 48.20 50.60 -1.68
CA THR D 164 47.54 51.45 -2.67
C THR D 164 46.03 51.31 -2.57
N LYS D 165 45.55 50.08 -2.38
CA LYS D 165 44.12 49.87 -2.14
C LYS D 165 43.67 50.50 -0.83
N MET D 166 44.50 50.45 0.21
CA MET D 166 44.22 51.17 1.44
C MET D 166 43.97 52.64 1.18
N LEU D 167 44.88 53.31 0.47
CA LEU D 167 44.72 54.73 0.23
C LEU D 167 43.56 55.03 -0.72
N ASN D 168 43.36 54.20 -1.75
CA ASN D 168 42.24 54.42 -2.66
C ASN D 168 40.90 54.27 -1.94
N ILE D 169 40.75 53.23 -1.13
CA ILE D 169 39.50 53.01 -0.42
C ILE D 169 39.30 54.06 0.66
N LYS D 170 40.38 54.50 1.30
CA LYS D 170 40.27 55.56 2.30
C LYS D 170 39.85 56.88 1.66
N GLU D 171 40.40 57.20 0.49
CA GLU D 171 39.97 58.39 -0.22
C GLU D 171 38.55 58.28 -0.76
N TYR D 172 38.13 57.09 -1.18
CA TYR D 172 36.73 56.87 -1.55
C TYR D 172 35.81 57.07 -0.35
N LYS D 173 36.21 56.58 0.82
CA LYS D 173 35.44 56.78 2.04
C LYS D 173 35.38 58.26 2.42
N GLU D 174 36.49 58.98 2.30
CA GLU D 174 36.52 60.41 2.58
C GLU D 174 35.79 61.22 1.52
N LYS D 175 35.56 60.65 0.34
CA LYS D 175 34.69 61.24 -0.67
C LYS D 175 33.22 61.04 -0.31
N LEU D 176 32.85 59.81 0.03
CA LEU D 176 31.48 59.52 0.42
C LEU D 176 31.09 60.28 1.68
N LEU D 177 32.00 60.37 2.66
CA LEU D 177 31.72 61.10 3.89
C LEU D 177 31.77 62.61 3.70
N SER D 178 32.67 63.11 2.84
CA SER D 178 32.63 64.53 2.51
C SER D 178 31.31 64.90 1.86
N THR D 179 30.80 64.04 0.97
CA THR D 179 29.49 64.27 0.40
C THR D 179 28.38 64.12 1.44
N LEU D 180 28.54 63.20 2.39
CA LEU D 180 27.59 63.09 3.49
C LEU D 180 27.60 64.34 4.34
N GLY D 181 28.70 65.09 4.34
CA GLY D 181 28.71 66.37 5.04
C GLY D 181 28.17 67.51 4.19
N GLU D 182 28.36 67.44 2.87
CA GLU D 182 27.95 68.53 1.99
C GLU D 182 26.47 68.42 1.61
N PHE D 183 26.09 67.31 0.98
CA PHE D 183 24.72 67.13 0.51
C PHE D 183 23.71 67.16 1.66
N LEU D 184 24.08 66.61 2.82
CA LEU D 184 23.16 66.58 3.95
C LEU D 184 22.93 67.95 4.55
N GLU D 185 23.63 68.97 4.05
CA GLU D 185 23.25 70.36 4.31
C GLU D 185 22.02 70.78 3.52
N ASP D 186 21.74 70.12 2.39
CA ASP D 186 20.42 70.25 1.78
C ASP D 186 19.36 69.69 2.71
N HIS D 187 19.70 68.65 3.47
CA HIS D 187 18.77 68.09 4.45
C HIS D 187 18.59 69.06 5.61
N PHE D 188 19.69 69.35 6.33
CA PHE D 188 19.92 70.33 7.39
C PHE D 188 18.92 70.23 8.54
N PRO D 189 19.31 70.58 9.78
CA PRO D 189 18.55 70.13 10.95
C PRO D 189 17.28 70.90 11.26
N LEU D 190 17.23 72.19 10.89
CA LEU D 190 16.17 73.11 11.30
C LEU D 190 16.09 73.15 12.82
N PRO D 191 14.97 73.60 13.44
CA PRO D 191 14.97 73.37 14.89
C PRO D 191 13.91 72.36 15.33
N SER D 205 16.41 70.15 21.15
CA SER D 205 17.57 69.51 20.54
C SER D 205 17.16 68.71 19.31
N SER D 206 16.62 67.51 19.55
CA SER D 206 16.10 66.61 18.51
C SER D 206 17.22 66.01 17.68
N VAL D 207 18.45 66.47 17.90
CA VAL D 207 19.67 65.95 17.27
C VAL D 207 19.68 66.27 15.78
N ASN D 208 20.86 66.57 15.24
CA ASN D 208 20.99 66.77 13.80
C ASN D 208 20.88 65.43 13.09
N LEU D 209 20.35 65.47 11.86
CA LEU D 209 20.22 64.25 11.09
C LEU D 209 21.57 63.60 10.84
N ILE D 210 22.60 64.39 10.55
CA ILE D 210 23.94 63.85 10.35
C ILE D 210 24.44 63.17 11.61
N THR D 211 24.27 63.82 12.76
CA THR D 211 24.80 63.27 14.01
C THR D 211 24.07 62.00 14.43
N LEU D 212 22.74 61.99 14.33
CA LEU D 212 22.00 60.78 14.69
C LEU D 212 22.27 59.66 13.69
N HIS D 213 22.46 59.99 12.41
CA HIS D 213 22.82 58.98 11.44
C HIS D 213 24.21 58.40 11.71
N GLU D 214 25.18 59.24 12.05
CA GLU D 214 26.51 58.74 12.38
C GLU D 214 26.52 57.98 13.70
N MET D 215 25.62 58.30 14.63
CA MET D 215 25.46 57.51 15.84
C MET D 215 24.79 56.16 15.55
N LEU D 216 23.92 56.11 14.53
CA LEU D 216 23.51 54.84 13.98
C LEU D 216 24.70 54.04 13.46
N GLU D 217 25.51 54.69 12.62
CA GLU D 217 26.62 54.01 11.94
C GLU D 217 27.66 53.50 12.93
N ILE D 218 27.98 54.30 13.95
CA ILE D 218 28.95 53.87 14.96
C ILE D 218 28.43 52.66 15.70
N LEU D 219 27.14 52.67 16.06
CA LEU D 219 26.55 51.54 16.77
C LEU D 219 26.56 50.27 15.93
N ILE D 220 26.23 50.37 14.63
CA ILE D 220 26.31 49.17 13.80
C ILE D 220 27.76 48.82 13.45
N ASN D 221 28.68 49.77 13.55
CA ASN D 221 30.07 49.56 13.17
C ASN D 221 30.74 48.46 14.00
N ARG D 222 30.36 48.35 15.28
CA ARG D 222 30.97 47.35 16.15
C ARG D 222 29.91 46.50 16.85
N LEU D 223 28.64 46.83 16.62
CA LEU D 223 27.48 46.14 17.20
C LEU D 223 27.69 45.68 18.64
N PRO D 230 23.62 45.92 16.62
CA PRO D 230 23.30 46.26 18.01
C PRO D 230 21.79 46.25 18.29
N TYR D 231 21.00 46.49 17.24
CA TYR D 231 19.53 46.51 17.31
C TYR D 231 18.99 47.66 18.15
N VAL D 232 19.85 48.55 18.65
CA VAL D 232 19.36 49.72 19.37
C VAL D 232 19.65 50.96 18.54
N LYS D 233 20.93 51.33 18.46
CA LYS D 233 21.53 52.16 17.43
C LYS D 233 21.12 53.61 17.60
N ILE D 234 19.83 53.88 17.80
CA ILE D 234 19.38 55.21 18.20
C ILE D 234 18.68 55.32 19.55
N SER D 235 18.23 54.18 20.07
CA SER D 235 17.24 54.12 21.14
C SER D 235 16.15 55.17 20.93
N ASP D 236 15.57 55.14 19.72
CA ASP D 236 14.55 56.09 19.28
C ASP D 236 15.05 57.54 19.37
N SER D 237 16.01 57.84 18.49
CA SER D 237 16.46 59.21 18.32
C SER D 237 15.28 60.10 17.95
N PHE D 238 15.37 61.37 18.34
CA PHE D 238 14.26 62.31 18.29
C PHE D 238 14.08 62.84 16.86
N TRP D 239 13.19 63.85 16.74
CA TRP D 239 12.70 64.34 15.46
C TRP D 239 12.16 63.17 14.64
N PRO D 240 10.96 62.69 14.95
CA PRO D 240 10.44 61.48 14.29
C PRO D 240 10.35 61.57 12.76
N PRO D 241 10.14 62.75 12.15
CA PRO D 241 10.35 62.80 10.70
C PRO D 241 11.74 62.36 10.26
N TYR D 242 12.77 62.58 11.09
CA TYR D 242 14.11 62.12 10.74
C TYR D 242 14.31 60.63 10.91
N VAL D 243 13.72 60.00 11.93
CA VAL D 243 13.89 58.56 12.07
C VAL D 243 13.06 57.83 11.03
N GLU D 244 11.86 58.32 10.73
CA GLU D 244 11.08 57.80 9.61
C GLU D 244 11.58 58.32 8.26
N LEU D 245 12.65 59.11 8.26
CA LEU D 245 13.33 59.44 7.01
C LEU D 245 14.23 58.29 6.58
N LEU D 246 15.06 57.81 7.49
CA LEU D 246 16.03 56.75 7.24
C LEU D 246 15.48 55.37 7.57
N LEU D 247 14.16 55.20 7.55
CA LEU D 247 13.52 53.90 7.73
C LEU D 247 12.81 53.41 6.49
N ARG D 248 12.29 54.33 5.67
CA ARG D 248 11.52 53.93 4.50
C ARG D 248 12.43 53.46 3.37
N ASN D 249 13.59 54.12 3.21
CA ASN D 249 14.44 53.89 2.06
C ASN D 249 15.32 52.65 2.22
N GLY D 250 15.30 52.02 3.39
CA GLY D 250 16.16 50.91 3.67
C GLY D 250 17.42 51.26 4.43
N ILE D 251 17.55 52.50 4.90
CA ILE D 251 18.74 52.90 5.64
C ILE D 251 18.83 52.16 6.97
N ALA D 252 17.73 52.12 7.70
CA ALA D 252 17.66 51.44 8.99
C ALA D 252 16.39 50.61 9.04
N LEU D 253 16.29 49.79 10.10
CA LEU D 253 15.19 48.85 10.26
C LEU D 253 14.67 48.94 11.68
N ARG D 254 13.38 48.63 11.84
CA ARG D 254 12.81 48.48 13.17
C ARG D 254 13.14 47.12 13.74
N HIS D 255 13.07 47.00 15.05
CA HIS D 255 13.22 45.70 15.69
C HIS D 255 11.93 44.91 15.53
N PRO D 256 12.00 43.65 15.10
CA PRO D 256 10.77 42.90 14.83
C PRO D 256 9.88 42.67 16.05
N GLU D 257 10.41 42.79 17.26
CA GLU D 257 9.64 42.53 18.47
C GLU D 257 9.33 43.79 19.26
N ASP D 258 10.34 44.59 19.61
CA ASP D 258 10.16 45.81 20.38
C ASP D 258 10.52 46.96 19.45
N PRO D 259 9.53 47.61 18.82
CA PRO D 259 9.81 48.65 17.82
C PRO D 259 10.00 50.04 18.43
N THR D 260 10.78 50.11 19.50
CA THR D 260 11.29 51.37 20.05
C THR D 260 12.81 51.42 19.96
N ARG D 261 13.39 50.74 18.97
CA ARG D 261 14.82 50.53 18.87
C ARG D 261 15.14 50.20 17.41
N ILE D 262 16.32 50.61 16.96
CA ILE D 262 16.59 50.73 15.53
C ILE D 262 17.88 50.00 15.19
N ARG D 263 18.01 49.60 13.92
CA ARG D 263 19.20 48.93 13.42
C ARG D 263 19.44 49.34 11.97
N LEU D 264 20.70 49.63 11.63
CA LEU D 264 21.04 50.19 10.32
C LEU D 264 21.17 49.14 9.23
N GLU D 265 20.15 48.27 9.09
CA GLU D 265 19.94 47.44 7.91
C GLU D 265 21.04 46.41 7.65
N ALA D 266 22.11 46.44 8.45
CA ALA D 266 23.23 45.51 8.33
C ALA D 266 23.71 45.38 6.88
N PHE D 267 24.21 46.51 6.36
CA PHE D 267 24.66 46.57 4.97
C PHE D 267 25.89 45.70 4.70
N HIS D 268 26.56 45.21 5.74
CA HIS D 268 27.72 44.35 5.56
C HIS D 268 27.35 43.06 4.82
N THR E 25 48.07 5.83 -11.14
CA THR E 25 47.80 5.55 -9.73
C THR E 25 46.40 6.00 -9.22
N PRO E 26 45.97 7.23 -9.51
CA PRO E 26 44.72 7.70 -8.88
C PRO E 26 43.43 7.25 -9.56
N LEU E 27 43.42 7.04 -10.88
CA LEU E 27 42.20 6.67 -11.58
C LEU E 27 42.33 5.27 -12.17
N GLN E 28 43.45 4.98 -12.80
CA GLN E 28 43.67 3.70 -13.46
C GLN E 28 43.62 2.55 -12.46
N LYS E 29 43.88 2.86 -11.19
CA LYS E 29 43.74 1.86 -10.14
C LYS E 29 42.27 1.48 -9.96
N ARG E 30 41.36 2.45 -9.99
CA ARG E 30 39.94 2.13 -9.99
C ARG E 30 39.54 1.38 -11.24
N LEU E 31 40.14 1.72 -12.38
CA LEU E 31 39.90 0.98 -13.62
C LEU E 31 40.26 -0.49 -13.43
N GLU E 32 41.44 -0.77 -12.87
CA GLU E 32 41.84 -2.15 -12.63
C GLU E 32 40.94 -2.83 -11.62
N SER E 33 40.49 -2.11 -10.60
CA SER E 33 39.57 -2.68 -9.61
C SER E 33 38.26 -3.10 -10.27
N VAL E 34 37.71 -2.24 -11.12
CA VAL E 34 36.46 -2.52 -11.84
C VAL E 34 36.67 -3.71 -12.76
N ARG E 35 37.81 -3.73 -13.45
CA ARG E 35 38.14 -4.81 -14.37
C ARG E 35 38.20 -6.14 -13.64
N LYS E 36 38.85 -6.15 -12.47
CA LYS E 36 38.96 -7.38 -11.68
C LYS E 36 37.60 -7.81 -11.16
N GLN E 37 36.79 -6.86 -10.69
CA GLN E 37 35.47 -7.20 -10.16
C GLN E 37 34.56 -7.76 -11.24
N SER E 38 34.60 -7.19 -12.44
CA SER E 38 33.79 -7.67 -13.56
C SER E 38 34.33 -8.98 -14.12
N SER E 39 35.63 -9.20 -13.98
CA SER E 39 36.27 -10.43 -14.42
C SER E 39 35.67 -11.63 -13.69
N PHE E 40 35.19 -11.41 -12.47
CA PHE E 40 34.54 -12.43 -11.65
C PHE E 40 35.45 -13.62 -11.40
N ILE E 41 36.66 -13.35 -10.89
CA ILE E 41 37.50 -14.40 -10.32
C ILE E 41 36.72 -15.00 -9.17
N LEU E 42 37.03 -16.25 -8.80
CA LEU E 42 36.24 -16.98 -7.82
C LEU E 42 35.99 -16.13 -6.57
N THR E 43 34.72 -15.90 -6.26
CA THR E 43 34.40 -15.09 -5.09
C THR E 43 33.47 -15.79 -4.10
N PRO E 44 33.71 -17.03 -3.71
CA PRO E 44 33.26 -17.48 -2.40
C PRO E 44 34.25 -17.05 -1.34
N PRO E 45 33.95 -15.98 -0.62
CA PRO E 45 34.96 -15.42 0.30
C PRO E 45 34.89 -16.04 1.68
N ARG E 46 36.03 -16.50 2.19
CA ARG E 46 36.08 -17.05 3.53
C ARG E 46 36.04 -15.90 4.53
N ARG E 47 34.92 -15.18 4.57
CA ARG E 47 34.75 -14.04 5.44
C ARG E 47 34.82 -14.49 6.90
N LYS E 48 35.50 -13.72 7.73
CA LYS E 48 35.64 -14.01 9.15
C LYS E 48 34.29 -13.85 9.81
N ILE E 49 34.06 -14.63 10.87
CA ILE E 49 32.84 -14.47 11.67
C ILE E 49 32.87 -13.06 12.25
N PRO E 50 31.74 -12.36 12.30
CA PRO E 50 31.72 -11.05 12.97
C PRO E 50 32.23 -11.16 14.39
N GLN E 51 33.22 -10.33 14.71
CA GLN E 51 33.90 -10.38 15.99
C GLN E 51 33.29 -9.38 16.94
N CYS E 52 33.18 -9.77 18.21
CA CYS E 52 32.67 -8.85 19.22
C CYS E 52 33.54 -7.60 19.27
N SER E 53 32.98 -6.48 18.82
CA SER E 53 33.72 -5.24 18.64
C SER E 53 33.58 -4.40 19.90
N GLN E 54 34.65 -4.33 20.69
CA GLN E 54 34.69 -3.37 21.78
C GLN E 54 34.59 -1.96 21.21
N LEU E 55 33.74 -1.14 21.85
CA LEU E 55 33.43 0.18 21.35
C LEU E 55 34.69 1.05 21.34
N GLN E 56 35.23 1.27 20.14
CA GLN E 56 36.55 1.85 19.99
C GLN E 56 36.55 3.35 20.25
N GLU E 57 37.67 3.83 20.81
CA GLU E 57 38.01 5.25 21.04
C GLU E 57 36.76 5.99 21.55
N ASP E 58 36.35 7.09 20.91
CA ASP E 58 35.24 7.90 21.40
C ASP E 58 34.03 7.68 20.49
N VAL E 59 33.24 6.67 20.82
CA VAL E 59 31.91 6.48 20.24
C VAL E 59 30.90 6.92 21.29
N ASP E 60 30.12 7.95 20.97
CA ASP E 60 29.17 8.49 21.93
C ASP E 60 28.15 7.42 22.30
N PRO E 61 28.14 6.93 23.55
CA PRO E 61 27.23 5.85 23.92
C PRO E 61 25.77 6.17 23.68
N GLN E 62 25.33 7.39 23.99
CA GLN E 62 23.96 7.81 23.70
C GLN E 62 23.69 7.85 22.20
N LYS E 63 24.61 8.41 21.42
CA LYS E 63 24.40 8.50 19.98
C LYS E 63 24.46 7.12 19.34
N VAL E 64 25.46 6.31 19.69
CA VAL E 64 25.60 4.99 19.10
C VAL E 64 24.40 4.11 19.47
N ALA E 65 24.01 4.13 20.74
CA ALA E 65 22.81 3.39 21.16
C ALA E 65 21.55 3.93 20.50
N PHE E 66 21.55 5.20 20.11
CA PHE E 66 20.44 5.76 19.36
C PHE E 66 20.38 5.22 17.93
N LEU E 67 21.53 4.88 17.35
CA LEU E 67 21.58 4.39 15.98
C LEU E 67 21.35 2.89 15.88
N LEU E 68 21.27 2.17 17.01
CA LEU E 68 21.25 0.71 16.94
C LEU E 68 19.88 0.18 16.54
N HIS E 69 18.87 0.39 17.37
CA HIS E 69 17.54 -0.18 17.13
C HIS E 69 16.68 0.78 16.31
N LYS E 70 17.23 1.21 15.18
CA LYS E 70 16.55 2.12 14.27
C LYS E 70 16.77 1.64 12.84
N GLN E 71 15.68 1.58 12.07
CA GLN E 71 15.67 0.93 10.76
C GLN E 71 16.25 1.87 9.72
N TRP E 72 17.44 1.55 9.22
CA TRP E 72 18.13 2.39 8.25
C TRP E 72 17.77 1.96 6.83
N THR E 73 17.34 2.91 6.00
CA THR E 73 17.16 2.67 4.57
C THR E 73 18.52 2.74 3.90
N LEU E 74 18.99 1.60 3.40
CA LEU E 74 20.36 1.52 2.88
C LEU E 74 20.50 2.27 1.57
N TYR E 75 21.59 2.99 1.43
CA TYR E 75 21.96 3.65 0.19
C TYR E 75 23.46 3.48 -0.05
N SER E 76 23.84 3.48 -1.31
CA SER E 76 25.24 3.49 -1.71
C SER E 76 25.60 4.88 -2.19
N LEU E 77 26.46 5.57 -1.44
CA LEU E 77 26.77 6.97 -1.69
C LEU E 77 28.17 7.10 -2.25
N THR E 78 28.28 7.72 -3.42
CA THR E 78 29.58 7.96 -4.02
C THR E 78 30.37 8.97 -3.19
N PRO E 79 31.70 8.98 -3.33
CA PRO E 79 32.54 9.86 -2.50
C PRO E 79 32.10 11.32 -2.58
N LEU E 80 32.13 11.99 -1.44
CA LEU E 80 31.78 13.40 -1.34
C LEU E 80 32.97 14.23 -1.80
N TYR E 81 32.80 14.94 -2.91
CA TYR E 81 33.87 15.79 -3.43
C TYR E 81 33.98 17.07 -2.60
N LYS E 82 35.21 17.48 -2.34
CA LYS E 82 35.51 18.71 -1.60
C LYS E 82 34.77 18.73 -0.26
N PHE E 83 34.75 17.59 0.41
CA PHE E 83 34.13 17.46 1.72
C PHE E 83 35.19 17.60 2.80
N SER E 84 34.78 18.16 3.94
CA SER E 84 35.69 18.40 5.04
C SER E 84 34.96 18.24 6.36
N TYR E 85 35.53 17.47 7.27
CA TYR E 85 34.99 17.37 8.63
C TYR E 85 35.54 18.46 9.53
N SER E 86 35.50 19.69 9.01
CA SER E 86 35.81 20.89 9.79
C SER E 86 34.70 21.91 9.57
N ASN E 87 34.16 21.93 8.36
CA ASN E 87 33.12 22.88 7.96
C ASN E 87 31.72 22.33 8.20
N LEU E 88 31.47 21.84 9.41
CA LEU E 88 30.20 21.19 9.70
C LEU E 88 29.05 22.19 9.79
N LYS E 89 29.27 23.30 10.48
CA LYS E 89 28.19 24.27 10.73
C LYS E 89 27.69 24.93 9.46
N GLU E 90 28.58 25.29 8.53
CA GLU E 90 28.15 25.93 7.30
C GLU E 90 27.44 24.98 6.35
N TYR E 91 27.85 23.71 6.27
CA TYR E 91 27.06 22.72 5.56
C TYR E 91 25.70 22.50 6.21
N SER E 92 25.64 22.47 7.55
CA SER E 92 24.37 22.33 8.23
C SER E 92 23.44 23.49 7.91
N ARG E 93 23.98 24.71 7.91
CA ARG E 93 23.17 25.88 7.56
C ARG E 93 22.67 25.83 6.12
N LEU E 94 23.56 25.47 5.18
CA LEU E 94 23.15 25.40 3.78
C LEU E 94 22.07 24.35 3.56
N LEU E 95 22.19 23.19 4.22
CA LEU E 95 21.19 22.15 4.09
C LEU E 95 19.89 22.48 4.81
N ASN E 96 19.97 23.18 5.95
CA ASN E 96 18.75 23.58 6.66
C ASN E 96 17.98 24.63 5.87
N ALA E 97 18.69 25.60 5.29
CA ALA E 97 18.05 26.61 4.45
C ALA E 97 17.49 26.03 3.16
N PHE E 98 17.95 24.84 2.76
CA PHE E 98 17.42 24.13 1.60
C PHE E 98 16.26 23.21 1.93
N ILE E 99 16.26 22.62 3.13
CA ILE E 99 15.15 21.76 3.54
C ILE E 99 13.87 22.58 3.68
N VAL E 100 13.95 23.69 4.40
CA VAL E 100 12.79 24.57 4.52
C VAL E 100 12.47 25.25 3.20
N ALA E 101 13.44 25.35 2.29
CA ALA E 101 13.16 25.87 0.96
C ALA E 101 12.29 24.91 0.15
N GLU E 102 12.48 23.61 0.31
CA GLU E 102 11.66 22.61 -0.34
C GLU E 102 10.27 22.54 0.25
N LYS E 103 10.09 22.98 1.50
CA LYS E 103 8.76 23.20 2.05
C LYS E 103 8.07 24.40 1.45
N GLN E 104 8.85 25.42 1.07
CA GLN E 104 8.31 26.55 0.32
C GLN E 104 7.86 26.12 -1.08
N LYS E 105 8.45 25.06 -1.62
CA LYS E 105 8.08 24.55 -2.93
C LYS E 105 6.70 23.93 -2.90
N ASP E 116 11.41 25.82 11.97
CA ASP E 116 10.78 24.63 12.53
C ASP E 116 11.68 23.41 12.37
N ILE E 117 12.70 23.54 11.52
CA ILE E 117 13.57 22.44 11.16
C ILE E 117 15.02 22.83 11.43
N LYS E 118 15.74 21.97 12.15
CA LYS E 118 17.16 22.13 12.40
C LYS E 118 17.92 20.96 11.79
N VAL E 119 19.10 21.26 11.25
CA VAL E 119 19.99 20.25 10.69
C VAL E 119 21.31 20.33 11.43
N ILE E 120 21.72 19.22 12.03
CA ILE E 120 22.94 19.16 12.82
C ILE E 120 23.83 18.08 12.23
N PHE E 121 24.88 18.49 11.52
CA PHE E 121 25.90 17.55 11.09
C PHE E 121 26.74 17.13 12.28
N SER E 122 26.93 15.82 12.44
CA SER E 122 27.58 15.31 13.64
C SER E 122 28.52 14.16 13.26
N THR E 123 29.82 14.42 13.35
CA THR E 123 30.80 13.36 13.21
C THR E 123 30.66 12.36 14.36
N LEU E 124 30.93 11.09 14.09
CA LEU E 124 30.75 10.05 15.09
C LEU E 124 32.04 9.60 15.75
N LEU E 125 33.20 9.88 15.15
CA LEU E 125 34.52 9.74 15.75
C LEU E 125 34.99 8.29 15.88
N GLY E 126 34.07 7.33 15.85
CA GLY E 126 34.52 5.96 15.97
C GLY E 126 33.96 4.89 15.05
N MET E 127 33.16 5.28 14.06
CA MET E 127 32.51 4.30 13.19
C MET E 127 33.32 4.11 11.91
N LYS E 128 34.51 3.55 12.10
CA LYS E 128 35.46 3.32 11.02
C LYS E 128 36.21 2.03 11.30
N GLY E 129 36.53 1.29 10.24
CA GLY E 129 37.19 0.01 10.40
C GLY E 129 38.69 0.14 10.55
N THR E 130 39.31 0.90 9.66
CA THR E 130 40.73 1.19 9.73
C THR E 130 40.94 2.63 10.13
N GLN E 131 42.12 2.91 10.68
CA GLN E 131 42.46 4.25 11.14
C GLN E 131 42.52 5.26 10.00
N ARG E 132 42.59 4.81 8.75
CA ARG E 132 42.64 5.69 7.60
C ARG E 132 41.27 5.92 6.97
N ASP E 133 40.23 5.25 7.46
CA ASP E 133 38.91 5.43 6.89
C ASP E 133 38.36 6.83 7.21
N PRO E 134 37.55 7.39 6.32
CA PRO E 134 36.90 8.66 6.63
C PRO E 134 35.94 8.52 7.79
N GLU E 135 36.02 9.46 8.73
CA GLU E 135 35.19 9.39 9.94
C GLU E 135 33.72 9.58 9.59
N ALA E 136 32.89 8.70 10.14
CA ALA E 136 31.46 8.74 9.88
C ALA E 136 30.83 9.98 10.49
N PHE E 137 29.92 10.60 9.74
CA PHE E 137 29.21 11.79 10.20
C PHE E 137 27.72 11.63 9.95
N LEU E 138 26.93 12.19 10.87
CA LEU E 138 25.47 12.12 10.82
C LEU E 138 24.90 13.39 10.21
N VAL E 139 23.66 13.27 9.74
CA VAL E 139 22.87 14.42 9.28
C VAL E 139 21.47 14.22 9.84
N GLN E 140 21.11 15.03 10.84
CA GLN E 140 19.86 14.85 11.57
C GLN E 140 18.95 16.05 11.33
N ILE E 141 17.73 15.78 10.89
CA ILE E 141 16.71 16.81 10.79
C ILE E 141 16.00 16.89 12.14
N VAL E 142 16.42 17.82 12.99
CA VAL E 142 15.85 17.99 14.32
C VAL E 142 14.72 19.01 14.23
N SER E 143 13.54 18.63 14.70
CA SER E 143 12.39 19.52 14.67
C SER E 143 12.15 20.14 16.04
N ARG E 152 11.22 22.52 18.02
CA ARG E 152 11.23 22.89 19.43
C ARG E 152 12.15 21.99 20.23
N GLU E 153 11.76 20.72 20.35
CA GLU E 153 12.52 19.72 21.09
C GLU E 153 13.33 18.86 20.13
N GLY E 154 14.11 17.94 20.69
CA GLY E 154 14.96 17.07 19.91
C GLY E 154 14.23 15.93 19.23
N LYS E 155 13.13 16.24 18.55
CA LYS E 155 12.38 15.25 17.78
C LYS E 155 13.12 15.03 16.46
N VAL E 156 14.08 14.12 16.48
CA VAL E 156 14.94 13.89 15.32
C VAL E 156 14.09 13.24 14.22
N LEU E 157 13.77 14.01 13.18
CA LEU E 157 12.87 13.54 12.15
C LEU E 157 13.55 12.55 11.21
N TRP E 158 14.81 12.78 10.86
CA TRP E 158 15.37 12.05 9.73
C TRP E 158 16.68 11.33 10.03
N THR E 159 17.56 11.93 10.84
CA THR E 159 18.84 11.38 11.28
C THR E 159 19.57 10.55 10.22
N GLY E 160 19.84 11.14 9.05
CA GLY E 160 20.63 10.46 8.05
C GLY E 160 22.07 10.28 8.49
N TRP E 161 22.71 9.26 7.93
CA TRP E 161 23.99 8.79 8.46
C TRP E 161 24.86 8.29 7.33
N PHE E 162 26.10 8.79 7.28
CA PHE E 162 27.09 8.44 6.27
C PHE E 162 28.27 7.80 7.00
N CYS E 163 28.73 6.64 6.54
CA CYS E 163 29.85 5.95 7.17
C CYS E 163 30.71 5.22 6.14
N CYS E 164 31.98 5.05 6.50
CA CYS E 164 32.94 4.26 5.72
C CYS E 164 33.76 3.43 6.70
N VAL E 165 33.38 2.17 6.88
CA VAL E 165 34.01 1.27 7.83
C VAL E 165 34.53 0.05 7.08
N PHE E 166 35.82 -0.26 7.26
CA PHE E 166 36.51 -1.31 6.50
C PHE E 166 36.24 -1.15 5.01
N GLY E 167 36.33 0.08 4.53
CA GLY E 167 36.11 0.39 3.14
C GLY E 167 37.37 0.86 2.46
N ASP E 168 38.49 0.19 2.75
CA ASP E 168 39.78 0.54 2.19
C ASP E 168 39.96 0.05 0.76
N SER E 169 38.91 -0.50 0.15
CA SER E 169 38.94 -0.83 -1.27
C SER E 169 38.52 0.35 -2.15
N LEU E 170 37.77 1.31 -1.60
CA LEU E 170 37.46 2.55 -2.29
C LEU E 170 38.33 3.69 -1.76
N LEU E 171 38.85 3.53 -0.55
CA LEU E 171 39.76 4.52 0.03
C LEU E 171 41.01 4.70 -0.82
N GLU E 172 41.62 3.60 -1.25
CA GLU E 172 42.86 3.65 -2.02
C GLU E 172 42.64 3.88 -3.50
N THR E 173 41.41 4.22 -3.91
CA THR E 173 41.10 4.49 -5.30
C THR E 173 40.61 5.91 -5.56
N VAL E 174 40.20 6.64 -4.54
CA VAL E 174 39.82 8.03 -4.68
C VAL E 174 41.06 8.89 -4.46
N SER E 175 40.97 10.14 -4.92
CA SER E 175 42.04 11.10 -4.67
C SER E 175 41.87 11.66 -3.26
N GLU E 176 42.72 12.61 -2.88
CA GLU E 176 42.65 13.20 -1.54
C GLU E 176 41.46 14.13 -1.37
N ASP E 177 40.97 14.73 -2.46
CA ASP E 177 39.84 15.64 -2.36
C ASP E 177 38.52 14.94 -2.07
N PHE E 178 38.42 13.64 -2.36
CA PHE E 178 37.20 12.89 -2.13
C PHE E 178 37.26 12.20 -0.78
N THR E 179 36.28 12.48 0.08
CA THR E 179 36.09 11.74 1.31
C THR E 179 35.06 10.66 1.03
N CYS E 180 35.53 9.45 0.74
CA CYS E 180 34.66 8.39 0.25
C CYS E 180 33.89 7.79 1.41
N LEU E 181 32.56 7.96 1.38
CA LEU E 181 31.66 7.33 2.35
C LEU E 181 30.67 6.48 1.57
N PRO E 182 31.01 5.22 1.29
CA PRO E 182 30.13 4.41 0.43
C PRO E 182 28.74 4.21 0.98
N LEU E 183 28.58 4.21 2.31
CA LEU E 183 27.29 3.95 2.92
C LEU E 183 26.54 5.25 3.19
N PHE E 184 25.22 5.18 3.04
CA PHE E 184 24.31 6.23 3.47
C PHE E 184 23.12 5.57 4.17
N LEU E 185 22.83 6.02 5.38
CA LEU E 185 21.84 5.38 6.24
C LEU E 185 20.82 6.42 6.68
N ALA E 186 19.66 6.43 6.02
CA ALA E 186 18.59 7.38 6.30
C ALA E 186 17.43 6.61 6.92
N ASN E 187 16.93 7.09 8.06
CA ASN E 187 15.79 6.45 8.71
C ASN E 187 14.48 7.21 8.49
N GLY E 188 14.53 8.54 8.37
CA GLY E 188 13.33 9.34 8.22
C GLY E 188 12.58 9.05 6.94
N ALA E 189 11.55 9.86 6.70
CA ALA E 189 10.68 9.65 5.56
C ALA E 189 11.46 9.78 4.25
N GLU E 190 11.03 9.01 3.25
CA GLU E 190 11.69 9.01 1.94
C GLU E 190 11.65 10.38 1.27
N SER E 191 10.64 11.21 1.57
CA SER E 191 10.58 12.55 1.05
C SER E 191 11.74 13.43 1.49
N ASN E 192 12.13 13.36 2.76
CA ASN E 192 13.29 14.11 3.25
C ASN E 192 14.60 13.50 2.77
N THR E 193 14.65 12.16 2.66
CA THR E 193 15.86 11.50 2.19
C THR E 193 16.14 11.87 0.74
N ALA E 194 15.12 11.84 -0.12
CA ALA E 194 15.26 12.16 -1.53
C ALA E 194 15.32 13.66 -1.79
N ILE E 195 15.51 14.47 -0.74
CA ILE E 195 15.75 15.90 -0.86
C ILE E 195 17.12 16.27 -0.32
N ILE E 196 17.48 15.72 0.84
CA ILE E 196 18.86 15.86 1.31
C ILE E 196 19.81 15.15 0.37
N GLY E 197 19.37 14.07 -0.28
CA GLY E 197 20.19 13.47 -1.32
C GLY E 197 20.44 14.41 -2.49
N THR E 198 19.40 15.13 -2.91
CA THR E 198 19.57 16.14 -3.95
C THR E 198 20.50 17.27 -3.53
N TRP E 199 20.38 17.74 -2.28
CA TRP E 199 21.31 18.76 -1.80
C TRP E 199 22.74 18.25 -1.82
N PHE E 200 22.96 17.01 -1.37
CA PHE E 200 24.30 16.43 -1.38
C PHE E 200 24.82 16.27 -2.80
N GLN E 201 23.97 15.87 -3.74
CA GLN E 201 24.36 15.80 -5.14
C GLN E 201 24.77 17.18 -5.66
N LYS E 202 24.00 18.21 -5.30
CA LYS E 202 24.27 19.56 -5.79
C LYS E 202 25.57 20.13 -5.22
N THR E 203 25.85 19.89 -3.94
CA THR E 203 26.97 20.56 -3.28
C THR E 203 28.22 19.71 -3.12
N PHE E 204 28.15 18.40 -3.38
CA PHE E 204 29.31 17.54 -3.27
C PHE E 204 29.54 16.62 -4.46
N ASP E 205 28.66 16.64 -5.47
CA ASP E 205 28.77 15.76 -6.63
C ASP E 205 28.78 14.29 -6.24
N CYS E 206 28.20 13.99 -5.09
CA CYS E 206 28.02 12.63 -4.60
C CYS E 206 26.61 12.15 -4.91
N TYR E 207 26.50 10.87 -5.28
CA TYR E 207 25.23 10.36 -5.78
C TYR E 207 24.79 9.14 -4.97
N PHE E 208 23.48 8.98 -4.84
CA PHE E 208 22.86 8.02 -3.94
C PHE E 208 22.20 6.91 -4.75
N SER E 209 22.93 5.83 -5.00
CA SER E 209 22.10 4.75 -5.50
C SER E 209 21.53 3.94 -4.34
N PRO E 210 20.22 3.70 -4.33
CA PRO E 210 19.61 2.96 -3.21
C PRO E 210 20.17 1.54 -3.13
N LEU E 211 20.84 1.26 -2.02
CA LEU E 211 21.47 -0.04 -1.84
C LEU E 211 20.40 -1.11 -1.71
N ALA E 212 20.51 -2.17 -2.51
CA ALA E 212 19.59 -3.31 -2.46
C ALA E 212 20.41 -4.56 -2.19
N ILE E 213 20.22 -5.15 -1.01
CA ILE E 213 20.91 -6.39 -0.69
C ILE E 213 20.19 -7.55 -1.35
N ASN E 214 20.83 -8.16 -2.34
CA ASN E 214 20.23 -9.31 -3.00
C ASN E 214 20.13 -10.48 -2.03
N ALA E 215 19.29 -11.46 -2.38
CA ALA E 215 19.10 -12.62 -1.53
C ALA E 215 20.38 -13.40 -1.30
N PHE E 216 21.36 -13.28 -2.20
CA PHE E 216 22.66 -13.91 -1.98
C PHE E 216 23.37 -13.29 -0.79
N ASN E 217 23.57 -11.97 -0.82
CA ASN E 217 24.19 -11.29 0.32
C ASN E 217 23.29 -11.36 1.55
N LEU E 218 21.97 -11.37 1.36
CA LEU E 218 21.06 -11.52 2.49
C LEU E 218 21.24 -12.86 3.19
N SER E 219 21.32 -13.95 2.45
CA SER E 219 21.63 -15.25 3.04
C SER E 219 23.01 -15.30 3.66
N TRP E 220 24.00 -14.67 3.03
CA TRP E 220 25.32 -14.57 3.62
C TRP E 220 25.27 -13.92 5.00
N MET E 221 24.76 -12.69 5.07
CA MET E 221 24.70 -11.99 6.36
C MET E 221 23.79 -12.70 7.35
N ALA E 222 22.79 -13.44 6.86
CA ALA E 222 22.00 -14.28 7.74
C ALA E 222 22.86 -15.36 8.39
N ALA E 223 23.76 -15.97 7.62
CA ALA E 223 24.59 -17.05 8.14
C ALA E 223 25.66 -16.58 9.12
N MET E 224 26.33 -15.46 8.85
CA MET E 224 27.38 -14.99 9.74
C MET E 224 26.84 -14.37 11.02
N TRP E 225 25.62 -13.85 10.99
CA TRP E 225 25.03 -13.23 12.17
C TRP E 225 24.43 -14.24 13.13
N THR E 226 24.20 -15.47 12.69
CA THR E 226 23.96 -16.58 13.60
C THR E 226 25.24 -17.29 13.98
N ALA E 227 26.35 -16.94 13.35
CA ALA E 227 27.66 -17.52 13.65
C ALA E 227 28.44 -16.72 14.67
N CYS E 228 27.88 -15.62 15.17
CA CYS E 228 28.57 -14.79 16.14
C CYS E 228 28.58 -15.46 17.51
N LYS E 229 29.40 -14.91 18.40
CA LYS E 229 29.53 -15.40 19.78
C LYS E 229 28.68 -14.58 20.74
N MET E 230 27.53 -14.12 20.27
CA MET E 230 26.67 -13.27 21.07
C MET E 230 25.96 -14.06 22.16
N ASP E 231 25.52 -13.34 23.19
CA ASP E 231 24.75 -13.91 24.29
C ASP E 231 23.49 -13.08 24.49
N HIS E 232 22.49 -13.70 25.11
CA HIS E 232 21.18 -13.08 25.39
C HIS E 232 20.56 -12.54 24.10
N TYR E 233 20.28 -13.50 23.22
CA TYR E 233 19.72 -13.24 21.89
C TYR E 233 18.51 -12.30 21.96
N VAL E 234 18.61 -11.15 21.31
CA VAL E 234 17.57 -10.13 21.40
C VAL E 234 16.29 -10.59 20.71
N ALA E 235 16.41 -11.10 19.48
CA ALA E 235 15.25 -11.44 18.67
C ALA E 235 15.46 -12.78 17.98
N THR E 236 14.35 -13.41 17.62
CA THR E 236 14.38 -14.68 16.92
C THR E 236 14.97 -14.50 15.53
N THR E 237 15.74 -15.49 15.08
CA THR E 237 16.40 -15.46 13.79
C THR E 237 15.37 -15.74 12.70
N GLU E 238 14.79 -14.68 12.16
CA GLU E 238 13.73 -14.78 11.17
C GLU E 238 14.27 -14.50 9.77
N PHE E 239 13.91 -15.35 8.81
CA PHE E 239 14.22 -15.15 7.40
C PHE E 239 12.90 -14.98 6.66
N LEU E 240 12.63 -13.77 6.18
CA LEU E 240 11.39 -13.51 5.46
C LEU E 240 11.59 -13.83 3.99
N TRP E 241 10.99 -14.93 3.53
CA TRP E 241 11.04 -15.33 2.15
C TRP E 241 9.86 -14.73 1.38
N SER E 242 9.93 -14.84 0.05
CA SER E 242 8.86 -14.33 -0.81
C SER E 242 8.85 -15.17 -2.08
N VAL E 243 7.87 -16.06 -2.20
CA VAL E 243 7.75 -16.95 -3.35
C VAL E 243 7.46 -16.12 -4.60
N PRO E 244 7.99 -16.50 -5.76
CA PRO E 244 7.73 -15.74 -7.01
C PRO E 244 6.47 -16.19 -7.73
N CYS E 245 5.31 -15.91 -7.13
CA CYS E 245 4.04 -16.14 -7.78
C CYS E 245 3.63 -14.91 -8.58
N SER E 246 3.10 -15.13 -9.77
CA SER E 246 2.67 -14.02 -10.61
C SER E 246 1.33 -13.43 -10.18
N PRO E 247 0.30 -14.23 -9.84
CA PRO E 247 -0.97 -13.61 -9.40
C PRO E 247 -0.93 -13.17 -7.95
N GLN E 248 -0.24 -13.92 -7.10
CA GLN E 248 -0.23 -13.69 -5.66
C GLN E 248 1.16 -13.29 -5.19
N SER E 249 1.24 -12.86 -3.93
CA SER E 249 2.45 -12.28 -3.36
C SER E 249 2.74 -12.89 -1.99
N LEU E 250 2.71 -14.22 -1.93
CA LEU E 250 2.87 -14.92 -0.65
C LEU E 250 4.27 -14.72 -0.09
N ASP E 251 4.34 -14.51 1.24
CA ASP E 251 5.60 -14.39 1.96
C ASP E 251 5.67 -15.45 3.05
N ILE E 252 6.90 -15.78 3.46
CA ILE E 252 7.16 -16.80 4.47
C ILE E 252 8.15 -16.23 5.46
N SER E 253 7.93 -16.49 6.75
CA SER E 253 8.80 -16.01 7.83
C SER E 253 9.36 -17.21 8.59
N PHE E 254 10.54 -17.68 8.17
CA PHE E 254 11.22 -18.81 8.81
C PHE E 254 11.94 -18.29 10.05
N ALA E 255 11.17 -18.05 11.11
CA ALA E 255 11.65 -17.33 12.29
C ALA E 255 12.19 -18.31 13.32
N ILE E 256 13.43 -18.76 13.14
CA ILE E 256 14.02 -19.76 14.02
C ILE E 256 14.21 -19.17 15.42
N HIS E 257 14.13 -20.05 16.42
CA HIS E 257 14.66 -19.71 17.72
C HIS E 257 16.15 -19.43 17.59
N PRO E 258 16.63 -18.30 18.09
CA PRO E 258 18.03 -17.90 17.85
C PRO E 258 19.05 -18.92 18.33
N GLU E 259 18.77 -19.64 19.42
CA GLU E 259 19.66 -20.71 19.85
C GLU E 259 19.55 -21.94 18.95
N ASP E 260 18.35 -22.27 18.49
CA ASP E 260 18.19 -23.39 17.57
C ASP E 260 18.85 -23.12 16.21
N ALA E 261 18.89 -21.85 15.79
CA ALA E 261 19.60 -21.49 14.57
C ALA E 261 21.11 -21.42 14.77
N LYS E 262 21.57 -21.38 16.03
CA LYS E 262 23.00 -21.47 16.33
C LYS E 262 23.47 -22.91 16.37
N ALA E 263 22.73 -23.79 17.05
CA ALA E 263 23.02 -25.22 17.03
C ALA E 263 22.83 -25.81 15.64
N LEU E 264 21.96 -25.23 14.82
CA LEU E 264 21.85 -25.65 13.43
C LEU E 264 23.04 -25.16 12.60
N TRP E 265 23.54 -23.95 12.90
CA TRP E 265 24.73 -23.46 12.21
C TRP E 265 25.96 -24.26 12.59
N ASP E 266 26.10 -24.63 13.86
CA ASP E 266 27.22 -25.45 14.28
C ASP E 266 27.23 -26.80 13.57
N SER E 267 26.07 -27.28 13.13
CA SER E 267 26.03 -28.49 12.31
C SER E 267 26.72 -28.27 10.97
N VAL E 268 26.55 -27.07 10.39
CA VAL E 268 27.14 -26.76 9.08
C VAL E 268 28.42 -25.95 9.19
N HIS E 269 28.92 -25.72 10.40
CA HIS E 269 30.16 -25.00 10.61
C HIS E 269 31.28 -26.00 10.88
N LYS E 270 32.25 -26.06 9.98
CA LYS E 270 33.43 -26.92 10.14
C LYS E 270 34.72 -26.14 10.19
N THR E 271 34.93 -25.20 9.27
CA THR E 271 36.16 -24.42 9.39
C THR E 271 35.94 -23.25 10.35
N PRO E 272 36.77 -23.15 11.39
CA PRO E 272 36.57 -22.09 12.38
C PRO E 272 37.11 -20.75 11.88
N GLY E 273 36.60 -19.68 12.50
CA GLY E 273 37.03 -18.34 12.17
C GLY E 273 36.40 -17.79 10.91
N GLU E 274 36.39 -18.58 9.84
CA GLU E 274 35.87 -18.13 8.57
C GLU E 274 34.61 -18.89 8.18
N VAL E 275 33.69 -18.20 7.52
CA VAL E 275 32.49 -18.81 6.96
C VAL E 275 32.67 -18.96 5.45
N THR E 276 32.40 -20.17 4.96
CA THR E 276 32.54 -20.47 3.55
C THR E 276 31.20 -20.34 2.85
N GLN E 277 31.25 -20.07 1.54
CA GLN E 277 30.03 -20.12 0.74
C GLN E 277 29.41 -21.50 0.79
N GLU E 278 30.23 -22.55 0.89
CA GLU E 278 29.68 -23.89 1.13
C GLU E 278 28.98 -23.96 2.48
N GLU E 279 29.58 -23.36 3.52
CA GLU E 279 28.93 -23.35 4.83
C GLU E 279 27.67 -22.49 4.84
N VAL E 280 27.71 -21.33 4.17
CA VAL E 280 26.55 -20.47 4.10
C VAL E 280 25.42 -21.19 3.36
N ASP E 281 25.74 -21.82 2.23
CA ASP E 281 24.75 -22.54 1.46
C ASP E 281 24.26 -23.77 2.20
N LEU E 282 25.10 -24.37 3.04
CA LEU E 282 24.65 -25.52 3.84
C LEU E 282 23.70 -25.08 4.95
N PHE E 283 23.94 -23.92 5.57
CA PHE E 283 22.97 -23.39 6.52
C PHE E 283 21.65 -23.09 5.83
N MET E 284 21.69 -22.41 4.69
CA MET E 284 20.49 -22.13 3.93
C MET E 284 19.79 -23.40 3.43
N ASP E 285 20.55 -24.44 3.07
CA ASP E 285 20.00 -25.70 2.62
C ASP E 285 19.43 -26.53 3.77
N CYS E 286 20.00 -26.43 4.96
CA CYS E 286 19.36 -26.99 6.14
C CYS E 286 18.04 -26.29 6.44
N LEU E 287 17.96 -24.99 6.21
CA LEU E 287 16.67 -24.32 6.26
C LEU E 287 15.73 -24.85 5.18
N TYR E 288 16.24 -25.01 3.96
CA TYR E 288 15.40 -25.45 2.84
C TYR E 288 14.84 -26.84 3.06
N SER E 289 15.67 -27.77 3.50
CA SER E 289 15.29 -29.17 3.67
C SER E 289 14.55 -29.42 4.96
N HIS E 290 14.51 -28.42 5.86
CA HIS E 290 13.67 -28.51 7.04
C HIS E 290 12.35 -27.77 6.85
N PHE E 291 12.26 -26.90 5.85
CA PHE E 291 11.00 -26.32 5.44
C PHE E 291 10.24 -27.19 4.45
N HIS E 292 10.94 -27.72 3.44
CA HIS E 292 10.31 -28.62 2.49
C HIS E 292 9.95 -29.96 3.13
N ARG E 293 10.65 -30.33 4.21
CA ARG E 293 10.29 -31.55 4.92
C ARG E 293 8.88 -31.46 5.50
N HIS E 294 8.51 -30.27 5.95
CA HIS E 294 7.18 -30.05 6.50
C HIS E 294 6.18 -29.66 5.43
N PHE E 295 6.41 -28.51 4.78
CA PHE E 295 5.42 -27.89 3.91
C PHE E 295 5.50 -28.34 2.46
N LYS E 296 6.53 -29.10 2.09
CA LYS E 296 6.70 -29.63 0.73
C LYS E 296 6.78 -28.54 -0.32
N ILE E 297 7.13 -27.30 0.06
CA ILE E 297 7.38 -26.23 -0.89
C ILE E 297 8.85 -25.84 -0.78
N HIS E 298 9.48 -25.60 -1.93
CA HIS E 298 10.92 -25.37 -2.00
C HIS E 298 11.21 -23.90 -1.70
N LEU E 299 11.76 -23.62 -0.52
CA LEU E 299 12.23 -22.28 -0.22
C LEU E 299 13.39 -21.86 -1.12
N SER E 300 14.18 -22.82 -1.61
CA SER E 300 15.23 -22.50 -2.56
C SER E 300 14.66 -21.96 -3.86
N ALA E 301 13.39 -22.24 -4.17
CA ALA E 301 12.72 -21.67 -5.31
C ALA E 301 12.21 -20.26 -5.04
N THR E 302 12.37 -19.77 -3.82
CA THR E 302 11.97 -18.43 -3.43
C THR E 302 13.21 -17.56 -3.26
N ARG E 303 13.00 -16.33 -2.81
CA ARG E 303 14.07 -15.37 -2.58
C ARG E 303 13.93 -14.75 -1.20
N LEU E 304 15.07 -14.52 -0.55
CA LEU E 304 15.07 -13.81 0.72
C LEU E 304 14.67 -12.35 0.51
N VAL E 305 13.90 -11.81 1.46
CA VAL E 305 13.46 -10.43 1.40
C VAL E 305 13.89 -9.74 2.69
N ARG E 306 14.02 -10.52 3.76
CA ARG E 306 14.44 -9.99 5.05
C ARG E 306 15.01 -11.11 5.89
N VAL E 307 16.09 -10.82 6.61
CA VAL E 307 16.69 -11.77 7.54
C VAL E 307 16.83 -11.08 8.90
N SER E 308 15.82 -11.27 9.76
CA SER E 308 15.89 -10.79 11.12
C SER E 308 16.80 -11.69 11.94
N THR E 309 17.71 -11.08 12.69
CA THR E 309 18.67 -11.82 13.51
C THR E 309 18.87 -11.04 14.81
N SER E 310 19.33 -11.75 15.85
CA SER E 310 19.63 -11.10 17.11
C SER E 310 20.80 -10.13 16.98
N VAL E 311 21.65 -10.30 15.96
CA VAL E 311 22.71 -9.34 15.69
C VAL E 311 22.14 -8.12 14.97
N ALA E 312 21.54 -8.33 13.81
CA ALA E 312 21.05 -7.21 13.00
C ALA E 312 20.02 -7.72 12.02
N SER E 313 18.86 -7.06 11.96
CA SER E 313 17.88 -7.33 10.93
C SER E 313 18.33 -6.70 9.61
N ALA E 314 17.91 -7.32 8.51
CA ALA E 314 18.37 -6.87 7.19
C ALA E 314 17.31 -7.19 6.16
N HIS E 315 16.98 -6.20 5.32
CA HIS E 315 15.98 -6.35 4.27
C HIS E 315 16.67 -6.42 2.91
N THR E 316 15.86 -6.40 1.85
CA THR E 316 16.37 -6.40 0.48
C THR E 316 16.09 -5.08 -0.22
N ASP E 317 14.88 -4.56 -0.10
CA ASP E 317 14.45 -3.38 -0.85
C ASP E 317 15.16 -2.10 -0.47
N GLY E 318 16.04 -2.12 0.54
CA GLY E 318 16.75 -0.93 0.95
C GLY E 318 16.54 -0.58 2.41
N LYS E 319 15.32 -0.75 2.89
CA LYS E 319 14.98 -0.48 4.30
C LYS E 319 15.53 -1.61 5.18
N ILE E 320 16.86 -1.67 5.25
CA ILE E 320 17.56 -2.89 5.63
C ILE E 320 18.00 -2.92 7.08
N LYS E 321 18.87 -1.99 7.47
CA LYS E 321 19.73 -2.16 8.64
C LYS E 321 18.98 -1.79 9.93
N ILE E 322 18.45 -2.81 10.61
CA ILE E 322 18.21 -2.70 12.03
C ILE E 322 19.41 -3.31 12.76
N LEU E 323 19.95 -2.59 13.74
CA LEU E 323 21.26 -2.91 14.27
C LEU E 323 21.22 -3.27 15.75
N CYS E 324 20.32 -4.18 16.11
CA CYS E 324 20.06 -4.56 17.50
C CYS E 324 21.32 -4.65 18.36
N HIS E 325 22.24 -5.54 18.02
CA HIS E 325 23.44 -5.74 18.81
C HIS E 325 24.55 -4.80 18.36
N LYS E 326 25.56 -4.66 19.22
CA LYS E 326 26.72 -3.82 18.89
C LYS E 326 27.81 -4.64 18.22
N TYR E 327 27.42 -5.39 17.18
CA TYR E 327 28.34 -5.93 16.20
C TYR E 327 28.47 -5.01 15.00
N LEU E 328 27.93 -3.80 15.10
CA LEU E 328 27.66 -2.95 13.94
C LEU E 328 28.92 -2.52 13.21
N ILE E 329 30.11 -2.62 13.81
CA ILE E 329 31.32 -2.31 13.05
C ILE E 329 31.59 -3.38 12.00
N GLY E 330 30.97 -4.56 12.14
CA GLY E 330 31.11 -5.62 11.16
C GLY E 330 29.91 -5.71 10.23
N VAL E 331 28.72 -5.49 10.77
CA VAL E 331 27.52 -5.40 9.94
C VAL E 331 27.67 -4.24 8.95
N LEU E 332 28.08 -3.07 9.46
CA LEU E 332 28.37 -1.94 8.59
C LEU E 332 29.59 -2.19 7.72
N ALA E 333 30.54 -3.02 8.16
CA ALA E 333 31.65 -3.38 7.27
C ALA E 333 31.15 -4.11 6.04
N TYR E 334 30.28 -5.11 6.24
CA TYR E 334 29.64 -5.80 5.14
C TYR E 334 28.83 -4.83 4.29
N LEU E 335 28.11 -3.92 4.94
CA LEU E 335 27.25 -2.98 4.21
C LEU E 335 28.06 -2.00 3.37
N THR E 336 29.19 -1.50 3.87
CA THR E 336 30.08 -0.65 3.10
C THR E 336 30.78 -1.40 1.97
N GLU E 337 31.26 -2.61 2.22
CA GLU E 337 31.86 -3.43 1.17
C GLU E 337 30.85 -3.87 0.12
N LEU E 338 29.56 -3.82 0.45
CA LEU E 338 28.51 -4.02 -0.53
C LEU E 338 28.12 -2.73 -1.25
N ALA E 339 28.20 -1.59 -0.57
CA ALA E 339 28.02 -0.29 -1.21
C ALA E 339 29.18 0.07 -2.11
N ILE E 340 30.40 -0.35 -1.75
CA ILE E 340 31.54 -0.19 -2.64
C ILE E 340 31.31 -0.96 -3.94
N PHE E 341 30.74 -2.16 -3.83
CA PHE E 341 30.46 -2.97 -5.01
C PHE E 341 29.50 -2.24 -5.96
N GLN E 342 28.46 -1.61 -5.41
CA GLN E 342 27.55 -0.83 -6.23
C GLN E 342 28.23 0.42 -6.78
N ILE E 343 29.11 1.04 -6.00
CA ILE E 343 29.88 2.18 -6.50
C ILE E 343 30.85 1.72 -7.58
N GLU E 344 31.61 0.66 -7.31
CA GLU E 344 32.63 0.18 -8.23
C GLU E 344 32.31 -1.23 -8.72
N VAL F 3 20.55 -41.26 -18.98
CA VAL F 3 21.43 -40.15 -19.29
C VAL F 3 21.30 -39.80 -20.76
N LEU F 4 21.08 -38.52 -21.04
CA LEU F 4 20.89 -38.07 -22.42
C LEU F 4 22.20 -38.11 -23.20
N ARG F 5 22.10 -38.44 -24.47
CA ARG F 5 23.25 -38.46 -25.35
C ARG F 5 23.00 -37.61 -26.60
N PRO F 6 24.02 -36.93 -27.11
CA PRO F 6 23.78 -36.01 -28.24
C PRO F 6 23.45 -36.70 -29.54
N LEU F 7 23.98 -37.91 -29.77
CA LEU F 7 23.92 -38.55 -31.06
C LEU F 7 23.34 -39.95 -30.99
N ASP F 8 22.54 -40.24 -29.96
CA ASP F 8 21.86 -41.53 -29.90
C ASP F 8 20.78 -41.66 -30.96
N LYS F 9 20.10 -40.56 -31.28
CA LYS F 9 19.06 -40.54 -32.30
C LYS F 9 19.56 -39.86 -33.56
N LEU F 10 19.10 -40.33 -34.70
CA LEU F 10 19.38 -39.67 -35.96
C LEU F 10 18.65 -38.33 -36.02
N PRO F 11 19.24 -37.33 -36.67
CA PRO F 11 18.54 -36.06 -36.84
C PRO F 11 17.29 -36.24 -37.69
N GLY F 12 16.47 -35.18 -37.72
CA GLY F 12 15.33 -35.18 -38.61
C GLY F 12 15.75 -34.84 -40.02
N LEU F 13 14.99 -33.99 -40.70
CA LEU F 13 15.40 -33.49 -42.00
C LEU F 13 15.78 -32.02 -41.95
N ASN F 14 14.84 -31.16 -41.55
CA ASN F 14 15.15 -29.77 -41.23
C ASN F 14 14.85 -29.50 -39.76
N THR F 15 14.81 -30.55 -38.95
CA THR F 15 14.40 -30.42 -37.56
C THR F 15 15.60 -30.09 -36.68
N ALA F 16 15.50 -28.96 -35.96
CA ALA F 16 16.48 -28.57 -34.95
C ALA F 16 15.71 -28.48 -33.64
N THR F 17 15.84 -29.50 -32.81
CA THR F 17 15.02 -29.64 -31.61
C THR F 17 15.86 -29.32 -30.37
N ILE F 18 15.66 -28.11 -29.84
CA ILE F 18 16.29 -27.66 -28.60
C ILE F 18 15.59 -28.34 -27.43
N LEU F 19 16.21 -28.28 -26.25
CA LEU F 19 15.60 -28.79 -25.02
C LEU F 19 15.91 -27.81 -23.90
N LEU F 20 14.91 -27.03 -23.48
CA LEU F 20 15.09 -26.10 -22.39
C LEU F 20 14.90 -26.82 -21.05
N VAL F 21 15.85 -26.67 -20.15
CA VAL F 21 15.84 -27.35 -18.86
C VAL F 21 15.85 -26.29 -17.77
N GLY F 22 14.72 -26.14 -17.07
CA GLY F 22 14.63 -25.20 -15.98
C GLY F 22 13.48 -25.57 -15.06
N THR F 23 13.66 -25.24 -13.78
CA THR F 23 12.63 -25.59 -12.79
C THR F 23 11.33 -24.85 -13.06
N GLU F 24 11.39 -23.53 -13.25
CA GLU F 24 10.20 -22.76 -13.58
C GLU F 24 9.82 -23.03 -15.03
N ASP F 25 8.56 -23.36 -15.26
CA ASP F 25 8.08 -23.70 -16.59
C ASP F 25 7.28 -22.57 -17.24
N ALA F 26 6.89 -21.55 -16.48
CA ALA F 26 6.28 -20.38 -17.10
C ALA F 26 7.29 -19.64 -17.97
N LEU F 27 8.48 -19.37 -17.43
CA LEU F 27 9.53 -18.76 -18.23
C LEU F 27 9.99 -19.66 -19.36
N LEU F 28 10.04 -20.98 -19.13
CA LEU F 28 10.40 -21.90 -20.20
C LEU F 28 9.37 -21.87 -21.32
N GLN F 29 8.08 -21.83 -20.97
CA GLN F 29 7.04 -21.75 -21.99
C GLN F 29 7.10 -20.42 -22.74
N GLN F 30 7.36 -19.33 -22.04
CA GLN F 30 7.49 -18.03 -22.72
C GLN F 30 8.69 -18.03 -23.65
N LEU F 31 9.81 -18.58 -23.20
CA LEU F 31 11.00 -18.66 -24.04
C LEU F 31 10.79 -19.54 -25.26
N ALA F 32 10.05 -20.64 -25.09
CA ALA F 32 9.71 -21.49 -26.23
C ALA F 32 8.76 -20.81 -27.19
N ASP F 33 7.79 -20.03 -26.68
CA ASP F 33 6.92 -19.25 -27.55
C ASP F 33 7.71 -18.23 -28.35
N SER F 34 8.67 -17.56 -27.71
CA SER F 34 9.53 -16.63 -28.42
C SER F 34 10.49 -17.32 -29.37
N MET F 35 10.86 -18.57 -29.11
CA MET F 35 11.75 -19.31 -30.00
C MET F 35 11.08 -19.66 -31.32
N LEU F 36 9.75 -19.71 -31.35
CA LEU F 36 9.02 -20.05 -32.57
C LEU F 36 8.21 -18.88 -33.12
N LYS F 37 8.26 -17.71 -32.47
CA LYS F 37 7.53 -16.56 -32.96
C LYS F 37 8.04 -16.14 -34.34
N GLU F 38 9.36 -16.14 -34.52
CA GLU F 38 9.93 -15.85 -35.83
C GLU F 38 9.82 -17.08 -36.72
N ASP F 39 9.59 -16.86 -38.00
CA ASP F 39 9.45 -17.97 -38.97
C ASP F 39 10.84 -18.28 -39.53
N CYS F 40 11.56 -19.15 -38.83
CA CYS F 40 12.90 -19.53 -39.24
C CYS F 40 12.84 -20.57 -40.35
N ALA F 41 14.00 -20.93 -40.87
CA ALA F 41 14.11 -21.92 -41.94
C ALA F 41 14.26 -23.34 -41.41
N SER F 42 14.20 -23.54 -40.10
CA SER F 42 14.37 -24.85 -39.48
C SER F 42 13.13 -25.22 -38.70
N GLU F 43 12.77 -26.50 -38.74
CA GLU F 43 11.62 -26.99 -37.99
C GLU F 43 12.02 -27.17 -36.53
N LEU F 44 11.80 -26.14 -35.73
CA LEU F 44 12.23 -26.12 -34.32
C LEU F 44 11.19 -26.84 -33.48
N LYS F 45 11.57 -28.02 -32.96
CA LYS F 45 10.72 -28.75 -32.02
C LYS F 45 11.28 -28.55 -30.63
N VAL F 46 10.88 -27.44 -30.00
CA VAL F 46 11.39 -27.08 -28.69
C VAL F 46 10.87 -28.06 -27.64
N HIS F 47 11.77 -28.54 -26.80
CA HIS F 47 11.41 -29.41 -25.68
C HIS F 47 11.62 -28.68 -24.36
N LEU F 48 10.63 -28.78 -23.48
CA LEU F 48 10.71 -28.24 -22.14
C LEU F 48 10.98 -29.35 -21.14
N ALA F 49 11.45 -28.96 -19.96
CA ALA F 49 11.78 -29.94 -18.92
C ALA F 49 11.91 -29.20 -17.59
N LYS F 50 12.06 -29.97 -16.53
CA LYS F 50 12.39 -29.45 -15.22
C LYS F 50 13.66 -30.06 -14.67
N SER F 51 13.87 -31.35 -14.87
CA SER F 51 15.08 -32.03 -14.47
C SER F 51 15.48 -32.97 -15.59
N LEU F 52 16.76 -32.89 -15.98
CA LEU F 52 17.27 -33.67 -17.15
C LEU F 52 17.08 -35.19 -17.02
N PRO F 53 16.95 -35.84 -15.83
CA PRO F 53 16.58 -37.24 -15.77
C PRO F 53 15.66 -37.49 -16.97
N LEU F 54 14.68 -36.60 -17.22
CA LEU F 54 13.80 -36.69 -18.43
C LEU F 54 13.22 -38.09 -18.54
N PRO F 55 12.04 -38.36 -17.97
CA PRO F 55 11.51 -39.74 -17.97
C PRO F 55 11.61 -40.46 -19.31
N SER F 56 12.04 -41.71 -19.27
CA SER F 56 12.49 -42.41 -20.47
C SER F 56 11.34 -42.71 -21.41
N SER F 57 11.12 -41.82 -22.38
CA SER F 57 10.10 -42.01 -23.40
C SER F 57 10.80 -42.12 -24.75
N VAL F 58 10.61 -43.26 -25.41
CA VAL F 58 11.19 -43.47 -26.74
C VAL F 58 10.55 -42.51 -27.74
N ASN F 59 11.12 -42.51 -28.95
CA ASN F 59 10.72 -41.67 -30.08
C ASN F 59 11.06 -40.20 -29.86
N ARG F 60 11.72 -39.88 -28.76
CA ARG F 60 12.17 -38.53 -28.51
C ARG F 60 13.24 -38.15 -29.53
N PRO F 61 13.15 -36.98 -30.17
CA PRO F 61 14.10 -36.64 -31.24
C PRO F 61 15.52 -36.45 -30.74
N ARG F 62 16.46 -36.36 -31.67
CA ARG F 62 17.87 -36.13 -31.35
C ARG F 62 18.02 -34.72 -30.82
N ILE F 63 18.13 -34.58 -29.49
CA ILE F 63 18.23 -33.27 -28.88
C ILE F 63 19.52 -32.61 -29.34
N ASP F 64 19.39 -31.55 -30.14
CA ASP F 64 20.53 -30.83 -30.69
C ASP F 64 21.03 -29.71 -29.79
N LEU F 65 20.32 -29.42 -28.71
CA LEU F 65 20.72 -28.36 -27.78
C LEU F 65 19.96 -28.52 -26.49
N ILE F 66 20.67 -28.33 -25.36
CA ILE F 66 20.05 -28.25 -24.05
C ILE F 66 20.46 -26.92 -23.45
N VAL F 67 19.48 -26.11 -23.07
CA VAL F 67 19.71 -24.80 -22.49
C VAL F 67 19.28 -24.86 -21.04
N PHE F 68 20.27 -24.96 -20.14
CA PHE F 68 20.00 -25.02 -18.70
C PHE F 68 19.63 -23.62 -18.24
N VAL F 69 18.33 -23.32 -18.29
CA VAL F 69 17.83 -22.04 -17.82
C VAL F 69 17.98 -22.00 -16.30
N VAL F 70 18.95 -21.24 -15.81
CA VAL F 70 19.25 -21.15 -14.39
C VAL F 70 18.68 -19.83 -13.88
N ASN F 71 17.53 -19.91 -13.21
CA ASN F 71 16.93 -18.72 -12.62
C ASN F 71 17.77 -18.25 -11.44
N LEU F 72 18.49 -17.15 -11.63
CA LEU F 72 19.35 -16.64 -10.56
C LEU F 72 18.56 -16.15 -9.35
N HIS F 73 17.27 -15.87 -9.51
CA HIS F 73 16.44 -15.51 -8.37
C HIS F 73 16.28 -16.66 -7.37
N SER F 74 16.28 -17.90 -7.84
CA SER F 74 15.97 -19.05 -7.01
C SER F 74 17.15 -20.00 -6.99
N LYS F 75 17.63 -20.33 -5.79
CA LYS F 75 18.69 -21.32 -5.66
C LYS F 75 18.23 -22.73 -6.03
N TYR F 76 16.92 -22.98 -6.03
CA TYR F 76 16.41 -24.26 -6.51
C TYR F 76 16.73 -24.47 -7.98
N SER F 77 16.54 -23.43 -8.80
CA SER F 77 16.84 -23.54 -10.22
C SER F 77 18.32 -23.81 -10.49
N LEU F 78 19.19 -23.52 -9.53
CA LEU F 78 20.60 -23.88 -9.67
C LEU F 78 20.84 -25.30 -9.16
N GLN F 79 20.46 -25.56 -7.91
CA GLN F 79 20.74 -26.87 -7.32
C GLN F 79 20.08 -27.99 -8.10
N ASN F 80 18.93 -27.75 -8.71
CA ASN F 80 18.34 -28.69 -9.65
C ASN F 80 19.11 -28.77 -10.95
N THR F 81 19.73 -27.67 -11.40
CA THR F 81 20.56 -27.71 -12.59
C THR F 81 21.80 -28.58 -12.39
N GLU F 82 22.53 -28.40 -11.29
CA GLU F 82 23.62 -29.32 -10.98
C GLU F 82 23.12 -30.73 -10.67
N GLU F 83 21.87 -30.88 -10.27
CA GLU F 83 21.24 -32.18 -10.14
C GLU F 83 20.74 -32.71 -11.46
N SER F 84 20.73 -31.87 -12.50
CA SER F 84 20.44 -32.29 -13.85
C SER F 84 21.68 -32.36 -14.73
N LEU F 85 22.78 -31.73 -14.31
CA LEU F 85 24.03 -31.82 -15.04
C LEU F 85 24.72 -33.18 -14.84
N ARG F 86 24.34 -33.91 -13.81
CA ARG F 86 24.84 -35.28 -13.59
C ARG F 86 24.01 -36.31 -14.35
N HIS F 87 23.34 -35.89 -15.41
CA HIS F 87 22.61 -36.79 -16.30
C HIS F 87 22.83 -36.37 -17.75
N VAL F 88 24.04 -35.89 -18.04
CA VAL F 88 24.41 -35.35 -19.34
C VAL F 88 25.67 -36.08 -19.81
N ASP F 89 25.86 -36.14 -21.12
CA ASP F 89 27.10 -36.69 -21.66
C ASP F 89 28.22 -35.68 -21.58
N ALA F 90 29.45 -36.19 -21.47
CA ALA F 90 30.63 -35.38 -21.73
C ALA F 90 30.75 -35.00 -23.20
N SER F 91 30.10 -35.74 -24.08
CA SER F 91 29.97 -35.37 -25.49
C SER F 91 28.81 -34.42 -25.75
N PHE F 92 27.98 -34.17 -24.74
CA PHE F 92 26.88 -33.24 -24.87
C PHE F 92 27.26 -31.82 -24.48
N PHE F 93 28.24 -31.65 -23.61
CA PHE F 93 28.66 -30.34 -23.15
C PHE F 93 29.61 -29.63 -24.11
N LEU F 94 30.00 -30.29 -25.20
CA LEU F 94 30.97 -29.68 -26.11
C LEU F 94 30.34 -28.51 -26.86
N GLY F 95 29.34 -28.79 -27.69
CA GLY F 95 28.66 -27.72 -28.38
C GLY F 95 27.21 -27.55 -28.00
N LYS F 96 26.53 -28.66 -27.74
CA LYS F 96 25.08 -28.65 -27.55
C LYS F 96 24.66 -28.48 -26.10
N VAL F 97 25.21 -27.48 -25.41
CA VAL F 97 24.81 -27.15 -24.05
C VAL F 97 24.99 -25.65 -23.86
N CYS F 98 23.92 -24.96 -23.51
CA CYS F 98 23.98 -23.56 -23.14
C CYS F 98 23.44 -23.37 -21.73
N PHE F 99 23.88 -22.29 -21.09
CA PHE F 99 23.46 -21.97 -19.72
C PHE F 99 22.76 -20.61 -19.74
N LEU F 100 21.44 -20.62 -19.90
CA LEU F 100 20.67 -19.41 -19.75
C LEU F 100 20.62 -19.02 -18.28
N ALA F 101 20.86 -17.73 -18.01
CA ALA F 101 20.79 -17.19 -16.64
C ALA F 101 19.73 -16.11 -16.63
N THR F 102 18.48 -16.51 -16.43
CA THR F 102 17.40 -15.55 -16.35
C THR F 102 17.34 -14.93 -14.97
N GLY F 103 16.62 -13.82 -14.87
CA GLY F 103 16.54 -13.06 -13.64
C GLY F 103 17.74 -12.18 -13.38
N ALA F 104 18.89 -12.47 -13.99
CA ALA F 104 20.06 -11.63 -13.78
C ALA F 104 19.84 -10.26 -14.40
N GLY F 105 20.64 -9.30 -13.95
CA GLY F 105 20.45 -7.91 -14.30
C GLY F 105 19.54 -7.15 -13.36
N ARG F 106 18.46 -7.77 -12.89
CA ARG F 106 17.68 -7.19 -11.81
C ARG F 106 18.54 -7.07 -10.55
N GLU F 107 19.29 -8.13 -10.23
CA GLU F 107 20.43 -8.08 -9.33
C GLU F 107 20.03 -7.84 -7.88
N SER F 108 18.75 -7.61 -7.62
CA SER F 108 18.25 -7.46 -6.27
C SER F 108 17.49 -8.68 -5.77
N HIS F 109 17.02 -9.53 -6.69
CA HIS F 109 16.33 -10.76 -6.35
C HIS F 109 17.23 -11.99 -6.46
N CYS F 110 18.50 -11.81 -6.81
CA CYS F 110 19.38 -12.92 -7.15
C CYS F 110 19.84 -13.62 -5.88
N SER F 111 19.18 -14.75 -5.56
CA SER F 111 19.69 -15.62 -4.51
C SER F 111 21.01 -16.26 -4.91
N ILE F 112 21.36 -16.21 -6.19
CA ILE F 112 22.62 -16.72 -6.70
C ILE F 112 23.46 -15.56 -7.20
N HIS F 113 24.70 -15.48 -6.73
CA HIS F 113 25.65 -14.56 -7.32
C HIS F 113 25.95 -14.98 -8.75
N ARG F 114 26.03 -14.00 -9.65
CA ARG F 114 26.26 -14.30 -11.05
C ARG F 114 27.65 -14.87 -11.31
N HIS F 115 28.56 -14.81 -10.34
CA HIS F 115 29.81 -15.56 -10.46
C HIS F 115 29.59 -17.06 -10.31
N THR F 116 28.67 -17.47 -9.42
CA THR F 116 28.46 -18.89 -9.21
C THR F 116 27.93 -19.56 -10.48
N VAL F 117 27.02 -18.89 -11.19
CA VAL F 117 26.54 -19.44 -12.45
C VAL F 117 27.60 -19.41 -13.54
N VAL F 118 28.45 -18.36 -13.59
CA VAL F 118 29.54 -18.36 -14.56
C VAL F 118 30.59 -19.40 -14.22
N LYS F 119 30.87 -19.64 -12.93
CA LYS F 119 31.74 -20.74 -12.55
C LYS F 119 31.14 -22.08 -12.93
N LEU F 120 29.82 -22.24 -12.77
CA LEU F 120 29.15 -23.47 -13.15
C LEU F 120 29.25 -23.71 -14.65
N ALA F 121 29.05 -22.66 -15.46
CA ALA F 121 29.08 -22.78 -16.91
C ALA F 121 30.50 -22.81 -17.47
N HIS F 122 31.49 -22.44 -16.68
CA HIS F 122 32.87 -22.49 -17.12
C HIS F 122 33.53 -23.79 -16.70
N THR F 123 33.06 -24.39 -15.61
CA THR F 123 33.56 -25.69 -15.18
C THR F 123 32.96 -26.84 -15.99
N TYR F 124 31.91 -26.57 -16.76
CA TYR F 124 31.41 -27.53 -17.74
C TYR F 124 31.76 -27.14 -19.17
N GLN F 125 32.53 -26.06 -19.35
CA GLN F 125 33.03 -25.64 -20.66
C GLN F 125 31.91 -25.57 -21.69
N SER F 126 30.94 -24.71 -21.40
CA SER F 126 29.80 -24.52 -22.29
C SER F 126 29.38 -23.06 -22.25
N PRO F 127 28.79 -22.54 -23.33
CA PRO F 127 28.38 -21.14 -23.34
C PRO F 127 27.39 -20.81 -22.24
N LEU F 128 27.54 -19.60 -21.70
CA LEU F 128 26.62 -19.07 -20.70
C LEU F 128 26.03 -17.79 -21.27
N LEU F 129 24.76 -17.84 -21.66
CA LEU F 129 24.10 -16.73 -22.33
C LEU F 129 23.16 -16.06 -21.33
N TYR F 130 23.45 -14.82 -20.99
CA TYR F 130 22.66 -14.10 -20.00
C TYR F 130 21.43 -13.49 -20.67
N CYS F 131 20.31 -13.46 -19.94
CA CYS F 131 19.11 -12.80 -20.41
C CYS F 131 18.17 -12.59 -19.23
N ASP F 132 16.96 -12.14 -19.52
CA ASP F 132 15.94 -11.89 -18.49
C ASP F 132 14.60 -12.33 -19.06
N LEU F 133 14.21 -13.57 -18.76
CA LEU F 133 13.07 -14.20 -19.42
C LEU F 133 11.72 -13.61 -19.03
N GLU F 134 11.64 -12.83 -17.96
CA GLU F 134 10.35 -12.28 -17.56
C GLU F 134 9.86 -11.17 -18.49
N VAL F 135 10.74 -10.56 -19.27
CA VAL F 135 10.38 -9.48 -20.17
C VAL F 135 10.49 -9.98 -21.61
N GLU F 136 9.44 -9.74 -22.39
CA GLU F 136 9.43 -10.15 -23.79
C GLU F 136 10.52 -9.47 -24.60
N GLY F 137 10.77 -8.18 -24.35
CA GLY F 137 11.79 -7.45 -25.09
C GLY F 137 13.18 -8.03 -24.98
N PHE F 138 13.45 -8.77 -23.91
CA PHE F 138 14.71 -9.49 -23.78
C PHE F 138 14.58 -10.98 -24.08
N ARG F 139 13.37 -11.47 -24.37
CA ARG F 139 13.22 -12.86 -24.79
C ARG F 139 13.37 -13.00 -26.29
N ALA F 140 12.62 -12.20 -27.06
CA ALA F 140 12.62 -12.28 -28.51
C ALA F 140 13.98 -12.01 -29.12
N THR F 141 14.84 -11.26 -28.45
CA THR F 141 16.21 -11.07 -28.90
C THR F 141 17.16 -12.12 -28.36
N MET F 142 16.82 -12.80 -27.27
CA MET F 142 17.59 -13.92 -26.77
C MET F 142 17.10 -15.26 -27.33
N ALA F 143 15.79 -15.40 -27.56
CA ALA F 143 15.29 -16.60 -28.20
C ALA F 143 15.84 -16.77 -29.61
N GLN F 144 16.00 -15.67 -30.35
CA GLN F 144 16.65 -15.72 -31.65
C GLN F 144 18.14 -15.99 -31.53
N ARG F 145 18.72 -15.84 -30.35
CA ARG F 145 20.08 -16.29 -30.10
C ARG F 145 20.14 -17.79 -29.84
N LEU F 146 19.12 -18.34 -29.19
CA LEU F 146 19.07 -19.78 -28.96
C LEU F 146 18.72 -20.57 -30.22
N VAL F 147 18.14 -19.92 -31.23
CA VAL F 147 17.90 -20.57 -32.52
C VAL F 147 19.15 -20.55 -33.40
N ARG F 148 19.85 -19.42 -33.47
CA ARG F 148 21.10 -19.36 -34.22
C ARG F 148 22.20 -20.21 -33.60
N VAL F 149 22.15 -20.42 -32.28
CA VAL F 149 22.96 -21.46 -31.68
C VAL F 149 22.45 -22.83 -32.07
N LEU F 150 21.14 -23.00 -32.10
CA LEU F 150 20.55 -24.31 -32.39
C LEU F 150 20.85 -24.75 -33.83
N GLN F 151 20.78 -23.82 -34.79
CA GLN F 151 21.18 -24.15 -36.16
C GLN F 151 22.66 -24.46 -36.27
N ILE F 152 23.48 -24.01 -35.32
CA ILE F 152 24.89 -24.33 -35.33
C ILE F 152 25.12 -25.76 -34.83
N CYS F 153 24.55 -26.09 -33.68
CA CYS F 153 24.71 -27.43 -33.10
C CYS F 153 23.99 -28.50 -33.91
N ALA F 154 22.80 -28.19 -34.43
CA ALA F 154 22.09 -29.16 -35.26
C ALA F 154 22.73 -29.35 -36.62
N GLY F 155 23.71 -28.52 -36.97
CA GLY F 155 24.38 -28.63 -38.25
C GLY F 155 23.68 -27.97 -39.41
N HIS F 156 22.72 -27.08 -39.16
CA HIS F 156 21.97 -26.44 -40.24
C HIS F 156 22.78 -25.40 -40.98
N VAL F 157 23.67 -24.68 -40.30
CA VAL F 157 24.66 -23.86 -41.00
C VAL F 157 25.76 -24.81 -41.47
N PRO F 158 25.98 -24.94 -42.77
CA PRO F 158 26.90 -25.99 -43.23
C PRO F 158 28.36 -25.55 -43.21
N GLY F 159 28.76 -24.85 -42.15
CA GLY F 159 30.16 -24.57 -41.95
C GLY F 159 30.64 -24.72 -40.53
N VAL F 160 29.71 -24.76 -39.58
CA VAL F 160 30.03 -24.66 -38.15
C VAL F 160 29.41 -25.84 -37.43
N SER F 161 30.25 -26.61 -36.74
CA SER F 161 29.78 -27.73 -35.94
C SER F 161 29.37 -27.27 -34.54
N ALA F 162 28.74 -28.18 -33.80
CA ALA F 162 28.55 -27.93 -32.37
C ALA F 162 29.88 -27.78 -31.67
N LEU F 163 30.85 -28.65 -32.00
CA LEU F 163 32.19 -28.51 -31.47
C LEU F 163 32.81 -27.16 -31.82
N ASN F 164 32.57 -26.66 -33.03
CA ASN F 164 33.11 -25.36 -33.39
C ASN F 164 32.48 -24.23 -32.58
N LEU F 165 31.30 -24.46 -32.02
CA LEU F 165 30.56 -23.38 -31.36
C LEU F 165 31.26 -22.90 -30.10
N LEU F 166 31.62 -23.81 -29.18
CA LEU F 166 32.21 -23.36 -27.93
C LEU F 166 33.61 -22.80 -28.12
N SER F 167 34.30 -23.20 -29.19
CA SER F 167 35.54 -22.56 -29.57
C SER F 167 35.33 -21.11 -30.01
N LEU F 168 34.10 -20.77 -30.41
CA LEU F 168 33.72 -19.39 -30.69
C LEU F 168 33.13 -18.68 -29.48
N LEU F 169 32.54 -19.41 -28.55
CA LEU F 169 31.91 -18.85 -27.37
C LEU F 169 32.71 -19.16 -26.11
N ARG F 170 34.04 -19.11 -26.22
CA ARG F 170 34.91 -19.36 -25.08
C ARG F 170 35.51 -18.06 -24.55
N MET G 1 -24.90 14.69 20.65
CA MET G 1 -24.99 15.87 21.50
C MET G 1 -24.62 15.53 22.95
N ASP G 2 -23.39 15.07 23.15
CA ASP G 2 -22.92 14.68 24.47
C ASP G 2 -21.39 14.61 24.42
N GLU G 3 -20.79 14.20 25.55
CA GLU G 3 -19.36 14.08 25.66
C GLU G 3 -18.92 12.68 25.23
N THR G 4 -17.92 12.62 24.35
CA THR G 4 -17.44 11.36 23.76
C THR G 4 -18.57 10.65 23.02
N VAL G 5 -19.57 11.40 22.58
CA VAL G 5 -20.65 10.90 21.74
C VAL G 5 -20.72 11.63 20.42
N ALA G 6 -20.84 12.96 20.46
CA ALA G 6 -20.72 13.76 19.24
C ALA G 6 -19.31 13.66 18.67
N GLU G 7 -18.29 13.75 19.53
CA GLU G 7 -16.91 13.60 19.07
C GLU G 7 -16.65 12.20 18.52
N PHE G 8 -17.22 11.17 19.16
CA PHE G 8 -17.04 9.81 18.64
C PHE G 8 -17.71 9.66 17.29
N ILE G 9 -18.91 10.25 17.12
CA ILE G 9 -19.57 10.21 15.81
C ILE G 9 -18.73 10.92 14.77
N LYS G 10 -18.18 12.08 15.11
CA LYS G 10 -17.32 12.80 14.18
C LYS G 10 -16.09 11.97 13.81
N ARG G 11 -15.49 11.30 14.80
CA ARG G 11 -14.30 10.49 14.55
C ARG G 11 -14.59 9.24 13.72
N THR G 12 -15.81 8.70 13.79
CA THR G 12 -16.15 7.54 12.98
C THR G 12 -16.77 7.91 11.64
N ILE G 13 -17.10 9.19 11.41
CA ILE G 13 -17.67 9.55 10.12
C ILE G 13 -16.58 9.73 9.06
N LEU G 14 -15.50 10.45 9.35
CA LEU G 14 -14.49 10.68 8.33
C LEU G 14 -13.71 9.42 7.99
N LYS G 15 -13.80 8.38 8.83
CA LYS G 15 -13.12 7.13 8.54
C LYS G 15 -13.65 6.51 7.24
N ILE G 16 -14.95 6.57 7.01
CA ILE G 16 -15.57 5.99 5.83
C ILE G 16 -15.16 6.81 4.61
N PRO G 17 -15.00 6.19 3.45
CA PRO G 17 -14.60 6.94 2.24
C PRO G 17 -15.78 7.74 1.69
N MET G 18 -15.47 8.59 0.71
CA MET G 18 -16.45 9.52 0.16
C MET G 18 -17.61 8.81 -0.51
N ASN G 19 -17.37 7.65 -1.13
CA ASN G 19 -18.43 6.96 -1.87
C ASN G 19 -19.55 6.50 -0.95
N GLU G 20 -19.21 5.85 0.17
CA GLU G 20 -20.23 5.25 1.04
C GLU G 20 -20.61 6.13 2.23
N LEU G 21 -21.04 7.36 1.95
CA LEU G 21 -21.73 8.13 2.98
C LEU G 21 -23.20 7.74 3.08
N THR G 22 -23.91 7.77 1.94
CA THR G 22 -25.33 7.47 1.95
C THR G 22 -25.59 6.03 2.40
N THR G 23 -24.80 5.08 1.90
CA THR G 23 -25.04 3.68 2.21
C THR G 23 -24.95 3.42 3.72
N ILE G 24 -23.97 4.02 4.38
CA ILE G 24 -23.82 3.82 5.81
C ILE G 24 -24.84 4.62 6.60
N LEU G 25 -25.10 5.87 6.19
CA LEU G 25 -25.97 6.74 6.96
C LEU G 25 -27.45 6.38 6.84
N LYS G 26 -27.86 5.70 5.77
CA LYS G 26 -29.24 5.23 5.69
C LYS G 26 -29.51 4.13 6.70
N ALA G 27 -28.46 3.38 7.09
CA ALA G 27 -28.63 2.20 7.93
C ALA G 27 -28.97 2.54 9.37
N TRP G 28 -28.33 3.54 9.97
CA TRP G 28 -28.49 3.81 11.40
C TRP G 28 -29.69 4.70 11.71
N ASP G 29 -30.39 5.18 10.69
CA ASP G 29 -31.75 5.71 10.78
C ASP G 29 -31.88 6.98 11.62
N PHE G 30 -30.78 7.55 12.12
CA PHE G 30 -30.89 8.88 12.72
C PHE G 30 -31.30 9.92 11.69
N LEU G 31 -30.74 9.83 10.49
CA LEU G 31 -31.13 10.72 9.41
C LEU G 31 -32.30 10.10 8.67
N SER G 32 -33.50 10.58 8.94
CA SER G 32 -34.64 10.21 8.12
C SER G 32 -34.51 10.85 6.74
N GLU G 33 -35.36 10.41 5.80
CA GLU G 33 -35.21 10.82 4.41
C GLU G 33 -35.22 12.34 4.26
N ASN G 34 -35.92 13.05 5.13
CA ASN G 34 -35.92 14.51 5.08
C ASN G 34 -34.54 15.08 5.40
N GLN G 35 -33.83 14.49 6.36
CA GLN G 35 -32.54 15.03 6.79
C GLN G 35 -31.44 14.83 5.77
N LEU G 36 -31.55 13.82 4.90
CA LEU G 36 -30.50 13.55 3.93
C LEU G 36 -30.35 14.67 2.90
N GLN G 37 -31.43 15.36 2.55
CA GLN G 37 -31.33 16.45 1.59
C GLN G 37 -30.69 17.70 2.15
N THR G 38 -30.72 17.88 3.47
CA THR G 38 -30.11 19.07 4.06
C THR G 38 -28.60 19.08 3.89
N VAL G 39 -27.94 17.96 4.13
CA VAL G 39 -26.50 17.88 3.94
C VAL G 39 -26.20 17.57 2.48
N ASN G 40 -25.36 18.39 1.87
CA ASN G 40 -24.87 18.12 0.52
C ASN G 40 -23.61 17.29 0.67
N PHE G 41 -23.68 16.05 0.17
CA PHE G 41 -22.63 15.07 0.41
C PHE G 41 -21.42 15.22 -0.52
N ARG G 42 -21.52 15.99 -1.59
CA ARG G 42 -20.54 15.93 -2.68
C ARG G 42 -19.49 17.05 -2.67
N GLN G 43 -19.53 17.97 -1.70
CA GLN G 43 -18.60 19.10 -1.74
C GLN G 43 -17.23 18.77 -1.15
N ARG G 44 -17.18 18.44 0.13
CA ARG G 44 -15.93 18.30 0.87
C ARG G 44 -16.12 17.32 2.01
N LYS G 45 -15.02 16.96 2.66
CA LYS G 45 -15.07 16.04 3.79
C LYS G 45 -15.44 16.77 5.08
N GLU G 46 -14.72 17.86 5.40
CA GLU G 46 -14.96 18.54 6.66
C GLU G 46 -16.31 19.25 6.68
N SER G 47 -16.88 19.57 5.52
CA SER G 47 -18.23 20.14 5.50
C SER G 47 -19.27 19.08 5.86
N VAL G 48 -19.14 17.89 5.29
CA VAL G 48 -20.13 16.84 5.58
C VAL G 48 -19.97 16.35 7.02
N VAL G 49 -18.73 16.20 7.52
CA VAL G 49 -18.57 15.75 8.89
C VAL G 49 -19.01 16.81 9.91
N GLN G 50 -19.21 18.05 9.48
CA GLN G 50 -19.72 19.09 10.36
C GLN G 50 -21.22 19.25 10.28
N HIS G 51 -21.82 19.14 9.10
CA HIS G 51 -23.26 19.22 9.00
C HIS G 51 -23.95 17.93 9.45
N LEU G 52 -23.32 16.77 9.20
CA LEU G 52 -23.86 15.51 9.69
C LEU G 52 -23.86 15.45 11.21
N ILE G 53 -22.78 15.91 11.85
CA ILE G 53 -22.75 15.92 13.30
C ILE G 53 -23.78 16.91 13.84
N HIS G 54 -24.05 18.00 13.11
CA HIS G 54 -25.11 18.90 13.51
C HIS G 54 -26.49 18.24 13.43
N LEU G 55 -26.71 17.40 12.41
CA LEU G 55 -27.99 16.72 12.29
C LEU G 55 -28.27 15.79 13.47
N CYS G 56 -27.25 15.31 14.16
CA CYS G 56 -27.47 14.56 15.40
C CYS G 56 -27.35 15.43 16.64
N GLU G 57 -26.75 16.61 16.53
CA GLU G 57 -26.89 17.62 17.57
C GLU G 57 -28.35 18.00 17.76
N GLU G 58 -29.07 18.21 16.66
CA GLU G 58 -30.51 18.45 16.75
C GLU G 58 -31.28 17.18 17.06
N LYS G 59 -30.74 16.01 16.72
CA LYS G 59 -31.37 14.73 17.03
C LYS G 59 -31.02 14.23 18.43
N ARG G 60 -30.13 14.91 19.15
CA ARG G 60 -29.70 14.53 20.49
C ARG G 60 -29.15 13.09 20.49
N ALA G 61 -28.03 12.95 19.78
CA ALA G 61 -27.41 11.65 19.60
C ALA G 61 -26.94 11.07 20.93
N SER G 62 -27.03 9.75 21.03
CA SER G 62 -26.60 9.02 22.22
C SER G 62 -25.60 7.94 21.82
N ILE G 63 -24.83 7.49 22.81
CA ILE G 63 -23.81 6.47 22.56
C ILE G 63 -24.43 5.16 22.07
N SER G 64 -25.71 4.92 22.38
CA SER G 64 -26.33 3.63 22.05
C SER G 64 -26.34 3.40 20.54
N ASP G 65 -26.65 4.44 19.76
CA ASP G 65 -26.57 4.35 18.31
C ASP G 65 -25.31 4.99 17.74
N ALA G 66 -24.59 5.78 18.53
CA ALA G 66 -23.25 6.20 18.11
C ALA G 66 -22.35 4.99 17.91
N ALA G 67 -22.45 4.00 18.81
CA ALA G 67 -21.76 2.73 18.59
C ALA G 67 -22.36 1.97 17.41
N LEU G 68 -23.66 2.09 17.19
CA LEU G 68 -24.30 1.43 16.06
C LEU G 68 -23.77 1.93 14.73
N LEU G 69 -23.51 3.24 14.62
CA LEU G 69 -22.87 3.78 13.42
C LEU G 69 -21.52 3.14 13.18
N ASP G 70 -20.72 2.98 14.23
CA ASP G 70 -19.46 2.24 14.10
C ASP G 70 -19.71 0.80 13.67
N ILE G 71 -20.83 0.21 14.11
CA ILE G 71 -21.14 -1.15 13.70
C ILE G 71 -21.37 -1.22 12.19
N ILE G 72 -22.20 -0.32 11.64
CA ILE G 72 -22.40 -0.39 10.19
C ILE G 72 -21.13 0.01 9.44
N TYR G 73 -20.30 0.87 10.03
CA TYR G 73 -19.01 1.16 9.42
C TYR G 73 -18.17 -0.10 9.32
N MET G 74 -18.14 -0.89 10.40
CA MET G 74 -17.38 -2.13 10.41
C MET G 74 -17.96 -3.20 9.49
N GLN G 75 -19.29 -3.24 9.31
CA GLN G 75 -19.87 -4.21 8.41
C GLN G 75 -19.45 -4.01 6.96
N PHE G 76 -19.12 -2.78 6.58
CA PHE G 76 -18.54 -2.50 5.27
C PHE G 76 -17.02 -2.41 5.31
N HIS G 77 -16.42 -2.56 6.49
CA HIS G 77 -14.97 -2.56 6.65
C HIS G 77 -14.53 -3.67 7.58
N GLN G 78 -15.20 -4.82 7.48
CA GLN G 78 -14.86 -6.00 8.27
C GLN G 78 -13.52 -6.61 7.88
N HIS G 79 -12.94 -6.18 6.77
CA HIS G 79 -11.64 -6.68 6.31
C HIS G 79 -10.48 -5.93 6.96
N GLN G 80 -10.70 -5.33 8.12
CA GLN G 80 -9.67 -4.79 8.98
C GLN G 80 -9.94 -5.27 10.41
N LYS G 81 -8.97 -5.06 11.30
CA LYS G 81 -9.08 -5.49 12.69
C LYS G 81 -9.33 -7.00 12.77
N VAL G 82 -8.28 -7.75 12.40
CA VAL G 82 -8.30 -9.20 12.20
C VAL G 82 -9.10 -9.92 13.27
N TRP G 83 -9.98 -10.82 12.83
CA TRP G 83 -11.05 -11.36 13.66
C TRP G 83 -10.56 -12.65 14.31
N ASP G 84 -10.88 -12.82 15.59
CA ASP G 84 -10.76 -14.13 16.22
C ASP G 84 -12.04 -14.89 15.91
N VAL G 85 -11.99 -16.21 16.11
CA VAL G 85 -13.17 -17.05 15.99
C VAL G 85 -13.29 -17.88 17.26
N PHE G 86 -14.36 -17.67 18.01
CA PHE G 86 -14.67 -18.48 19.18
C PHE G 86 -15.64 -19.58 18.78
N GLN G 87 -15.55 -20.71 19.47
CA GLN G 87 -16.41 -21.86 19.21
C GLN G 87 -17.06 -22.30 20.50
N MET G 88 -18.37 -22.17 20.59
CA MET G 88 -19.12 -22.63 21.75
C MET G 88 -19.38 -24.13 21.63
N SER G 89 -19.72 -24.74 22.76
CA SER G 89 -20.01 -26.17 22.80
C SER G 89 -20.90 -26.47 23.98
N LYS G 90 -22.16 -26.80 23.71
CA LYS G 90 -23.04 -27.31 24.75
C LYS G 90 -22.66 -28.74 25.10
N GLY G 91 -23.13 -29.20 26.26
CA GLY G 91 -22.93 -30.57 26.67
C GLY G 91 -23.92 -31.49 25.98
N PRO G 92 -24.33 -32.54 26.68
CA PRO G 92 -25.35 -33.45 26.11
C PRO G 92 -26.76 -32.98 26.45
N GLY G 93 -27.59 -32.82 25.43
CA GLY G 93 -28.95 -32.38 25.64
C GLY G 93 -29.52 -31.74 24.39
N GLU G 94 -30.70 -31.18 24.55
CA GLU G 94 -31.41 -30.53 23.45
C GLU G 94 -30.79 -29.18 23.13
N ASP G 95 -31.21 -28.61 22.00
CA ASP G 95 -30.68 -27.34 21.53
C ASP G 95 -31.25 -26.18 22.34
N VAL G 96 -30.83 -24.96 21.98
CA VAL G 96 -31.31 -23.75 22.62
C VAL G 96 -32.64 -23.38 21.98
N ASP G 97 -33.74 -23.86 22.57
CA ASP G 97 -35.06 -23.60 22.02
C ASP G 97 -35.51 -22.16 22.20
N LEU G 98 -34.82 -21.37 23.02
CA LEU G 98 -35.20 -19.98 23.26
C LEU G 98 -33.96 -19.08 23.18
N PHE G 99 -33.52 -18.82 21.95
CA PHE G 99 -32.52 -17.78 21.68
C PHE G 99 -33.23 -16.52 21.22
N ASP G 100 -33.96 -15.91 22.14
CA ASP G 100 -34.61 -14.64 21.84
C ASP G 100 -33.55 -13.57 21.60
N MET G 101 -33.75 -12.77 20.55
CA MET G 101 -32.90 -11.60 20.37
C MET G 101 -32.99 -10.65 21.55
N LYS G 102 -34.21 -10.46 22.08
CA LYS G 102 -34.37 -9.65 23.28
C LYS G 102 -33.65 -10.28 24.45
N GLN G 103 -33.83 -11.58 24.67
CA GLN G 103 -33.19 -12.29 25.78
C GLN G 103 -31.69 -12.37 25.60
N PHE G 104 -31.18 -12.53 24.39
CA PHE G 104 -29.75 -12.53 24.15
C PHE G 104 -29.13 -11.15 24.36
N LYS G 105 -29.75 -10.10 23.82
CA LYS G 105 -29.28 -8.75 24.10
C LYS G 105 -29.35 -8.41 25.58
N ASN G 106 -30.28 -9.03 26.31
CA ASN G 106 -30.34 -8.84 27.75
C ASN G 106 -29.31 -9.69 28.47
N SER G 107 -29.20 -10.96 28.09
CA SER G 107 -28.30 -11.88 28.78
C SER G 107 -26.84 -11.64 28.45
N PHE G 108 -26.53 -10.86 27.42
CA PHE G 108 -25.14 -10.47 27.18
C PHE G 108 -24.80 -9.19 27.93
N LYS G 109 -25.69 -8.20 27.86
CA LYS G 109 -25.46 -6.94 28.55
C LYS G 109 -25.42 -7.14 30.06
N LYS G 110 -26.31 -7.99 30.59
CA LYS G 110 -26.33 -8.22 32.04
C LYS G 110 -25.02 -8.82 32.53
N ILE G 111 -24.56 -9.90 31.90
CA ILE G 111 -23.31 -10.52 32.31
C ILE G 111 -22.10 -9.64 32.04
N LEU G 112 -22.13 -8.80 30.99
CA LEU G 112 -20.99 -7.95 30.69
C LEU G 112 -20.90 -6.75 31.61
N GLN G 113 -22.04 -6.19 32.05
CA GLN G 113 -22.06 -5.09 32.99
C GLN G 113 -22.06 -5.57 34.44
N ARG G 114 -22.21 -6.88 34.66
CA ARG G 114 -22.03 -7.45 36.00
C ARG G 114 -20.61 -7.28 36.51
N ALA G 115 -19.62 -7.50 35.65
CA ALA G 115 -18.22 -7.30 36.01
C ALA G 115 -17.62 -6.06 35.34
N LEU G 116 -17.78 -5.92 34.02
CA LEU G 116 -17.36 -4.71 33.32
C LEU G 116 -18.53 -3.73 33.29
N LYS G 117 -18.76 -3.11 34.45
CA LYS G 117 -19.96 -2.31 34.68
C LYS G 117 -20.02 -1.07 33.79
N ASN G 118 -18.90 -0.60 33.26
CA ASN G 118 -18.88 0.58 32.40
C ASN G 118 -18.51 0.14 30.98
N VAL G 119 -19.53 -0.30 30.23
CA VAL G 119 -19.39 -0.64 28.83
C VAL G 119 -20.64 -0.19 28.09
N THR G 120 -20.48 0.08 26.80
CA THR G 120 -21.59 0.43 25.93
C THR G 120 -21.75 -0.71 24.91
N VAL G 121 -22.51 -1.72 25.30
CA VAL G 121 -22.78 -2.85 24.43
C VAL G 121 -23.93 -2.49 23.51
N SER G 122 -23.72 -2.65 22.20
CA SER G 122 -24.71 -2.26 21.20
C SER G 122 -24.81 -3.37 20.17
N PHE G 123 -25.95 -4.07 20.16
CA PHE G 123 -26.20 -5.12 19.20
C PHE G 123 -26.88 -4.54 17.96
N ARG G 124 -26.63 -5.17 16.82
CA ARG G 124 -27.34 -4.85 15.58
C ARG G 124 -27.56 -6.16 14.83
N GLU G 125 -28.75 -6.73 14.98
CA GLU G 125 -29.07 -8.02 14.38
C GLU G 125 -29.09 -7.88 12.86
N THR G 126 -28.13 -8.50 12.19
CA THR G 126 -27.99 -8.37 10.75
C THR G 126 -28.96 -9.31 10.03
N GLU G 127 -29.21 -9.02 8.76
CA GLU G 127 -30.17 -9.76 7.95
C GLU G 127 -29.69 -11.15 7.58
N GLU G 128 -28.41 -11.46 7.75
CA GLU G 128 -27.89 -12.79 7.50
C GLU G 128 -27.94 -13.67 8.75
N ASN G 129 -28.73 -13.27 9.75
CA ASN G 129 -28.85 -13.99 11.02
C ASN G 129 -27.48 -14.12 11.69
N ALA G 130 -26.88 -12.97 11.98
CA ALA G 130 -25.58 -12.91 12.63
C ALA G 130 -25.56 -11.66 13.49
N VAL G 131 -25.77 -11.84 14.80
CA VAL G 131 -25.84 -10.70 15.72
C VAL G 131 -24.48 -10.04 15.77
N TRP G 132 -24.43 -8.76 15.36
CA TRP G 132 -23.17 -8.02 15.25
C TRP G 132 -22.97 -7.15 16.49
N ILE G 133 -22.45 -7.79 17.54
CA ILE G 133 -22.20 -7.07 18.78
C ILE G 133 -20.97 -6.17 18.63
N ARG G 134 -21.00 -5.03 19.32
CA ARG G 134 -19.84 -4.17 19.46
C ARG G 134 -19.75 -3.75 20.92
N ILE G 135 -18.61 -4.01 21.55
CA ILE G 135 -18.42 -3.72 22.96
C ILE G 135 -17.30 -2.69 23.10
N ALA G 136 -17.62 -1.54 23.67
CA ALA G 136 -16.64 -0.54 24.03
C ALA G 136 -16.20 -0.81 25.47
N TRP G 137 -14.98 -1.29 25.63
CA TRP G 137 -14.50 -1.77 26.91
C TRP G 137 -14.05 -0.62 27.81
N GLY G 138 -13.90 -0.95 29.09
CA GLY G 138 -13.34 -0.05 30.07
C GLY G 138 -13.76 -0.49 31.45
N THR G 139 -12.81 -0.51 32.39
CA THR G 139 -13.09 -1.02 33.74
C THR G 139 -14.04 -0.06 34.45
N GLN G 140 -14.45 -0.43 35.66
CA GLN G 140 -15.34 0.44 36.42
C GLN G 140 -14.69 1.76 36.80
N TYR G 141 -13.36 1.80 36.87
CA TYR G 141 -12.67 3.02 37.23
C TYR G 141 -12.70 4.05 36.10
N THR G 142 -12.87 3.60 34.87
CA THR G 142 -12.83 4.48 33.70
C THR G 142 -14.14 4.40 32.93
N LYS G 143 -14.34 5.41 32.07
CA LYS G 143 -15.49 5.40 31.18
C LYS G 143 -15.28 4.38 30.07
N PRO G 144 -16.37 3.91 29.45
CA PRO G 144 -16.22 2.97 28.33
C PRO G 144 -15.38 3.58 27.21
N ASN G 145 -14.36 2.83 26.77
CA ASN G 145 -13.40 3.30 25.79
C ASN G 145 -13.92 2.96 24.40
N GLN G 146 -14.50 3.95 23.73
CA GLN G 146 -14.99 3.77 22.37
C GLN G 146 -13.90 3.98 21.32
N TYR G 147 -12.68 4.35 21.73
CA TYR G 147 -11.60 4.51 20.77
C TYR G 147 -11.26 3.19 20.08
N LYS G 148 -11.17 2.11 20.84
CA LYS G 148 -10.87 0.78 20.30
C LYS G 148 -11.87 -0.22 20.85
N PRO G 149 -13.03 -0.36 20.21
CA PRO G 149 -13.99 -1.36 20.67
C PRO G 149 -13.65 -2.76 20.17
N THR G 150 -14.39 -3.76 20.65
CA THR G 150 -14.17 -5.16 20.26
C THR G 150 -15.47 -5.69 19.67
N TYR G 151 -15.63 -5.53 18.36
CA TYR G 151 -16.81 -6.04 17.68
C TYR G 151 -16.86 -7.55 17.76
N VAL G 152 -18.04 -8.10 18.04
CA VAL G 152 -18.25 -9.53 18.14
C VAL G 152 -19.40 -9.89 17.19
N VAL G 153 -19.11 -10.69 16.19
CA VAL G 153 -20.16 -11.16 15.29
C VAL G 153 -20.59 -12.55 15.71
N TYR G 154 -21.54 -12.62 16.64
CA TYR G 154 -22.09 -13.90 17.06
C TYR G 154 -23.18 -14.32 16.09
N TYR G 155 -22.90 -15.34 15.27
CA TYR G 155 -23.93 -15.88 14.40
C TYR G 155 -24.99 -16.54 15.27
N SER G 156 -26.26 -16.20 15.00
CA SER G 156 -27.29 -16.20 16.04
C SER G 156 -27.44 -17.53 16.77
N GLN G 157 -27.62 -18.63 16.03
CA GLN G 157 -27.78 -19.92 16.69
C GLN G 157 -26.53 -20.78 16.55
N THR G 158 -25.51 -20.29 15.87
CA THR G 158 -24.29 -21.05 15.64
C THR G 158 -23.45 -21.08 16.91
N PRO G 159 -22.68 -22.15 17.13
CA PRO G 159 -21.71 -22.13 18.24
C PRO G 159 -20.60 -21.11 18.04
N TYR G 160 -20.40 -20.63 16.82
CA TYR G 160 -19.23 -19.83 16.50
C TYR G 160 -19.57 -18.34 16.54
N ALA G 161 -18.69 -17.56 17.17
CA ALA G 161 -18.89 -16.12 17.33
C ALA G 161 -17.56 -15.42 17.07
N PHE G 162 -17.42 -14.85 15.87
CA PHE G 162 -16.20 -14.15 15.51
C PHE G 162 -16.03 -12.90 16.38
N THR G 163 -14.77 -12.60 16.69
CA THR G 163 -14.44 -11.51 17.60
C THR G 163 -13.27 -10.74 17.05
N SER G 164 -13.39 -9.41 17.01
CA SER G 164 -12.30 -8.56 16.52
C SER G 164 -11.16 -8.58 17.51
N SER G 165 -10.02 -9.13 17.11
CA SER G 165 -8.86 -9.22 17.98
C SER G 165 -8.19 -7.86 18.13
N SER G 166 -8.79 -6.98 18.94
CA SER G 166 -8.31 -5.62 19.02
C SER G 166 -7.15 -5.47 20.01
N MET G 167 -7.33 -5.89 21.27
CA MET G 167 -6.27 -5.78 22.26
C MET G 167 -6.00 -7.10 22.96
N LEU G 168 -7.00 -7.97 23.04
CA LEU G 168 -6.90 -9.23 23.79
C LEU G 168 -6.54 -8.98 25.25
N ARG G 169 -7.36 -8.17 25.91
CA ARG G 169 -7.12 -7.78 27.29
C ARG G 169 -7.58 -8.88 28.24
N ARG G 170 -7.67 -8.55 29.53
CA ARG G 170 -8.34 -9.39 30.51
C ARG G 170 -9.83 -9.51 30.25
N ASN G 171 -10.35 -8.84 29.22
CA ASN G 171 -11.76 -8.95 28.86
C ASN G 171 -12.03 -10.09 27.89
N THR G 172 -11.01 -10.55 27.14
CA THR G 172 -11.19 -11.65 26.20
C THR G 172 -11.56 -12.98 26.88
N PRO G 173 -11.24 -13.23 28.15
CA PRO G 173 -11.88 -14.35 28.84
C PRO G 173 -13.25 -14.03 29.40
N LEU G 174 -13.60 -12.74 29.51
CA LEU G 174 -14.94 -12.31 29.85
C LEU G 174 -15.80 -12.06 28.63
N LEU G 175 -15.19 -11.70 27.50
CA LEU G 175 -15.94 -11.61 26.26
C LEU G 175 -16.50 -12.95 25.85
N GLY G 176 -15.69 -14.01 25.92
CA GLY G 176 -16.20 -15.34 25.72
C GLY G 176 -17.12 -15.78 26.86
N GLN G 177 -16.84 -15.29 28.06
CA GLN G 177 -17.62 -15.66 29.23
C GLN G 177 -19.07 -15.22 29.12
N ALA G 178 -19.32 -13.97 28.72
CA ALA G 178 -20.68 -13.49 28.53
C ALA G 178 -21.29 -14.01 27.25
N LEU G 179 -20.47 -14.28 26.23
CA LEU G 179 -20.94 -14.87 24.99
C LEU G 179 -21.47 -16.28 25.18
N THR G 180 -20.83 -17.08 26.03
CA THR G 180 -21.27 -18.44 26.31
C THR G 180 -22.36 -18.51 27.38
N ILE G 181 -22.62 -17.41 28.07
CA ILE G 181 -23.73 -17.38 29.03
C ILE G 181 -25.00 -16.81 28.40
N ALA G 182 -24.88 -15.75 27.61
CA ALA G 182 -26.04 -15.20 26.91
C ALA G 182 -26.62 -16.22 25.95
N SER G 183 -25.83 -16.65 24.97
CA SER G 183 -26.17 -17.85 24.21
C SER G 183 -26.04 -19.05 25.13
N LYS G 184 -27.07 -19.88 25.20
CA LYS G 184 -27.10 -20.93 26.20
C LYS G 184 -26.14 -22.06 25.85
N HIS G 185 -24.84 -21.77 25.93
CA HIS G 185 -23.77 -22.73 25.74
C HIS G 185 -23.04 -22.93 27.06
N HIS G 186 -21.95 -23.70 27.03
CA HIS G 186 -21.26 -24.05 28.27
C HIS G 186 -19.78 -23.70 28.21
N GLN G 187 -19.15 -23.87 27.05
CA GLN G 187 -17.72 -23.66 26.91
C GLN G 187 -17.44 -22.72 25.75
N ILE G 188 -16.46 -21.83 25.93
CA ILE G 188 -15.96 -20.98 24.86
C ILE G 188 -14.54 -21.43 24.53
N VAL G 189 -14.27 -21.58 23.23
CA VAL G 189 -12.98 -22.05 22.74
C VAL G 189 -12.61 -21.23 21.52
N LYS G 190 -11.53 -20.47 21.61
CA LYS G 190 -10.98 -19.83 20.42
C LYS G 190 -10.41 -20.90 19.51
N MET G 191 -11.11 -21.19 18.41
CA MET G 191 -10.72 -22.29 17.53
C MET G 191 -9.41 -22.03 16.81
N ASP G 192 -8.80 -20.86 17.03
CA ASP G 192 -7.50 -20.48 16.48
C ASP G 192 -7.56 -20.19 14.98
N LEU G 193 -8.70 -19.74 14.49
CA LEU G 193 -8.78 -19.07 13.20
C LEU G 193 -8.67 -17.58 13.44
N ARG G 194 -7.61 -16.96 12.93
CA ARG G 194 -7.37 -15.54 13.15
C ARG G 194 -7.07 -14.93 11.79
N SER G 195 -8.13 -14.52 11.09
CA SER G 195 -8.02 -13.96 9.76
C SER G 195 -8.72 -12.61 9.72
N ARG G 196 -8.21 -11.73 8.86
CA ARG G 196 -8.73 -10.38 8.75
C ARG G 196 -9.99 -10.31 7.89
N TYR G 197 -10.27 -11.34 7.09
CA TYR G 197 -11.41 -11.35 6.18
C TYR G 197 -12.55 -12.10 6.86
N LEU G 198 -13.50 -11.35 7.41
CA LEU G 198 -14.60 -11.96 8.14
C LEU G 198 -15.49 -12.79 7.23
N ASP G 199 -15.79 -12.29 6.02
CA ASP G 199 -16.58 -13.07 5.07
C ASP G 199 -15.86 -14.33 4.62
N SER G 200 -14.55 -14.41 4.83
CA SER G 200 -13.80 -15.63 4.56
C SER G 200 -13.76 -16.57 5.76
N LEU G 201 -13.71 -16.02 6.98
CA LEU G 201 -13.86 -16.84 8.18
C LEU G 201 -15.22 -17.50 8.23
N LYS G 202 -16.27 -16.76 7.85
CA LYS G 202 -17.63 -17.30 7.88
C LYS G 202 -17.76 -18.52 6.98
N ALA G 203 -17.12 -18.49 5.80
CA ALA G 203 -17.18 -19.64 4.90
C ALA G 203 -16.38 -20.81 5.46
N ILE G 204 -15.20 -20.55 6.03
CA ILE G 204 -14.33 -21.62 6.49
C ILE G 204 -14.94 -22.35 7.66
N VAL G 205 -15.40 -21.61 8.68
CA VAL G 205 -15.92 -22.24 9.88
C VAL G 205 -17.23 -22.99 9.61
N PHE G 206 -18.10 -22.45 8.76
CA PHE G 206 -19.38 -23.07 8.48
C PHE G 206 -19.34 -24.00 7.28
N LYS G 207 -18.16 -24.20 6.68
CA LYS G 207 -18.01 -25.05 5.49
C LYS G 207 -18.92 -24.58 4.35
N GLN G 208 -19.06 -23.27 4.20
CA GLN G 208 -19.91 -22.70 3.16
C GLN G 208 -19.12 -22.20 1.96
N TYR G 209 -17.84 -22.58 1.86
CA TYR G 209 -16.97 -22.06 0.81
C TYR G 209 -17.08 -22.80 -0.52
N ASN G 210 -17.28 -24.12 -0.50
CA ASN G 210 -17.36 -24.90 -1.74
C ASN G 210 -18.75 -25.43 -2.01
N GLN G 211 -19.73 -25.13 -1.17
CA GLN G 211 -21.07 -25.66 -1.32
C GLN G 211 -21.90 -24.82 -2.29
N ASP G 234 1.50 -25.47 -28.19
CA ASP G 234 1.86 -25.55 -29.60
C ASP G 234 2.28 -26.96 -29.98
N SER G 235 2.20 -27.28 -31.27
CA SER G 235 2.59 -28.59 -31.77
C SER G 235 4.10 -28.79 -31.81
N ARG G 236 4.88 -27.71 -31.75
CA ARG G 236 6.33 -27.80 -31.75
C ARG G 236 6.89 -27.88 -30.33
N ILE G 237 6.29 -27.17 -29.38
CA ILE G 237 6.75 -27.17 -28.01
C ILE G 237 6.32 -28.48 -27.34
N ILE G 238 7.26 -29.41 -27.20
CA ILE G 238 6.98 -30.71 -26.61
C ILE G 238 7.46 -30.67 -25.16
N HIS G 239 6.52 -30.51 -24.23
CA HIS G 239 6.85 -30.51 -22.81
C HIS G 239 7.17 -31.92 -22.36
N GLU G 240 8.45 -32.18 -22.07
CA GLU G 240 8.85 -33.52 -21.70
C GLU G 240 8.20 -33.98 -20.39
N ASN G 241 8.09 -33.09 -19.42
CA ASN G 241 7.43 -33.44 -18.16
C ASN G 241 5.94 -33.12 -18.21
N ILE G 242 5.28 -33.53 -19.29
CA ILE G 242 3.83 -33.32 -19.38
C ILE G 242 3.06 -34.27 -18.47
N VAL G 243 3.48 -35.54 -18.38
CA VAL G 243 2.86 -36.48 -17.47
C VAL G 243 3.05 -36.08 -16.01
N GLU G 244 4.09 -35.31 -15.71
CA GLU G 244 4.32 -34.80 -14.36
C GLU G 244 3.56 -33.50 -14.10
N LYS G 245 3.48 -32.61 -15.09
CA LYS G 245 2.70 -31.39 -14.92
C LYS G 245 1.21 -31.70 -14.79
N GLU G 246 0.71 -32.69 -15.54
CA GLU G 246 -0.68 -33.08 -15.40
C GLU G 246 -0.95 -33.63 -14.00
N ARG G 247 -0.03 -34.43 -13.46
CA ARG G 247 -0.19 -34.92 -12.09
C ARG G 247 -0.13 -33.78 -11.08
N VAL G 248 0.76 -32.81 -11.31
CA VAL G 248 0.85 -31.65 -10.42
C VAL G 248 -0.46 -30.90 -10.40
N GLN G 249 -1.06 -30.69 -11.58
CA GLN G 249 -2.37 -30.06 -11.65
C GLN G 249 -3.45 -30.91 -10.98
N ARG G 250 -3.39 -32.24 -11.14
CA ARG G 250 -4.38 -33.11 -10.52
C ARG G 250 -4.36 -33.00 -9.00
N ILE G 251 -3.18 -33.15 -8.39
CA ILE G 251 -3.09 -33.05 -6.93
C ILE G 251 -3.42 -31.67 -6.42
N THR G 252 -3.13 -30.62 -7.21
CA THR G 252 -3.55 -29.27 -6.88
C THR G 252 -5.06 -29.10 -7.00
N GLN G 253 -5.69 -29.81 -7.95
CA GLN G 253 -7.13 -29.77 -8.11
C GLN G 253 -7.84 -30.81 -7.25
N GLU G 254 -7.09 -31.61 -6.49
CA GLU G 254 -7.67 -32.55 -5.54
C GLU G 254 -7.42 -32.13 -4.09
N THR G 255 -6.54 -31.16 -3.86
CA THR G 255 -6.36 -30.55 -2.54
C THR G 255 -6.93 -29.15 -2.47
N PHE G 256 -7.01 -28.43 -3.60
CA PHE G 256 -7.67 -27.14 -3.70
C PHE G 256 -8.69 -27.27 -4.83
N GLY G 257 -9.92 -27.65 -4.48
CA GLY G 257 -10.91 -27.99 -5.49
C GLY G 257 -11.31 -26.85 -6.39
N ASP G 258 -11.97 -25.84 -5.83
CA ASP G 258 -12.36 -24.67 -6.61
C ASP G 258 -12.57 -23.48 -5.69
N TYR G 259 -12.22 -22.29 -6.18
CA TYR G 259 -12.33 -21.00 -5.52
C TYR G 259 -11.82 -21.13 -4.07
N PRO G 260 -10.48 -21.17 -3.84
CA PRO G 260 -9.95 -21.18 -2.48
C PRO G 260 -10.27 -19.80 -1.90
N GLN G 261 -10.68 -19.77 -0.64
CA GLN G 261 -11.05 -18.52 0.01
C GLN G 261 -9.81 -17.74 0.41
N PRO G 262 -9.89 -16.41 0.54
CA PRO G 262 -8.71 -15.65 0.94
C PRO G 262 -8.47 -15.62 2.44
N GLN G 263 -7.46 -16.36 2.88
CA GLN G 263 -7.04 -16.29 4.28
C GLN G 263 -6.51 -14.90 4.60
N LEU G 264 -5.47 -14.47 3.88
CA LEU G 264 -4.83 -13.16 4.08
C LEU G 264 -4.39 -12.97 5.52
N GLU G 265 -3.99 -14.06 6.18
CA GLU G 265 -3.64 -14.04 7.58
C GLU G 265 -2.30 -14.75 7.79
N PHE G 266 -1.61 -14.35 8.85
CA PHE G 266 -0.32 -14.94 9.21
C PHE G 266 -0.59 -16.34 9.79
N ALA G 267 -0.66 -17.31 8.90
CA ALA G 267 -0.91 -18.69 9.32
C ALA G 267 0.32 -19.22 10.02
N GLN G 268 0.41 -19.00 11.33
CA GLN G 268 1.62 -19.32 12.07
C GLN G 268 1.87 -20.82 12.13
N TYR G 269 3.15 -21.20 12.13
CA TYR G 269 3.63 -22.57 12.28
C TYR G 269 4.85 -22.55 13.21
N LYS G 270 4.61 -22.76 14.51
CA LYS G 270 5.63 -22.67 15.54
C LYS G 270 6.25 -24.05 15.79
N LEU G 271 7.40 -24.31 15.20
CA LEU G 271 8.07 -25.63 15.26
C LEU G 271 8.38 -26.14 16.68
N GLU G 272 8.61 -27.44 16.79
CA GLU G 272 9.01 -28.12 18.05
C GLU G 272 9.42 -29.46 17.45
N THR G 273 10.27 -29.40 16.42
CA THR G 273 10.55 -30.58 15.62
C THR G 273 12.05 -30.78 15.50
N LYS G 274 12.48 -32.04 15.65
CA LYS G 274 13.87 -32.40 15.48
C LYS G 274 14.25 -32.33 14.00
N PHE G 275 15.42 -31.76 13.74
CA PHE G 275 15.90 -31.57 12.37
C PHE G 275 16.30 -32.93 11.79
N LYS G 276 15.59 -33.36 10.76
CA LYS G 276 15.88 -34.63 10.11
C LYS G 276 16.63 -34.43 8.80
N GLU G 289 16.96 -31.13 21.89
CA GLU G 289 16.68 -32.08 20.82
C GLU G 289 15.88 -31.47 19.64
N PRO G 290 14.78 -30.78 19.90
CA PRO G 290 13.98 -30.23 18.81
C PRO G 290 14.54 -28.90 18.30
N LEU G 291 13.83 -28.33 17.33
CA LEU G 291 14.18 -27.09 16.65
C LEU G 291 12.93 -26.23 16.56
N ARG G 292 13.04 -24.98 17.01
CA ARG G 292 11.90 -24.06 16.99
C ARG G 292 12.05 -22.98 15.92
N CYS G 293 11.07 -22.88 15.01
CA CYS G 293 10.77 -21.63 14.32
C CYS G 293 9.27 -21.45 14.22
N LEU G 294 8.86 -20.31 13.67
CA LEU G 294 7.52 -19.76 13.78
C LEU G 294 7.03 -19.35 12.39
N ILE G 295 7.09 -20.29 11.44
CA ILE G 295 6.67 -20.08 10.06
C ILE G 295 5.38 -19.28 9.99
N LYS G 296 5.40 -18.17 9.25
CA LYS G 296 4.25 -17.30 9.09
C LYS G 296 4.06 -17.03 7.60
N PHE G 297 3.04 -17.65 7.01
CA PHE G 297 2.69 -17.36 5.63
C PHE G 297 1.90 -16.06 5.54
N SER G 298 2.40 -15.12 4.74
CA SER G 298 1.82 -13.78 4.63
C SER G 298 1.55 -13.48 3.16
N SER G 299 0.29 -13.60 2.76
CA SER G 299 -0.15 -13.33 1.41
C SER G 299 -1.42 -12.49 1.42
N PRO G 300 -1.64 -11.67 0.38
CA PRO G 300 -2.95 -11.04 0.21
C PRO G 300 -4.07 -12.04 -0.03
N HIS G 301 -3.75 -13.22 -0.57
CA HIS G 301 -4.73 -14.28 -0.74
C HIS G 301 -3.97 -15.60 -0.57
N LEU G 302 -4.03 -16.16 0.64
CA LEU G 302 -3.12 -17.24 0.99
C LEU G 302 -3.48 -18.55 0.28
N LEU G 303 -4.72 -19.01 0.43
CA LEU G 303 -5.09 -20.31 -0.11
C LEU G 303 -5.07 -20.36 -1.64
N GLU G 304 -5.20 -19.21 -2.31
CA GLU G 304 -4.98 -19.16 -3.75
C GLU G 304 -3.52 -18.97 -4.12
N ALA G 305 -2.66 -18.66 -3.14
CA ALA G 305 -1.23 -18.61 -3.41
C ALA G 305 -0.60 -19.99 -3.28
N LEU G 306 -1.01 -20.75 -2.26
CA LEU G 306 -0.57 -22.14 -2.13
C LEU G 306 -1.06 -22.99 -3.30
N LYS G 307 -2.27 -22.73 -3.80
CA LYS G 307 -2.77 -23.44 -4.96
C LYS G 307 -1.90 -23.18 -6.19
N SER G 308 -1.32 -21.98 -6.29
CA SER G 308 -0.46 -21.62 -7.40
C SER G 308 1.02 -21.81 -7.08
N LEU G 309 1.34 -22.69 -6.13
CA LEU G 309 2.72 -23.01 -5.78
C LEU G 309 3.23 -24.26 -6.48
N ALA G 310 2.52 -25.38 -6.35
CA ALA G 310 2.91 -26.63 -6.98
C ALA G 310 2.95 -26.51 -8.51
N PRO G 311 1.93 -25.94 -9.16
CA PRO G 311 2.04 -25.74 -10.61
C PRO G 311 3.16 -24.81 -11.02
N ALA G 312 3.57 -23.87 -10.16
CA ALA G 312 4.64 -22.94 -10.48
C ALA G 312 6.02 -23.52 -10.20
N GLY G 313 6.10 -24.74 -9.65
CA GLY G 313 7.37 -25.35 -9.34
C GLY G 313 7.94 -25.03 -7.98
N ILE G 314 7.33 -24.09 -7.24
CA ILE G 314 7.79 -23.78 -5.90
C ILE G 314 7.48 -24.93 -4.95
N ALA G 315 6.41 -25.67 -5.20
CA ALA G 315 5.94 -26.71 -4.30
C ALA G 315 5.91 -28.06 -5.01
N ASP G 316 6.00 -29.11 -4.21
CA ASP G 316 5.81 -30.46 -4.74
C ASP G 316 4.34 -30.69 -5.09
N ALA G 317 4.11 -31.64 -6.01
CA ALA G 317 2.74 -31.92 -6.43
C ALA G 317 1.86 -32.36 -5.26
N PRO G 318 2.25 -33.34 -4.43
CA PRO G 318 1.44 -33.60 -3.23
C PRO G 318 1.76 -32.56 -2.19
N LEU G 319 1.28 -31.33 -2.38
CA LEU G 319 1.51 -30.28 -1.42
C LEU G 319 1.00 -30.75 -0.07
N SER G 320 1.82 -30.55 0.94
CA SER G 320 1.62 -31.17 2.23
C SER G 320 0.23 -30.87 2.77
N PRO G 321 -0.46 -31.86 3.34
CA PRO G 321 -1.65 -31.56 4.14
C PRO G 321 -1.39 -30.37 5.04
N LEU G 322 -0.14 -30.15 5.45
CA LEU G 322 0.19 -29.10 6.40
C LEU G 322 -0.43 -27.74 6.11
N LEU G 323 -0.56 -27.39 4.83
CA LEU G 323 -1.15 -26.12 4.43
C LEU G 323 -2.49 -26.27 3.72
N THR G 324 -2.67 -27.36 2.96
CA THR G 324 -3.91 -27.54 2.23
C THR G 324 -5.10 -27.68 3.17
N CYS G 325 -4.92 -28.34 4.31
CA CYS G 325 -5.99 -28.47 5.29
C CYS G 325 -5.98 -27.32 6.29
N ILE G 326 -5.95 -26.10 5.76
CA ILE G 326 -6.18 -24.90 6.55
C ILE G 326 -7.68 -24.65 6.64
N PRO G 327 -8.45 -24.67 5.52
CA PRO G 327 -9.90 -24.56 5.64
C PRO G 327 -10.56 -25.86 6.08
N ASN G 328 -10.00 -26.99 5.64
CA ASN G 328 -10.53 -28.28 6.04
C ASN G 328 -10.41 -28.52 7.53
N LYS G 329 -9.44 -27.88 8.19
CA LYS G 329 -9.33 -27.90 9.64
C LYS G 329 -10.01 -26.71 10.29
N ARG G 330 -10.46 -25.73 9.51
CA ARG G 330 -11.19 -24.58 10.02
C ARG G 330 -10.39 -23.82 11.06
N MET G 331 -9.06 -23.87 10.95
CA MET G 331 -8.20 -23.26 11.94
C MET G 331 -6.76 -23.27 11.44
N ASN G 332 -6.10 -22.11 11.56
CA ASN G 332 -4.78 -21.91 10.99
C ASN G 332 -3.69 -21.58 12.02
N TYR G 333 -4.02 -21.49 13.30
CA TYR G 333 -3.00 -21.46 14.36
C TYR G 333 -3.16 -22.75 15.14
N PHE G 334 -2.60 -23.83 14.60
CA PHE G 334 -2.80 -25.19 15.09
C PHE G 334 -2.25 -25.34 16.50
N LYS G 335 -2.59 -26.46 17.14
CA LYS G 335 -1.95 -26.83 18.40
C LYS G 335 -1.77 -28.35 18.56
N ILE G 336 -1.36 -29.06 17.50
CA ILE G 336 -1.08 -30.48 17.71
C ILE G 336 0.42 -30.75 17.60
N ARG G 337 0.82 -31.96 17.98
CA ARG G 337 2.24 -32.28 18.07
C ARG G 337 2.71 -33.34 17.08
N ASP G 338 3.97 -33.75 17.20
CA ASP G 338 4.62 -34.63 16.23
C ASP G 338 4.00 -36.03 16.27
N LYS G 339 4.11 -36.72 15.14
CA LYS G 339 3.59 -38.09 15.04
C LYS G 339 4.28 -38.86 13.92
N GLU H 95 -32.83 -44.20 -25.58
CA GLU H 95 -33.93 -44.22 -24.64
C GLU H 95 -33.41 -44.25 -23.20
N GLU H 96 -32.44 -45.13 -22.95
CA GLU H 96 -31.86 -45.24 -21.62
C GLU H 96 -31.19 -43.96 -21.17
N LYS H 97 -30.66 -43.16 -22.11
CA LYS H 97 -30.09 -41.87 -21.78
C LYS H 97 -31.15 -40.84 -21.41
N LEU H 98 -32.43 -41.16 -21.60
CA LEU H 98 -33.53 -40.30 -21.18
C LEU H 98 -34.50 -40.97 -20.23
N GLU H 99 -34.68 -42.29 -20.34
CA GLU H 99 -35.56 -43.02 -19.45
C GLU H 99 -34.90 -43.43 -18.14
N ASN H 100 -33.58 -43.27 -18.02
CA ASN H 100 -32.86 -43.54 -16.78
C ASN H 100 -32.00 -42.36 -16.33
N VAL H 101 -32.16 -41.21 -16.97
CA VAL H 101 -31.53 -39.97 -16.52
C VAL H 101 -32.55 -39.00 -15.96
N LYS H 102 -33.76 -39.01 -16.53
CA LYS H 102 -34.88 -38.24 -16.01
C LYS H 102 -35.27 -38.67 -14.60
N ALA H 103 -34.85 -39.85 -14.16
CA ALA H 103 -35.05 -40.24 -12.77
C ALA H 103 -34.34 -39.28 -11.82
N ILE H 104 -33.14 -38.83 -12.19
CA ILE H 104 -32.47 -37.77 -11.44
C ILE H 104 -33.29 -36.49 -11.44
N LEU H 105 -33.82 -36.08 -12.59
CA LEU H 105 -34.77 -34.97 -12.63
C LEU H 105 -36.03 -35.27 -11.86
N GLN H 106 -36.54 -36.51 -11.92
CA GLN H 106 -37.66 -36.91 -11.09
C GLN H 106 -37.31 -36.93 -9.61
N ALA H 107 -36.07 -37.30 -9.26
CA ALA H 107 -35.64 -37.22 -7.88
C ALA H 107 -35.48 -35.80 -7.40
N TYR H 108 -35.14 -34.87 -8.29
CA TYR H 108 -35.07 -33.45 -7.95
C TYR H 108 -36.41 -32.91 -7.44
N HIS H 109 -37.50 -33.18 -8.15
CA HIS H 109 -38.81 -32.62 -7.77
C HIS H 109 -39.45 -33.40 -6.62
N PHE H 110 -39.02 -34.65 -6.40
CA PHE H 110 -39.83 -35.52 -5.55
C PHE H 110 -39.15 -36.09 -4.31
N THR H 111 -37.91 -36.57 -4.40
CA THR H 111 -37.34 -37.33 -3.29
C THR H 111 -36.90 -36.46 -2.13
N GLY H 112 -36.50 -35.21 -2.38
CA GLY H 112 -35.97 -34.36 -1.32
C GLY H 112 -34.60 -34.84 -0.90
N LEU H 113 -34.08 -35.85 -1.60
CA LEU H 113 -32.80 -36.44 -1.26
C LEU H 113 -31.99 -36.82 -2.50
N SER H 114 -32.29 -36.22 -3.65
CA SER H 114 -31.54 -36.48 -4.87
C SER H 114 -30.08 -36.09 -4.68
N GLY H 115 -29.18 -37.04 -4.94
CA GLY H 115 -27.76 -36.85 -4.74
C GLY H 115 -27.03 -36.80 -6.06
N LYS H 116 -26.34 -35.67 -6.30
CA LYS H 116 -25.51 -35.56 -7.50
C LYS H 116 -24.41 -36.60 -7.44
N LEU H 117 -24.18 -37.27 -8.57
CA LEU H 117 -23.27 -38.41 -8.63
C LEU H 117 -21.83 -37.94 -8.83
N THR H 118 -21.41 -37.02 -7.96
CA THR H 118 -20.05 -36.50 -8.00
C THR H 118 -19.09 -37.53 -7.41
N SER H 119 -17.98 -37.78 -8.11
CA SER H 119 -16.97 -38.68 -7.62
C SER H 119 -16.35 -38.13 -6.33
N ARG H 120 -15.96 -39.05 -5.44
CA ARG H 120 -15.45 -38.72 -4.11
C ARG H 120 -16.53 -37.94 -3.34
N GLY H 121 -17.58 -38.68 -2.99
CA GLY H 121 -18.63 -38.13 -2.16
C GLY H 121 -19.89 -37.74 -2.91
N VAL H 122 -21.00 -38.40 -2.58
CA VAL H 122 -22.29 -38.05 -3.18
C VAL H 122 -22.80 -36.75 -2.56
N CYS H 123 -23.20 -35.83 -3.43
CA CYS H 123 -23.69 -34.51 -3.03
C CYS H 123 -25.21 -34.56 -3.00
N VAL H 124 -25.78 -34.75 -1.81
CA VAL H 124 -27.22 -34.90 -1.66
C VAL H 124 -27.89 -33.54 -1.71
N CYS H 125 -28.42 -33.19 -2.88
CA CYS H 125 -29.13 -31.93 -3.03
C CYS H 125 -30.50 -32.02 -2.38
N ILE H 126 -30.56 -31.73 -1.08
CA ILE H 126 -31.81 -31.88 -0.33
C ILE H 126 -32.70 -30.68 -0.64
N SER H 127 -33.80 -30.93 -1.34
CA SER H 127 -34.83 -29.93 -1.57
C SER H 127 -36.00 -30.19 -0.63
N THR H 128 -36.61 -29.12 -0.15
CA THR H 128 -37.56 -29.20 0.95
C THR H 128 -38.86 -28.47 0.61
N ALA H 129 -39.96 -29.00 1.13
CA ALA H 129 -41.28 -28.42 0.93
C ALA H 129 -42.00 -28.38 2.27
N PHE H 130 -42.93 -27.43 2.40
CA PHE H 130 -43.70 -27.30 3.63
C PHE H 130 -44.86 -28.29 3.68
N GLU H 131 -45.88 -28.06 2.84
CA GLU H 131 -47.00 -28.99 2.74
C GLU H 131 -47.15 -29.45 1.30
N GLY H 132 -47.24 -28.49 0.39
CA GLY H 132 -47.32 -28.76 -1.03
C GLY H 132 -46.56 -27.74 -1.85
N ASN H 133 -45.81 -26.88 -1.16
CA ASN H 133 -45.02 -25.83 -1.79
C ASN H 133 -43.57 -25.92 -1.34
N LEU H 134 -42.66 -25.65 -2.28
CA LEU H 134 -41.23 -25.84 -2.07
C LEU H 134 -40.50 -24.65 -2.67
N LEU H 135 -39.64 -24.00 -1.86
CA LEU H 135 -38.96 -22.81 -2.36
C LEU H 135 -37.53 -22.67 -1.86
N ASP H 136 -36.82 -23.77 -1.65
CA ASP H 136 -35.42 -23.88 -1.25
C ASP H 136 -34.91 -25.29 -1.51
N SER H 137 -33.60 -25.41 -1.71
CA SER H 137 -32.89 -26.68 -1.74
C SER H 137 -31.55 -26.52 -1.03
N TYR H 138 -31.18 -27.56 -0.27
CA TYR H 138 -30.00 -27.52 0.59
C TYR H 138 -28.98 -28.51 0.05
N PHE H 139 -27.77 -28.01 -0.21
CA PHE H 139 -26.71 -28.78 -0.84
C PHE H 139 -25.71 -29.27 0.20
N VAL H 140 -25.84 -30.51 0.64
CA VAL H 140 -24.85 -31.08 1.56
C VAL H 140 -23.82 -31.84 0.75
N ASP H 141 -22.54 -31.58 1.02
CA ASP H 141 -21.44 -32.17 0.29
C ASP H 141 -20.72 -33.14 1.21
N LEU H 142 -20.56 -34.38 0.77
CA LEU H 142 -19.94 -35.43 1.54
C LEU H 142 -18.70 -35.96 0.83
N VAL H 143 -17.98 -36.84 1.51
CA VAL H 143 -16.92 -37.64 0.91
C VAL H 143 -17.16 -39.09 1.25
N ILE H 144 -16.91 -39.96 0.27
CA ILE H 144 -17.15 -41.40 0.45
C ILE H 144 -15.91 -41.98 1.13
N GLN H 145 -15.94 -41.94 2.46
CA GLN H 145 -14.84 -42.44 3.29
C GLN H 145 -15.41 -43.20 4.46
N LYS H 146 -14.80 -44.35 4.77
CA LYS H 146 -15.24 -45.17 5.89
C LYS H 146 -15.13 -44.39 7.20
N PRO H 147 -14.09 -43.55 7.38
CA PRO H 147 -14.26 -42.43 8.33
C PRO H 147 -15.20 -41.40 7.72
N LEU H 148 -16.44 -41.37 8.19
CA LEU H 148 -17.52 -40.66 7.52
C LEU H 148 -17.43 -39.17 7.85
N ARG H 149 -16.99 -38.39 6.87
CA ARG H 149 -16.85 -36.95 6.97
C ARG H 149 -17.71 -36.25 5.93
N ILE H 150 -18.44 -35.23 6.35
CA ILE H 150 -19.15 -34.34 5.44
C ILE H 150 -18.13 -33.34 4.90
N HIS H 151 -18.19 -33.07 3.60
CA HIS H 151 -17.10 -32.34 2.97
C HIS H 151 -17.21 -30.83 3.25
N HIS H 152 -18.23 -30.18 2.68
CA HIS H 152 -18.55 -28.77 2.92
C HIS H 152 -20.04 -28.60 2.61
N HIS H 153 -20.86 -28.60 3.66
CA HIS H 153 -22.31 -28.59 3.49
C HIS H 153 -22.80 -27.18 3.14
N SER H 154 -24.00 -27.12 2.55
CA SER H 154 -24.75 -25.88 2.41
C SER H 154 -26.03 -26.01 3.25
N VAL H 155 -26.01 -26.97 4.17
CA VAL H 155 -27.06 -27.09 5.17
C VAL H 155 -27.07 -25.76 5.92
N PRO H 156 -28.11 -24.94 5.75
CA PRO H 156 -28.01 -23.49 6.01
C PRO H 156 -27.34 -23.13 7.33
N VAL H 157 -26.27 -22.34 7.23
CA VAL H 157 -25.54 -21.89 8.40
C VAL H 157 -26.00 -20.52 8.89
N PHE H 158 -26.80 -19.80 8.10
CA PHE H 158 -27.52 -18.64 8.62
C PHE H 158 -28.60 -19.06 9.60
N ILE H 159 -29.32 -20.13 9.31
CA ILE H 159 -30.23 -20.78 10.27
C ILE H 159 -29.57 -22.10 10.65
N PRO H 160 -28.64 -22.08 11.60
CA PRO H 160 -27.58 -23.10 11.65
C PRO H 160 -27.81 -24.28 12.58
N LEU H 161 -28.97 -24.39 13.24
CA LEU H 161 -29.20 -25.62 13.98
C LEU H 161 -29.23 -26.82 13.06
N GLU H 162 -29.65 -26.63 11.80
CA GLU H 162 -29.42 -27.65 10.78
C GLU H 162 -27.93 -27.87 10.58
N GLU H 163 -27.17 -26.77 10.49
CA GLU H 163 -25.71 -26.88 10.36
C GLU H 163 -25.10 -27.50 11.61
N ILE H 164 -25.61 -27.15 12.79
CA ILE H 164 -25.21 -27.89 13.98
C ILE H 164 -25.64 -29.34 13.87
N ALA H 165 -26.86 -29.60 13.38
CA ALA H 165 -27.28 -30.94 13.04
C ALA H 165 -26.44 -31.54 11.92
N ALA H 166 -25.84 -30.70 11.07
CA ALA H 166 -24.86 -31.20 10.11
C ALA H 166 -23.58 -31.62 10.80
N LYS H 167 -23.39 -31.20 12.06
CA LYS H 167 -22.27 -31.65 12.86
C LYS H 167 -22.68 -32.44 14.09
N TYR H 168 -23.96 -32.41 14.47
CA TYR H 168 -24.42 -33.08 15.68
C TYR H 168 -25.41 -34.21 15.44
N LEU H 169 -26.16 -34.21 14.34
CA LEU H 169 -27.04 -35.36 14.09
C LEU H 169 -26.25 -36.62 13.75
N GLN H 170 -25.15 -36.49 13.02
CA GLN H 170 -24.20 -37.61 12.91
C GLN H 170 -23.62 -38.03 14.25
N THR H 171 -23.63 -37.14 15.25
CA THR H 171 -23.26 -37.67 16.57
C THR H 171 -24.34 -38.60 17.12
N ASN H 172 -25.53 -38.61 16.54
CA ASN H 172 -26.59 -39.56 16.87
C ASN H 172 -26.57 -40.75 15.92
N ILE H 173 -26.75 -40.51 14.61
CA ILE H 173 -26.70 -41.55 13.59
C ILE H 173 -26.08 -41.02 12.31
N GLN H 174 -24.98 -41.65 11.88
CA GLN H 174 -24.41 -41.38 10.57
C GLN H 174 -23.95 -42.64 9.86
N HIS H 175 -23.76 -43.75 10.58
CA HIS H 175 -23.31 -45.00 9.98
C HIS H 175 -24.25 -45.49 8.89
N PHE H 176 -25.53 -45.12 8.97
CA PHE H 176 -26.49 -45.34 7.90
C PHE H 176 -26.81 -43.98 7.28
N LEU H 177 -26.31 -43.74 6.07
CA LEU H 177 -26.85 -42.64 5.29
C LEU H 177 -28.33 -42.84 5.00
N PHE H 178 -28.78 -44.09 5.00
CA PHE H 178 -30.20 -44.44 5.00
C PHE H 178 -30.98 -43.55 5.97
N SER H 179 -30.61 -43.57 7.24
CA SER H 179 -31.34 -42.85 8.27
C SER H 179 -30.91 -41.38 8.39
N LEU H 180 -29.64 -41.08 8.13
CA LEU H 180 -29.19 -39.69 8.20
C LEU H 180 -29.89 -38.84 7.14
N CYS H 181 -30.01 -39.37 5.92
CA CYS H 181 -30.72 -38.69 4.85
C CYS H 181 -32.16 -38.39 5.21
N GLU H 182 -32.79 -39.20 6.07
CA GLU H 182 -34.12 -38.91 6.56
C GLU H 182 -34.09 -37.83 7.64
N TYR H 183 -33.36 -38.08 8.72
CA TYR H 183 -33.36 -37.17 9.86
C TYR H 183 -32.74 -35.82 9.53
N LEU H 184 -31.85 -35.74 8.55
CA LEU H 184 -31.41 -34.44 8.03
C LEU H 184 -32.43 -33.81 7.11
N ASN H 185 -33.12 -34.61 6.28
CA ASN H 185 -34.21 -34.07 5.48
C ASN H 185 -35.39 -33.68 6.36
N ALA H 186 -35.54 -34.32 7.52
CA ALA H 186 -36.54 -33.89 8.48
C ALA H 186 -36.19 -32.53 9.07
N TYR H 187 -34.94 -32.36 9.51
CA TYR H 187 -34.50 -31.09 10.06
C TYR H 187 -34.60 -29.98 9.02
N SER H 188 -34.20 -30.28 7.77
CA SER H 188 -34.28 -29.28 6.71
C SER H 188 -35.70 -29.03 6.25
N GLY H 189 -36.59 -30.02 6.37
CA GLY H 189 -37.97 -29.87 5.93
C GLY H 189 -38.87 -29.20 6.94
N ARG H 190 -38.55 -29.29 8.23
CA ARG H 190 -39.19 -28.46 9.24
C ARG H 190 -38.57 -27.09 9.36
N LYS H 191 -37.24 -27.02 9.40
CA LYS H 191 -36.54 -25.76 9.57
C LYS H 191 -36.69 -24.83 8.37
N TYR H 192 -37.17 -25.34 7.24
CA TYR H 192 -37.65 -24.47 6.17
C TYR H 192 -39.12 -24.14 6.32
N GLN H 193 -39.89 -25.07 6.86
CA GLN H 193 -41.32 -24.82 7.10
C GLN H 193 -41.52 -23.60 7.99
N ALA H 194 -40.83 -23.57 9.13
CA ALA H 194 -40.89 -22.40 9.99
C ALA H 194 -40.27 -21.18 9.32
N ASP H 195 -39.23 -21.38 8.50
CA ASP H 195 -38.72 -20.30 7.67
C ASP H 195 -39.75 -19.84 6.65
N ARG H 196 -40.52 -20.77 6.08
CA ARG H 196 -41.61 -20.43 5.18
C ARG H 196 -42.83 -19.90 5.95
N LEU H 197 -43.00 -20.32 7.20
CA LEU H 197 -43.99 -19.74 8.09
C LEU H 197 -43.61 -18.33 8.53
N GLN H 198 -42.44 -17.84 8.11
CA GLN H 198 -42.00 -16.48 8.34
C GLN H 198 -42.30 -15.57 7.17
N SER H 199 -42.03 -16.01 5.94
CA SER H 199 -42.14 -15.15 4.76
C SER H 199 -43.58 -14.73 4.49
N ASP H 200 -44.57 -15.38 5.11
CA ASP H 200 -45.95 -14.96 4.94
C ASP H 200 -46.18 -13.57 5.52
N PHE H 201 -45.76 -13.39 6.77
CA PHE H 201 -46.05 -12.12 7.50
C PHE H 201 -45.84 -10.87 6.64
N ALA H 202 -46.93 -10.10 6.44
CA ALA H 202 -46.85 -8.86 5.63
C ALA H 202 -47.22 -7.65 6.49
N ALA H 203 -48.46 -7.56 6.97
CA ALA H 203 -48.88 -6.34 7.69
C ALA H 203 -49.88 -6.63 8.82
N LEU H 204 -50.51 -7.81 8.83
CA LEU H 204 -51.42 -8.16 9.95
C LEU H 204 -50.70 -7.84 11.27
N LEU H 205 -49.39 -8.12 11.32
CA LEU H 205 -48.59 -7.84 12.50
C LEU H 205 -48.07 -6.40 12.48
N THR H 206 -47.99 -5.80 13.66
CA THR H 206 -47.56 -4.41 13.79
C THR H 206 -46.06 -4.30 14.04
N GLY H 207 -45.57 -4.93 15.12
CA GLY H 207 -44.17 -4.91 15.42
C GLY H 207 -43.38 -5.84 14.53
N PRO H 208 -42.06 -5.81 14.68
CA PRO H 208 -41.20 -6.68 13.87
C PRO H 208 -41.30 -8.12 14.34
N LEU H 209 -41.26 -9.04 13.37
CA LEU H 209 -41.30 -10.46 13.69
C LEU H 209 -39.94 -10.88 14.25
N GLN H 210 -39.75 -10.69 15.56
CA GLN H 210 -38.50 -11.03 16.20
C GLN H 210 -38.41 -12.54 16.25
N ARG H 211 -37.72 -13.12 15.27
CA ARG H 211 -37.69 -14.55 15.03
C ARG H 211 -36.42 -15.15 15.63
N ASN H 212 -36.21 -16.39 15.28
CA ASN H 212 -34.97 -17.11 15.51
C ASN H 212 -34.49 -17.75 14.20
N PRO H 213 -33.21 -18.05 14.09
CA PRO H 213 -32.78 -18.96 13.03
C PRO H 213 -33.48 -20.30 13.18
N LEU H 214 -33.91 -20.86 12.05
CA LEU H 214 -34.86 -21.95 11.94
C LEU H 214 -36.26 -21.52 12.37
N CYS H 215 -36.44 -20.27 12.79
CA CYS H 215 -37.67 -19.80 13.39
C CYS H 215 -38.07 -20.72 14.55
N ASN H 216 -37.07 -21.14 15.32
CA ASN H 216 -37.31 -21.92 16.52
C ASN H 216 -38.17 -21.14 17.51
N LEU H 217 -37.90 -19.85 17.65
CA LEU H 217 -38.72 -18.94 18.45
C LEU H 217 -39.29 -17.87 17.54
N LEU H 218 -40.48 -18.11 17.01
CA LEU H 218 -41.23 -17.06 16.31
C LEU H 218 -41.94 -16.23 17.36
N SER H 219 -41.41 -15.04 17.65
CA SER H 219 -42.00 -14.13 18.63
C SER H 219 -42.42 -12.87 17.89
N PHE H 220 -43.68 -12.83 17.45
CA PHE H 220 -44.20 -11.70 16.70
C PHE H 220 -45.33 -11.07 17.49
N THR H 221 -45.31 -9.74 17.54
CA THR H 221 -46.33 -8.95 18.23
C THR H 221 -47.35 -8.51 17.18
N TYR H 222 -48.23 -9.44 16.81
CA TYR H 222 -49.25 -9.17 15.81
C TYR H 222 -50.41 -8.40 16.45
N LYS H 223 -51.48 -8.20 15.68
CA LYS H 223 -52.69 -7.58 16.23
C LYS H 223 -53.89 -8.12 15.47
N LEU H 224 -54.58 -9.09 16.08
CA LEU H 224 -55.90 -9.51 15.65
C LEU H 224 -56.91 -8.88 16.61
N ASP H 225 -57.75 -7.99 16.09
CA ASP H 225 -58.63 -7.17 16.92
C ASP H 225 -60.05 -7.26 16.37
N PRO H 226 -60.76 -8.35 16.68
CA PRO H 226 -62.16 -8.50 16.23
C PRO H 226 -63.15 -7.81 17.19
N GLY H 227 -63.33 -6.51 16.98
CA GLY H 227 -64.25 -5.75 17.80
C GLY H 227 -63.81 -4.34 18.13
N GLY H 228 -62.49 -4.09 18.12
CA GLY H 228 -61.93 -2.76 18.27
C GLY H 228 -61.21 -2.51 19.57
N GLN H 229 -61.61 -3.18 20.65
CA GLN H 229 -60.96 -2.98 21.95
C GLN H 229 -59.54 -3.56 21.86
N SER H 230 -58.56 -2.67 21.80
CA SER H 230 -57.21 -3.02 21.36
C SER H 230 -56.35 -3.47 22.53
N PHE H 231 -55.90 -4.73 22.47
CA PHE H 231 -54.84 -5.25 23.33
C PHE H 231 -54.16 -6.42 22.61
N PRO H 232 -52.97 -6.21 22.07
CA PRO H 232 -52.37 -7.21 21.18
C PRO H 232 -51.80 -8.41 21.94
N PHE H 233 -51.62 -9.49 21.19
CA PHE H 233 -50.91 -10.66 21.69
C PHE H 233 -49.53 -10.72 21.06
N CYS H 234 -48.51 -10.84 21.92
CA CYS H 234 -47.19 -11.24 21.45
C CYS H 234 -47.08 -12.75 21.60
N ALA H 235 -46.91 -13.43 20.46
CA ALA H 235 -46.92 -14.89 20.41
C ALA H 235 -45.49 -15.39 20.26
N ARG H 236 -44.96 -15.97 21.34
CA ARG H 236 -43.65 -16.60 21.32
C ARG H 236 -43.84 -18.08 21.05
N LEU H 237 -43.80 -18.47 19.77
CA LEU H 237 -43.99 -19.85 19.37
C LEU H 237 -42.69 -20.61 19.64
N LEU H 238 -42.71 -21.49 20.64
CA LEU H 238 -41.52 -22.20 21.09
C LEU H 238 -41.61 -23.64 20.58
N TYR H 239 -40.58 -24.07 19.85
CA TYR H 239 -40.57 -25.40 19.24
C TYR H 239 -39.65 -26.29 20.07
N LYS H 240 -40.24 -27.25 20.79
CA LYS H 240 -39.44 -28.23 21.52
C LYS H 240 -38.53 -29.03 20.59
N ASP H 241 -39.08 -29.50 19.48
CA ASP H 241 -38.37 -30.36 18.54
C ASP H 241 -38.20 -29.66 17.20
N LEU H 242 -37.02 -29.82 16.60
CA LEU H 242 -36.73 -29.26 15.29
C LEU H 242 -37.18 -30.17 14.16
N THR H 243 -38.05 -31.14 14.44
CA THR H 243 -38.57 -32.04 13.41
C THR H 243 -40.05 -31.82 13.12
N ALA H 244 -40.86 -31.56 14.15
CA ALA H 244 -42.29 -31.35 13.95
C ALA H 244 -42.51 -29.97 13.35
N THR H 245 -43.25 -29.93 12.23
CA THR H 245 -43.51 -28.65 11.56
C THR H 245 -44.29 -27.70 12.46
N LEU H 246 -45.34 -28.20 13.11
CA LEU H 246 -46.14 -27.35 13.96
C LEU H 246 -45.38 -27.00 15.24
N PRO H 247 -45.63 -25.82 15.79
CA PRO H 247 -45.02 -25.45 17.07
C PRO H 247 -45.45 -26.40 18.18
N THR H 248 -44.63 -26.45 19.23
CA THR H 248 -44.88 -27.34 20.36
C THR H 248 -45.37 -26.59 21.59
N ASP H 249 -44.73 -25.48 21.95
CA ASP H 249 -45.15 -24.66 23.09
C ASP H 249 -45.62 -23.32 22.56
N VAL H 250 -46.93 -23.08 22.66
CA VAL H 250 -47.54 -21.85 22.18
C VAL H 250 -47.80 -20.94 23.37
N THR H 251 -47.28 -19.72 23.29
CA THR H 251 -47.48 -18.70 24.33
C THR H 251 -48.01 -17.45 23.64
N VAL H 252 -49.32 -17.38 23.46
CA VAL H 252 -49.98 -16.18 22.91
C VAL H 252 -50.31 -15.30 24.12
N THR H 253 -49.31 -14.54 24.53
CA THR H 253 -49.41 -13.75 25.75
C THR H 253 -49.99 -12.38 25.46
N CYS H 254 -50.97 -11.97 26.26
CA CYS H 254 -51.49 -10.61 26.18
C CYS H 254 -50.38 -9.61 26.50
N GLN H 255 -50.30 -8.54 25.72
CA GLN H 255 -49.17 -7.62 25.84
C GLN H 255 -49.28 -6.76 27.10
N GLY H 256 -48.86 -7.32 28.23
CA GLY H 256 -48.81 -6.57 29.48
C GLY H 256 -50.16 -6.05 29.95
N VAL H 257 -51.21 -6.86 29.81
CA VAL H 257 -52.55 -6.45 30.23
C VAL H 257 -53.16 -7.56 31.09
N GLU H 258 -54.13 -7.15 31.91
CA GLU H 258 -54.80 -8.08 32.81
C GLU H 258 -55.79 -8.95 32.04
N VAL H 259 -56.46 -9.84 32.76
CA VAL H 259 -57.49 -10.70 32.19
C VAL H 259 -58.66 -9.83 31.76
N LEU H 260 -58.88 -9.71 30.46
CA LEU H 260 -59.99 -8.94 29.92
C LEU H 260 -61.28 -9.75 30.03
N SER H 261 -62.32 -9.29 29.32
CA SER H 261 -63.58 -10.03 29.28
C SER H 261 -63.37 -11.43 28.71
N THR H 262 -64.39 -12.27 28.86
CA THR H 262 -64.29 -13.66 28.43
C THR H 262 -64.03 -13.80 26.95
N SER H 263 -64.38 -12.79 26.14
CA SER H 263 -64.15 -12.87 24.70
C SER H 263 -62.66 -12.95 24.38
N TRP H 264 -61.84 -12.13 25.05
CA TRP H 264 -60.42 -12.12 24.74
C TRP H 264 -59.67 -13.30 25.35
N GLU H 265 -60.10 -13.80 26.51
CA GLU H 265 -59.55 -15.05 27.02
C GLU H 265 -59.88 -16.21 26.08
N GLU H 266 -61.11 -16.22 25.56
CA GLU H 266 -61.50 -17.19 24.55
C GLU H 266 -60.61 -17.06 23.31
N GLN H 267 -60.34 -15.83 22.89
CA GLN H 267 -59.45 -15.59 21.76
C GLN H 267 -58.05 -16.11 22.00
N ARG H 268 -57.49 -15.87 23.20
CA ARG H 268 -56.15 -16.37 23.51
C ARG H 268 -56.13 -17.90 23.52
N ALA H 269 -57.12 -18.52 24.17
CA ALA H 269 -57.19 -19.98 24.18
C ALA H 269 -57.39 -20.56 22.79
N SER H 270 -58.11 -19.86 21.92
CA SER H 270 -58.28 -20.33 20.54
C SER H 270 -57.00 -20.16 19.74
N HIS H 271 -56.28 -19.05 19.96
CA HIS H 271 -55.00 -18.85 19.30
C HIS H 271 -54.01 -19.93 19.68
N GLU H 272 -53.98 -20.32 20.96
CA GLU H 272 -53.06 -21.38 21.38
C GLU H 272 -53.32 -22.67 20.63
N THR H 273 -54.59 -23.12 20.60
CA THR H 273 -54.92 -24.39 19.97
C THR H 273 -54.91 -24.33 18.45
N LEU H 274 -55.06 -23.14 17.86
CA LEU H 274 -54.96 -22.98 16.41
C LEU H 274 -53.52 -22.85 15.94
N PHE H 275 -52.62 -22.37 16.79
CA PHE H 275 -51.19 -22.35 16.48
C PHE H 275 -50.52 -23.68 16.73
N CYS H 276 -50.92 -24.40 17.79
CA CYS H 276 -50.31 -25.69 18.08
C CYS H 276 -50.66 -26.75 17.05
N THR H 277 -51.85 -26.69 16.46
CA THR H 277 -52.31 -27.72 15.53
C THR H 277 -52.29 -27.30 14.07
N LYS H 278 -52.43 -26.00 13.79
CA LYS H 278 -52.47 -25.55 12.41
C LYS H 278 -51.40 -24.48 12.18
N PRO H 279 -50.65 -24.58 11.08
CA PRO H 279 -49.54 -23.65 10.87
C PRO H 279 -50.02 -22.24 10.57
N LEU H 280 -49.13 -21.28 10.82
CA LEU H 280 -49.45 -19.87 10.58
C LEU H 280 -49.73 -19.61 9.10
N HIS H 281 -49.10 -20.37 8.20
CA HIS H 281 -49.44 -20.26 6.78
C HIS H 281 -50.89 -20.62 6.52
N GLN H 282 -51.48 -21.49 7.34
CA GLN H 282 -52.88 -21.86 7.23
C GLN H 282 -53.75 -21.25 8.32
N VAL H 283 -53.19 -20.36 9.15
CA VAL H 283 -53.93 -19.73 10.23
C VAL H 283 -54.06 -18.22 10.05
N PHE H 284 -52.94 -17.53 9.81
CA PHE H 284 -52.99 -16.09 9.60
C PHE H 284 -53.57 -15.72 8.25
N ALA H 285 -53.87 -16.70 7.41
CA ALA H 285 -54.74 -16.51 6.26
C ALA H 285 -56.19 -16.84 6.59
N SER H 286 -56.43 -17.57 7.68
CA SER H 286 -57.77 -17.83 8.18
C SER H 286 -58.15 -16.88 9.32
N PHE H 287 -57.20 -16.08 9.81
CA PHE H 287 -57.49 -15.07 10.81
C PHE H 287 -57.89 -13.74 10.22
N THR H 288 -57.25 -13.31 9.12
CA THR H 288 -57.74 -12.17 8.38
C THR H 288 -59.11 -12.46 7.78
N ARG H 289 -59.33 -13.69 7.32
CA ARG H 289 -60.62 -14.09 6.80
C ARG H 289 -61.72 -14.01 7.85
N LYS H 290 -61.42 -14.42 9.08
CA LYS H 290 -62.37 -14.31 10.19
C LYS H 290 -62.40 -12.90 10.77
N GLY H 291 -61.22 -12.34 11.06
CA GLY H 291 -61.11 -10.95 11.46
C GLY H 291 -61.09 -10.04 10.25
N GLU H 292 -62.24 -9.84 9.63
CA GLU H 292 -62.32 -9.13 8.36
C GLU H 292 -61.98 -7.65 8.56
N LYS H 293 -61.78 -6.96 7.43
CA LYS H 293 -61.52 -5.53 7.32
C LYS H 293 -60.18 -5.10 7.89
N LEU H 294 -59.41 -6.02 8.46
CA LEU H 294 -58.11 -5.72 9.05
C LEU H 294 -58.22 -4.57 10.06
N ASP H 295 -58.88 -4.87 11.17
CA ASP H 295 -59.00 -3.91 12.26
C ASP H 295 -57.73 -3.92 13.10
N MET H 296 -56.95 -2.83 13.00
CA MET H 296 -55.74 -2.67 13.80
C MET H 296 -56.09 -2.17 15.20
N SER H 297 -55.08 -1.73 15.93
CA SER H 297 -55.17 -1.39 17.34
C SER H 297 -55.05 0.11 17.57
N LEU H 298 -55.29 0.51 18.81
CA LEU H 298 -55.08 1.87 19.27
C LEU H 298 -53.97 1.98 20.31
N VAL H 299 -53.80 0.98 21.16
CA VAL H 299 -52.74 1.01 22.16
C VAL H 299 -51.40 0.61 21.57
N SER H 300 -51.41 -0.15 20.48
CA SER H 300 -50.16 -0.61 19.85
C SER H 300 -50.19 -0.36 18.34
N HIS I 62 -23.66 -43.27 -15.98
CA HIS I 62 -23.94 -42.66 -14.70
C HIS I 62 -25.24 -43.20 -14.10
N LEU I 63 -26.10 -43.76 -14.96
CA LEU I 63 -27.36 -44.31 -14.49
C LEU I 63 -27.17 -45.51 -13.57
N GLU I 64 -26.10 -46.29 -13.77
CA GLU I 64 -25.79 -47.36 -12.84
C GLU I 64 -25.50 -46.80 -11.45
N SER I 65 -24.73 -45.72 -11.38
CA SER I 65 -24.50 -45.03 -10.11
C SER I 65 -25.77 -44.39 -9.56
N GLU I 66 -26.71 -43.99 -10.42
CA GLU I 66 -27.98 -43.49 -9.91
C GLU I 66 -28.80 -44.61 -9.27
N LEU I 67 -28.79 -45.80 -9.87
CA LEU I 67 -29.42 -46.95 -9.24
C LEU I 67 -28.74 -47.28 -7.91
N SER I 68 -27.41 -47.20 -7.88
CA SER I 68 -26.68 -47.43 -6.64
C SER I 68 -27.07 -46.42 -5.57
N PHE I 69 -27.18 -45.14 -5.95
CA PHE I 69 -27.59 -44.11 -5.00
C PHE I 69 -29.00 -44.37 -4.49
N LEU I 70 -29.91 -44.76 -5.38
CA LEU I 70 -31.25 -45.16 -4.95
C LEU I 70 -31.24 -46.40 -4.07
N SER I 71 -30.18 -47.21 -4.14
CA SER I 71 -30.04 -48.36 -3.26
C SER I 71 -29.55 -47.98 -1.86
N THR I 72 -28.68 -46.98 -1.75
CA THR I 72 -28.21 -46.54 -0.45
C THR I 72 -28.99 -45.36 0.10
N LEU I 73 -29.15 -44.29 -0.69
CA LEU I 73 -30.03 -43.18 -0.32
C LEU I 73 -31.45 -43.61 -0.68
N THR I 74 -32.06 -44.40 0.21
CA THR I 74 -33.28 -45.12 -0.11
C THR I 74 -34.46 -44.15 -0.14
N GLY I 75 -34.70 -43.61 -1.33
CA GLY I 75 -36.00 -43.02 -1.64
C GLY I 75 -36.89 -44.12 -2.19
N ILE I 76 -36.46 -45.37 -1.97
CA ILE I 76 -37.05 -46.59 -2.50
C ILE I 76 -36.79 -46.61 -4.00
N ASN I 77 -36.84 -47.78 -4.62
CA ASN I 77 -36.44 -47.93 -6.01
C ASN I 77 -37.29 -47.08 -6.93
N ILE I 78 -36.64 -46.32 -7.79
CA ILE I 78 -37.32 -45.50 -8.80
C ILE I 78 -37.13 -46.23 -10.12
N ARG I 79 -38.12 -47.06 -10.48
CA ARG I 79 -38.01 -47.95 -11.62
C ARG I 79 -38.72 -47.42 -12.85
N ASN I 80 -40.02 -47.15 -12.75
CA ASN I 80 -40.84 -46.71 -13.86
C ASN I 80 -41.12 -45.21 -13.69
N HIS I 81 -40.30 -44.39 -14.34
CA HIS I 81 -40.43 -42.94 -14.29
C HIS I 81 -40.64 -42.40 -15.69
N SER I 82 -41.64 -41.51 -15.84
CA SER I 82 -41.95 -40.91 -17.12
C SER I 82 -42.35 -39.46 -16.89
N LYS I 83 -41.56 -38.53 -17.41
CA LYS I 83 -41.77 -37.10 -17.19
C LYS I 83 -42.41 -36.49 -18.43
N GLN I 84 -43.66 -36.07 -18.31
CA GLN I 84 -44.33 -35.24 -19.30
C GLN I 84 -44.66 -33.88 -18.69
N THR I 85 -45.01 -32.94 -19.54
CA THR I 85 -45.26 -31.58 -19.08
C THR I 85 -46.45 -30.99 -19.86
N GLU I 86 -47.48 -30.58 -19.14
CA GLU I 86 -48.62 -29.88 -19.72
C GLU I 86 -48.38 -28.38 -19.56
N ASP I 87 -47.84 -27.77 -20.61
CA ASP I 87 -47.52 -26.35 -20.56
C ASP I 87 -48.80 -25.52 -20.50
N LEU I 88 -48.95 -24.75 -19.43
CA LEU I 88 -50.14 -23.95 -19.17
C LEU I 88 -49.77 -22.49 -18.94
N THR I 89 -48.97 -21.92 -19.86
CA THR I 89 -48.57 -20.52 -19.81
C THR I 89 -49.42 -19.65 -20.73
N SER I 90 -50.70 -19.98 -20.92
CA SER I 90 -51.54 -19.29 -21.88
C SER I 90 -51.98 -17.93 -21.33
N THR I 91 -52.89 -17.27 -22.04
CA THR I 91 -53.32 -15.93 -21.67
C THR I 91 -54.49 -15.92 -20.69
N GLU I 92 -55.07 -17.07 -20.39
CA GLU I 92 -56.19 -17.12 -19.46
C GLU I 92 -55.79 -16.67 -18.06
N MET I 93 -54.52 -16.84 -17.71
CA MET I 93 -54.02 -16.56 -16.37
C MET I 93 -53.43 -15.16 -16.24
N THR I 94 -53.90 -14.20 -17.05
CA THR I 94 -53.38 -12.83 -17.06
C THR I 94 -51.87 -12.84 -17.35
N GLU I 95 -51.55 -13.23 -18.59
CA GLU I 95 -50.18 -13.45 -19.03
C GLU I 95 -49.22 -12.35 -18.63
N LYS I 96 -49.71 -11.13 -18.42
CA LYS I 96 -48.85 -10.06 -17.89
C LYS I 96 -48.35 -10.41 -16.49
N SER I 97 -49.11 -11.20 -15.74
CA SER I 97 -48.78 -11.56 -14.37
C SER I 97 -47.94 -12.83 -14.34
N ILE I 98 -47.85 -13.46 -13.17
CA ILE I 98 -47.02 -14.62 -12.88
C ILE I 98 -47.18 -15.72 -13.93
N ARG I 99 -46.09 -16.44 -14.21
CA ARG I 99 -46.12 -17.59 -15.10
C ARG I 99 -46.43 -18.88 -14.32
N LYS I 100 -46.66 -19.95 -15.07
CA LYS I 100 -46.96 -21.26 -14.49
C LYS I 100 -46.79 -22.34 -15.56
N VAL I 101 -46.54 -23.57 -15.09
CA VAL I 101 -46.51 -24.74 -15.95
C VAL I 101 -46.90 -25.94 -15.08
N LEU I 102 -47.70 -26.85 -15.63
CA LEU I 102 -48.20 -28.00 -14.87
C LEU I 102 -47.60 -29.28 -15.46
N GLN I 103 -46.45 -29.68 -14.91
CA GLN I 103 -45.84 -30.93 -15.29
C GLN I 103 -46.58 -32.10 -14.65
N ARG I 104 -46.45 -33.28 -15.25
CA ARG I 104 -47.01 -34.50 -14.68
C ARG I 104 -46.00 -35.63 -14.84
N HIS I 105 -45.81 -36.39 -13.77
CA HIS I 105 -44.84 -37.48 -13.74
C HIS I 105 -45.47 -38.73 -13.16
N ARG I 106 -45.13 -39.87 -13.77
CA ARG I 106 -45.48 -41.18 -13.24
C ARG I 106 -44.24 -41.82 -12.65
N LEU I 107 -44.31 -42.19 -11.37
CA LEU I 107 -43.15 -42.71 -10.67
C LEU I 107 -43.56 -43.98 -9.93
N SER I 108 -43.46 -45.12 -10.61
CA SER I 108 -43.73 -46.40 -9.96
C SER I 108 -42.44 -47.04 -9.51
N GLY I 109 -42.51 -47.76 -8.39
CA GLY I 109 -41.33 -48.39 -7.83
C GLY I 109 -41.69 -49.44 -6.81
N ASN I 110 -40.67 -50.18 -6.38
CA ASN I 110 -40.82 -51.28 -5.44
C ASN I 110 -39.83 -51.14 -4.30
N CYS I 111 -40.27 -51.46 -3.10
CA CYS I 111 -39.40 -51.58 -1.94
C CYS I 111 -38.82 -53.00 -1.88
N HIS I 112 -38.28 -53.39 -0.73
CA HIS I 112 -37.92 -54.78 -0.50
C HIS I 112 -39.08 -55.71 -0.82
N MET I 113 -40.28 -55.34 -0.34
CA MET I 113 -41.51 -56.07 -0.67
C MET I 113 -42.64 -55.16 -1.13
N VAL I 114 -42.80 -53.99 -0.54
CA VAL I 114 -43.91 -53.08 -0.84
C VAL I 114 -43.64 -52.36 -2.15
N THR I 115 -44.70 -52.17 -2.94
CA THR I 115 -44.63 -51.45 -4.21
C THR I 115 -45.29 -50.09 -4.06
N PHE I 116 -45.29 -49.33 -5.15
CA PHE I 116 -46.04 -48.07 -5.23
C PHE I 116 -46.05 -47.59 -6.67
N GLN I 117 -47.05 -46.76 -6.99
CA GLN I 117 -47.12 -46.07 -8.28
C GLN I 117 -47.54 -44.64 -7.97
N LEU I 118 -47.01 -43.69 -8.73
CA LEU I 118 -47.20 -42.26 -8.45
C LEU I 118 -47.87 -41.56 -9.62
N GLU I 119 -49.06 -41.02 -9.38
CA GLU I 119 -49.64 -40.01 -10.28
C GLU I 119 -49.36 -38.62 -9.68
N PHE I 120 -48.57 -37.82 -10.39
CA PHE I 120 -47.90 -36.67 -9.79
C PHE I 120 -47.92 -35.51 -10.77
N GLN I 121 -48.80 -34.53 -10.51
CA GLN I 121 -48.95 -33.37 -11.37
C GLN I 121 -48.77 -32.10 -10.54
N ILE I 122 -47.66 -31.40 -10.76
CA ILE I 122 -47.32 -30.21 -9.98
C ILE I 122 -47.52 -28.96 -10.80
N LEU I 123 -48.15 -27.98 -10.17
CA LEU I 123 -48.19 -26.62 -10.66
C LEU I 123 -46.90 -25.91 -10.28
N GLU I 124 -46.23 -25.34 -11.29
CA GLU I 124 -44.94 -24.66 -11.09
C GLU I 124 -45.19 -23.17 -11.27
N ILE I 125 -45.65 -22.52 -10.21
CA ILE I 125 -45.85 -21.08 -10.22
C ILE I 125 -44.51 -20.39 -10.28
N GLN I 126 -44.22 -19.73 -11.40
CA GLN I 126 -42.96 -19.02 -11.60
C GLN I 126 -43.28 -17.53 -11.65
N ASN I 127 -43.23 -16.88 -10.49
CA ASN I 127 -43.50 -15.46 -10.38
C ASN I 127 -42.45 -14.68 -11.20
N LYS I 128 -42.71 -13.39 -11.38
CA LYS I 128 -41.80 -12.53 -12.14
C LYS I 128 -40.44 -12.36 -11.48
N GLU I 129 -40.31 -12.73 -10.21
CA GLU I 129 -39.03 -12.69 -9.51
C GLU I 129 -38.66 -13.97 -8.79
N ARG I 130 -39.57 -14.93 -8.66
CA ARG I 130 -39.32 -16.18 -7.96
C ARG I 130 -40.09 -17.29 -8.65
N LEU I 131 -39.78 -18.54 -8.30
CA LEU I 131 -40.50 -19.69 -8.83
C LEU I 131 -41.16 -20.42 -7.66
N SER I 132 -42.36 -19.98 -7.29
CA SER I 132 -43.09 -20.52 -6.15
C SER I 132 -43.64 -21.88 -6.56
N SER I 133 -42.77 -22.87 -6.64
CA SER I 133 -43.19 -24.21 -7.01
C SER I 133 -44.16 -24.77 -5.98
N ALA I 134 -45.17 -25.49 -6.48
CA ALA I 134 -46.23 -26.01 -5.63
C ALA I 134 -46.76 -27.30 -6.25
N VAL I 135 -47.86 -27.81 -5.71
CA VAL I 135 -48.50 -29.03 -6.18
C VAL I 135 -49.99 -28.76 -6.32
N THR I 136 -50.61 -29.33 -7.35
CA THR I 136 -52.06 -29.22 -7.49
C THR I 136 -52.74 -30.59 -7.49
N ASP I 137 -52.15 -31.59 -8.13
CA ASP I 137 -52.74 -32.91 -8.22
C ASP I 137 -51.74 -33.96 -7.76
N LEU I 138 -52.20 -34.85 -6.88
CA LEU I 138 -51.39 -35.97 -6.43
C LEU I 138 -52.31 -37.15 -6.19
N ASN I 139 -52.08 -38.23 -6.94
CA ASN I 139 -52.84 -39.46 -6.78
C ASN I 139 -51.88 -40.60 -6.47
N ILE I 140 -52.14 -41.31 -5.37
CA ILE I 140 -51.28 -42.38 -4.90
C ILE I 140 -52.00 -43.71 -5.11
N ILE I 141 -51.38 -44.60 -5.88
CA ILE I 141 -51.93 -45.97 -6.03
C ILE I 141 -50.90 -46.89 -5.36
N MET I 142 -51.22 -47.42 -4.18
CA MET I 142 -50.20 -48.19 -3.42
C MET I 142 -50.78 -49.42 -2.72
N GLU I 143 -50.22 -49.77 -1.56
CA GLU I 143 -50.68 -50.96 -0.80
C GLU I 143 -51.97 -50.63 -0.05
N PRO I 144 -52.81 -51.62 0.32
CA PRO I 144 -54.10 -51.36 0.96
C PRO I 144 -54.00 -50.80 2.40
N THR I 145 -54.11 -51.67 3.40
CA THR I 145 -54.13 -51.18 4.81
C THR I 145 -52.86 -50.40 5.09
N GLU I 146 -51.77 -50.83 4.47
CA GLU I 146 -50.49 -50.18 4.75
C GLU I 146 -50.54 -48.68 4.52
N CYS I 147 -51.21 -48.21 3.48
CA CYS I 147 -51.28 -46.78 3.18
C CYS I 147 -52.66 -46.20 3.44
N SER I 148 -53.56 -46.93 4.11
CA SER I 148 -54.83 -46.34 4.51
C SER I 148 -54.61 -45.19 5.49
N GLU I 149 -53.70 -45.35 6.45
CA GLU I 149 -53.32 -44.23 7.29
C GLU I 149 -52.60 -43.15 6.48
N LEU I 150 -51.74 -43.57 5.55
CA LEU I 150 -51.08 -42.63 4.65
C LEU I 150 -52.03 -42.01 3.64
N SER I 151 -53.22 -42.60 3.45
CA SER I 151 -54.23 -41.96 2.62
C SER I 151 -54.70 -40.63 3.19
N GLU I 152 -54.47 -40.39 4.49
CA GLU I 152 -54.63 -39.03 5.01
C GLU I 152 -53.64 -38.08 4.35
N PHE I 153 -52.39 -38.50 4.20
CA PHE I 153 -51.39 -37.66 3.57
C PHE I 153 -51.53 -37.58 2.06
N VAL I 154 -52.11 -38.59 1.41
CA VAL I 154 -52.33 -38.48 -0.03
C VAL I 154 -53.37 -37.40 -0.34
N SER I 155 -54.14 -36.98 0.66
CA SER I 155 -55.00 -35.80 0.54
C SER I 155 -54.38 -34.55 1.15
N ARG I 156 -53.60 -34.70 2.21
CA ARG I 156 -52.88 -33.55 2.78
C ARG I 156 -51.88 -32.97 1.79
N ALA I 157 -51.17 -33.83 1.06
CA ALA I 157 -50.29 -33.39 0.00
C ALA I 157 -51.04 -32.78 -1.18
N GLU I 158 -52.36 -32.98 -1.25
CA GLU I 158 -53.20 -32.34 -2.23
C GLU I 158 -54.09 -31.24 -1.65
N GLU I 159 -54.17 -31.13 -0.33
CA GLU I 159 -54.99 -30.12 0.33
C GLU I 159 -54.38 -28.73 0.15
N LEU I 163 -46.07 -34.02 0.08
CA LEU I 163 -45.53 -34.65 -1.11
C LEU I 163 -44.11 -35.17 -0.87
N PHE I 164 -43.23 -34.27 -0.41
CA PHE I 164 -41.89 -34.71 -0.03
C PHE I 164 -41.95 -35.66 1.14
N MET I 165 -42.93 -35.50 2.03
CA MET I 165 -42.98 -36.22 3.30
C MET I 165 -43.58 -37.60 3.14
N PHE I 166 -43.91 -37.97 1.91
CA PHE I 166 -44.37 -39.35 1.64
C PHE I 166 -43.07 -40.13 1.41
N PHE I 167 -42.00 -39.40 1.08
CA PHE I 167 -40.67 -40.04 0.90
C PHE I 167 -39.89 -39.94 2.21
N ARG I 168 -40.58 -39.67 3.33
CA ARG I 168 -39.93 -39.70 4.63
C ARG I 168 -40.72 -40.54 5.60
N SER I 169 -42.05 -40.59 5.45
CA SER I 169 -42.90 -41.51 6.19
C SER I 169 -42.79 -42.92 5.62
N LEU I 170 -43.10 -43.08 4.32
CA LEU I 170 -42.90 -44.36 3.67
C LEU I 170 -41.42 -44.72 3.61
N HIS I 171 -40.54 -43.72 3.68
CA HIS I 171 -39.11 -43.99 3.82
C HIS I 171 -38.81 -44.67 5.15
N PHE I 172 -39.51 -44.29 6.22
CA PHE I 172 -39.39 -44.97 7.50
C PHE I 172 -40.55 -45.92 7.78
N PHE I 173 -41.60 -45.90 6.98
CA PHE I 173 -42.61 -46.95 7.09
C PHE I 173 -42.03 -48.28 6.64
N VAL I 174 -41.14 -48.26 5.64
CA VAL I 174 -40.51 -49.50 5.17
C VAL I 174 -39.51 -50.03 6.17
N GLU I 175 -38.77 -49.14 6.87
CA GLU I 175 -37.93 -49.58 7.98
C GLU I 175 -38.76 -50.19 9.10
N TRP I 176 -39.92 -49.60 9.40
CA TRP I 176 -40.85 -50.20 10.35
C TRP I 176 -41.33 -51.56 9.90
N PHE I 177 -41.66 -51.71 8.62
CA PHE I 177 -42.07 -53.02 8.10
C PHE I 177 -40.93 -54.02 8.15
N GLU I 178 -39.68 -53.57 7.98
CA GLU I 178 -38.54 -54.45 8.16
C GLU I 178 -38.41 -54.91 9.60
N TYR I 179 -38.43 -53.97 10.54
CA TYR I 179 -38.39 -54.30 11.97
C TYR I 179 -39.60 -55.10 12.42
N ARG I 180 -40.66 -55.13 11.62
CA ARG I 180 -41.80 -56.00 11.88
C ARG I 180 -41.57 -57.40 11.31
N LYS I 181 -41.34 -57.49 10.00
CA LYS I 181 -41.28 -58.78 9.31
C LYS I 181 -40.07 -59.59 9.75
N ARG I 182 -38.88 -58.99 9.79
CA ARG I 182 -37.70 -59.75 10.17
C ARG I 182 -37.74 -60.16 11.63
N THR I 183 -38.31 -59.32 12.51
CA THR I 183 -38.44 -59.72 13.90
C THR I 183 -39.46 -60.84 14.06
N PHE I 184 -40.52 -60.83 13.25
CA PHE I 184 -41.50 -61.91 13.33
C PHE I 184 -40.90 -63.22 12.82
N LYS I 185 -40.15 -63.16 11.72
CA LYS I 185 -39.46 -64.33 11.19
C LYS I 185 -38.30 -64.76 12.06
N HIS I 186 -37.86 -63.90 12.98
CA HIS I 186 -36.97 -64.32 14.06
C HIS I 186 -37.70 -65.07 15.16
N LEU I 187 -38.73 -64.46 15.74
CA LEU I 187 -39.42 -65.06 16.89
C LEU I 187 -40.13 -66.35 16.53
N LYS I 188 -40.82 -66.41 15.39
CA LYS I 188 -41.54 -67.62 15.03
C LYS I 188 -40.63 -68.74 14.53
N GLU I 189 -39.63 -68.42 13.70
CA GLU I 189 -38.73 -69.44 13.19
C GLU I 189 -37.80 -70.00 14.27
N LYS I 190 -37.25 -69.11 15.12
CA LYS I 190 -36.34 -69.57 16.17
C LYS I 190 -37.04 -70.45 17.18
N TYR I 191 -38.33 -70.16 17.46
CA TYR I 191 -39.13 -71.01 18.38
C TYR I 191 -40.65 -70.80 18.19
N PRO I 192 -41.43 -71.78 17.65
CA PRO I 192 -42.87 -71.61 17.39
C PRO I 192 -43.89 -72.63 17.91
N ASP I 193 -43.65 -73.29 19.04
CA ASP I 193 -44.69 -74.20 19.59
C ASP I 193 -45.75 -73.48 20.41
N ALA I 194 -45.40 -73.04 21.62
CA ALA I 194 -46.28 -72.18 22.43
C ALA I 194 -46.57 -70.95 21.58
N VAL I 195 -45.70 -70.68 20.60
CA VAL I 195 -46.04 -69.53 19.77
C VAL I 195 -46.69 -69.81 18.42
N TYR I 196 -48.00 -69.55 18.33
CA TYR I 196 -48.68 -69.42 17.06
C TYR I 196 -48.53 -67.96 16.61
N LEU I 197 -48.48 -67.75 15.29
CA LEU I 197 -48.43 -66.39 14.78
C LEU I 197 -49.38 -66.29 13.61
N SER I 198 -50.25 -65.27 13.65
CA SER I 198 -51.17 -64.99 12.55
C SER I 198 -50.32 -64.41 11.41
N GLU I 199 -49.68 -65.32 10.68
CA GLU I 199 -48.70 -64.93 9.67
C GLU I 199 -49.39 -64.25 8.49
N GLY I 200 -49.32 -62.92 8.45
CA GLY I 200 -49.85 -62.16 7.35
C GLY I 200 -49.02 -60.92 7.09
N PRO I 201 -49.23 -60.29 5.93
CA PRO I 201 -48.51 -59.04 5.64
C PRO I 201 -48.79 -57.93 6.64
N SER I 202 -49.99 -57.88 7.21
CA SER I 202 -50.35 -56.84 8.17
C SER I 202 -50.89 -57.41 9.47
N SER I 203 -50.96 -58.72 9.61
CA SER I 203 -51.49 -59.38 10.81
C SER I 203 -50.35 -59.58 11.80
N CYS I 204 -50.29 -58.71 12.80
CA CYS I 204 -49.26 -58.78 13.84
C CYS I 204 -49.82 -59.42 15.10
N SER I 205 -50.16 -60.70 14.99
CA SER I 205 -50.87 -61.40 16.07
C SER I 205 -50.15 -62.73 16.37
N MET I 206 -49.58 -62.82 17.57
CA MET I 206 -48.85 -64.01 18.00
C MET I 206 -49.63 -64.76 19.07
N GLY I 207 -49.69 -66.08 18.94
CA GLY I 207 -50.28 -66.95 19.96
C GLY I 207 -49.27 -67.25 21.05
N ILE I 208 -49.79 -67.49 22.25
CA ILE I 208 -49.01 -67.92 23.40
C ILE I 208 -49.79 -69.04 24.09
N ARG I 209 -49.08 -70.03 24.61
CA ARG I 209 -49.74 -71.15 25.30
C ARG I 209 -48.78 -71.73 26.33
N SER I 210 -49.14 -71.61 27.60
CA SER I 210 -48.41 -72.24 28.69
C SER I 210 -49.29 -73.29 29.34
N ALA I 211 -48.69 -74.43 29.68
CA ALA I 211 -49.43 -75.58 30.18
C ALA I 211 -49.17 -75.90 31.65
N SER I 212 -48.35 -75.11 32.35
CA SER I 212 -48.23 -75.28 33.79
C SER I 212 -49.59 -75.05 34.46
N ARG I 213 -50.22 -73.92 34.16
CA ARG I 213 -51.65 -73.75 34.33
C ARG I 213 -52.30 -74.04 32.98
N PRO I 214 -53.21 -75.02 32.89
CA PRO I 214 -53.51 -75.64 31.59
C PRO I 214 -54.26 -74.75 30.60
N GLY I 215 -54.67 -73.54 30.96
CA GLY I 215 -55.53 -72.77 30.07
C GLY I 215 -55.12 -71.35 29.78
N PHE I 216 -53.83 -71.10 29.57
CA PHE I 216 -53.37 -69.74 29.36
C PHE I 216 -53.02 -69.47 27.90
N GLU I 217 -53.31 -68.24 27.48
CA GLU I 217 -53.01 -67.78 26.13
C GLU I 217 -52.86 -66.26 26.16
N LEU I 218 -51.90 -65.76 25.38
CA LEU I 218 -51.69 -64.32 25.27
C LEU I 218 -51.37 -63.99 23.82
N VAL I 219 -51.68 -62.76 23.43
CA VAL I 219 -51.35 -62.27 22.10
C VAL I 219 -50.82 -60.84 22.20
N ILE I 220 -49.66 -60.61 21.57
CA ILE I 220 -49.09 -59.27 21.45
C ILE I 220 -49.34 -58.78 20.04
N VAL I 221 -49.81 -57.53 19.93
CA VAL I 221 -50.17 -56.96 18.64
C VAL I 221 -49.22 -55.81 18.35
N TRP I 222 -48.53 -55.90 17.21
CA TRP I 222 -47.47 -54.97 16.82
C TRP I 222 -48.09 -53.92 15.90
N ARG I 223 -48.90 -53.04 16.49
CA ARG I 223 -49.71 -52.11 15.73
C ARG I 223 -48.87 -51.00 15.12
N ILE I 224 -49.30 -50.53 13.95
CA ILE I 224 -48.63 -49.47 13.20
C ILE I 224 -49.52 -48.24 13.21
N GLN I 225 -48.92 -47.09 13.52
CA GLN I 225 -49.65 -45.82 13.52
C GLN I 225 -48.71 -44.74 12.99
N ILE I 226 -49.06 -44.18 11.84
CA ILE I 226 -48.32 -43.05 11.27
C ILE I 226 -49.21 -41.82 11.33
N ASP I 227 -48.72 -40.76 11.96
CA ASP I 227 -49.51 -39.56 12.17
C ASP I 227 -49.62 -38.75 10.88
N GLU I 228 -50.28 -37.59 10.97
CA GLU I 228 -50.44 -36.71 9.83
C GLU I 228 -49.14 -36.01 9.46
N ASP I 229 -48.15 -35.99 10.35
CA ASP I 229 -46.87 -35.34 10.11
C ASP I 229 -45.87 -36.27 9.42
N GLY I 230 -46.23 -37.52 9.17
CA GLY I 230 -45.33 -38.47 8.56
C GLY I 230 -44.40 -39.17 9.52
N LYS I 231 -44.41 -38.81 10.80
CA LYS I 231 -43.59 -39.49 11.79
C LYS I 231 -44.20 -40.86 12.10
N VAL I 232 -43.37 -41.90 12.09
CA VAL I 232 -43.85 -43.22 12.46
C VAL I 232 -43.97 -43.29 13.99
N PHE I 233 -45.11 -43.80 14.46
CA PHE I 233 -45.37 -43.95 15.89
C PHE I 233 -45.60 -45.42 16.19
N PRO I 234 -44.61 -46.14 16.72
CA PRO I 234 -44.79 -47.58 16.96
C PRO I 234 -45.75 -47.84 18.10
N LYS I 235 -46.96 -48.29 17.78
CA LYS I 235 -47.93 -48.66 18.79
C LYS I 235 -47.67 -50.11 19.20
N LEU I 236 -46.94 -50.30 20.29
CA LEU I 236 -46.52 -51.62 20.76
C LEU I 236 -47.52 -52.05 21.83
N ASP I 237 -48.66 -52.56 21.37
CA ASP I 237 -49.73 -52.95 22.27
C ASP I 237 -49.61 -54.42 22.66
N LEU I 238 -50.14 -54.73 23.83
CA LEU I 238 -50.32 -56.13 24.26
C LEU I 238 -51.84 -56.28 24.38
N LEU I 239 -52.46 -56.71 23.30
CA LEU I 239 -53.91 -56.72 23.16
C LEU I 239 -54.42 -58.05 23.70
N THR I 240 -54.59 -58.13 25.02
CA THR I 240 -54.62 -59.39 25.75
C THR I 240 -56.02 -59.96 25.88
N LYS I 241 -56.13 -61.29 25.75
CA LYS I 241 -57.32 -62.03 26.18
C LYS I 241 -56.90 -63.48 26.40
N VAL I 242 -57.14 -63.98 27.61
CA VAL I 242 -56.96 -65.40 27.89
C VAL I 242 -58.29 -66.12 27.72
N PRO I 243 -58.33 -67.35 27.23
CA PRO I 243 -59.61 -68.07 27.12
C PRO I 243 -60.24 -68.31 28.47
N GLN I 244 -61.51 -68.72 28.43
CA GLN I 244 -62.30 -68.92 29.63
C GLN I 244 -61.96 -70.20 30.38
N ARG I 245 -61.03 -71.00 29.86
CA ARG I 245 -60.63 -72.24 30.51
C ARG I 245 -59.93 -71.98 31.85
N ALA I 246 -59.03 -70.98 31.89
CA ALA I 246 -58.30 -70.66 33.11
C ALA I 246 -58.21 -69.15 33.35
N LEU I 247 -59.27 -68.40 33.03
CA LEU I 247 -59.26 -66.97 33.29
C LEU I 247 -59.19 -66.67 34.78
N GLU I 248 -59.85 -67.47 35.60
CA GLU I 248 -59.96 -67.22 37.03
C GLU I 248 -59.20 -68.26 37.86
N LEU I 249 -58.01 -68.63 37.40
CA LEU I 249 -57.16 -69.58 38.11
C LEU I 249 -55.99 -68.93 38.84
N ASP I 250 -55.29 -67.99 38.19
CA ASP I 250 -54.22 -67.27 38.85
C ASP I 250 -54.76 -66.43 40.00
N LYS I 251 -55.87 -65.73 39.76
CA LYS I 251 -56.53 -64.88 40.77
C LYS I 251 -55.58 -63.80 41.29
N ASN I 252 -54.66 -63.35 40.46
CA ASN I 252 -53.74 -62.27 40.80
C ASN I 252 -53.96 -61.08 39.88
N ARG I 253 -53.36 -59.95 40.26
CA ARG I 253 -53.44 -58.72 39.46
C ARG I 253 -52.37 -58.65 38.39
N ALA I 254 -51.75 -59.79 38.05
CA ALA I 254 -50.74 -59.84 37.00
C ALA I 254 -51.33 -59.67 35.60
N ILE I 255 -52.55 -60.12 35.38
CA ILE I 255 -53.18 -60.03 34.07
C ILE I 255 -53.84 -58.67 33.85
N GLU I 256 -54.41 -58.05 34.90
CA GLU I 256 -55.06 -56.76 34.75
C GLU I 256 -54.07 -55.65 34.40
N THR I 257 -52.81 -55.78 34.84
CA THR I 257 -51.78 -54.79 34.57
C THR I 257 -50.90 -55.16 33.38
N ALA I 258 -51.23 -56.23 32.67
CA ALA I 258 -50.42 -56.74 31.56
C ALA I 258 -50.18 -55.73 30.44
N PRO I 259 -51.19 -55.06 29.90
CA PRO I 259 -50.93 -54.18 28.75
C PRO I 259 -50.31 -52.84 29.14
N LEU I 260 -50.47 -52.39 30.38
CA LEU I 260 -49.72 -51.24 30.88
C LEU I 260 -48.28 -51.58 31.21
N SER I 261 -48.02 -52.79 31.72
CA SER I 261 -46.66 -53.23 32.00
C SER I 261 -45.92 -53.64 30.74
N PHE I 262 -46.62 -53.91 29.64
CA PHE I 262 -45.93 -54.21 28.39
C PHE I 262 -45.14 -53.01 27.89
N ARG I 263 -45.66 -51.80 28.06
CA ARG I 263 -44.92 -50.61 27.65
C ARG I 263 -43.64 -50.45 28.44
N THR I 264 -43.65 -50.85 29.71
CA THR I 264 -42.42 -50.93 30.49
C THR I 264 -41.49 -52.04 30.01
N LEU I 265 -42.05 -53.20 29.65
CA LEU I 265 -41.24 -54.35 29.26
C LEU I 265 -40.39 -54.04 28.03
N VAL I 266 -40.96 -53.36 27.03
CA VAL I 266 -40.21 -53.04 25.83
C VAL I 266 -39.06 -52.07 26.11
N GLY I 267 -39.20 -51.20 27.11
CA GLY I 267 -38.14 -50.27 27.42
C GLY I 267 -36.94 -50.90 28.12
N LEU I 268 -37.11 -52.09 28.69
CA LEU I 268 -36.00 -52.78 29.34
C LEU I 268 -34.97 -53.28 28.32
N LEU I 269 -35.36 -54.26 27.52
CA LEU I 269 -34.47 -54.88 26.55
C LEU I 269 -34.69 -54.24 25.19
N GLY I 270 -34.09 -54.81 24.16
CA GLY I 270 -34.41 -54.42 22.81
C GLY I 270 -35.87 -54.71 22.51
N ILE I 271 -36.41 -53.95 21.56
CA ILE I 271 -37.83 -54.08 21.23
C ILE I 271 -38.13 -55.49 20.77
N GLU I 272 -37.28 -56.04 19.90
CA GLU I 272 -37.38 -57.46 19.58
C GLU I 272 -36.92 -58.34 20.75
N ALA I 273 -35.89 -57.89 21.48
CA ALA I 273 -35.42 -58.65 22.64
C ALA I 273 -36.49 -58.73 23.72
N ALA I 274 -37.25 -57.65 23.91
CA ALA I 274 -38.33 -57.68 24.89
C ALA I 274 -39.41 -58.69 24.50
N LEU I 275 -39.78 -58.74 23.21
CA LEU I 275 -40.74 -59.74 22.76
C LEU I 275 -40.19 -61.15 22.94
N GLU I 276 -38.91 -61.37 22.62
CA GLU I 276 -38.33 -62.69 22.77
C GLU I 276 -38.28 -63.11 24.23
N SER I 277 -37.97 -62.17 25.14
CA SER I 277 -37.94 -62.48 26.55
C SER I 277 -39.34 -62.72 27.12
N LEU I 278 -40.35 -61.97 26.67
CA LEU I 278 -41.71 -62.26 27.06
C LEU I 278 -42.14 -63.65 26.58
N ILE I 279 -41.72 -64.03 25.37
CA ILE I 279 -41.98 -65.38 24.88
C ILE I 279 -41.30 -66.41 25.78
N LYS I 280 -40.03 -66.18 26.12
CA LYS I 280 -39.26 -67.13 26.92
C LYS I 280 -39.69 -67.20 28.37
N SER I 281 -40.42 -66.19 28.87
CA SER I 281 -40.82 -66.18 30.27
C SER I 281 -42.33 -66.26 30.44
N LEU I 282 -43.07 -66.41 29.34
CA LEU I 282 -44.53 -66.50 29.43
C LEU I 282 -45.11 -67.74 28.77
N CYS I 283 -44.62 -68.13 27.59
CA CYS I 283 -45.06 -69.36 26.96
C CYS I 283 -43.99 -70.46 26.99
N ALA I 284 -42.73 -70.09 27.25
CA ALA I 284 -41.68 -71.06 27.49
C ALA I 284 -41.58 -71.44 28.96
N GLU I 285 -42.49 -70.94 29.80
CA GLU I 285 -42.58 -71.42 31.18
C GLU I 285 -42.85 -72.92 31.23
N GLU I 286 -43.52 -73.47 30.21
CA GLU I 286 -43.59 -74.90 30.00
C GLU I 286 -42.30 -75.48 29.43
N ASN I 287 -41.63 -74.74 28.54
CA ASN I 287 -40.37 -75.20 28.00
C ASN I 287 -39.24 -75.11 29.02
N ASN I 288 -39.29 -74.12 29.90
CA ASN I 288 -38.27 -73.93 30.92
C ASN I 288 -38.75 -74.47 32.28
N SER J 77 8.91 22.27 43.32
CA SER J 77 7.70 22.84 43.91
C SER J 77 7.86 24.34 44.14
N LYS J 78 8.38 25.04 43.14
CA LYS J 78 8.57 26.48 43.27
C LYS J 78 7.27 27.24 43.02
N SER J 79 6.70 27.09 41.82
CA SER J 79 5.44 27.75 41.52
C SER J 79 4.36 27.43 42.54
N THR J 80 4.43 26.26 43.18
CA THR J 80 3.56 25.97 44.31
C THR J 80 3.75 26.99 45.42
N ARG J 81 5.00 27.32 45.75
CA ARG J 81 5.19 28.26 46.85
C ARG J 81 4.99 29.71 46.44
N ASP J 82 5.09 30.06 45.15
CA ASP J 82 4.61 31.38 44.74
C ASP J 82 3.09 31.46 44.79
N HIS J 83 2.40 30.34 44.54
CA HIS J 83 0.95 30.41 44.75
C HIS J 83 0.62 30.46 46.23
N LEU J 84 1.45 29.83 47.07
CA LEU J 84 1.37 30.02 48.52
C LEU J 84 1.55 31.49 48.89
N GLN J 85 2.56 32.13 48.31
CA GLN J 85 2.73 33.56 48.58
C GLN J 85 1.54 34.36 48.08
N THR J 86 0.91 33.93 46.99
CA THR J 86 -0.30 34.59 46.52
C THR J 86 -1.44 34.47 47.54
N MET J 87 -1.68 33.27 48.08
CA MET J 87 -2.86 33.15 48.94
C MET J 87 -2.62 33.75 50.32
N MET J 88 -1.41 33.64 50.89
CA MET J 88 -1.27 34.35 52.15
C MET J 88 -1.02 35.84 51.92
N GLU J 89 -0.76 36.24 50.67
CA GLU J 89 -0.94 37.64 50.30
C GLU J 89 -2.40 38.05 50.23
N SER J 90 -3.30 37.13 49.89
CA SER J 90 -4.73 37.44 50.04
C SER J 90 -5.10 37.57 51.51
N VAL J 91 -4.48 36.77 52.37
CA VAL J 91 -4.62 36.99 53.81
C VAL J 91 -4.05 38.35 54.22
N ILE J 92 -2.87 38.70 53.70
CA ILE J 92 -2.34 40.07 53.83
C ILE J 92 -3.39 41.07 53.40
N MET J 93 -4.05 40.79 52.29
CA MET J 93 -5.04 41.67 51.71
C MET J 93 -6.16 41.95 52.71
N THR J 94 -6.70 40.89 53.32
CA THR J 94 -7.80 41.09 54.25
C THR J 94 -7.36 41.77 55.54
N ILE J 95 -6.18 41.41 56.09
CA ILE J 95 -5.78 42.04 57.34
C ILE J 95 -5.50 43.53 57.11
N LEU J 96 -4.82 43.85 56.02
CA LEU J 96 -4.66 45.24 55.61
C LEU J 96 -5.99 45.95 55.39
N SER J 97 -7.00 45.24 54.89
CA SER J 97 -8.33 45.84 54.78
C SER J 97 -8.88 46.23 56.14
N ASN J 98 -8.85 45.30 57.11
CA ASN J 98 -9.25 45.63 58.47
C ASN J 98 -8.21 46.44 59.25
N SER J 99 -6.94 46.44 58.82
CA SER J 99 -5.85 47.13 59.55
C SER J 99 -5.18 48.18 58.65
N ILE J 100 -5.95 49.15 58.16
CA ILE J 100 -5.45 50.23 57.30
C ILE J 100 -4.77 51.26 58.20
N LYS J 101 -5.05 51.24 59.50
CA LYS J 101 -4.41 52.15 60.44
C LYS J 101 -3.03 51.65 60.83
N GLU J 102 -2.66 50.44 60.42
CA GLU J 102 -1.29 49.95 60.56
C GLU J 102 -0.72 49.84 59.15
N LYS J 103 -0.15 50.92 58.66
CA LYS J 103 0.54 50.89 57.37
C LYS J 103 2.01 50.54 57.49
N GLU J 104 2.77 51.26 58.32
CA GLU J 104 4.15 50.91 58.60
C GLU J 104 4.29 49.59 59.34
N GLU J 105 3.39 49.29 60.28
CA GLU J 105 3.46 48.03 61.04
C GLU J 105 3.26 46.85 60.09
N ILE J 106 2.24 46.92 59.24
CA ILE J 106 2.02 45.84 58.28
C ILE J 106 3.04 45.86 57.15
N GLN J 107 3.71 46.99 56.90
CA GLN J 107 4.80 46.96 55.93
C GLN J 107 5.99 46.19 56.50
N TYR J 108 6.30 46.41 57.78
CA TYR J 108 7.29 45.58 58.46
C TYR J 108 6.88 44.11 58.43
N HIS J 109 5.60 43.84 58.67
CA HIS J 109 5.10 42.47 58.65
C HIS J 109 5.23 41.88 57.25
N LEU J 110 5.05 42.69 56.22
CA LEU J 110 5.27 42.29 54.83
C LEU J 110 6.74 41.95 54.54
N ASN J 111 7.66 42.77 55.05
CA ASN J 111 9.07 42.43 54.90
C ASN J 111 9.35 41.08 55.57
N PHE J 112 8.79 40.88 56.76
CA PHE J 112 8.99 39.60 57.44
C PHE J 112 8.32 38.46 56.69
N LEU J 113 7.26 38.74 55.92
CA LEU J 113 6.63 37.70 55.12
C LEU J 113 7.48 37.32 53.92
N LYS J 114 8.09 38.29 53.26
CA LYS J 114 9.10 37.98 52.25
C LYS J 114 10.25 37.19 52.88
N LYS J 115 10.54 37.48 54.15
CA LYS J 115 11.52 36.69 54.89
C LYS J 115 11.04 35.24 55.08
N ARG J 116 9.76 35.04 55.38
CA ARG J 116 9.21 33.69 55.46
C ARG J 116 9.37 32.97 54.12
N LEU J 117 9.10 33.70 53.03
CA LEU J 117 9.28 33.13 51.70
C LEU J 117 10.71 32.64 51.52
N LEU J 118 11.67 33.54 51.72
CA LEU J 118 13.08 33.21 51.59
C LEU J 118 13.54 32.15 52.58
N GLN J 119 12.79 31.94 53.66
CA GLN J 119 13.17 31.01 54.72
C GLN J 119 12.69 29.58 54.45
N GLN J 120 11.46 29.40 53.98
CA GLN J 120 11.03 28.01 53.80
C GLN J 120 11.12 27.57 52.35
N CYS J 121 11.13 28.49 51.38
CA CYS J 121 11.32 28.08 50.00
C CYS J 121 12.70 27.46 49.79
N GLU J 122 13.73 28.02 50.43
CA GLU J 122 15.08 27.51 50.27
C GLU J 122 15.24 26.13 50.90
N THR J 123 14.80 25.97 52.15
CA THR J 123 14.98 24.72 52.87
C THR J 123 14.19 23.58 52.22
N LEU J 124 12.87 23.69 52.23
CA LEU J 124 11.94 22.65 51.75
C LEU J 124 12.43 21.22 51.98
N LYS J 130 1.93 21.20 42.56
CA LYS J 130 0.83 22.16 42.38
C LYS J 130 0.07 22.30 43.69
N MET J 131 -0.77 23.32 43.80
CA MET J 131 -1.76 23.30 44.88
C MET J 131 -3.20 23.40 44.36
N GLU J 132 -3.49 24.33 43.45
CA GLU J 132 -4.83 24.36 42.89
C GLU J 132 -5.12 23.07 42.13
N ASP J 133 -4.18 22.61 41.31
CA ASP J 133 -4.34 21.34 40.63
C ASP J 133 -4.43 20.20 41.63
N LEU J 134 -3.62 20.21 42.69
CA LEU J 134 -3.72 19.16 43.70
C LEU J 134 -5.11 19.13 44.32
N THR J 135 -5.67 20.31 44.65
CA THR J 135 -7.00 20.33 45.24
C THR J 135 -8.05 19.78 44.30
N ASN J 136 -8.05 20.25 43.04
CA ASN J 136 -9.07 19.81 42.09
C ASN J 136 -8.94 18.33 41.78
N VAL J 137 -7.73 17.84 41.52
CA VAL J 137 -7.58 16.42 41.21
C VAL J 137 -7.77 15.55 42.46
N SER J 138 -7.51 16.09 43.65
CA SER J 138 -7.79 15.35 44.87
C SER J 138 -9.29 15.15 45.05
N SER J 139 -10.07 16.21 44.83
CA SER J 139 -11.52 16.05 44.86
C SER J 139 -11.99 15.11 43.76
N LEU J 140 -11.44 15.24 42.54
CA LEU J 140 -11.86 14.38 41.44
C LEU J 140 -11.59 12.93 41.77
N LEU J 141 -10.41 12.62 42.28
CA LEU J 141 -10.11 11.27 42.73
C LEU J 141 -10.95 10.87 43.94
N ASN J 142 -11.44 11.83 44.72
CA ASN J 142 -12.30 11.50 45.85
C ASN J 142 -13.64 10.95 45.38
N MET J 143 -14.31 11.64 44.45
CA MET J 143 -15.51 11.00 43.90
C MET J 143 -15.19 9.83 42.98
N GLU J 144 -13.99 9.77 42.39
CA GLU J 144 -13.62 8.56 41.66
C GLU J 144 -13.53 7.36 42.59
N ARG J 145 -12.98 7.55 43.79
CA ARG J 145 -12.92 6.45 44.76
C ARG J 145 -14.26 6.21 45.43
N ALA J 146 -15.15 7.21 45.44
CA ALA J 146 -16.52 6.94 45.84
C ALA J 146 -17.21 6.01 44.84
N ARG J 147 -17.12 6.36 43.56
CA ARG J 147 -17.55 5.46 42.49
C ARG J 147 -16.85 4.11 42.62
N ASP J 148 -15.60 4.12 43.08
CA ASP J 148 -14.84 2.89 43.25
C ASP J 148 -15.37 2.01 44.36
N LYS J 149 -15.75 2.59 45.51
CA LYS J 149 -16.31 1.74 46.55
C LYS J 149 -17.69 1.27 46.14
N ALA J 150 -18.38 2.06 45.31
CA ALA J 150 -19.59 1.56 44.66
C ALA J 150 -19.30 0.34 43.79
N ASN J 151 -18.25 0.39 42.96
CA ASN J 151 -17.89 -0.78 42.18
C ASN J 151 -17.45 -1.93 43.07
N GLU J 152 -16.84 -1.63 44.20
CA GLU J 152 -16.43 -2.68 45.13
C GLU J 152 -17.62 -3.37 45.77
N GLU J 153 -18.61 -2.62 46.25
CA GLU J 153 -19.81 -3.26 46.79
C GLU J 153 -20.56 -4.00 45.69
N GLY J 154 -20.53 -3.48 44.46
CA GLY J 154 -21.12 -4.19 43.35
C GLY J 154 -20.44 -5.50 43.05
N LEU J 155 -19.12 -5.46 42.82
CA LEU J 155 -18.38 -6.65 42.45
C LEU J 155 -18.33 -7.66 43.59
N ALA J 156 -18.11 -7.19 44.82
CA ALA J 156 -18.04 -8.09 45.96
C ALA J 156 -19.38 -8.76 46.20
N LEU J 157 -20.48 -8.00 46.14
CA LEU J 157 -21.79 -8.62 46.34
C LEU J 157 -22.18 -9.53 45.19
N LEU J 158 -21.84 -9.16 43.95
CA LEU J 158 -22.13 -10.03 42.81
C LEU J 158 -21.30 -11.30 42.87
N GLN J 159 -20.02 -11.19 43.26
CA GLN J 159 -19.20 -12.38 43.46
C GLN J 159 -19.71 -13.22 44.62
N GLU J 160 -20.25 -12.56 45.66
CA GLU J 160 -20.78 -13.31 46.79
C GLU J 160 -22.07 -14.04 46.43
N GLU J 161 -22.93 -13.44 45.62
CA GLU J 161 -24.12 -14.15 45.19
C GLU J 161 -23.80 -15.21 44.13
N ILE J 162 -22.81 -14.97 43.28
CA ILE J 162 -22.35 -16.00 42.35
C ILE J 162 -21.71 -17.15 43.12
N ASP J 163 -20.98 -16.83 44.19
CA ASP J 163 -20.41 -17.83 45.09
C ASP J 163 -21.47 -18.57 45.88
N LYS J 164 -22.54 -17.91 46.30
CA LYS J 164 -23.68 -18.61 46.89
C LYS J 164 -24.34 -19.51 45.85
N MET J 165 -24.43 -19.03 44.61
CA MET J 165 -24.98 -19.84 43.53
C MET J 165 -24.15 -21.09 43.29
N VAL J 166 -22.83 -20.96 43.25
CA VAL J 166 -21.99 -22.13 42.99
C VAL J 166 -21.81 -22.96 44.25
N GLU J 167 -22.06 -22.38 45.42
CA GLU J 167 -22.08 -23.16 46.65
C GLU J 167 -23.34 -24.00 46.75
N THR J 168 -24.49 -23.43 46.38
CA THR J 168 -25.71 -24.22 46.25
C THR J 168 -25.56 -25.27 45.16
N THR J 169 -24.94 -24.92 44.03
CA THR J 169 -24.64 -25.88 42.98
C THR J 169 -23.65 -26.95 43.42
N GLU J 170 -22.70 -26.62 44.31
CA GLU J 170 -21.77 -27.62 44.81
C GLU J 170 -22.43 -28.52 45.85
N LEU J 171 -23.32 -27.96 46.68
CA LEU J 171 -24.15 -28.79 47.54
C LEU J 171 -24.99 -29.76 46.70
N MET J 172 -25.60 -29.26 45.63
CA MET J 172 -26.38 -30.07 44.70
C MET J 172 -25.54 -31.14 44.01
N THR J 173 -24.36 -30.78 43.50
CA THR J 173 -23.50 -31.73 42.79
C THR J 173 -22.90 -32.76 43.74
N GLY J 174 -22.55 -32.37 44.97
CA GLY J 174 -22.12 -33.35 45.94
C GLY J 174 -23.22 -34.28 46.40
N ASN J 175 -24.41 -33.73 46.63
CA ASN J 175 -25.60 -34.53 46.86
C ASN J 175 -25.76 -35.53 45.73
N ILE J 176 -25.56 -35.07 44.49
CA ILE J 176 -25.78 -35.96 43.35
C ILE J 176 -24.64 -36.96 43.14
N GLN J 177 -23.39 -36.60 43.41
CA GLN J 177 -22.36 -37.61 43.20
C GLN J 177 -22.55 -38.70 44.25
N SER J 178 -22.74 -38.32 45.52
CA SER J 178 -23.00 -39.36 46.52
C SER J 178 -24.32 -40.08 46.30
N LEU J 179 -25.36 -39.38 45.86
CA LEU J 179 -26.69 -39.98 45.75
C LEU J 179 -26.78 -40.86 44.52
N LYS J 180 -26.14 -40.47 43.42
CA LYS J 180 -26.05 -41.32 42.24
C LYS J 180 -24.99 -42.40 42.39
N ASN J 181 -24.08 -42.26 43.35
CA ASN J 181 -23.26 -43.41 43.75
C ASN J 181 -24.11 -44.43 44.49
N LYS J 182 -24.96 -43.96 45.42
CA LYS J 182 -25.79 -44.88 46.17
C LYS J 182 -26.89 -45.50 45.30
N ILE J 183 -27.43 -44.75 44.33
CA ILE J 183 -28.36 -45.34 43.37
C ILE J 183 -27.64 -45.98 42.18
N GLN J 184 -26.32 -45.84 42.05
CA GLN J 184 -25.66 -46.75 41.11
C GLN J 184 -25.39 -48.08 41.78
N ILE J 185 -25.18 -48.09 43.10
CA ILE J 185 -25.30 -49.35 43.85
C ILE J 185 -26.71 -49.91 43.70
N LEU J 186 -27.72 -49.04 43.84
CA LEU J 186 -29.10 -49.46 43.62
C LEU J 186 -29.32 -49.93 42.19
N ALA J 187 -28.65 -49.33 41.22
CA ALA J 187 -28.82 -49.70 39.82
C ALA J 187 -28.18 -51.05 39.54
N SER J 188 -27.04 -51.33 40.17
CA SER J 188 -26.52 -52.69 40.15
C SER J 188 -27.48 -53.66 40.80
N GLU J 189 -28.19 -53.24 41.86
CA GLU J 189 -29.23 -54.07 42.43
C GLU J 189 -30.37 -54.30 41.43
N VAL J 190 -30.73 -53.27 40.67
CA VAL J 190 -31.72 -53.38 39.61
C VAL J 190 -31.28 -54.29 38.48
N GLU J 191 -29.99 -54.29 38.12
CA GLU J 191 -29.50 -55.25 37.13
C GLU J 191 -29.50 -56.66 37.68
N GLU J 192 -29.11 -56.83 38.94
CA GLU J 192 -29.20 -58.15 39.57
C GLU J 192 -30.63 -58.65 39.65
N GLU J 193 -31.61 -57.75 39.78
CA GLU J 193 -33.01 -58.13 39.66
C GLU J 193 -33.37 -58.41 38.20
N GLU J 194 -32.75 -57.67 37.28
CA GLU J 194 -32.84 -58.00 35.86
C GLU J 194 -32.16 -59.33 35.58
N GLU J 195 -31.04 -59.59 36.24
CA GLU J 195 -30.47 -60.93 36.29
C GLU J 195 -31.46 -61.89 36.93
N ARG J 196 -31.26 -63.19 36.70
CA ARG J 196 -32.18 -64.25 37.13
C ARG J 196 -33.51 -64.18 36.38
N LYS J 217 -37.06 -42.62 21.49
CA LYS J 217 -38.50 -42.40 21.58
C LYS J 217 -39.26 -43.68 21.30
N THR J 218 -38.67 -44.82 21.68
CA THR J 218 -39.34 -46.10 21.50
C THR J 218 -40.62 -46.19 22.31
N LEU J 219 -40.61 -45.66 23.54
CA LEU J 219 -41.80 -45.62 24.38
C LEU J 219 -42.27 -44.21 24.70
N LYS J 220 -41.40 -43.20 24.57
CA LYS J 220 -41.82 -41.82 24.81
C LYS J 220 -42.85 -41.36 23.79
N ALA J 221 -42.66 -41.70 22.51
CA ALA J 221 -43.64 -41.34 21.50
C ALA J 221 -44.96 -42.05 21.72
N PRO J 222 -44.91 -43.34 22.09
CA PRO J 222 -46.11 -44.14 22.34
C PRO J 222 -46.51 -44.13 23.81
N THR J 223 -46.15 -43.08 24.56
CA THR J 223 -46.48 -43.03 25.98
C THR J 223 -47.97 -42.82 26.23
N LEU J 224 -48.73 -42.43 25.21
CA LEU J 224 -50.15 -42.17 25.35
C LEU J 224 -51.02 -43.18 24.62
N GLN J 225 -50.43 -44.23 24.05
CA GLN J 225 -51.20 -45.23 23.31
C GLN J 225 -51.83 -46.29 24.19
N LYS J 226 -51.58 -46.25 25.50
CA LYS J 226 -52.14 -47.26 26.39
C LYS J 226 -53.62 -47.03 26.67
N GLU J 227 -54.12 -45.82 26.43
CA GLU J 227 -55.53 -45.55 26.66
C GLU J 227 -56.43 -46.31 25.69
N ILE J 228 -55.91 -46.62 24.50
CA ILE J 228 -56.71 -47.35 23.51
C ILE J 228 -56.96 -48.78 23.95
N LEU J 229 -56.07 -49.35 24.77
CA LEU J 229 -56.27 -50.72 25.25
C LEU J 229 -57.51 -50.82 26.12
N ALA J 230 -57.74 -49.83 26.99
CA ALA J 230 -58.92 -49.86 27.84
C ALA J 230 -60.20 -49.75 27.03
N LEU J 231 -60.22 -48.91 26.00
CA LEU J 231 -61.39 -48.74 25.16
C LEU J 231 -61.58 -49.94 24.24
N GLN J 235 -69.54 -57.32 29.50
CA GLN J 235 -70.61 -56.55 28.87
C GLN J 235 -71.36 -57.41 27.85
N ASN J 236 -72.50 -56.90 27.38
CA ASN J 236 -73.30 -57.61 26.38
C ASN J 236 -72.51 -57.77 25.08
N ALA J 237 -71.84 -56.70 24.66
CA ALA J 237 -71.02 -56.75 23.45
C ALA J 237 -69.84 -57.70 23.61
N LEU J 238 -69.19 -57.65 24.78
CA LEU J 238 -68.02 -58.49 25.02
C LEU J 238 -68.39 -59.97 24.99
N LEU J 239 -69.46 -60.33 25.70
CA LEU J 239 -69.91 -61.71 25.75
C LEU J 239 -70.40 -62.22 24.40
N LYS J 240 -71.16 -61.42 23.67
CA LYS J 240 -71.64 -61.84 22.36
C LYS J 240 -70.49 -62.02 21.38
N ASP J 241 -69.54 -61.08 21.39
CA ASP J 241 -68.38 -61.17 20.51
C ASP J 241 -67.53 -62.40 20.85
N LEU J 242 -67.32 -62.64 22.15
CA LEU J 242 -66.53 -63.79 22.58
C LEU J 242 -67.19 -65.09 22.16
N ASP J 243 -68.51 -65.19 22.33
CA ASP J 243 -69.24 -66.35 21.85
C ASP J 243 -69.14 -66.47 20.33
N ILE J 244 -69.26 -65.34 19.63
CA ILE J 244 -69.06 -65.34 18.18
C ILE J 244 -67.61 -65.68 17.84
N LEU J 245 -66.65 -65.18 18.60
CA LEU J 245 -65.24 -65.48 18.38
C LEU J 245 -64.93 -66.96 18.56
N HIS J 246 -65.61 -67.64 19.50
CA HIS J 246 -65.46 -69.08 19.61
C HIS J 246 -65.92 -69.79 18.35
N ASN J 247 -67.04 -69.37 17.77
CA ASN J 247 -67.44 -69.88 16.46
C ASN J 247 -66.51 -69.36 15.37
N SER J 248 -66.05 -68.11 15.49
CA SER J 248 -65.08 -67.58 14.54
C SER J 248 -63.72 -68.25 14.67
N SER J 249 -63.41 -68.82 15.83
CA SER J 249 -62.20 -69.62 15.96
C SER J 249 -62.24 -70.85 15.07
N GLN J 250 -63.41 -71.50 14.98
CA GLN J 250 -63.58 -72.57 14.01
C GLN J 250 -63.44 -72.04 12.59
N MET J 251 -63.99 -70.86 12.33
CA MET J 251 -63.77 -70.21 11.04
C MET J 251 -62.29 -69.87 10.84
N LYS J 252 -61.64 -69.40 11.89
CA LYS J 252 -60.21 -69.11 11.85
C LYS J 252 -59.35 -70.37 11.69
N SER J 253 -59.91 -71.54 12.00
CA SER J 253 -59.17 -72.78 11.77
C SER J 253 -58.91 -73.01 10.29
N MET J 254 -59.82 -72.50 9.44
CA MET J 254 -59.62 -72.62 7.99
C MET J 254 -59.19 -71.29 7.38
N SER J 255 -59.65 -70.17 7.96
CA SER J 255 -59.34 -68.86 7.40
C SER J 255 -57.97 -68.34 7.83
N THR J 256 -57.69 -68.28 9.13
CA THR J 256 -56.39 -67.81 9.60
C THR J 256 -55.29 -68.76 9.15
N PHE J 257 -55.55 -70.06 9.17
CA PHE J 257 -54.58 -71.03 8.68
C PHE J 257 -54.27 -70.82 7.20
N ILE J 258 -55.28 -70.55 6.39
CA ILE J 258 -55.05 -70.21 4.99
C ILE J 258 -54.25 -68.93 4.87
N GLU J 259 -54.59 -67.92 5.68
CA GLU J 259 -53.81 -66.70 5.72
C GLU J 259 -52.39 -66.94 6.22
N GLU J 260 -52.22 -67.79 7.24
CA GLU J 260 -50.87 -68.12 7.71
C GLU J 260 -50.11 -68.94 6.68
N ALA J 261 -50.81 -69.60 5.77
CA ALA J 261 -50.16 -70.38 4.71
C ALA J 261 -49.94 -69.56 3.45
N TYR J 262 -50.92 -68.74 3.05
CA TYR J 262 -50.77 -67.91 1.87
C TYR J 262 -49.65 -66.90 2.05
N LYS J 263 -49.58 -66.28 3.23
CA LYS J 263 -48.50 -65.33 3.50
C LYS J 263 -47.16 -66.05 3.64
N LYS J 264 -47.17 -67.27 4.19
CA LYS J 264 -45.95 -68.06 4.26
C LYS J 264 -45.39 -68.32 2.86
N LEU J 265 -46.27 -68.66 1.92
CA LEU J 265 -45.86 -68.77 0.53
C LEU J 265 -45.39 -67.42 -0.01
N ASP J 266 -46.10 -66.36 0.35
CA ASP J 266 -45.68 -65.01 -0.04
C ASP J 266 -44.33 -64.65 0.59
N ALA J 267 -44.15 -64.98 1.87
CA ALA J 267 -42.90 -64.70 2.54
C ALA J 267 -41.76 -65.51 1.94
N SER J 268 -42.02 -66.77 1.63
CA SER J 268 -41.01 -67.65 1.04
C SER J 268 -40.81 -67.32 -0.44
N GLN K 10 9.62 50.01 46.92
CA GLN K 10 9.59 50.61 48.24
C GLN K 10 8.43 51.60 48.29
N GLN K 11 8.37 52.49 47.30
CA GLN K 11 7.15 53.21 47.01
C GLN K 11 6.13 52.35 46.25
N ARG K 12 6.61 51.40 45.43
CA ARG K 12 5.66 50.52 44.74
C ARG K 12 4.88 49.66 45.73
N PHE K 13 5.59 48.98 46.65
CA PHE K 13 4.90 48.18 47.65
C PHE K 13 4.04 49.05 48.57
N SER K 14 4.62 50.10 49.16
CA SER K 14 3.88 50.91 50.11
C SER K 14 2.66 51.56 49.46
N TYR K 15 2.68 51.75 48.14
CA TYR K 15 1.48 52.22 47.48
C TYR K 15 0.51 51.08 47.20
N GLN K 16 0.90 50.11 46.36
CA GLN K 16 -0.08 49.15 45.89
C GLN K 16 -0.67 48.34 47.04
N GLN K 17 0.09 48.13 48.12
CA GLN K 17 -0.51 47.48 49.28
C GLN K 17 -1.74 48.24 49.77
N ARG K 18 -1.61 49.55 49.98
CA ARG K 18 -2.73 50.31 50.54
C ARG K 18 -3.85 50.49 49.52
N LEU K 19 -3.53 50.69 48.24
CA LEU K 19 -4.64 50.73 47.28
C LEU K 19 -5.39 49.41 47.14
N LYS K 20 -4.73 48.27 46.97
CA LYS K 20 -5.55 47.06 46.86
C LYS K 20 -6.23 46.74 48.18
N ALA K 21 -5.62 47.12 49.31
CA ALA K 21 -6.33 46.92 50.58
C ALA K 21 -7.62 47.73 50.64
N ALA K 22 -7.58 48.99 50.21
CA ALA K 22 -8.80 49.79 50.20
C ALA K 22 -9.84 49.23 49.25
N VAL K 23 -9.44 48.91 48.01
CA VAL K 23 -10.43 48.44 47.05
C VAL K 23 -10.99 47.10 47.48
N HIS K 24 -10.15 46.23 48.08
CA HIS K 24 -10.65 44.93 48.51
C HIS K 24 -11.56 45.07 49.72
N TYR K 25 -11.27 46.00 50.63
CA TYR K 25 -12.22 46.27 51.70
C TYR K 25 -13.58 46.66 51.13
N THR K 26 -13.61 47.62 50.20
CA THR K 26 -14.89 48.07 49.71
C THR K 26 -15.57 47.02 48.83
N VAL K 27 -14.81 46.20 48.10
CA VAL K 27 -15.45 45.18 47.27
C VAL K 27 -15.86 43.98 48.13
N GLY K 28 -15.25 43.82 49.29
CA GLY K 28 -15.80 42.90 50.26
C GLY K 28 -17.15 43.37 50.77
N CYS K 29 -17.26 44.67 51.04
CA CYS K 29 -18.58 45.23 51.34
C CYS K 29 -19.56 44.98 50.18
N LEU K 30 -19.12 45.21 48.94
CA LEU K 30 -19.98 44.93 47.80
C LEU K 30 -20.28 43.45 47.61
N CYS K 31 -19.40 42.56 48.07
CA CYS K 31 -19.66 41.13 47.96
C CYS K 31 -20.69 40.69 48.98
N GLU K 32 -20.65 41.24 50.19
CA GLU K 32 -21.77 41.07 51.10
C GLU K 32 -23.03 41.75 50.58
N GLU K 33 -22.89 42.78 49.75
CA GLU K 33 -24.02 43.47 49.15
C GLU K 33 -24.69 42.67 48.03
N VAL K 34 -23.91 42.03 47.15
CA VAL K 34 -24.48 41.23 46.08
C VAL K 34 -24.82 39.82 46.55
N ALA K 35 -24.14 39.31 47.57
CA ALA K 35 -24.43 37.97 48.08
C ALA K 35 -25.85 37.85 48.58
N LEU K 36 -26.45 38.95 49.03
CA LEU K 36 -27.85 38.92 49.43
C LEU K 36 -28.81 39.16 48.26
N ASP K 37 -28.33 39.74 47.16
CA ASP K 37 -29.18 39.90 45.99
C ASP K 37 -29.50 38.56 45.35
N LYS K 38 -28.48 37.73 45.15
CA LYS K 38 -28.65 36.43 44.48
C LYS K 38 -28.39 35.26 45.41
N GLU K 39 -28.45 35.48 46.72
CA GLU K 39 -28.38 34.43 47.75
C GLU K 39 -27.20 33.48 47.55
N MET K 40 -26.11 33.98 46.99
CA MET K 40 -24.88 33.23 46.82
C MET K 40 -23.85 33.67 47.85
N GLN K 41 -22.72 32.96 47.89
CA GLN K 41 -21.64 33.24 48.82
C GLN K 41 -20.34 33.42 48.05
N PHE K 42 -19.67 34.54 48.26
CA PHE K 42 -18.43 34.86 47.58
C PHE K 42 -17.25 34.33 48.40
N SER K 43 -16.57 33.31 47.88
CA SER K 43 -15.47 32.68 48.60
C SER K 43 -14.26 33.62 48.66
N LYS K 44 -13.35 33.32 49.61
CA LYS K 44 -12.21 34.19 49.84
C LYS K 44 -11.33 34.30 48.60
N GLN K 45 -11.05 33.18 47.94
CA GLN K 45 -10.36 33.23 46.66
C GLN K 45 -11.16 33.98 45.62
N THR K 46 -12.50 33.87 45.64
CA THR K 46 -13.33 34.59 44.68
C THR K 46 -13.25 36.10 44.88
N ILE K 47 -13.39 36.56 46.12
CA ILE K 47 -13.31 38.00 46.35
C ILE K 47 -11.90 38.51 46.07
N ALA K 48 -10.88 37.73 46.46
CA ALA K 48 -9.51 38.14 46.16
C ALA K 48 -9.27 38.25 44.65
N ALA K 49 -9.80 37.30 43.87
CA ALA K 49 -9.65 37.35 42.42
C ALA K 49 -10.42 38.51 41.81
N ILE K 50 -11.65 38.75 42.28
CA ILE K 50 -12.46 39.82 41.71
C ILE K 50 -11.90 41.20 42.04
N SER K 51 -11.35 41.39 43.25
CA SER K 51 -10.70 42.66 43.57
C SER K 51 -9.47 42.90 42.72
N GLU K 52 -8.65 41.86 42.51
CA GLU K 52 -7.44 42.03 41.72
C GLU K 52 -7.78 42.22 40.23
N LEU K 53 -8.85 41.59 39.75
CA LEU K 53 -9.33 41.89 38.40
C LEU K 53 -9.80 43.32 38.28
N THR K 54 -10.58 43.80 39.25
CA THR K 54 -10.98 45.20 39.24
C THR K 54 -9.77 46.12 39.23
N PHE K 55 -8.72 45.77 39.96
CA PHE K 55 -7.52 46.59 40.00
C PHE K 55 -6.79 46.59 38.66
N ARG K 56 -6.55 45.41 38.08
CA ARG K 56 -5.83 45.36 36.81
C ARG K 56 -6.63 45.98 35.68
N GLN K 57 -7.96 46.01 35.79
CA GLN K 57 -8.77 46.72 34.81
C GLN K 57 -8.79 48.23 35.06
N CYS K 58 -8.81 48.65 36.32
CA CYS K 58 -8.63 50.07 36.61
C CYS K 58 -7.28 50.58 36.13
N GLU K 59 -6.31 49.68 35.98
CA GLU K 59 -5.09 50.04 35.25
C GLU K 59 -5.40 50.57 33.86
N ASN K 60 -6.21 49.83 33.08
CA ASN K 60 -6.59 50.33 31.76
C ASN K 60 -7.52 51.53 31.87
N PHE K 61 -8.30 51.64 32.95
CA PHE K 61 -9.09 52.86 33.14
C PHE K 61 -8.19 54.09 33.27
N ALA K 62 -7.11 53.98 34.03
CA ALA K 62 -6.18 55.09 34.17
C ALA K 62 -5.43 55.35 32.88
N LYS K 63 -5.04 54.29 32.16
CA LYS K 63 -4.45 54.48 30.84
C LYS K 63 -5.44 55.15 29.89
N ASP K 64 -6.74 54.91 30.11
CA ASP K 64 -7.79 55.36 29.23
C ASP K 64 -8.08 56.84 29.40
N LEU K 65 -8.46 57.24 30.62
CA LEU K 65 -9.05 58.57 30.83
C LEU K 65 -8.08 59.70 30.51
N GLU K 66 -6.78 59.50 30.70
CA GLU K 66 -5.85 60.58 30.41
C GLU K 66 -5.71 60.79 28.92
N MET K 67 -5.58 59.72 28.15
CA MET K 67 -5.58 59.84 26.69
C MET K 67 -6.93 60.28 26.14
N PHE K 68 -8.02 60.00 26.84
CA PHE K 68 -9.33 60.49 26.43
C PHE K 68 -9.38 62.02 26.53
N ALA K 69 -8.78 62.58 27.57
CA ALA K 69 -8.66 64.03 27.66
C ALA K 69 -7.67 64.57 26.63
N ARG K 70 -6.55 63.84 26.44
CA ARG K 70 -5.55 64.25 25.46
C ARG K 70 -6.11 64.28 24.05
N HIS K 71 -7.08 63.41 23.76
CA HIS K 71 -7.66 63.33 22.42
C HIS K 71 -8.36 64.64 22.05
N ALA K 72 -9.12 65.22 22.97
CA ALA K 72 -9.80 66.48 22.74
C ALA K 72 -8.97 67.68 23.15
N LYS K 73 -7.65 67.50 23.29
CA LYS K 73 -6.72 68.58 23.65
C LYS K 73 -7.12 69.22 24.98
N ARG K 74 -7.09 68.40 26.03
CA ARG K 74 -7.49 68.85 27.36
C ARG K 74 -6.78 67.98 28.40
N THR K 75 -6.57 68.54 29.59
CA THR K 75 -5.91 67.83 30.67
C THR K 75 -6.87 67.21 31.67
N THR K 76 -7.90 67.92 32.09
CA THR K 76 -8.84 67.43 33.09
C THR K 76 -9.78 66.39 32.48
N ILE K 77 -10.50 65.70 33.34
CA ILE K 77 -11.46 64.68 32.92
C ILE K 77 -12.87 65.26 33.03
N ASN K 78 -13.56 65.36 31.90
CA ASN K 78 -14.92 65.86 31.87
C ASN K 78 -15.91 64.69 31.87
N THR K 79 -17.20 65.03 31.90
CA THR K 79 -18.22 63.99 31.89
C THR K 79 -18.34 63.31 30.53
N GLU K 80 -17.84 63.93 29.45
CA GLU K 80 -17.83 63.25 28.17
C GLU K 80 -16.73 62.19 28.11
N ASP K 81 -15.61 62.45 28.78
CA ASP K 81 -14.54 61.45 28.84
C ASP K 81 -15.01 60.17 29.51
N VAL K 82 -15.84 60.29 30.55
CA VAL K 82 -16.40 59.11 31.19
C VAL K 82 -17.66 58.65 30.48
N LYS K 83 -18.25 59.51 29.64
CA LYS K 83 -19.31 59.06 28.75
C LYS K 83 -18.81 58.06 27.72
N LEU K 84 -17.65 58.33 27.11
CA LEU K 84 -17.05 57.34 26.23
C LEU K 84 -16.58 56.11 26.99
N LEU K 85 -16.37 56.22 28.30
CA LEU K 85 -16.16 55.04 29.12
C LEU K 85 -17.38 54.15 29.14
N ALA K 86 -18.57 54.75 29.24
CA ALA K 86 -19.82 54.01 29.13
C ALA K 86 -20.09 53.54 27.71
N ARG K 87 -19.40 54.12 26.72
CA ARG K 87 -19.63 53.72 25.32
C ARG K 87 -19.23 52.26 25.10
N ARG K 88 -18.36 51.73 25.96
CA ARG K 88 -17.80 50.39 25.76
C ARG K 88 -18.87 49.32 25.61
N SER K 89 -20.04 49.48 26.23
CA SER K 89 -21.15 48.55 26.06
C SER K 89 -22.46 49.33 26.09
N ASN K 90 -23.42 48.90 25.26
CA ASN K 90 -24.73 49.55 25.26
C ASN K 90 -25.46 49.39 26.58
N SER K 91 -25.27 48.25 27.26
CA SER K 91 -25.93 48.05 28.55
C SER K 91 -25.44 49.07 29.57
N LEU K 92 -24.12 49.19 29.75
CA LEU K 92 -23.66 50.20 30.71
C LEU K 92 -23.69 51.60 30.08
N LEU K 93 -23.86 51.70 28.76
CA LEU K 93 -24.27 52.98 28.20
C LEU K 93 -25.59 53.45 28.82
N LYS K 94 -26.64 52.65 28.67
CA LYS K 94 -27.95 53.01 29.22
C LYS K 94 -27.92 53.09 30.74
N TYR K 95 -27.01 52.37 31.40
CA TYR K 95 -26.87 52.49 32.85
C TYR K 95 -26.22 53.82 33.23
N ILE K 96 -24.98 54.04 32.79
CA ILE K 96 -24.23 55.22 33.22
C ILE K 96 -24.88 56.50 32.71
N THR K 97 -25.74 56.43 31.68
CA THR K 97 -26.48 57.63 31.31
C THR K 97 -27.38 58.10 32.44
N ASP K 98 -28.20 57.20 33.00
CA ASP K 98 -29.08 57.63 34.08
C ASP K 98 -28.33 57.80 35.40
N LYS K 99 -27.22 57.08 35.63
CA LYS K 99 -26.40 57.43 36.79
C LYS K 99 -25.72 58.78 36.65
N SER K 100 -25.36 59.21 35.43
CA SER K 100 -24.81 60.55 35.27
C SER K 100 -25.88 61.61 35.43
N GLU K 101 -27.10 61.32 34.98
CA GLU K 101 -28.21 62.22 35.28
C GLU K 101 -28.45 62.30 36.78
N GLU K 102 -28.29 61.19 37.50
CA GLU K 102 -28.38 61.20 38.95
C GLU K 102 -27.26 62.04 39.58
N ILE K 103 -26.04 61.93 39.07
CA ILE K 103 -24.95 62.76 39.58
C ILE K 103 -25.25 64.23 39.34
N ALA K 104 -25.75 64.58 38.17
CA ALA K 104 -26.20 65.94 37.92
C ALA K 104 -27.34 66.35 38.83
N GLN K 105 -28.16 65.39 39.27
CA GLN K 105 -29.20 65.69 40.25
C GLN K 105 -28.59 66.10 41.60
N ILE K 106 -27.42 65.57 41.92
CA ILE K 106 -26.74 65.92 43.17
C ILE K 106 -26.09 67.29 43.06
N ALA L 458 -16.61 44.32 -3.36
CA ALA L 458 -15.78 45.50 -3.53
C ALA L 458 -14.62 45.51 -2.53
N GLY L 459 -14.68 46.46 -1.59
CA GLY L 459 -13.65 46.51 -0.56
C GLY L 459 -13.62 45.26 0.31
N LEU L 460 -14.80 44.76 0.68
CA LEU L 460 -14.88 43.51 1.41
C LEU L 460 -14.39 42.33 0.59
N SER L 461 -14.65 42.31 -0.71
CA SER L 461 -14.11 41.28 -1.59
C SER L 461 -12.60 41.33 -1.68
N HIS L 462 -12.01 42.52 -1.74
CA HIS L 462 -10.56 42.65 -1.66
C HIS L 462 -10.03 42.18 -0.30
N TYR L 463 -10.77 42.47 0.76
CA TYR L 463 -10.35 42.11 2.11
C TYR L 463 -10.36 40.60 2.35
N VAL L 464 -11.35 39.88 1.81
CA VAL L 464 -11.30 38.43 1.94
C VAL L 464 -10.22 37.84 1.05
N LYS L 465 -9.90 38.50 -0.06
CA LYS L 465 -8.71 38.12 -0.81
C LYS L 465 -7.45 38.30 0.03
N LEU L 466 -7.39 39.37 0.82
CA LEU L 466 -6.33 39.52 1.81
C LEU L 466 -6.40 38.44 2.88
N PHE L 467 -7.60 38.04 3.29
CA PHE L 467 -7.76 36.95 4.25
C PHE L 467 -7.11 35.66 3.77
N SER L 468 -7.12 35.42 2.46
CA SER L 468 -6.53 34.20 1.92
C SER L 468 -5.03 34.14 2.21
N PHE L 469 -4.34 35.27 2.06
CA PHE L 469 -2.91 35.34 2.33
C PHE L 469 -2.59 35.83 3.73
N TYR L 470 -3.61 36.15 4.53
CA TYR L 470 -3.39 36.48 5.94
C TYR L 470 -3.69 35.31 6.86
N ALA L 471 -4.63 34.43 6.49
CA ALA L 471 -4.84 33.17 7.19
C ALA L 471 -3.91 32.06 6.69
N LYS L 472 -3.46 32.17 5.43
CA LYS L 472 -2.47 31.25 4.86
C LYS L 472 -2.93 29.80 4.92
N MET L 473 -4.23 29.57 4.81
CA MET L 473 -4.77 28.22 4.94
C MET L 473 -6.13 28.18 4.25
N PRO L 474 -6.47 27.11 3.54
CA PRO L 474 -7.62 27.16 2.61
C PRO L 474 -8.94 27.49 3.30
N MET L 475 -9.82 28.17 2.54
CA MET L 475 -11.12 28.61 3.00
C MET L 475 -12.23 28.05 2.09
N GLU L 476 -13.47 28.27 2.52
CA GLU L 476 -14.66 27.91 1.74
C GLU L 476 -15.40 29.18 1.35
N ARG L 477 -16.12 29.09 0.22
CA ARG L 477 -16.82 30.25 -0.32
C ARG L 477 -17.95 30.70 0.60
N LYS L 478 -18.75 29.77 1.11
CA LYS L 478 -19.81 30.15 2.04
C LYS L 478 -19.25 30.72 3.33
N ALA L 479 -18.02 30.32 3.70
CA ALA L 479 -17.38 30.92 4.86
C ALA L 479 -16.89 32.33 4.57
N LEU L 480 -16.38 32.58 3.36
CA LEU L 480 -16.00 33.96 3.03
C LEU L 480 -17.22 34.85 2.84
N GLU L 481 -18.36 34.30 2.43
CA GLU L 481 -19.59 35.09 2.48
C GLU L 481 -20.00 35.43 3.90
N MET L 482 -19.62 34.62 4.89
CA MET L 482 -19.82 35.02 6.28
C MET L 482 -18.79 36.05 6.71
N VAL L 483 -17.56 35.95 6.22
CA VAL L 483 -16.59 37.02 6.46
C VAL L 483 -17.04 38.33 5.82
N GLU L 484 -17.82 38.28 4.74
CA GLU L 484 -18.48 39.48 4.21
C GLU L 484 -19.33 40.19 5.28
N LYS L 485 -20.23 39.46 5.93
CA LYS L 485 -21.08 40.09 6.94
C LYS L 485 -20.26 40.45 8.18
N CYS L 486 -19.20 39.68 8.47
CA CYS L 486 -18.31 40.06 9.57
C CYS L 486 -17.62 41.39 9.30
N LEU L 487 -17.16 41.61 8.07
CA LEU L 487 -16.56 42.90 7.74
C LEU L 487 -17.60 44.02 7.77
N ASP L 488 -18.81 43.74 7.31
CA ASP L 488 -19.86 44.77 7.38
C ASP L 488 -20.20 45.11 8.83
N LYS L 489 -20.22 44.09 9.69
CA LYS L 489 -20.47 44.23 11.12
C LYS L 489 -19.33 44.92 11.84
N TYR L 490 -18.10 44.76 11.34
CA TYR L 490 -16.95 45.52 11.83
C TYR L 490 -17.10 46.99 11.49
N PHE L 491 -17.46 47.28 10.25
CA PHE L 491 -17.64 48.66 9.84
C PHE L 491 -18.84 49.32 10.49
N GLN L 492 -19.90 48.56 10.78
CA GLN L 492 -21.06 49.15 11.44
C GLN L 492 -20.70 49.62 12.84
N HIS L 493 -19.59 49.16 13.39
CA HIS L 493 -19.01 49.68 14.62
C HIS L 493 -17.93 50.74 14.38
N LEU L 494 -17.15 50.60 13.31
CA LEU L 494 -16.07 51.58 13.07
C LEU L 494 -16.63 52.94 12.66
N CYS L 495 -17.73 52.97 11.90
CA CYS L 495 -18.27 54.24 11.46
C CYS L 495 -18.99 54.99 12.57
N ASP L 496 -19.62 54.30 13.52
CA ASP L 496 -20.23 55.05 14.61
C ASP L 496 -19.35 55.10 15.86
N ASP L 497 -18.19 54.44 15.84
CA ASP L 497 -17.18 54.71 16.87
C ASP L 497 -16.33 55.91 16.46
N LEU L 498 -16.01 56.00 15.17
CA LEU L 498 -15.34 57.16 14.62
C LEU L 498 -16.16 58.43 14.79
N GLU L 499 -17.48 58.36 14.60
CA GLU L 499 -18.32 59.54 14.73
C GLU L 499 -18.28 60.09 16.16
N VAL L 500 -18.35 59.20 17.16
CA VAL L 500 -18.35 59.67 18.54
C VAL L 500 -16.95 60.11 18.98
N PHE L 501 -15.90 59.42 18.53
CA PHE L 501 -14.54 59.85 18.85
C PHE L 501 -14.25 61.22 18.25
N ALA L 502 -14.79 61.50 17.06
CA ALA L 502 -14.63 62.83 16.47
C ALA L 502 -15.54 63.87 17.14
N ALA L 503 -16.75 63.46 17.53
CA ALA L 503 -17.68 64.37 18.18
C ALA L 503 -17.16 64.85 19.53
N HIS L 504 -16.53 63.96 20.32
CA HIS L 504 -15.86 64.42 21.53
C HIS L 504 -14.72 65.36 21.17
N ALA L 505 -13.99 65.08 20.10
CA ALA L 505 -12.96 65.99 19.62
C ALA L 505 -13.52 67.30 19.09
N GLY L 506 -14.84 67.38 18.90
CA GLY L 506 -15.49 68.59 18.45
C GLY L 506 -15.47 68.80 16.95
N ARG L 507 -14.98 67.83 16.18
CA ARG L 507 -14.85 67.98 14.74
C ARG L 507 -15.84 67.08 14.03
N LYS L 508 -16.66 67.68 13.15
CA LYS L 508 -17.55 66.90 12.32
C LYS L 508 -16.78 66.03 11.34
N THR L 509 -15.59 66.47 10.93
CA THR L 509 -14.68 65.60 10.21
C THR L 509 -13.92 64.71 11.19
N VAL L 510 -13.30 63.67 10.66
CA VAL L 510 -12.46 62.78 11.46
C VAL L 510 -11.03 62.89 10.94
N LYS L 511 -10.10 63.18 11.86
CA LYS L 511 -8.71 63.33 11.49
C LYS L 511 -7.88 62.14 11.94
N PRO L 512 -6.65 61.93 11.40
CA PRO L 512 -5.82 60.78 11.77
C PRO L 512 -5.71 60.54 13.28
N GLU L 513 -5.54 61.61 14.08
CA GLU L 513 -5.35 61.34 15.50
C GLU L 513 -6.63 60.86 16.17
N ASP L 514 -7.78 61.12 15.57
CA ASP L 514 -9.01 60.50 16.07
C ASP L 514 -9.00 58.99 15.84
N LEU L 515 -8.14 58.51 14.93
CA LEU L 515 -8.09 57.10 14.59
C LEU L 515 -6.97 56.36 15.30
N GLU L 516 -5.86 57.03 15.67
CA GLU L 516 -4.89 56.36 16.54
C GLU L 516 -5.47 56.11 17.93
N LEU L 517 -6.38 56.97 18.38
CA LEU L 517 -7.08 56.70 19.64
C LEU L 517 -7.98 55.48 19.53
N LEU L 518 -8.72 55.36 18.43
CA LEU L 518 -9.52 54.15 18.23
C LEU L 518 -8.63 52.93 18.08
N MET L 519 -7.46 53.08 17.45
CA MET L 519 -6.41 52.04 17.50
C MET L 519 -6.03 51.66 18.91
N ARG L 520 -5.86 52.63 19.80
CA ARG L 520 -5.57 52.32 21.20
C ARG L 520 -6.74 51.60 21.83
N ARG L 521 -7.95 51.88 21.35
CA ARG L 521 -9.12 51.17 21.87
C ARG L 521 -9.11 49.70 21.48
N GLN L 522 -8.70 49.37 20.25
CA GLN L 522 -8.40 47.97 19.98
C GLN L 522 -7.21 47.50 20.80
N GLY L 523 -6.30 48.39 21.16
CA GLY L 523 -5.15 48.02 21.96
C GLY L 523 -3.98 47.45 21.20
N LEU L 524 -4.10 47.34 19.88
CA LEU L 524 -3.01 46.82 19.07
C LEU L 524 -1.93 47.86 18.82
N VAL L 525 -2.22 49.13 19.12
CA VAL L 525 -1.20 50.16 19.21
C VAL L 525 -0.92 50.39 20.70
N THR L 526 0.35 50.45 21.07
CA THR L 526 0.76 50.58 22.46
C THR L 526 1.89 51.60 22.57
N ASP L 527 2.44 51.71 23.79
CA ASP L 527 3.64 52.50 24.00
C ASP L 527 4.87 51.88 23.33
N GLN L 528 4.89 50.56 23.19
CA GLN L 528 5.97 49.86 22.50
C GLN L 528 5.79 49.90 20.99
N VAL L 529 4.55 49.78 20.53
CA VAL L 529 4.23 49.80 19.11
C VAL L 529 3.37 51.05 18.88
N SER L 530 4.00 52.13 18.43
CA SER L 530 3.30 53.39 18.24
C SER L 530 2.46 53.32 16.96
N LEU L 531 1.68 54.37 16.70
CA LEU L 531 0.81 54.41 15.52
C LEU L 531 1.64 54.30 14.24
N HIS L 532 2.75 55.04 14.18
CA HIS L 532 3.59 55.04 13.01
C HIS L 532 4.27 53.70 12.77
N VAL L 533 4.35 52.84 13.79
CA VAL L 533 4.93 51.51 13.61
C VAL L 533 4.01 50.61 12.81
N LEU L 534 2.72 50.60 13.12
CA LEU L 534 1.80 49.66 12.49
C LEU L 534 1.64 49.92 11.00
N VAL L 535 1.69 51.18 10.57
CA VAL L 535 1.64 51.49 9.15
C VAL L 535 2.84 50.90 8.42
N GLU L 536 3.97 50.76 9.12
CA GLU L 536 5.17 50.24 8.49
C GLU L 536 5.02 48.76 8.15
N ARG L 537 4.42 47.99 9.06
CA ARG L 537 4.37 46.54 8.92
C ARG L 537 3.32 46.08 7.92
N HIS L 538 2.32 46.89 7.61
CA HIS L 538 1.22 46.38 6.80
C HIS L 538 0.99 47.13 5.49
N LEU L 539 1.04 48.46 5.50
CA LEU L 539 0.72 49.13 4.25
C LEU L 539 1.95 49.20 3.34
N PRO L 540 1.76 49.20 2.02
CA PRO L 540 2.90 49.32 1.09
C PRO L 540 3.58 50.68 1.16
N LEU L 541 4.66 50.85 0.38
CA LEU L 541 5.46 52.06 0.49
C LEU L 541 4.67 53.31 0.13
N GLU L 542 4.05 53.33 -1.05
CA GLU L 542 3.31 54.52 -1.45
C GLU L 542 2.03 54.67 -0.63
N TYR L 543 1.55 53.58 -0.04
CA TYR L 543 0.36 53.65 0.79
C TYR L 543 0.71 54.10 2.20
N ARG L 544 2.00 54.07 2.56
CA ARG L 544 2.48 54.51 3.85
C ARG L 544 3.11 55.89 3.79
N GLN L 545 3.51 56.36 2.60
CA GLN L 545 4.11 57.69 2.47
C GLN L 545 3.17 58.79 2.94
N LEU L 546 1.85 58.62 2.75
CA LEU L 546 0.90 59.70 2.98
C LEU L 546 0.46 59.85 4.43
N LEU L 547 0.71 58.85 5.29
CA LEU L 547 0.29 58.94 6.67
C LEU L 547 1.40 59.46 7.58
N ILE L 548 2.53 58.77 7.61
CA ILE L 548 3.65 59.14 8.48
C ILE L 548 4.49 60.21 7.80
N PRO L 549 4.95 61.23 8.53
CA PRO L 549 5.77 62.29 7.92
C PRO L 549 7.21 61.83 7.74
N CYS L 550 7.65 61.75 6.48
CA CYS L 550 9.07 61.63 6.18
C CYS L 550 9.70 63.01 6.35
N ALA L 551 10.95 63.17 5.95
CA ALA L 551 11.60 64.47 6.10
C ALA L 551 12.34 64.84 4.83
N TYR L 552 11.85 65.88 4.16
CA TYR L 552 12.55 66.47 3.03
C TYR L 552 12.68 67.97 3.25
N SER L 553 12.69 68.39 4.51
CA SER L 553 12.43 69.77 4.94
C SER L 553 11.00 70.18 4.56
N GLY L 554 10.19 69.22 4.15
CA GLY L 554 8.81 69.44 3.76
C GLY L 554 7.94 68.31 4.28
N ASN L 555 8.19 67.91 5.53
CA ASN L 555 7.58 66.73 6.15
C ASN L 555 6.08 66.65 5.97
N SER L 556 5.63 65.52 5.40
CA SER L 556 4.21 65.29 5.15
C SER L 556 3.39 65.17 6.43
N LYS M 14 -0.90 39.00 -2.27
CA LYS M 14 -1.75 40.13 -2.64
C LYS M 14 -1.29 41.40 -1.94
N ARG M 15 -0.92 42.41 -2.75
CA ARG M 15 -0.47 43.71 -2.26
C ARG M 15 -1.40 44.78 -2.83
N LYS M 16 -2.53 45.00 -2.16
CA LYS M 16 -3.53 45.93 -2.63
C LYS M 16 -4.19 46.65 -1.46
N ALA M 17 -4.74 47.82 -1.77
CA ALA M 17 -5.50 48.63 -0.82
C ALA M 17 -6.47 49.52 -1.58
N PRO M 18 -7.77 49.37 -1.39
CA PRO M 18 -8.75 50.10 -2.21
C PRO M 18 -9.10 51.48 -1.64
N ARG M 19 -8.88 52.51 -2.45
CA ARG M 19 -9.35 53.86 -2.13
C ARG M 19 -10.86 53.96 -2.15
N GLY M 20 -11.50 53.52 -3.23
CA GLY M 20 -12.86 53.94 -3.51
C GLY M 20 -13.90 53.22 -2.67
N PHE M 21 -13.79 51.89 -2.59
CA PHE M 21 -14.82 51.11 -1.90
C PHE M 21 -14.84 51.40 -0.41
N LEU M 22 -13.68 51.68 0.18
CA LEU M 22 -13.65 52.06 1.60
C LEU M 22 -14.43 53.33 1.86
N LYS M 23 -14.24 54.36 1.03
CA LYS M 23 -14.98 55.59 1.17
C LYS M 23 -16.47 55.38 0.90
N ARG M 24 -16.81 54.54 -0.08
CA ARG M 24 -18.22 54.24 -0.31
C ARG M 24 -18.86 53.57 0.89
N VAL M 25 -18.15 52.63 1.52
CA VAL M 25 -18.69 51.97 2.71
C VAL M 25 -18.85 52.96 3.85
N PHE M 26 -17.85 53.84 4.03
CA PHE M 26 -17.94 54.88 5.05
C PHE M 26 -19.11 55.82 4.83
N LYS M 27 -19.38 56.22 3.58
CA LYS M 27 -20.54 57.03 3.26
C LYS M 27 -21.86 56.29 3.43
N ARG M 28 -21.90 55.00 3.07
CA ARG M 28 -23.14 54.24 3.19
C ARG M 28 -23.52 54.02 4.65
N LYS M 29 -22.57 53.59 5.48
CA LYS M 29 -22.87 53.35 6.87
C LYS M 29 -23.16 54.64 7.62
N LYS M 30 -22.49 55.73 7.23
CA LYS M 30 -22.72 57.04 7.85
C LYS M 30 -22.77 58.11 6.77
N PRO M 31 -23.91 58.79 6.61
CA PRO M 31 -24.00 59.87 5.62
C PRO M 31 -23.39 61.18 6.09
N GLN M 32 -22.99 61.30 7.35
CA GLN M 32 -22.46 62.54 7.91
C GLN M 32 -21.06 62.28 8.46
N LEU M 33 -20.06 62.40 7.58
CA LEU M 33 -18.66 62.38 7.99
C LEU M 33 -17.83 62.97 6.86
N ARG M 34 -16.59 63.35 7.20
CA ARG M 34 -15.71 64.03 6.27
C ARG M 34 -14.33 63.41 6.30
N LEU M 35 -14.28 62.08 6.11
CA LEU M 35 -13.03 61.34 6.06
C LEU M 35 -11.99 62.07 5.22
N GLU M 36 -10.87 62.41 5.85
CA GLU M 36 -9.90 63.34 5.28
C GLU M 36 -9.11 62.71 4.13
N LYS M 37 -8.19 63.49 3.55
CA LYS M 37 -7.48 63.09 2.34
C LYS M 37 -6.84 61.72 2.49
N SER M 38 -6.18 61.48 3.62
CA SER M 38 -5.57 60.17 3.85
C SER M 38 -6.20 59.45 5.04
N GLY M 39 -7.39 59.88 5.50
CA GLY M 39 -8.09 59.13 6.51
C GLY M 39 -8.66 57.82 5.99
N ASP M 40 -8.95 57.74 4.69
CA ASP M 40 -9.31 56.49 4.05
C ASP M 40 -8.18 55.48 4.22
N LEU M 41 -6.94 55.95 4.06
CA LEU M 41 -5.77 55.13 4.30
C LEU M 41 -5.75 54.58 5.71
N LEU M 42 -6.06 55.41 6.70
CA LEU M 42 -6.01 54.98 8.09
C LEU M 42 -7.16 54.05 8.46
N VAL M 43 -8.36 54.24 7.91
CA VAL M 43 -9.41 53.24 8.15
C VAL M 43 -9.06 51.93 7.44
N HIS M 44 -8.35 52.00 6.32
CA HIS M 44 -7.91 50.75 5.68
C HIS M 44 -6.89 50.05 6.55
N LEU M 45 -6.01 50.80 7.22
CA LEU M 45 -5.13 50.19 8.22
C LEU M 45 -5.90 49.62 9.40
N ASN M 46 -6.96 50.32 9.84
CA ASN M 46 -7.85 49.76 10.86
C ASN M 46 -8.34 48.38 10.47
N CYS M 47 -8.85 48.24 9.26
CA CYS M 47 -9.36 46.93 8.86
C CYS M 47 -8.24 45.94 8.53
N LEU M 48 -7.07 46.43 8.12
CA LEU M 48 -5.90 45.56 7.98
C LEU M 48 -5.59 44.87 9.30
N LEU M 49 -5.51 45.66 10.38
CA LEU M 49 -5.19 45.07 11.66
C LEU M 49 -6.37 44.25 12.21
N PHE M 50 -7.60 44.67 11.89
CA PHE M 50 -8.76 43.84 12.20
C PHE M 50 -8.65 42.45 11.58
N VAL M 51 -8.38 42.38 10.28
CA VAL M 51 -8.35 41.10 9.59
C VAL M 51 -7.12 40.30 10.02
N HIS M 52 -6.02 40.97 10.36
CA HIS M 52 -4.87 40.27 10.92
C HIS M 52 -5.21 39.61 12.25
N ARG M 53 -5.85 40.37 13.15
CA ARG M 53 -6.28 39.80 14.43
C ARG M 53 -7.25 38.65 14.23
N LEU M 54 -8.22 38.83 13.32
CA LEU M 54 -9.17 37.77 13.04
C LEU M 54 -8.49 36.52 12.50
N ALA M 55 -7.53 36.68 11.59
CA ALA M 55 -6.82 35.52 11.04
C ALA M 55 -6.04 34.79 12.13
N GLU M 56 -5.28 35.53 12.94
CA GLU M 56 -4.46 34.86 13.95
C GLU M 56 -5.31 34.22 15.03
N GLU M 57 -6.38 34.87 15.48
CA GLU M 57 -7.19 34.27 16.53
C GLU M 57 -8.06 33.15 15.97
N SER M 58 -8.36 33.18 14.67
CA SER M 58 -9.01 32.03 14.05
C SER M 58 -8.06 30.85 13.96
N ARG M 59 -6.77 31.10 13.68
CA ARG M 59 -5.80 30.02 13.78
C ARG M 59 -5.78 29.47 15.20
N THR M 60 -5.82 30.36 16.19
CA THR M 60 -5.81 29.95 17.60
C THR M 60 -7.00 29.07 17.95
N ASN M 61 -8.23 29.51 17.62
CA ASN M 61 -9.39 28.75 18.05
C ASN M 61 -9.64 27.54 17.16
N ALA M 62 -9.08 27.52 15.95
CA ALA M 62 -9.06 26.29 15.16
C ALA M 62 -8.10 25.27 15.76
N CYS M 63 -6.97 25.74 16.30
CA CYS M 63 -6.10 24.85 17.06
C CYS M 63 -6.78 24.37 18.33
N ALA M 64 -7.62 25.22 18.94
CA ALA M 64 -8.39 24.81 20.10
C ALA M 64 -9.34 23.66 19.75
N SER M 65 -9.98 23.74 18.58
CA SER M 65 -10.81 22.65 18.08
C SER M 65 -9.98 21.62 17.31
N LYS M 66 -8.70 21.89 17.10
CA LYS M 66 -7.77 20.98 16.42
C LYS M 66 -8.26 20.66 15.00
N CYS M 67 -8.89 21.64 14.36
CA CYS M 67 -9.33 21.49 12.98
C CYS M 67 -8.31 22.10 12.03
N ARG M 68 -7.88 21.31 11.03
CA ARG M 68 -6.86 21.74 10.10
C ARG M 68 -7.36 22.74 9.08
N VAL M 69 -8.67 22.95 9.00
CA VAL M 69 -9.28 23.86 8.04
C VAL M 69 -10.22 24.79 8.79
N ILE M 70 -10.11 26.09 8.53
CA ILE M 70 -10.94 27.07 9.21
C ILE M 70 -12.40 26.87 8.80
N ASN M 71 -13.31 26.96 9.76
CA ASN M 71 -14.71 26.67 9.48
C ASN M 71 -15.64 27.74 10.05
N LYS M 72 -16.95 27.50 9.94
CA LYS M 72 -17.94 28.49 10.35
C LYS M 72 -17.94 28.67 11.86
N GLU M 73 -17.90 27.56 12.61
CA GLU M 73 -17.99 27.65 14.06
C GLU M 73 -16.80 28.37 14.69
N HIS M 74 -15.60 28.21 14.12
CA HIS M 74 -14.45 28.93 14.66
C HIS M 74 -14.56 30.43 14.41
N VAL M 75 -14.88 30.83 13.17
CA VAL M 75 -14.98 32.25 12.87
C VAL M 75 -16.19 32.90 13.55
N LEU M 76 -17.25 32.14 13.83
CA LEU M 76 -18.38 32.71 14.56
C LEU M 76 -17.98 33.09 15.98
N ALA M 77 -17.20 32.23 16.65
CA ALA M 77 -16.65 32.60 17.95
C ALA M 77 -15.59 33.68 17.82
N ALA M 78 -14.88 33.70 16.69
CA ALA M 78 -13.89 34.73 16.43
C ALA M 78 -14.51 36.10 16.29
N ALA M 79 -15.72 36.18 15.75
CA ALA M 79 -16.38 37.47 15.60
C ALA M 79 -16.66 38.11 16.95
N LYS M 80 -17.30 37.37 17.85
CA LYS M 80 -17.71 37.91 19.14
C LYS M 80 -16.52 38.34 20.01
N VAL M 81 -15.31 37.90 19.68
CA VAL M 81 -14.15 38.36 20.42
C VAL M 81 -13.47 39.52 19.69
N ILE M 82 -13.11 39.32 18.41
CA ILE M 82 -12.35 40.34 17.70
C ILE M 82 -13.17 41.61 17.52
N LEU M 83 -14.39 41.51 16.98
CA LEU M 83 -15.19 42.71 16.75
C LEU M 83 -15.65 43.34 18.05
N LYS M 84 -15.48 42.64 19.18
CA LYS M 84 -15.82 43.25 20.45
C LYS M 84 -14.64 44.01 21.05
N LYS M 85 -13.42 43.47 20.96
CA LYS M 85 -12.29 44.27 21.43
C LYS M 85 -11.92 45.34 20.43
N SER M 86 -12.04 45.06 19.13
CA SER M 86 -11.76 46.09 18.12
C SER M 86 -12.79 47.21 18.14
N ARG M 87 -13.93 46.99 18.77
CA ARG M 87 -14.87 48.06 19.04
C ARG M 87 -14.26 49.08 19.99
N GLY M 88 -14.59 50.36 19.75
CA GLY M 88 -14.15 51.43 20.61
C GLY M 88 -15.02 51.58 21.82
N SER N 8 -22.43 48.81 50.29
CA SER N 8 -22.92 50.11 49.85
C SER N 8 -22.29 50.53 48.53
N GLY N 9 -21.00 50.87 48.56
CA GLY N 9 -20.32 51.24 47.34
C GLY N 9 -18.92 51.75 47.60
N PHE N 10 -18.22 52.06 46.51
CA PHE N 10 -16.94 52.75 46.58
C PHE N 10 -17.14 54.10 47.27
N ARG N 11 -16.12 54.55 47.99
CA ARG N 11 -16.22 55.81 48.70
C ARG N 11 -15.40 56.89 47.99
N LYS N 12 -15.66 58.14 48.35
CA LYS N 12 -14.90 59.26 47.80
C LYS N 12 -13.43 59.17 48.13
N GLU N 13 -13.09 58.88 49.40
CA GLU N 13 -11.71 58.72 49.81
C GLU N 13 -11.03 57.53 49.14
N LEU N 14 -11.81 56.52 48.73
CA LEU N 14 -11.23 55.35 48.08
C LEU N 14 -10.76 55.69 46.67
N VAL N 15 -11.68 56.13 45.81
CA VAL N 15 -11.35 56.47 44.43
C VAL N 15 -10.57 57.76 44.31
N SER N 16 -10.54 58.59 45.35
CA SER N 16 -9.72 59.80 45.32
C SER N 16 -8.24 59.44 45.35
N ARG N 17 -7.92 58.23 45.80
CA ARG N 17 -6.52 57.80 45.87
C ARG N 17 -6.22 56.70 44.87
N LEU N 18 -7.17 55.77 44.70
CA LEU N 18 -6.94 54.61 43.83
C LEU N 18 -6.72 55.05 42.39
N LEU N 19 -7.60 55.89 41.85
CA LEU N 19 -7.43 56.35 40.48
C LEU N 19 -6.20 57.24 40.32
N HIS N 20 -5.94 58.11 41.29
CA HIS N 20 -4.79 59.02 41.21
C HIS N 20 -3.45 58.30 41.40
N LEU N 21 -3.45 57.05 41.87
CA LEU N 21 -2.22 56.30 41.95
C LEU N 21 -1.52 56.15 40.60
N HIS N 22 -2.26 55.79 39.55
CA HIS N 22 -1.66 55.35 38.30
C HIS N 22 -1.44 56.50 37.32
N PHE N 23 -1.94 57.69 37.61
CA PHE N 23 -1.83 58.80 36.68
C PHE N 23 -0.38 59.21 36.49
N LYS N 24 0.05 59.30 35.23
CA LYS N 24 1.45 59.55 34.91
C LYS N 24 1.83 61.02 35.02
N ASP N 25 0.88 61.91 35.30
CA ASP N 25 1.18 63.32 35.50
C ASP N 25 0.54 63.78 36.81
N ASP N 26 1.31 64.55 37.58
CA ASP N 26 0.86 64.93 38.92
C ASP N 26 -0.22 65.99 38.88
N LYS N 27 -0.32 66.75 37.79
CA LYS N 27 -1.23 67.88 37.69
C LYS N 27 -2.59 67.49 37.10
N THR N 28 -2.80 66.23 36.78
CA THR N 28 -4.06 65.76 36.22
C THR N 28 -4.90 65.12 37.32
N LYS N 29 -6.12 65.61 37.49
CA LYS N 29 -6.99 65.20 38.58
C LYS N 29 -8.35 64.77 38.04
N VAL N 30 -9.21 64.31 38.96
CA VAL N 30 -10.59 63.95 38.66
C VAL N 30 -11.50 64.74 39.59
N SER N 31 -12.52 65.37 39.00
CA SER N 31 -13.45 66.19 39.74
C SER N 31 -14.42 65.34 40.54
N GLY N 32 -15.00 65.95 41.58
CA GLY N 32 -15.93 65.24 42.45
C GLY N 32 -17.15 64.70 41.74
N ASP N 33 -17.75 65.49 40.84
CA ASP N 33 -18.87 64.98 40.06
C ASP N 33 -18.42 63.83 39.15
N ALA N 34 -17.21 63.93 38.59
CA ALA N 34 -16.65 62.82 37.84
C ALA N 34 -16.16 61.71 38.76
N LEU N 35 -15.67 62.07 39.95
CA LEU N 35 -15.24 61.04 40.90
C LEU N 35 -16.41 60.14 41.28
N GLN N 36 -17.59 60.71 41.49
CA GLN N 36 -18.75 59.88 41.80
C GLN N 36 -19.16 59.01 40.62
N LEU N 37 -18.84 59.41 39.39
CA LEU N 37 -19.15 58.53 38.27
C LEU N 37 -18.11 57.42 38.16
N MET N 38 -16.86 57.68 38.52
CA MET N 38 -15.91 56.59 38.77
C MET N 38 -16.42 55.64 39.84
N VAL N 39 -17.00 56.18 40.91
CA VAL N 39 -17.70 55.32 41.88
C VAL N 39 -18.77 54.47 41.21
N GLU N 40 -19.64 55.08 40.40
CA GLU N 40 -20.68 54.32 39.71
C GLU N 40 -20.09 53.20 38.86
N LEU N 41 -19.10 53.52 38.01
CA LEU N 41 -18.59 52.52 37.09
C LEU N 41 -17.72 51.47 37.76
N LEU N 42 -16.98 51.81 38.82
CA LEU N 42 -16.22 50.80 39.53
C LEU N 42 -17.11 49.91 40.40
N LYS N 43 -18.18 50.46 40.98
CA LYS N 43 -19.17 49.63 41.65
C LYS N 43 -19.83 48.68 40.67
N VAL N 44 -20.29 49.20 39.53
CA VAL N 44 -20.88 48.32 38.54
C VAL N 44 -19.84 47.42 37.91
N PHE N 45 -18.55 47.74 38.04
CA PHE N 45 -17.53 46.82 37.58
C PHE N 45 -17.54 45.52 38.38
N VAL N 46 -17.51 45.63 39.71
CA VAL N 46 -17.68 44.45 40.55
C VAL N 46 -19.03 43.82 40.26
N VAL N 47 -20.07 44.64 40.06
CA VAL N 47 -21.41 44.10 39.86
C VAL N 47 -21.47 43.21 38.62
N GLU N 48 -20.98 43.72 37.48
CA GLU N 48 -21.03 42.93 36.24
C GLU N 48 -20.03 41.78 36.26
N ALA N 49 -18.85 41.96 36.86
CA ALA N 49 -17.94 40.83 36.99
C ALA N 49 -18.61 39.70 37.78
N ALA N 50 -19.28 40.05 38.88
CA ALA N 50 -20.00 39.10 39.71
C ALA N 50 -21.16 38.44 38.96
N VAL N 51 -21.96 39.20 38.21
CA VAL N 51 -23.10 38.58 37.56
C VAL N 51 -22.64 37.70 36.40
N ARG N 52 -21.56 38.10 35.71
CA ARG N 52 -21.02 37.23 34.67
C ARG N 52 -20.47 35.93 35.25
N GLY N 53 -19.75 36.03 36.38
CA GLY N 53 -19.31 34.82 37.05
C GLY N 53 -20.46 33.95 37.52
N VAL N 54 -21.51 34.57 38.07
CA VAL N 54 -22.67 33.83 38.51
C VAL N 54 -23.38 33.18 37.32
N ARG N 55 -23.40 33.86 36.18
CA ARG N 55 -24.05 33.32 34.99
C ARG N 55 -23.29 32.15 34.40
N GLN N 56 -21.95 32.22 34.35
CA GLN N 56 -21.21 31.04 33.89
C GLN N 56 -21.27 29.91 34.90
N ALA N 57 -21.39 30.23 36.20
CA ALA N 57 -21.65 29.19 37.19
C ALA N 57 -23.00 28.52 36.97
N GLN N 58 -24.04 29.32 36.67
CA GLN N 58 -25.33 28.76 36.31
C GLN N 58 -25.24 27.89 35.06
N ALA N 59 -24.40 28.29 34.11
CA ALA N 59 -24.14 27.45 32.93
C ALA N 59 -23.55 26.10 33.33
N GLU N 60 -22.72 26.07 34.37
CA GLU N 60 -22.27 24.81 34.97
C GLU N 60 -23.16 24.39 36.14
N ASP N 61 -24.19 25.18 36.46
CA ASP N 61 -25.14 24.87 37.53
C ASP N 61 -24.43 24.65 38.86
N ALA N 62 -23.54 25.58 39.22
CA ALA N 62 -22.74 25.49 40.43
C ALA N 62 -23.22 26.52 41.46
N LEU N 63 -22.95 26.20 42.73
CA LEU N 63 -23.28 27.09 43.85
C LEU N 63 -22.11 27.97 44.24
N ARG N 64 -20.87 27.57 43.93
CA ARG N 64 -19.69 28.34 44.24
C ARG N 64 -19.00 28.74 42.94
N VAL N 65 -18.42 29.93 42.93
CA VAL N 65 -17.66 30.44 41.79
C VAL N 65 -16.18 30.37 42.15
N ASP N 66 -15.38 29.80 41.26
CA ASP N 66 -13.98 29.53 41.52
C ASP N 66 -13.07 30.38 40.63
N VAL N 67 -11.76 30.15 40.74
CA VAL N 67 -10.79 30.89 39.96
C VAL N 67 -10.82 30.51 38.48
N ASP N 68 -11.14 29.26 38.17
CA ASP N 68 -11.04 28.79 36.78
C ASP N 68 -12.05 29.44 35.86
N GLN N 69 -13.32 29.57 36.28
CA GLN N 69 -14.30 30.21 35.42
C GLN N 69 -14.03 31.71 35.28
N LEU N 70 -13.50 32.35 36.32
CA LEU N 70 -13.08 33.74 36.19
C LEU N 70 -12.00 33.89 35.14
N GLU N 71 -10.98 33.02 35.19
CA GLU N 71 -9.95 33.01 34.15
C GLU N 71 -10.53 32.71 32.78
N LYS N 72 -11.58 31.88 32.72
CA LYS N 72 -12.24 31.60 31.45
C LYS N 72 -12.90 32.85 30.88
N VAL N 73 -13.55 33.65 31.73
CA VAL N 73 -14.21 34.85 31.21
C VAL N 73 -13.28 36.03 31.02
N LEU N 74 -12.05 36.00 31.59
CA LEU N 74 -11.14 37.12 31.40
C LEU N 74 -10.92 37.50 29.93
N PRO N 75 -10.71 36.55 29.01
CA PRO N 75 -10.57 36.93 27.59
C PRO N 75 -11.78 37.67 27.03
N GLN N 76 -12.94 37.59 27.70
CA GLN N 76 -14.07 38.44 27.39
C GLN N 76 -14.30 39.52 28.44
N LEU N 77 -13.95 39.25 29.69
CA LEU N 77 -14.17 40.18 30.79
C LEU N 77 -13.37 41.47 30.56
N LEU N 78 -12.07 41.35 30.30
CA LEU N 78 -11.28 42.51 29.91
C LEU N 78 -11.64 42.99 28.51
N LEU N 79 -12.31 42.16 27.72
CA LEU N 79 -12.58 42.49 26.33
C LEU N 79 -13.68 43.53 26.19
N ASP N 80 -14.87 43.27 26.73
CA ASP N 80 -15.98 44.18 26.47
C ASP N 80 -16.39 44.96 27.72
N PHE N 81 -15.62 44.86 28.79
CA PHE N 81 -16.12 45.27 30.08
C PHE N 81 -14.91 45.62 30.94
N LYS O 260 13.32 -44.10 -41.83
CA LYS O 260 14.35 -45.13 -41.76
C LYS O 260 15.20 -45.12 -43.03
N SER O 261 14.59 -45.46 -44.15
CA SER O 261 15.26 -45.48 -45.45
C SER O 261 15.51 -44.09 -45.99
N PHE O 262 14.87 -43.07 -45.43
CA PHE O 262 14.95 -41.68 -45.89
C PHE O 262 14.50 -41.76 -47.34
N SER O 263 15.35 -41.42 -48.33
CA SER O 263 15.00 -41.44 -49.75
C SER O 263 13.73 -40.60 -49.92
N THR O 264 12.59 -41.19 -50.25
CA THR O 264 11.31 -40.49 -50.23
C THR O 264 10.57 -40.65 -48.91
N LEU O 265 10.77 -41.77 -48.20
CA LEU O 265 10.03 -42.09 -46.99
C LEU O 265 10.14 -40.97 -45.95
N PHE O 266 11.27 -40.25 -45.97
CA PHE O 266 11.43 -39.07 -45.12
C PHE O 266 11.15 -37.78 -45.88
N LEU O 267 11.73 -37.60 -47.07
CA LEU O 267 11.59 -36.34 -47.78
C LEU O 267 10.22 -36.15 -48.39
N GLU O 268 9.62 -37.21 -48.93
CA GLU O 268 8.28 -37.08 -49.53
C GLU O 268 7.22 -36.92 -48.45
N THR O 269 7.39 -37.59 -47.31
CA THR O 269 6.42 -37.44 -46.23
C THR O 269 6.38 -36.00 -45.72
N VAL O 270 7.54 -35.34 -45.65
CA VAL O 270 7.58 -33.91 -45.37
C VAL O 270 7.55 -33.17 -46.71
N LYS O 271 6.34 -32.96 -47.22
CA LYS O 271 6.17 -32.33 -48.53
C LYS O 271 6.78 -30.93 -48.54
N ARG O 272 6.48 -30.13 -47.52
CA ARG O 272 7.07 -28.80 -47.24
C ARG O 272 8.00 -28.23 -48.32
N ASP P 84 -52.66 -81.11 -2.64
CA ASP P 84 -51.74 -80.85 -1.53
C ASP P 84 -52.51 -80.49 -0.25
N GLU P 85 -51.79 -80.42 0.86
CA GLU P 85 -52.41 -80.05 2.13
C GLU P 85 -52.97 -78.64 2.08
N PHE P 86 -52.22 -77.70 1.50
CA PHE P 86 -52.74 -76.35 1.30
C PHE P 86 -53.89 -76.34 0.32
N MET P 87 -53.80 -77.12 -0.76
CA MET P 87 -54.91 -77.23 -1.70
C MET P 87 -56.13 -77.86 -1.06
N MET P 88 -55.95 -78.89 -0.23
CA MET P 88 -57.06 -79.43 0.55
C MET P 88 -57.59 -78.39 1.53
N LEU P 89 -56.71 -77.62 2.16
CA LEU P 89 -57.14 -76.49 2.97
C LEU P 89 -57.82 -75.43 2.12
N LEU P 90 -57.29 -75.18 0.92
CA LEU P 90 -57.96 -74.28 -0.01
C LEU P 90 -59.33 -74.81 -0.42
N SER P 91 -59.44 -76.11 -0.66
CA SER P 91 -60.76 -76.72 -0.87
C SER P 91 -61.60 -76.59 0.39
N LYS P 92 -60.99 -76.79 1.55
CA LYS P 92 -61.68 -76.50 2.81
C LYS P 92 -61.98 -75.02 2.95
N VAL P 93 -61.07 -74.14 2.52
CA VAL P 93 -61.38 -72.71 2.51
C VAL P 93 -62.53 -72.41 1.55
N GLU P 94 -62.55 -73.09 0.40
CA GLU P 94 -63.71 -72.99 -0.48
C GLU P 94 -64.96 -73.52 0.21
N LYS P 95 -64.82 -74.63 0.94
CA LYS P 95 -65.92 -75.09 1.80
C LYS P 95 -66.20 -74.08 2.90
N LEU P 96 -65.14 -73.52 3.49
CA LEU P 96 -65.31 -72.48 4.49
C LEU P 96 -65.94 -71.23 3.88
N SER P 97 -65.68 -70.99 2.60
CA SER P 97 -66.33 -69.87 1.91
C SER P 97 -67.85 -70.02 1.95
N GLU P 98 -68.34 -71.24 1.77
CA GLU P 98 -69.76 -71.50 1.94
C GLU P 98 -70.13 -71.59 3.43
N GLU P 99 -69.22 -72.13 4.23
CA GLU P 99 -69.52 -72.38 5.64
C GLU P 99 -69.31 -71.13 6.50
N ILE P 100 -68.07 -70.64 6.54
CA ILE P 100 -67.73 -69.55 7.46
C ILE P 100 -68.49 -68.28 7.13
N MET P 101 -68.65 -67.96 5.84
CA MET P 101 -69.43 -66.78 5.46
C MET P 101 -70.87 -66.91 5.92
N GLU P 102 -71.46 -68.10 5.74
CA GLU P 102 -72.79 -68.36 6.27
C GLU P 102 -72.79 -68.28 7.79
N ILE P 103 -71.75 -68.81 8.42
CA ILE P 103 -71.61 -68.67 9.87
C ILE P 103 -71.46 -67.22 10.29
N MET P 104 -70.70 -66.45 9.53
CA MET P 104 -70.55 -65.02 9.77
C MET P 104 -71.82 -64.24 9.47
N GLN P 105 -72.58 -64.64 8.44
CA GLN P 105 -73.84 -63.98 8.15
C GLN P 105 -74.87 -64.24 9.23
N ASN P 106 -74.88 -65.45 9.78
CA ASN P 106 -75.81 -65.77 10.88
C ASN P 106 -75.50 -64.95 12.12
N LEU P 107 -74.22 -64.76 12.44
CA LEU P 107 -73.81 -64.00 13.62
C LEU P 107 -74.03 -62.52 13.33
N SER P 108 -75.18 -62.00 13.75
CA SER P 108 -75.49 -60.60 13.56
C SER P 108 -74.80 -59.70 14.57
N SER P 109 -74.26 -60.26 15.66
CA SER P 109 -73.54 -59.45 16.63
C SER P 109 -72.22 -58.94 16.06
N ILE P 110 -71.57 -59.75 15.23
CA ILE P 110 -70.30 -59.33 14.62
C ILE P 110 -70.51 -58.26 13.58
N GLN P 111 -71.75 -58.04 13.13
CA GLN P 111 -72.02 -57.00 12.16
C GLN P 111 -71.76 -55.61 12.72
N ALA P 112 -71.76 -55.47 14.05
CA ALA P 112 -71.44 -54.19 14.66
C ALA P 112 -70.00 -53.78 14.36
N LEU P 113 -69.11 -54.75 14.18
CA LEU P 113 -67.73 -54.45 13.84
C LEU P 113 -67.65 -53.86 12.43
N GLU P 114 -66.59 -53.09 12.20
CA GLU P 114 -66.34 -52.41 10.94
C GLU P 114 -67.48 -51.46 10.58
N GLY P 115 -68.24 -51.04 11.58
CA GLY P 115 -69.34 -50.09 11.39
C GLY P 115 -69.33 -49.06 12.51
N SER P 116 -68.13 -48.65 12.91
CA SER P 116 -67.97 -47.68 13.99
C SER P 116 -66.73 -46.84 13.74
N ARG P 117 -66.84 -45.53 14.00
CA ARG P 117 -65.73 -44.62 13.82
C ARG P 117 -64.55 -44.93 14.74
N GLU P 118 -64.78 -45.53 15.90
CA GLU P 118 -63.73 -45.92 16.83
C GLU P 118 -63.23 -47.34 16.56
N LEU P 119 -63.81 -48.01 15.56
CA LEU P 119 -63.38 -49.35 15.19
C LEU P 119 -62.76 -49.34 13.79
N GLU P 120 -63.34 -48.55 12.89
CA GLU P 120 -62.80 -48.45 11.54
C GLU P 120 -61.49 -47.67 11.52
N ASN P 121 -61.15 -47.00 12.62
CA ASN P 121 -59.92 -46.21 12.70
C ASN P 121 -58.96 -46.75 13.76
N LEU P 122 -59.45 -47.00 14.97
CA LEU P 122 -58.60 -47.41 16.08
C LEU P 122 -58.44 -48.93 16.17
N ILE P 123 -59.45 -49.70 15.81
CA ILE P 123 -59.39 -51.16 15.91
C ILE P 123 -58.76 -51.76 14.64
N GLY P 124 -57.47 -51.48 14.48
CA GLY P 124 -56.67 -51.99 13.37
C GLY P 124 -57.27 -51.62 12.02
N ILE P 125 -57.83 -50.41 11.94
CA ILE P 125 -58.45 -49.89 10.72
C ILE P 125 -59.49 -50.85 10.16
N PHE P 131 -70.24 -59.99 1.33
CA PHE P 131 -70.26 -60.49 -0.03
C PHE P 131 -68.85 -60.89 -0.47
N LEU P 132 -68.36 -62.03 0.04
CA LEU P 132 -67.03 -62.46 -0.34
C LEU P 132 -66.99 -63.88 -0.91
N LYS P 133 -68.13 -64.48 -1.24
CA LYS P 133 -68.12 -65.83 -1.81
C LYS P 133 -67.41 -65.84 -3.16
N ARG P 134 -67.69 -64.85 -4.00
CA ARG P 134 -66.94 -64.72 -5.26
C ARG P 134 -65.50 -64.32 -5.00
N GLU P 135 -65.27 -63.45 -4.01
CA GLU P 135 -63.90 -63.09 -3.63
C GLU P 135 -63.15 -64.31 -3.10
N MET P 136 -63.81 -65.12 -2.28
CA MET P 136 -63.20 -66.37 -1.83
C MET P 136 -63.07 -67.37 -2.97
N GLN P 137 -63.99 -67.32 -3.94
CA GLN P 137 -63.78 -68.07 -5.17
C GLN P 137 -62.59 -67.58 -5.96
N LYS P 138 -62.36 -66.26 -5.99
CA LYS P 138 -61.11 -65.73 -6.51
C LYS P 138 -59.93 -66.06 -5.60
N THR P 139 -60.20 -66.29 -4.32
CA THR P 139 -59.18 -66.80 -3.40
C THR P 139 -59.02 -68.32 -3.49
N LYS P 140 -59.77 -68.96 -4.39
CA LYS P 140 -59.61 -70.38 -4.69
C LYS P 140 -59.21 -70.64 -6.13
N GLU P 141 -59.82 -69.93 -7.09
CA GLU P 141 -59.45 -70.07 -8.49
C GLU P 141 -58.11 -69.43 -8.80
N LEU P 142 -57.77 -68.30 -8.18
CA LEU P 142 -56.50 -67.63 -8.42
C LEU P 142 -55.45 -67.96 -7.36
N MET P 143 -55.77 -68.87 -6.44
CA MET P 143 -54.80 -69.32 -5.44
C MET P 143 -54.41 -70.77 -5.57
N THR P 144 -55.36 -71.67 -5.84
CA THR P 144 -55.01 -73.06 -6.08
C THR P 144 -54.22 -73.23 -7.37
N LYS P 145 -54.58 -72.45 -8.40
CA LYS P 145 -53.81 -72.48 -9.64
C LYS P 145 -52.43 -71.87 -9.44
N VAL P 146 -52.34 -70.82 -8.61
CA VAL P 146 -51.06 -70.16 -8.35
C VAL P 146 -50.17 -70.94 -7.41
N ASN P 147 -50.75 -71.61 -6.40
CA ASN P 147 -49.94 -72.39 -5.46
C ASN P 147 -49.27 -73.56 -6.17
N LYS P 148 -50.00 -74.23 -7.07
CA LYS P 148 -49.43 -75.36 -7.79
C LYS P 148 -48.27 -74.94 -8.68
N GLN P 149 -48.37 -73.77 -9.31
CA GLN P 149 -47.30 -73.28 -10.18
C GLN P 149 -46.04 -72.93 -9.41
N LYS P 150 -46.13 -72.74 -8.09
CA LYS P 150 -44.96 -72.41 -7.28
C LYS P 150 -44.05 -73.61 -7.12
N LYS Q 249 5.85 12.60 56.69
CA LYS Q 249 7.27 12.58 57.04
C LYS Q 249 7.84 13.99 57.09
N GLU Q 250 8.15 14.54 55.91
CA GLU Q 250 8.68 15.90 55.84
C GLU Q 250 7.67 16.95 56.26
N LEU Q 251 6.37 16.63 56.19
CA LEU Q 251 5.33 17.58 56.61
C LEU Q 251 5.39 17.88 58.10
N ASN Q 252 5.73 16.89 58.93
CA ASN Q 252 5.86 17.14 60.37
C ASN Q 252 6.98 18.14 60.64
N ILE Q 253 8.12 18.00 59.96
CA ILE Q 253 9.21 18.95 60.13
C ILE Q 253 8.85 20.32 59.57
N VAL Q 254 8.14 20.36 58.43
CA VAL Q 254 7.72 21.61 57.85
C VAL Q 254 6.75 22.37 58.74
N LEU Q 255 5.81 21.68 59.39
CA LEU Q 255 4.89 22.35 60.31
C LEU Q 255 5.63 22.97 61.48
N PRO Q 256 6.60 22.26 62.06
CA PRO Q 256 7.42 22.83 63.12
C PRO Q 256 8.26 24.00 62.66
N GLU Q 257 8.85 23.93 61.47
CA GLU Q 257 9.60 25.05 60.93
C GLU Q 257 8.72 26.27 60.73
N PHE Q 258 7.50 26.07 60.22
CA PHE Q 258 6.57 27.19 60.05
C PHE Q 258 6.12 27.77 61.39
N GLU Q 259 5.88 26.91 62.39
CA GLU Q 259 5.48 27.38 63.71
C GLU Q 259 6.59 28.13 64.43
N LYS Q 260 7.85 27.71 64.27
CA LYS Q 260 8.96 28.43 64.88
C LYS Q 260 9.11 29.84 64.32
N THR Q 261 8.79 30.02 63.04
CA THR Q 261 8.86 31.33 62.42
C THR Q 261 7.88 32.32 63.03
N HIS Q 262 6.67 31.88 63.38
CA HIS Q 262 5.71 32.77 64.02
C HIS Q 262 6.23 33.30 65.34
N LEU Q 263 6.80 32.43 66.17
CA LEU Q 263 7.42 32.86 67.43
C LEU Q 263 8.63 33.74 67.21
N GLU Q 264 9.47 33.45 66.21
CA GLU Q 264 10.61 34.30 65.91
C GLU Q 264 10.17 35.70 65.53
N HIS Q 265 9.11 35.81 64.71
CA HIS Q 265 8.56 37.12 64.38
C HIS Q 265 7.90 37.80 65.56
N GLN Q 266 7.19 37.07 66.41
CA GLN Q 266 6.56 37.64 67.59
C GLN Q 266 7.57 38.10 68.63
N GLN Q 267 8.79 37.56 68.60
CA GLN Q 267 9.84 38.10 69.46
C GLN Q 267 10.21 39.53 69.06
N ARG Q 268 10.07 39.85 67.77
CA ARG Q 268 10.35 41.18 67.25
C ARG Q 268 9.09 42.02 67.05
N ILE Q 269 7.99 41.62 67.69
CA ILE Q 269 6.74 42.37 67.56
C ILE Q 269 6.84 43.71 68.28
N GLU Q 270 6.00 44.65 67.85
CA GLU Q 270 6.05 46.00 68.39
C GLU Q 270 4.77 46.42 69.08
N SER Q 271 3.61 46.14 68.49
CA SER Q 271 2.33 46.58 69.02
C SER Q 271 1.43 45.37 69.26
N LYS Q 272 0.30 45.63 69.93
CA LYS Q 272 -0.68 44.59 70.21
C LYS Q 272 -1.51 44.24 68.98
N VAL Q 273 -1.87 45.25 68.18
CA VAL Q 273 -2.57 44.98 66.92
C VAL Q 273 -1.68 44.26 65.93
N CYS Q 274 -0.38 44.58 65.93
CA CYS Q 274 0.56 43.82 65.12
C CYS Q 274 0.62 42.36 65.57
N LYS Q 275 0.52 42.11 66.87
CA LYS Q 275 0.44 40.74 67.36
C LYS Q 275 -0.81 40.03 66.86
N ALA Q 276 -1.95 40.72 66.81
CA ALA Q 276 -3.16 40.14 66.25
C ALA Q 276 -3.02 39.85 64.76
N ALA Q 277 -2.40 40.76 64.01
CA ALA Q 277 -2.16 40.50 62.59
C ALA Q 277 -1.23 39.31 62.39
N ILE Q 278 -0.20 39.20 63.23
CA ILE Q 278 0.68 38.03 63.19
C ILE Q 278 -0.06 36.74 63.54
N ALA Q 279 -0.98 36.78 64.51
CA ALA Q 279 -1.77 35.61 64.84
C ALA Q 279 -2.67 35.22 63.67
N THR Q 280 -3.26 36.20 63.00
CA THR Q 280 -4.06 35.90 61.81
C THR Q 280 -3.21 35.30 60.69
N PHE Q 281 -2.00 35.83 60.49
CA PHE Q 281 -1.09 35.26 59.50
C PHE Q 281 -0.67 33.85 59.89
N TYR Q 282 -0.49 33.58 61.19
CA TYR Q 282 -0.19 32.24 61.64
C TYR Q 282 -1.36 31.28 61.42
N VAL Q 283 -2.59 31.76 61.61
CA VAL Q 283 -3.76 30.95 61.27
C VAL Q 283 -3.82 30.66 59.77
N ASN Q 284 -3.47 31.65 58.94
CA ASN Q 284 -3.41 31.43 57.50
C ASN Q 284 -2.33 30.40 57.14
N VAL Q 285 -1.17 30.48 57.80
CA VAL Q 285 -0.12 29.48 57.58
C VAL Q 285 -0.55 28.11 58.07
N LYS Q 286 -1.33 28.04 59.14
CA LYS Q 286 -1.91 26.77 59.57
C LYS Q 286 -2.88 26.22 58.54
N GLU Q 287 -3.66 27.10 57.91
CA GLU Q 287 -4.53 26.68 56.81
C GLU Q 287 -3.72 26.17 55.62
N GLN Q 288 -2.61 26.83 55.30
CA GLN Q 288 -1.74 26.36 54.23
C GLN Q 288 -1.12 25.01 54.56
N PHE Q 289 -0.70 24.83 55.82
CA PHE Q 289 -0.18 23.53 56.26
C PHE Q 289 -1.27 22.47 56.23
N ILE Q 290 -2.52 22.85 56.50
CA ILE Q 290 -3.64 21.93 56.36
C ILE Q 290 -3.88 21.57 54.90
N LYS Q 291 -3.66 22.52 53.98
CA LYS Q 291 -3.72 22.20 52.56
C LYS Q 291 -2.62 21.22 52.17
N MET Q 292 -1.41 21.42 52.71
CA MET Q 292 -0.34 20.46 52.47
C MET Q 292 -0.65 19.08 53.04
N LEU Q 293 -1.23 19.03 54.24
CA LEU Q 293 -1.66 17.77 54.82
C LEU Q 293 -2.80 17.14 54.01
N LYS Q 294 -3.64 17.97 53.39
CA LYS Q 294 -4.67 17.46 52.49
C LYS Q 294 -4.05 16.90 51.22
N GLU Q 295 -2.95 17.50 50.75
CA GLU Q 295 -2.21 16.92 49.64
C GLU Q 295 -1.61 15.57 50.02
N SER Q 296 -1.06 15.46 51.23
CA SER Q 296 -0.55 14.17 51.71
C SER Q 296 -1.68 13.14 51.83
N GLN Q 297 -2.84 13.56 52.34
CA GLN Q 297 -4.00 12.67 52.42
C GLN Q 297 -4.49 12.30 51.02
N MET Q 298 -4.35 13.20 50.05
CA MET Q 298 -4.68 12.88 48.67
C MET Q 298 -3.72 11.86 48.09
N LEU Q 299 -2.44 11.95 48.44
CA LEU Q 299 -1.49 10.91 48.05
C LEU Q 299 -1.85 9.57 48.68
N THR Q 300 -2.23 9.56 49.97
CA THR Q 300 -2.67 8.33 50.61
C THR Q 300 -3.94 7.78 49.98
N ASN Q 301 -4.88 8.66 49.62
CA ASN Q 301 -6.11 8.23 48.98
C ASN Q 301 -5.85 7.72 47.56
N LEU Q 302 -4.88 8.30 46.86
CA LEU Q 302 -4.45 7.77 45.57
C LEU Q 302 -3.78 6.41 45.71
N LYS Q 303 -3.01 6.19 46.77
CA LYS Q 303 -2.51 4.85 47.05
C LYS Q 303 -3.64 3.86 47.31
N ARG Q 304 -4.66 4.30 48.05
CA ARG Q 304 -5.84 3.45 48.28
C ARG Q 304 -6.55 3.14 46.98
N LYS Q 305 -6.69 4.14 46.10
CA LYS Q 305 -7.29 3.91 44.78
C LYS Q 305 -6.46 2.96 43.94
N ASN Q 306 -5.13 3.07 44.00
CA ASN Q 306 -4.27 2.12 43.32
C ASN Q 306 -4.50 0.71 43.85
N ALA Q 307 -4.62 0.56 45.17
CA ALA Q 307 -5.05 -0.71 45.74
C ALA Q 307 -6.47 -1.04 45.33
N LYS Q 308 -7.33 -0.02 45.25
CA LYS Q 308 -8.70 -0.16 44.80
C LYS Q 308 -8.80 -0.35 43.29
N MET Q 309 -7.77 0.02 42.53
CA MET Q 309 -7.69 -0.27 41.11
C MET Q 309 -7.14 -1.67 40.83
N ILE Q 310 -6.64 -2.35 41.87
CA ILE Q 310 -6.18 -3.72 41.77
C ILE Q 310 -7.11 -4.70 42.47
N SER Q 311 -7.71 -4.31 43.60
CA SER Q 311 -8.69 -5.16 44.26
C SER Q 311 -9.91 -5.37 43.37
N ASP Q 312 -10.38 -4.29 42.74
CA ASP Q 312 -11.49 -4.43 41.79
C ASP Q 312 -11.10 -5.29 40.60
N ILE Q 313 -9.89 -5.10 40.07
CA ILE Q 313 -9.41 -5.97 39.00
C ILE Q 313 -9.27 -7.41 39.47
N GLU Q 314 -8.75 -7.61 40.68
CA GLU Q 314 -8.68 -8.95 41.25
C GLU Q 314 -10.05 -9.55 41.51
N LYS Q 315 -11.00 -8.75 42.00
CA LYS Q 315 -12.35 -9.25 42.21
C LYS Q 315 -13.07 -9.51 40.90
N LYS Q 316 -12.89 -8.65 39.90
CA LYS Q 316 -13.47 -8.89 38.58
C LYS Q 316 -12.87 -10.11 37.90
N ARG Q 317 -11.55 -10.30 38.00
CA ARG Q 317 -10.96 -11.55 37.53
C ARG Q 317 -11.46 -12.74 38.34
N GLN Q 318 -11.59 -12.57 39.67
CA GLN Q 318 -12.21 -13.59 40.48
C GLN Q 318 -13.66 -13.82 40.10
N ARG Q 319 -14.39 -12.76 39.71
CA ARG Q 319 -15.75 -12.92 39.24
C ARG Q 319 -15.80 -13.74 37.95
N MET Q 320 -14.87 -13.47 37.02
CA MET Q 320 -14.81 -14.25 35.79
C MET Q 320 -14.48 -15.71 36.08
N ILE Q 321 -13.54 -15.95 37.00
CA ILE Q 321 -13.21 -17.32 37.37
C ILE Q 321 -14.37 -18.05 38.03
N GLU Q 322 -15.11 -17.36 38.91
CA GLU Q 322 -16.25 -17.98 39.58
C GLU Q 322 -17.38 -18.26 38.60
N VAL Q 323 -17.64 -17.34 37.67
CA VAL Q 323 -18.61 -17.60 36.62
C VAL Q 323 -18.17 -18.74 35.72
N GLN Q 324 -16.88 -18.80 35.40
CA GLN Q 324 -16.36 -19.95 34.66
C GLN Q 324 -16.58 -21.24 35.42
N ASP Q 325 -16.34 -21.23 36.73
CA ASP Q 325 -16.78 -22.34 37.56
C ASP Q 325 -18.30 -22.45 37.58
N GLU Q 326 -19.01 -21.32 37.66
CA GLU Q 326 -20.48 -21.35 37.66
C GLU Q 326 -21.04 -21.83 36.33
N LEU Q 327 -20.38 -21.51 35.21
CA LEU Q 327 -20.79 -22.10 33.93
C LEU Q 327 -20.47 -23.59 33.91
N LEU Q 328 -19.27 -23.96 34.36
CA LEU Q 328 -18.92 -25.38 34.46
C LEU Q 328 -19.81 -26.09 35.48
N ARG Q 329 -20.09 -25.44 36.61
CA ARG Q 329 -20.97 -26.04 37.61
C ARG Q 329 -22.38 -26.22 37.05
N LEU Q 330 -22.86 -25.24 36.29
CA LEU Q 330 -24.18 -25.33 35.68
C LEU Q 330 -24.24 -26.48 34.68
N GLU Q 331 -23.22 -26.60 33.82
CA GLU Q 331 -23.19 -27.68 32.85
C GLU Q 331 -23.13 -29.04 33.54
N PRO Q 332 -22.25 -29.16 34.54
CA PRO Q 332 -22.12 -30.41 35.27
C PRO Q 332 -23.40 -30.76 36.02
N GLN Q 333 -24.07 -29.77 36.63
CA GLN Q 333 -25.30 -30.03 37.34
C GLN Q 333 -26.43 -30.39 36.38
N LEU Q 334 -26.45 -29.78 35.20
CA LEU Q 334 -27.45 -30.15 34.20
C LEU Q 334 -27.26 -31.58 33.73
N LYS Q 335 -26.01 -31.95 33.41
CA LYS Q 335 -25.74 -33.32 33.01
C LYS Q 335 -26.03 -34.31 34.13
N GLN Q 336 -25.65 -33.98 35.37
CA GLN Q 336 -25.90 -34.82 36.52
C GLN Q 336 -27.38 -34.98 36.81
N LEU Q 337 -28.18 -33.91 36.66
CA LEU Q 337 -29.61 -34.01 36.87
C LEU Q 337 -30.29 -34.79 35.74
N GLN Q 338 -29.81 -34.65 34.51
CA GLN Q 338 -30.31 -35.45 33.41
C GLN Q 338 -30.06 -36.93 33.69
N THR Q 339 -28.84 -37.23 34.14
CA THR Q 339 -28.47 -38.59 34.51
C THR Q 339 -29.30 -39.07 35.68
N LYS Q 340 -29.57 -38.18 36.64
CA LYS Q 340 -30.38 -38.49 37.82
C LYS Q 340 -31.78 -38.88 37.41
N TYR Q 341 -32.42 -38.07 36.57
CA TYR Q 341 -33.77 -38.38 36.11
C TYR Q 341 -33.80 -39.66 35.29
N ASP Q 342 -32.83 -39.84 34.39
CA ASP Q 342 -32.79 -41.04 33.56
C ASP Q 342 -32.59 -42.29 34.41
N GLU Q 343 -31.64 -42.23 35.35
CA GLU Q 343 -31.37 -43.37 36.21
C GLU Q 343 -32.53 -43.65 37.15
N LEU Q 344 -33.16 -42.61 37.70
CA LEU Q 344 -34.33 -42.77 38.54
C LEU Q 344 -35.39 -43.52 37.76
N LYS Q 345 -35.84 -42.95 36.64
CA LYS Q 345 -36.83 -43.62 35.81
C LYS Q 345 -36.43 -45.06 35.53
N GLU Q 346 -35.31 -45.25 34.84
CA GLU Q 346 -34.91 -46.59 34.41
C GLU Q 346 -34.82 -47.55 35.59
N ARG Q 347 -33.87 -47.32 36.49
CA ARG Q 347 -33.64 -48.26 37.58
C ARG Q 347 -34.84 -48.45 38.49
N LYS Q 348 -35.44 -47.37 39.01
CA LYS Q 348 -36.56 -47.48 39.94
C LYS Q 348 -37.81 -48.07 39.32
N SER Q 349 -38.18 -47.70 38.10
CA SER Q 349 -39.44 -48.15 37.53
C SER Q 349 -39.31 -49.43 36.71
N SER Q 350 -38.16 -49.70 36.09
CA SER Q 350 -38.01 -50.90 35.28
C SER Q 350 -38.21 -52.15 36.11
N LEU Q 351 -37.37 -52.36 37.12
CA LEU Q 351 -37.48 -53.55 37.97
C LEU Q 351 -38.81 -53.61 38.70
N ARG Q 352 -39.30 -52.48 39.23
CA ARG Q 352 -40.60 -52.45 39.87
C ARG Q 352 -41.73 -52.72 38.88
N ASN Q 353 -41.43 -52.66 37.59
CA ASN Q 353 -42.39 -53.06 36.57
C ASN Q 353 -41.97 -54.33 35.85
N ALA Q 354 -40.71 -54.44 35.42
CA ALA Q 354 -40.28 -55.65 34.73
C ALA Q 354 -40.15 -56.83 35.70
N ALA Q 355 -39.27 -56.71 36.70
CA ALA Q 355 -39.14 -57.76 37.69
C ALA Q 355 -40.44 -58.05 38.41
N TYR Q 356 -41.32 -57.06 38.56
CA TYR Q 356 -42.68 -57.33 38.98
C TYR Q 356 -43.43 -58.16 37.93
N PHE Q 357 -43.64 -57.57 36.74
CA PHE Q 357 -44.47 -58.22 35.73
C PHE Q 357 -43.86 -59.51 35.20
N LEU Q 358 -42.56 -59.53 34.92
CA LEU Q 358 -41.92 -60.73 34.41
C LEU Q 358 -42.07 -61.88 35.42
N SER Q 359 -41.88 -61.56 36.70
CA SER Q 359 -42.18 -62.54 37.73
C SER Q 359 -43.68 -62.71 37.96
N ASN Q 360 -44.47 -61.64 37.84
CA ASN Q 360 -45.92 -61.78 37.90
C ASN Q 360 -46.48 -62.56 36.73
N LEU Q 361 -45.91 -62.37 35.54
CA LEU Q 361 -46.21 -63.26 34.42
C LEU Q 361 -45.77 -64.68 34.70
N LYS Q 362 -44.59 -64.86 35.32
CA LYS Q 362 -44.21 -66.18 35.83
C LYS Q 362 -45.16 -66.61 36.95
N GLN Q 363 -45.52 -65.68 37.84
CA GLN Q 363 -46.51 -65.99 38.86
C GLN Q 363 -47.86 -66.29 38.24
N LEU Q 364 -48.16 -65.67 37.09
CA LEU Q 364 -49.37 -66.01 36.37
C LEU Q 364 -49.24 -67.36 35.68
N TYR Q 365 -48.30 -67.48 34.73
CA TYR Q 365 -48.26 -68.65 33.87
C TYR Q 365 -47.79 -69.88 34.63
N GLN Q 366 -46.63 -69.81 35.27
CA GLN Q 366 -46.07 -70.96 35.97
C GLN Q 366 -46.88 -71.28 37.22
N TYR Q 382 -60.59 -55.69 28.35
CA TYR Q 382 -59.63 -56.61 27.74
C TYR Q 382 -60.35 -57.75 27.03
N ASP Q 383 -61.68 -57.80 27.17
CA ASP Q 383 -62.46 -58.86 26.57
C ASP Q 383 -62.66 -58.67 25.06
N SER Q 384 -62.53 -57.45 24.56
CA SER Q 384 -62.68 -57.17 23.14
C SER Q 384 -61.35 -57.22 22.39
N SER Q 385 -60.26 -57.49 23.09
CA SER Q 385 -58.94 -57.52 22.46
C SER Q 385 -58.84 -58.61 21.40
N SER Q 386 -59.18 -59.85 21.77
CA SER Q 386 -59.14 -60.93 20.79
C SER Q 386 -60.23 -60.78 19.74
N LEU Q 387 -61.35 -60.14 20.06
CA LEU Q 387 -62.35 -59.85 19.03
C LEU Q 387 -61.80 -58.91 17.97
N PRO Q 388 -61.09 -57.86 18.40
CA PRO Q 388 -60.44 -56.96 17.44
C PRO Q 388 -59.35 -57.67 16.66
N ALA Q 389 -58.56 -58.52 17.32
CA ALA Q 389 -57.53 -59.28 16.61
C ALA Q 389 -58.14 -60.21 15.57
N LEU Q 390 -59.24 -60.89 15.90
CA LEU Q 390 -59.93 -61.75 14.95
C LEU Q 390 -60.54 -60.97 13.80
N LEU Q 391 -61.10 -59.78 14.07
CA LEU Q 391 -61.61 -58.95 12.98
C LEU Q 391 -60.48 -58.53 12.04
N PHE Q 392 -59.33 -58.14 12.59
CA PHE Q 392 -58.18 -57.81 11.77
C PHE Q 392 -57.72 -59.00 10.94
N LYS Q 393 -57.67 -60.18 11.55
CA LYS Q 393 -57.28 -61.39 10.82
C LYS Q 393 -58.28 -61.76 9.73
N ALA Q 394 -59.57 -61.57 9.97
CA ALA Q 394 -60.59 -61.83 8.96
C ALA Q 394 -60.50 -60.85 7.80
N ARG Q 395 -60.22 -59.57 8.08
CA ARG Q 395 -59.97 -58.62 7.00
C ARG Q 395 -58.69 -58.95 6.24
N THR Q 396 -57.70 -59.51 6.94
CA THR Q 396 -56.45 -59.93 6.31
C THR Q 396 -56.68 -61.01 5.25
N LEU Q 397 -57.72 -61.82 5.38
CA LEU Q 397 -58.02 -62.81 4.34
C LEU Q 397 -58.33 -62.13 3.01
N LEU Q 398 -59.24 -61.16 3.02
CA LEU Q 398 -59.53 -60.41 1.80
C LEU Q 398 -58.34 -59.58 1.36
N GLY Q 399 -57.57 -59.04 2.31
CA GLY Q 399 -56.38 -58.27 1.94
C GLY Q 399 -55.36 -59.12 1.19
N ALA Q 400 -55.14 -60.35 1.64
CA ALA Q 400 -54.22 -61.24 0.94
C ALA Q 400 -54.82 -61.75 -0.35
N GLU Q 401 -56.14 -61.94 -0.40
CA GLU Q 401 -56.78 -62.33 -1.65
C GLU Q 401 -56.61 -61.26 -2.73
N SER Q 402 -56.73 -59.99 -2.35
CA SER Q 402 -56.49 -58.91 -3.30
C SER Q 402 -55.03 -58.76 -3.67
N HIS Q 403 -54.12 -59.36 -2.90
CA HIS Q 403 -52.70 -59.29 -3.19
C HIS Q 403 -52.27 -60.37 -4.17
#